data_6XFM
#
_entry.id   6XFM
#
_cell.length_a   1.00
_cell.length_b   1.00
_cell.length_c   1.00
_cell.angle_alpha   90.00
_cell.angle_beta   90.00
_cell.angle_gamma   90.00
#
_symmetry.space_group_name_H-M   'P 1'
#
_entity_poly.entity_id   1
_entity_poly.type   'polypeptide(L)'
_entity_poly.pdbx_seq_one_letter_code
;GSYGSSSQSSSYGQPQSGSYSQQPSYGGQQQSYGQQQSYNPPQGYGQQNQYNSSSGGGGGGGGGGNYGQDQSSMSSGGGS
GGGYGNQDQSGGGGSGGYGQGDRG
;
_entity_poly.pdbx_strand_id   1,2,3,4,5,6,7,8
#
# COMPACT_ATOMS: atom_id res chain seq x y z
N SER A 2 5.65 15.31 25.62
CA SER A 2 6.65 14.39 25.01
C SER A 2 5.93 13.34 24.18
N TYR A 3 5.17 13.78 23.19
CA TYR A 3 4.45 12.85 22.34
C TYR A 3 4.15 13.44 20.97
N GLY A 4 3.86 12.56 20.02
CA GLY A 4 3.53 12.97 18.66
C GLY A 4 2.23 12.31 18.24
N SER A 5 1.42 13.01 17.45
CA SER A 5 0.14 12.43 17.03
C SER A 5 -0.25 12.90 15.64
N SER A 6 -0.88 12.01 14.88
CA SER A 6 -1.34 12.35 13.53
C SER A 6 -2.66 11.65 13.23
N SER A 7 -3.48 12.28 12.40
CA SER A 7 -4.77 11.70 12.06
C SER A 7 -5.21 12.11 10.66
N GLN A 8 -5.81 11.17 9.94
CA GLN A 8 -6.29 11.44 8.59
C GLN A 8 -7.72 10.95 8.42
N SER A 9 -8.56 11.76 7.79
CA SER A 9 -9.95 11.39 7.57
C SER A 9 -10.35 11.64 6.13
N SER A 10 -11.02 10.66 5.53
CA SER A 10 -11.47 10.79 4.14
C SER A 10 -12.90 10.24 3.99
N SER A 11 -13.72 10.89 3.18
CA SER A 11 -15.09 10.42 2.99
C SER A 11 -15.60 10.72 1.59
N TYR A 12 -16.51 9.87 1.13
CA TYR A 12 -17.12 10.04 -0.20
C TYR A 12 -18.65 9.96 -0.08
N GLY A 13 -19.35 10.80 -0.83
CA GLY A 13 -20.81 10.80 -0.77
C GLY A 13 -21.47 10.41 -2.09
N GLN A 14 -22.26 9.34 -2.05
CA GLN A 14 -22.99 8.86 -3.23
C GLN A 14 -22.17 8.93 -4.52
N PRO A 15 -21.03 8.30 -4.56
CA PRO A 15 -20.16 8.28 -5.77
C PRO A 15 -20.66 7.33 -6.86
N GLN A 16 -20.32 7.64 -8.11
CA GLN A 16 -20.70 6.79 -9.25
C GLN A 16 -22.21 6.62 -9.40
N SER A 17 -22.92 7.71 -9.71
CA SER A 17 -24.38 7.62 -9.89
C SER A 17 -24.80 7.96 -11.32
N GLY A 18 -23.85 8.32 -12.18
CA GLY A 18 -24.17 8.65 -13.57
C GLY A 18 -24.58 7.41 -14.35
N SER A 19 -25.16 7.62 -15.53
CA SER A 19 -25.62 6.49 -16.36
C SER A 19 -25.01 6.52 -17.75
N TYR A 20 -24.86 5.35 -18.36
CA TYR A 20 -24.29 5.26 -19.71
C TYR A 20 -22.93 5.92 -19.78
N SER A 21 -21.98 5.46 -18.97
CA SER A 21 -20.65 6.06 -18.96
C SER A 21 -19.61 5.16 -18.30
N GLN A 22 -18.34 5.52 -18.44
CA GLN A 22 -17.28 4.75 -17.80
C GLN A 22 -16.91 5.45 -16.49
N GLN A 23 -17.12 4.78 -15.38
CA GLN A 23 -16.85 5.37 -14.09
C GLN A 23 -15.98 4.46 -13.22
N PRO A 24 -14.78 4.19 -13.65
CA PRO A 24 -13.84 3.35 -12.86
C PRO A 24 -13.34 4.12 -11.66
N SER A 25 -13.09 3.44 -10.54
CA SER A 25 -12.61 4.11 -9.33
C SER A 25 -11.39 3.40 -8.75
N TYR A 26 -10.33 4.19 -8.51
CA TYR A 26 -9.10 3.65 -7.94
C TYR A 26 -8.72 4.43 -6.68
N GLY A 27 -8.40 3.71 -5.61
CA GLY A 27 -8.01 4.36 -4.35
C GLY A 27 -6.60 4.95 -4.47
N GLY A 28 -6.27 5.89 -3.59
CA GLY A 28 -4.94 6.52 -3.63
C GLY A 28 -4.04 6.02 -2.50
N GLN A 29 -3.05 6.84 -2.13
CA GLN A 29 -2.10 6.46 -1.08
C GLN A 29 -2.14 7.45 0.09
N GLN A 30 -2.10 6.91 1.32
CA GLN A 30 -2.09 7.73 2.52
C GLN A 30 -1.04 7.20 3.50
N GLN A 31 -0.26 8.10 4.09
CA GLN A 31 0.75 7.72 5.07
C GLN A 31 0.70 8.61 6.30
N SER A 32 0.52 7.99 7.46
CA SER A 32 0.44 8.75 8.70
C SER A 32 1.56 8.33 9.65
N TYR A 33 2.31 9.31 10.12
CA TYR A 33 3.41 9.03 11.05
C TYR A 33 3.16 9.73 12.39
N GLY A 34 3.15 8.96 13.46
CA GLY A 34 2.98 9.51 14.81
C GLY A 34 3.98 8.87 15.74
N GLN A 35 5.02 9.59 16.12
CA GLN A 35 6.03 8.98 16.97
C GLN A 35 6.85 9.98 17.77
N GLN A 36 7.48 9.46 18.81
CA GLN A 36 8.34 10.25 19.68
C GLN A 36 9.71 9.57 19.73
N GLN A 37 10.76 10.35 19.46
CA GLN A 37 12.11 9.77 19.44
C GLN A 37 13.07 10.53 20.35
N SER A 38 13.95 9.79 21.02
CA SER A 38 14.93 10.41 21.91
C SER A 38 16.29 9.70 21.76
N TYR A 39 17.35 10.48 21.85
CA TYR A 39 18.70 9.93 21.74
C TYR A 39 19.50 10.21 23.00
N ASN A 40 19.97 9.15 23.65
CA ASN A 40 20.75 9.31 24.88
C ASN A 40 19.96 10.10 25.91
N SER B 2 5.68 10.49 26.54
CA SER B 2 6.64 9.54 25.89
C SER B 2 5.87 8.51 25.08
N TYR B 3 5.07 8.98 24.13
CA TYR B 3 4.31 8.05 23.30
C TYR B 3 3.97 8.65 21.94
N GLY B 4 3.63 7.77 21.01
CA GLY B 4 3.25 8.18 19.66
C GLY B 4 1.92 7.54 19.29
N SER B 5 1.09 8.25 18.53
CA SER B 5 -0.20 7.70 18.15
C SER B 5 -0.64 8.17 16.77
N SER B 6 -1.32 7.30 16.04
CA SER B 6 -1.81 7.64 14.72
C SER B 6 -3.15 6.96 14.47
N SER B 7 -3.99 7.61 13.67
CA SER B 7 -5.30 7.04 13.37
C SER B 7 -5.79 7.47 11.98
N GLN B 8 -6.43 6.53 11.29
CA GLN B 8 -6.96 6.81 9.95
C GLN B 8 -8.40 6.35 9.84
N SER B 9 -9.25 7.17 9.25
CA SER B 9 -10.66 6.83 9.08
C SER B 9 -11.11 7.09 7.65
N SER B 10 -11.81 6.12 7.07
CA SER B 10 -12.32 6.25 5.70
C SER B 10 -13.75 5.72 5.61
N SER B 11 -14.60 6.39 4.84
CA SER B 11 -15.97 5.94 4.70
C SER B 11 -16.53 6.25 3.31
N TYR B 12 -17.48 5.42 2.88
CA TYR B 12 -18.13 5.58 1.58
C TYR B 12 -19.65 5.52 1.76
N GLY B 13 -20.37 6.38 1.03
CA GLY B 13 -21.83 6.40 1.15
C GLY B 13 -22.54 6.02 -0.15
N GLN B 14 -23.34 4.97 -0.08
CA GLN B 14 -24.13 4.50 -1.23
C GLN B 14 -23.36 4.56 -2.55
N PRO B 15 -22.23 3.90 -2.64
CA PRO B 15 -21.40 3.88 -3.88
C PRO B 15 -21.96 2.94 -4.95
N GLN B 16 -21.66 3.25 -6.21
CA GLN B 16 -22.09 2.42 -7.34
C GLN B 16 -23.61 2.27 -7.43
N SER B 17 -24.32 3.36 -7.71
CA SER B 17 -25.78 3.30 -7.83
C SER B 17 -26.25 3.65 -9.25
N GLY B 18 -25.32 4.00 -10.14
CA GLY B 18 -25.70 4.35 -11.52
C GLY B 18 -26.15 3.10 -12.29
N SER B 19 -26.77 3.32 -13.45
CA SER B 19 -27.28 2.21 -14.26
C SER B 19 -26.72 2.23 -15.68
N TYR B 20 -26.61 1.04 -16.29
CA TYR B 20 -26.10 0.95 -17.65
C TYR B 20 -24.73 1.59 -17.78
N SER B 21 -23.77 1.13 -16.99
CA SER B 21 -22.42 1.71 -17.04
C SER B 21 -21.37 0.79 -16.42
N GLN B 22 -20.10 1.14 -16.60
CA GLN B 22 -19.03 0.35 -16.01
C GLN B 22 -18.60 1.04 -14.73
N GLN B 23 -18.79 0.37 -13.60
CA GLN B 23 -18.44 0.96 -12.32
C GLN B 23 -17.56 0.04 -11.49
N PRO B 24 -16.39 -0.27 -11.97
CA PRO B 24 -15.43 -1.12 -11.22
C PRO B 24 -14.86 -0.34 -10.03
N SER B 25 -14.59 -1.04 -8.92
CA SER B 25 -14.05 -0.38 -7.73
C SER B 25 -12.82 -1.09 -7.20
N TYR B 26 -11.74 -0.33 -7.00
CA TYR B 26 -10.49 -0.89 -6.47
C TYR B 26 -10.05 -0.11 -5.22
N GLY B 27 -9.70 -0.84 -4.17
CA GLY B 27 -9.26 -0.20 -2.93
C GLY B 27 -7.84 0.37 -3.10
N GLY B 28 -7.47 1.31 -2.24
CA GLY B 28 -6.13 1.92 -2.32
C GLY B 28 -5.21 1.39 -1.23
N GLN B 29 -4.19 2.20 -0.89
CA GLN B 29 -3.21 1.81 0.13
C GLN B 29 -3.18 2.79 1.30
N GLN B 30 -3.12 2.24 2.52
CA GLN B 30 -3.04 3.07 3.73
C GLN B 30 -1.97 2.52 4.67
N GLN B 31 -1.15 3.41 5.23
CA GLN B 31 -0.10 3.00 6.17
C GLN B 31 -0.10 3.90 7.39
N SER B 32 -0.24 3.29 8.56
CA SER B 32 -0.26 4.03 9.80
C SER B 32 0.87 3.59 10.71
N TYR B 33 1.67 4.56 11.16
CA TYR B 33 2.78 4.27 12.05
C TYR B 33 2.60 4.98 13.39
N GLY B 34 2.62 4.19 14.46
CA GLY B 34 2.50 4.74 15.82
C GLY B 34 3.53 4.08 16.71
N GLN B 35 4.60 4.80 17.05
CA GLN B 35 5.64 4.17 17.87
C GLN B 35 6.50 5.16 18.63
N GLN B 36 7.15 4.62 19.65
CA GLN B 36 8.06 5.39 20.50
C GLN B 36 9.43 4.71 20.48
N GLN B 37 10.48 5.46 20.18
CA GLN B 37 11.81 4.87 20.11
C GLN B 37 12.81 5.61 20.99
N SER B 38 13.71 4.86 21.61
CA SER B 38 14.73 5.45 22.46
C SER B 38 16.06 4.74 22.27
N TYR B 39 17.15 5.51 22.31
CA TYR B 39 18.48 4.93 22.14
C TYR B 39 19.33 5.19 23.38
N ASN B 40 19.81 4.13 24.02
CA ASN B 40 20.64 4.27 25.21
C ASN B 40 19.91 5.08 26.27
N SER C 2 5.64 5.65 27.46
CA SER C 2 6.57 4.70 26.78
C SER C 2 5.75 3.67 25.99
N TYR C 3 4.94 4.16 25.06
CA TYR C 3 4.13 3.25 24.26
C TYR C 3 3.75 3.85 22.91
N GLY C 4 3.36 2.98 21.99
CA GLY C 4 2.93 3.40 20.66
C GLY C 4 1.59 2.77 20.35
N SER C 5 0.74 3.50 19.61
CA SER C 5 -0.57 2.97 19.28
C SER C 5 -1.05 3.44 17.92
N SER C 6 -1.77 2.57 17.21
CA SER C 6 -2.29 2.93 15.91
C SER C 6 -3.65 2.28 15.70
N SER C 7 -4.52 2.94 14.93
CA SER C 7 -5.85 2.38 14.68
C SER C 7 -6.38 2.82 13.32
N GLN C 8 -7.05 1.89 12.64
CA GLN C 8 -7.62 2.19 11.33
C GLN C 8 -9.08 1.73 11.26
N SER C 9 -9.94 2.58 10.71
CA SER C 9 -11.35 2.24 10.60
C SER C 9 -11.85 2.51 9.18
N SER C 10 -12.60 1.56 8.62
CA SER C 10 -13.14 1.71 7.28
C SER C 10 -14.58 1.19 7.23
N SER C 11 -15.44 1.88 6.50
CA SER C 11 -16.83 1.44 6.40
C SER C 11 -17.44 1.75 5.04
N TYR C 12 -18.41 0.93 4.63
CA TYR C 12 -19.11 1.11 3.37
C TYR C 12 -20.63 1.08 3.59
N GLY C 13 -21.36 1.95 2.91
CA GLY C 13 -22.81 1.99 3.08
C GLY C 13 -23.57 1.62 1.80
N GLN C 14 -24.39 0.57 1.90
CA GLN C 14 -25.22 0.12 0.78
C GLN C 14 -24.49 0.17 -0.58
N PRO C 15 -23.38 -0.50 -0.70
CA PRO C 15 -22.59 -0.52 -1.97
C PRO C 15 -23.21 -1.45 -3.03
N GLN C 16 -22.95 -1.14 -4.31
CA GLN C 16 -23.43 -1.97 -5.42
C GLN C 16 -24.95 -2.10 -5.46
N SER C 17 -25.66 -1.00 -5.70
CA SER C 17 -27.12 -1.04 -5.77
C SER C 17 -27.64 -0.68 -7.16
N GLY C 18 -26.74 -0.34 -8.09
CA GLY C 18 -27.16 0.01 -9.46
C GLY C 18 -27.66 -1.22 -10.20
N SER C 19 -28.32 -0.99 -11.35
CA SER C 19 -28.86 -2.09 -12.14
C SER C 19 -28.35 -2.07 -13.58
N TYR C 20 -28.28 -3.26 -14.20
CA TYR C 20 -27.82 -3.36 -15.58
C TYR C 20 -26.45 -2.73 -15.74
N SER C 21 -25.46 -3.22 -15.00
CA SER C 21 -24.13 -2.65 -15.09
C SER C 21 -23.06 -3.58 -14.52
N GLN C 22 -21.79 -3.24 -14.75
CA GLN C 22 -20.70 -4.03 -14.20
C GLN C 22 -20.22 -3.36 -12.93
N GLN C 23 -20.38 -4.04 -11.80
CA GLN C 23 -19.98 -3.46 -10.53
C GLN C 23 -19.08 -4.39 -9.73
N PRO C 24 -17.93 -4.70 -10.25
CA PRO C 24 -16.95 -5.57 -9.54
C PRO C 24 -16.33 -4.81 -8.37
N SER C 25 -16.02 -5.51 -7.28
CA SER C 25 -15.44 -4.87 -6.11
C SER C 25 -14.20 -5.59 -5.62
N TYR C 26 -13.11 -4.85 -5.46
CA TYR C 26 -11.85 -5.41 -4.98
C TYR C 26 -11.36 -4.66 -3.74
N GLY C 27 -10.97 -5.39 -2.71
CA GLY C 27 -10.48 -4.76 -1.48
C GLY C 27 -9.07 -4.20 -1.70
N GLY C 28 -8.65 -3.27 -0.85
CA GLY C 28 -7.31 -2.68 -0.97
C GLY C 28 -6.35 -3.22 0.08
N GLN C 29 -5.30 -2.43 0.38
CA GLN C 29 -4.29 -2.83 1.36
C GLN C 29 -4.21 -1.85 2.54
N GLN C 30 -4.11 -2.41 3.75
CA GLN C 30 -3.98 -1.58 4.95
C GLN C 30 -2.88 -2.15 5.86
N GLN C 31 -2.04 -1.27 6.39
CA GLN C 31 -0.96 -1.70 7.29
C GLN C 31 -0.89 -0.80 8.52
N SER C 32 -1.01 -1.42 9.69
CA SER C 32 -0.98 -0.68 10.93
C SER C 32 0.19 -1.12 11.80
N TYR C 33 1.01 -0.17 12.22
CA TYR C 33 2.16 -0.48 13.07
C TYR C 33 2.04 0.22 14.42
N GLY C 34 2.07 -0.56 15.49
CA GLY C 34 2.00 -0.02 16.84
C GLY C 34 3.07 -0.69 17.70
N GLN C 35 4.16 0.01 17.99
CA GLN C 35 5.21 -0.63 18.77
C GLN C 35 6.12 0.35 19.50
N GLN C 36 6.81 -0.21 20.50
CA GLN C 36 7.75 0.55 21.32
C GLN C 36 9.11 -0.15 21.25
N GLN C 37 10.15 0.59 20.92
CA GLN C 37 11.47 -0.02 20.79
C GLN C 37 12.51 0.71 21.63
N SER C 38 13.42 -0.05 22.23
CA SER C 38 14.49 0.52 23.04
C SER C 38 15.80 -0.21 22.80
N TYR C 39 16.90 0.54 22.80
CA TYR C 39 18.21 -0.04 22.59
C TYR C 39 19.12 0.21 23.79
N ASN C 40 19.60 -0.86 24.40
CA ASN C 40 20.48 -0.74 25.57
C ASN C 40 19.78 0.07 26.66
N SER D 2 5.62 0.81 28.34
CA SER D 2 6.51 -0.14 27.62
C SER D 2 5.66 -1.16 26.87
N TYR D 3 4.81 -0.66 25.96
CA TYR D 3 3.96 -1.56 25.20
C TYR D 3 3.53 -0.95 23.86
N GLY D 4 3.10 -1.82 22.96
CA GLY D 4 2.63 -1.39 21.64
C GLY D 4 1.27 -1.99 21.38
N SER D 5 0.41 -1.26 20.67
CA SER D 5 -0.93 -1.78 20.39
C SER D 5 -1.46 -1.29 19.05
N SER D 6 -2.21 -2.14 18.38
CA SER D 6 -2.79 -1.77 17.10
C SER D 6 -4.16 -2.41 16.94
N SER D 7 -5.04 -1.75 16.20
CA SER D 7 -6.39 -2.27 16.00
C SER D 7 -6.97 -1.83 14.66
N GLN D 8 -7.68 -2.74 14.00
CA GLN D 8 -8.29 -2.43 12.72
C GLN D 8 -9.76 -2.86 12.71
N SER D 9 -10.63 -2.00 12.18
CA SER D 9 -12.04 -2.32 12.12
C SER D 9 -12.59 -2.04 10.73
N SER D 10 -13.37 -2.98 10.20
CA SER D 10 -13.96 -2.82 8.88
C SER D 10 -15.41 -3.33 8.89
N SER D 11 -16.29 -2.63 8.18
CA SER D 11 -17.70 -3.05 8.15
C SER D 11 -18.35 -2.72 6.81
N TYR D 12 -19.35 -3.52 6.44
CA TYR D 12 -20.08 -3.32 5.20
C TYR D 12 -21.58 -3.34 5.49
N GLY D 13 -22.34 -2.46 4.81
CA GLY D 13 -23.79 -2.41 5.04
C GLY D 13 -24.59 -2.76 3.80
N GLN D 14 -25.42 -3.79 3.92
CA GLN D 14 -26.30 -4.24 2.83
C GLN D 14 -25.62 -4.19 1.45
N PRO D 15 -24.52 -4.88 1.28
CA PRO D 15 -23.79 -4.91 -0.02
C PRO D 15 -24.45 -5.82 -1.05
N GLN D 16 -24.24 -5.51 -2.33
CA GLN D 16 -24.78 -6.32 -3.43
C GLN D 16 -26.30 -6.44 -3.40
N SER D 17 -27.00 -5.32 -3.63
CA SER D 17 -28.47 -5.36 -3.64
C SER D 17 -29.04 -4.97 -5.01
N GLY D 18 -28.17 -4.65 -5.97
CA GLY D 18 -28.63 -4.28 -7.32
C GLY D 18 -29.18 -5.51 -8.05
N SER D 19 -29.88 -5.26 -9.16
CA SER D 19 -30.46 -6.37 -9.94
C SER D 19 -30.01 -6.35 -11.40
N TYR D 20 -29.97 -7.53 -12.03
CA TYR D 20 -29.58 -7.64 -13.42
C TYR D 20 -28.20 -7.03 -13.64
N SER D 21 -27.19 -7.52 -12.93
CA SER D 21 -25.85 -6.96 -13.06
C SER D 21 -24.79 -7.91 -12.52
N GLN D 22 -23.52 -7.60 -12.81
CA GLN D 22 -22.42 -8.42 -12.31
C GLN D 22 -21.88 -7.74 -11.05
N GLN D 23 -22.00 -8.42 -9.92
CA GLN D 23 -21.54 -7.84 -8.67
C GLN D 23 -20.63 -8.80 -7.91
N PRO D 24 -19.50 -9.12 -8.48
CA PRO D 24 -18.51 -10.00 -7.80
C PRO D 24 -17.83 -9.25 -6.66
N SER D 25 -17.50 -9.96 -5.58
CA SER D 25 -16.86 -9.33 -4.44
C SER D 25 -15.61 -10.08 -3.99
N TYR D 26 -14.50 -9.34 -3.86
CA TYR D 26 -13.23 -9.92 -3.43
C TYR D 26 -12.68 -9.17 -2.22
N GLY D 27 -12.28 -9.92 -1.19
CA GLY D 27 -11.72 -9.30 0.01
C GLY D 27 -10.31 -8.77 -0.25
N GLY D 28 -9.85 -7.84 0.58
CA GLY D 28 -8.52 -7.26 0.40
C GLY D 28 -7.52 -7.81 1.41
N GLN D 29 -6.45 -7.05 1.68
CA GLN D 29 -5.41 -7.47 2.62
C GLN D 29 -5.27 -6.49 3.79
N GLN D 30 -5.13 -7.05 4.99
CA GLN D 30 -4.94 -6.23 6.20
C GLN D 30 -3.82 -6.82 7.05
N GLN D 31 -2.94 -5.95 7.56
CA GLN D 31 -1.84 -6.39 8.41
C GLN D 31 -1.72 -5.50 9.64
N SER D 32 -1.80 -6.11 10.82
CA SER D 32 -1.70 -5.39 12.07
C SER D 32 -0.51 -5.85 12.88
N TYR D 33 0.34 -4.91 13.27
CA TYR D 33 1.51 -5.23 14.07
C TYR D 33 1.44 -4.54 15.43
N GLY D 34 1.52 -5.33 16.49
CA GLY D 34 1.51 -4.79 17.85
C GLY D 34 2.59 -5.48 18.66
N GLN D 35 3.70 -4.79 18.93
CA GLN D 35 4.78 -5.45 19.66
C GLN D 35 5.72 -4.48 20.37
N GLN D 36 6.44 -5.03 21.34
CA GLN D 36 7.43 -4.29 22.11
C GLN D 36 8.76 -5.01 21.99
N GLN D 37 9.81 -4.29 21.61
CA GLN D 37 11.12 -4.92 21.44
C GLN D 37 12.20 -4.20 22.25
N SER D 38 13.12 -4.98 22.79
CA SER D 38 14.22 -4.42 23.58
C SER D 38 15.52 -5.15 23.27
N TYR D 39 16.62 -4.42 23.25
CA TYR D 39 17.92 -5.03 22.97
C TYR D 39 18.87 -4.79 24.15
N ASN D 40 19.37 -5.88 24.73
CA ASN D 40 20.29 -5.77 25.87
C ASN D 40 19.65 -4.95 26.99
N SER E 2 -0.07 6.29 -30.82
CA SER E 2 -1.33 6.23 -30.01
C SER E 2 -1.06 5.43 -28.73
N TYR E 3 -0.10 5.88 -27.93
CA TYR E 3 0.21 5.18 -26.70
C TYR E 3 0.84 6.11 -25.67
N GLY E 4 0.80 5.67 -24.42
CA GLY E 4 1.39 6.43 -23.31
C GLY E 4 2.29 5.52 -22.52
N SER E 5 3.39 6.07 -21.99
CA SER E 5 4.32 5.25 -21.23
C SER E 5 4.99 6.04 -20.11
N SER E 6 5.24 5.37 -18.99
CA SER E 6 5.89 6.01 -17.86
C SER E 6 6.80 5.02 -17.15
N SER E 7 7.88 5.52 -16.55
CA SER E 7 8.82 4.65 -15.85
C SER E 7 9.50 5.38 -14.70
N GLN E 8 9.70 4.67 -13.60
CA GLN E 8 10.35 5.26 -12.43
C GLN E 8 11.43 4.32 -11.91
N SER E 9 12.60 4.89 -11.58
CA SER E 9 13.70 4.09 -11.07
C SER E 9 14.29 4.74 -9.81
N SER E 10 14.52 3.92 -8.79
CA SER E 10 15.09 4.41 -7.54
C SER E 10 16.13 3.43 -7.02
N SER E 11 17.23 3.94 -6.45
CA SER E 11 18.26 3.06 -5.93
C SER E 11 18.96 3.66 -4.72
N TYR E 12 19.46 2.79 -3.85
CA TYR E 12 20.17 3.22 -2.65
C TYR E 12 21.50 2.47 -2.55
N GLY E 13 22.57 3.15 -2.12
CA GLY E 13 23.87 2.51 -2.01
C GLY E 13 24.39 2.48 -0.57
N GLN E 14 24.64 1.27 -0.08
CA GLN E 14 25.19 1.06 1.27
C GLN E 14 24.58 2.01 2.30
N PRO E 15 23.28 2.00 2.47
CA PRO E 15 22.59 2.87 3.47
C PRO E 15 22.72 2.34 4.91
N GLN E 16 22.65 3.26 5.87
CA GLN E 16 22.72 2.90 7.29
C GLN E 16 24.01 2.18 7.67
N SER E 17 25.15 2.88 7.59
CA SER E 17 26.43 2.27 7.94
C SER E 17 27.09 2.97 9.15
N GLY E 18 26.44 4.01 9.68
CA GLY E 18 26.99 4.73 10.85
C GLY E 18 26.89 3.88 12.10
N SER E 19 27.59 4.30 13.15
CA SER E 19 27.58 3.54 14.41
C SER E 19 27.16 4.42 15.59
N TYR E 20 26.56 3.79 16.61
CA TYR E 20 26.12 4.51 17.80
C TYR E 20 25.19 5.66 17.42
N SER E 21 24.07 5.34 16.77
CA SER E 21 23.14 6.40 16.36
C SER E 21 21.76 5.83 16.01
N GLN E 22 20.79 6.72 15.84
CA GLN E 22 19.45 6.28 15.46
C GLN E 22 19.32 6.46 13.96
N GLN E 23 19.13 5.35 13.24
CA GLN E 23 19.03 5.43 11.80
C GLN E 23 17.80 4.68 11.29
N PRO E 24 16.63 5.15 11.64
CA PRO E 24 15.36 4.54 11.16
C PRO E 24 15.13 4.89 9.69
N SER E 25 14.54 3.96 8.95
CA SER E 25 14.29 4.20 7.53
C SER E 25 12.85 3.90 7.13
N TYR E 26 12.22 4.88 6.48
CA TYR E 26 10.84 4.74 6.04
C TYR E 26 10.73 5.01 4.53
N GLY E 27 10.05 4.12 3.83
CA GLY E 27 9.88 4.28 2.38
C GLY E 27 8.88 5.39 2.08
N GLY E 28 8.91 5.92 0.86
CA GLY E 28 8.00 7.00 0.48
C GLY E 28 6.88 6.49 -0.43
N GLN E 29 6.31 7.42 -1.22
CA GLN E 29 5.21 7.08 -2.13
C GLN E 29 5.57 7.36 -3.59
N GLN E 30 5.22 6.43 -4.48
CA GLN E 30 5.45 6.60 -5.92
C GLN E 30 4.21 6.20 -6.71
N GLN E 31 3.85 7.01 -7.70
CA GLN E 31 2.69 6.72 -8.54
C GLN E 31 3.03 6.91 -10.01
N SER E 32 2.84 5.85 -10.79
CA SER E 32 3.13 5.91 -12.21
C SER E 32 1.88 5.64 -13.03
N TYR E 33 1.58 6.55 -13.95
CA TYR E 33 0.41 6.40 -14.80
C TYR E 33 0.82 6.30 -16.27
N GLY E 34 0.41 5.22 -16.92
CA GLY E 34 0.70 5.04 -18.34
C GLY E 34 -0.56 4.55 -19.04
N GLN E 35 -1.21 5.41 -19.80
CA GLN E 35 -2.45 4.99 -20.44
C GLN E 35 -2.83 5.81 -21.67
N GLN E 36 -3.69 5.22 -22.47
CA GLN E 36 -4.20 5.85 -23.68
C GLN E 36 -5.72 5.88 -23.60
N GLN E 37 -6.32 7.05 -23.81
CA GLN E 37 -7.77 7.16 -23.71
C GLN E 37 -8.38 7.80 -24.96
N SER E 38 -9.54 7.30 -25.36
CA SER E 38 -10.23 7.84 -26.52
C SER E 38 -11.74 7.91 -26.26
N TYR E 39 -12.38 8.95 -26.79
CA TYR E 39 -13.81 9.12 -26.61
C TYR E 39 -14.50 9.16 -27.97
N ASN E 40 -15.44 8.24 -28.17
CA ASN E 40 -16.17 8.17 -29.43
C ASN E 40 -15.19 8.04 -30.61
N SER F 2 -2.25 2.04 -29.68
CA SER F 2 -3.47 1.96 -28.81
C SER F 2 -3.16 1.14 -27.57
N TYR F 3 -2.17 1.59 -26.79
CA TYR F 3 -1.81 0.86 -25.58
C TYR F 3 -1.14 1.77 -24.56
N GLY F 4 -1.14 1.31 -23.31
CA GLY F 4 -0.51 2.05 -22.22
C GLY F 4 0.43 1.12 -21.47
N SER F 5 1.54 1.66 -20.98
CA SER F 5 2.49 0.83 -20.26
C SER F 5 3.21 1.60 -19.15
N SER F 6 3.49 0.91 -18.05
CA SER F 6 4.18 1.54 -16.93
C SER F 6 5.13 0.53 -16.27
N SER F 7 6.22 1.02 -15.71
CA SER F 7 7.18 0.14 -15.06
C SER F 7 7.91 0.85 -13.93
N GLN F 8 8.14 0.12 -12.84
CA GLN F 8 8.84 0.69 -11.69
C GLN F 8 9.94 -0.25 -11.22
N SER F 9 11.11 0.30 -10.93
CA SER F 9 12.23 -0.52 -10.47
C SER F 9 12.86 0.10 -9.23
N SER F 10 13.13 -0.73 -8.22
CA SER F 10 13.75 -0.26 -6.99
C SER F 10 14.81 -1.25 -6.52
N SER F 11 15.93 -0.75 -6.00
CA SER F 11 16.99 -1.63 -5.52
C SER F 11 17.73 -1.04 -4.33
N TYR F 12 18.25 -1.94 -3.48
CA TYR F 12 19.01 -1.53 -2.30
C TYR F 12 20.34 -2.29 -2.27
N GLY F 13 21.42 -1.61 -1.88
CA GLY F 13 22.73 -2.26 -1.83
C GLY F 13 23.30 -2.31 -0.41
N GLN F 14 23.56 -3.53 0.06
CA GLN F 14 24.15 -3.76 1.38
C GLN F 14 23.60 -2.83 2.46
N PRO F 15 22.31 -2.84 2.67
CA PRO F 15 21.65 -1.98 3.71
C PRO F 15 21.84 -2.53 5.13
N GLN F 16 21.80 -1.64 6.11
CA GLN F 16 21.93 -2.01 7.53
C GLN F 16 23.23 -2.74 7.85
N SER F 17 24.36 -2.04 7.73
CA SER F 17 25.65 -2.65 8.03
C SER F 17 26.34 -1.98 9.22
N GLY F 18 25.73 -0.93 9.78
CA GLY F 18 26.31 -0.24 10.93
C GLY F 18 26.26 -1.11 12.19
N SER F 19 27.00 -0.71 13.22
CA SER F 19 27.04 -1.47 14.47
C SER F 19 26.66 -0.62 15.68
N TYR F 20 26.10 -1.27 16.71
CA TYR F 20 25.71 -0.56 17.93
C TYR F 20 24.76 0.58 17.61
N SER F 21 23.63 0.28 16.98
CA SER F 21 22.69 1.34 16.63
C SER F 21 21.30 0.80 16.32
N GLN F 22 20.32 1.70 16.19
CA GLN F 22 18.97 1.26 15.86
C GLN F 22 18.78 1.46 14.36
N GLN F 23 18.56 0.37 13.65
CA GLN F 23 18.41 0.45 12.20
C GLN F 23 17.16 -0.27 11.73
N PRO F 24 16.01 0.20 12.14
CA PRO F 24 14.72 -0.40 11.70
C PRO F 24 14.44 -0.04 10.24
N SER F 25 13.81 -0.94 9.50
CA SER F 25 13.52 -0.68 8.09
C SER F 25 12.06 -0.96 7.76
N TYR F 26 11.41 0.02 7.14
CA TYR F 26 10.00 -0.11 6.74
C TYR F 26 9.85 0.18 5.25
N GLY F 27 9.14 -0.70 4.54
CA GLY F 27 8.91 -0.52 3.11
C GLY F 27 7.90 0.61 2.86
N GLY F 28 7.90 1.16 1.65
CA GLY F 28 6.97 2.24 1.31
C GLY F 28 5.82 1.76 0.44
N GLN F 29 5.22 2.69 -0.31
CA GLN F 29 4.09 2.38 -1.19
C GLN F 29 4.40 2.68 -2.66
N GLN F 30 4.01 1.76 -3.54
CA GLN F 30 4.20 1.95 -4.97
C GLN F 30 2.93 1.57 -5.73
N GLN F 31 2.53 2.40 -6.70
CA GLN F 31 1.34 2.12 -7.50
C GLN F 31 1.62 2.33 -8.98
N SER F 32 1.40 1.29 -9.77
CA SER F 32 1.64 1.35 -11.20
C SER F 32 0.35 1.10 -11.97
N TYR F 33 0.02 2.03 -12.86
CA TYR F 33 -1.19 1.90 -13.67
C TYR F 33 -0.83 1.81 -15.16
N GLY F 34 -1.26 0.75 -15.81
CA GLY F 34 -1.02 0.57 -17.24
C GLY F 34 -2.31 0.10 -17.90
N GLN F 35 -2.99 1.00 -18.62
CA GLN F 35 -4.25 0.59 -19.22
C GLN F 35 -4.66 1.43 -20.42
N GLN F 36 -5.56 0.84 -21.20
CA GLN F 36 -6.11 1.49 -22.39
C GLN F 36 -7.63 1.52 -22.26
N GLN F 37 -8.23 2.70 -22.41
CA GLN F 37 -9.68 2.82 -22.26
C GLN F 37 -10.32 3.47 -23.47
N SER F 38 -11.51 2.98 -23.85
CA SER F 38 -12.23 3.54 -24.98
C SER F 38 -13.72 3.61 -24.67
N TYR F 39 -14.37 4.67 -25.14
CA TYR F 39 -15.81 4.85 -24.91
C TYR F 39 -16.56 4.90 -26.24
N ASN F 40 -17.49 3.99 -26.43
CA ASN F 40 -18.26 3.95 -27.66
C ASN F 40 -17.34 3.84 -28.87
N SER G 2 -4.39 -2.25 -28.48
CA SER G 2 -5.58 -2.33 -27.59
C SER G 2 -5.23 -3.16 -26.36
N TYR G 3 -4.21 -2.74 -25.62
CA TYR G 3 -3.80 -3.47 -24.43
C TYR G 3 -3.10 -2.59 -23.42
N GLY G 4 -3.06 -3.06 -22.17
CA GLY G 4 -2.39 -2.34 -21.10
C GLY G 4 -1.42 -3.28 -20.39
N SER G 5 -0.29 -2.76 -19.93
CA SER G 5 0.68 -3.60 -19.27
C SER G 5 1.44 -2.85 -18.18
N SER G 6 1.76 -3.56 -17.10
CA SER G 6 2.50 -2.95 -16.00
C SER G 6 3.45 -3.97 -15.38
N SER G 7 4.57 -3.48 -14.86
CA SER G 7 5.56 -4.38 -14.26
C SER G 7 6.33 -3.69 -13.14
N GLN G 8 6.59 -4.43 -12.06
CA GLN G 8 7.34 -3.89 -10.94
C GLN G 8 8.45 -4.84 -10.53
N SER G 9 9.64 -4.29 -10.27
CA SER G 9 10.77 -5.11 -9.85
C SER G 9 11.45 -4.52 -8.63
N SER G 10 11.75 -5.37 -7.65
CA SER G 10 12.41 -4.92 -6.43
C SER G 10 13.48 -5.92 -6.02
N SER G 11 14.62 -5.42 -5.53
CA SER G 11 15.69 -6.33 -5.10
C SER G 11 16.47 -5.76 -3.93
N TYR G 12 17.02 -6.66 -3.12
CA TYR G 12 17.84 -6.27 -1.96
C TYR G 12 19.15 -7.04 -1.98
N GLY G 13 20.25 -6.37 -1.62
CA GLY G 13 21.56 -7.02 -1.62
C GLY G 13 22.19 -7.11 -0.23
N GLN G 14 22.47 -8.32 0.20
CA GLN G 14 23.10 -8.58 1.50
C GLN G 14 22.58 -7.66 2.61
N PRO G 15 21.30 -7.68 2.88
CA PRO G 15 20.69 -6.83 3.95
C PRO G 15 20.92 -7.39 5.36
N GLN G 16 20.93 -6.50 6.35
CA GLN G 16 21.10 -6.91 7.75
C GLN G 16 22.41 -7.64 8.01
N SER G 17 23.54 -6.96 7.86
CA SER G 17 24.84 -7.57 8.11
C SER G 17 25.58 -6.92 9.28
N GLY G 18 24.99 -5.87 9.89
CA GLY G 18 25.63 -5.20 11.02
C GLY G 18 25.60 -6.08 12.26
N SER G 19 26.39 -5.71 13.28
CA SER G 19 26.47 -6.50 14.51
C SER G 19 26.13 -5.65 15.75
N TYR G 20 25.61 -6.32 16.78
CA TYR G 20 25.27 -5.64 18.03
C TYR G 20 24.32 -4.47 17.76
N SER G 21 23.16 -4.76 17.17
CA SER G 21 22.20 -3.69 16.86
C SER G 21 20.80 -4.23 16.61
N GLN G 22 19.83 -3.32 16.53
CA GLN G 22 18.47 -3.74 16.23
C GLN G 22 18.22 -3.52 14.75
N GLN G 23 17.98 -4.61 14.02
CA GLN G 23 17.76 -4.50 12.58
C GLN G 23 16.49 -5.21 12.15
N PRO G 24 15.36 -4.74 12.61
CA PRO G 24 14.06 -5.33 12.20
C PRO G 24 13.73 -4.95 10.76
N SER G 25 13.06 -5.85 10.04
CA SER G 25 12.73 -5.56 8.64
C SER G 25 11.25 -5.82 8.35
N TYR G 26 10.58 -4.83 7.77
CA TYR G 26 9.17 -4.95 7.43
C TYR G 26 8.95 -4.65 5.94
N GLY G 27 8.21 -5.52 5.25
CA GLY G 27 7.94 -5.31 3.84
C GLY G 27 6.92 -4.18 3.63
N GLY G 28 6.88 -3.61 2.43
CA GLY G 28 5.95 -2.52 2.16
C GLY G 28 4.76 -2.98 1.31
N GLN G 29 4.14 -2.04 0.60
CA GLN G 29 2.98 -2.33 -0.24
C GLN G 29 3.23 -2.00 -1.72
N GLN G 30 2.80 -2.92 -2.60
CA GLN G 30 2.94 -2.70 -4.04
C GLN G 30 1.64 -3.07 -4.75
N GLN G 31 1.22 -2.23 -5.69
CA GLN G 31 -0.01 -2.50 -6.46
C GLN G 31 0.22 -2.26 -7.95
N SER G 32 -0.03 -3.30 -8.73
CA SER G 32 0.16 -3.21 -10.17
C SER G 32 -1.15 -3.44 -10.90
N TYR G 33 -1.52 -2.50 -11.77
CA TYR G 33 -2.75 -2.62 -12.55
C TYR G 33 -2.44 -2.67 -14.04
N GLY G 34 -2.90 -3.73 -14.69
CA GLY G 34 -2.71 -3.89 -16.12
C GLY G 34 -4.03 -4.34 -16.75
N GLN G 35 -4.73 -3.44 -17.44
CA GLN G 35 -6.01 -3.83 -17.99
C GLN G 35 -6.47 -2.97 -19.17
N GLN G 36 -7.40 -3.54 -19.92
CA GLN G 36 -7.99 -2.88 -21.08
C GLN G 36 -9.50 -2.85 -20.89
N GLN G 37 -10.10 -1.66 -21.01
CA GLN G 37 -11.54 -1.54 -20.80
C GLN G 37 -12.23 -0.86 -21.98
N SER G 38 -13.43 -1.35 -22.31
CA SER G 38 -14.19 -0.78 -23.41
C SER G 38 -15.68 -0.70 -23.04
N TYR G 39 -16.33 0.37 -23.48
CA TYR G 39 -17.75 0.55 -23.19
C TYR G 39 -18.55 0.63 -24.49
N ASN G 40 -19.50 -0.28 -24.66
CA ASN G 40 -20.32 -0.30 -25.86
C ASN G 40 -19.44 -0.39 -27.11
N SER H 2 -6.53 -6.51 -27.29
CA SER H 2 -7.68 -6.60 -26.35
C SER H 2 -7.30 -7.46 -25.15
N TYR H 3 -6.23 -7.04 -24.45
CA TYR H 3 -5.80 -7.80 -23.28
C TYR H 3 -5.04 -6.94 -22.28
N GLY H 4 -4.95 -7.44 -21.05
CA GLY H 4 -4.25 -6.74 -19.99
C GLY H 4 -3.27 -7.70 -19.34
N SER H 5 -2.12 -7.18 -18.90
CA SER H 5 -1.11 -8.04 -18.28
C SER H 5 -0.32 -7.30 -17.21
N SER H 6 0.04 -8.02 -16.15
CA SER H 6 0.82 -7.43 -15.08
C SER H 6 1.79 -8.46 -14.52
N SER H 7 2.93 -8.00 -14.02
CA SER H 7 3.93 -8.91 -13.46
C SER H 7 4.74 -8.24 -12.37
N GLN H 8 5.05 -8.99 -11.31
CA GLN H 8 5.84 -8.46 -10.21
C GLN H 8 6.96 -9.43 -9.86
N SER H 9 8.16 -8.89 -9.64
CA SER H 9 9.30 -9.71 -9.28
C SER H 9 10.03 -9.14 -8.07
N SER H 10 10.36 -10.00 -7.12
CA SER H 10 11.08 -9.57 -5.92
C SER H 10 12.15 -10.58 -5.55
N SER H 11 13.31 -10.11 -5.10
CA SER H 11 14.39 -11.02 -4.73
C SER H 11 15.23 -10.47 -3.58
N TYR H 12 15.80 -11.38 -2.80
CA TYR H 12 16.65 -11.02 -1.67
C TYR H 12 17.98 -11.79 -1.76
N GLY H 13 19.08 -11.13 -1.42
CA GLY H 13 20.38 -11.79 -1.48
C GLY H 13 21.07 -11.89 -0.12
N GLN H 14 21.35 -13.13 0.29
CA GLN H 14 22.03 -13.40 1.56
C GLN H 14 21.56 -12.50 2.70
N PRO H 15 20.28 -12.51 3.01
CA PRO H 15 19.72 -11.68 4.12
C PRO H 15 20.01 -12.27 5.50
N GLN H 16 20.05 -11.39 6.52
CA GLN H 16 20.27 -11.82 7.90
C GLN H 16 21.60 -12.56 8.10
N SER H 17 22.72 -11.87 7.93
CA SER H 17 24.03 -12.51 8.11
C SER H 17 24.81 -11.87 9.27
N GLY H 18 24.24 -10.83 9.90
CA GLY H 18 24.92 -10.17 11.02
C GLY H 18 24.95 -11.08 12.26
N SER H 19 25.77 -10.72 13.25
CA SER H 19 25.89 -11.52 14.47
C SER H 19 25.60 -10.70 15.73
N TYR H 20 25.11 -11.38 16.77
CA TYR H 20 24.82 -10.71 18.04
C TYR H 20 23.87 -9.55 17.83
N SER H 21 22.69 -9.81 17.26
CA SER H 21 21.73 -8.75 17.00
C SER H 21 20.32 -9.28 16.77
N GLN H 22 19.35 -8.38 16.77
CA GLN H 22 17.97 -8.77 16.51
C GLN H 22 17.67 -8.53 15.05
N GLN H 23 17.39 -9.60 14.31
CA GLN H 23 17.13 -9.47 12.89
C GLN H 23 15.83 -10.17 12.49
N PRO H 24 14.73 -9.71 13.00
CA PRO H 24 13.41 -10.29 12.64
C PRO H 24 13.02 -9.87 11.22
N SER H 25 12.33 -10.76 10.50
CA SER H 25 11.94 -10.45 9.13
C SER H 25 10.45 -10.72 8.88
N TYR H 26 9.77 -9.70 8.35
CA TYR H 26 8.34 -9.82 8.05
C TYR H 26 8.08 -9.49 6.58
N GLY H 27 7.31 -10.34 5.91
CA GLY H 27 6.98 -10.11 4.50
C GLY H 27 5.96 -8.97 4.36
N GLY H 28 5.88 -8.39 3.16
CA GLY H 28 4.94 -7.29 2.94
C GLY H 28 3.72 -7.73 2.13
N GLN H 29 3.09 -6.78 1.45
CA GLN H 29 1.89 -7.06 0.65
C GLN H 29 2.09 -6.72 -0.82
N GLN H 30 1.63 -7.60 -1.71
CA GLN H 30 1.72 -7.38 -3.14
C GLN H 30 0.38 -7.73 -3.81
N GLN H 31 -0.07 -6.87 -4.73
CA GLN H 31 -1.32 -7.12 -5.44
C GLN H 31 -1.15 -6.86 -6.93
N SER H 32 -1.44 -7.88 -7.73
CA SER H 32 -1.31 -7.77 -9.17
C SER H 32 -2.65 -7.99 -9.86
N TYR H 33 -3.03 -7.03 -10.70
CA TYR H 33 -4.29 -7.13 -11.42
C TYR H 33 -4.04 -7.18 -12.93
N GLY H 34 -4.53 -8.22 -13.57
CA GLY H 34 -4.39 -8.35 -15.02
C GLY H 34 -5.73 -8.80 -15.60
N GLN H 35 -6.45 -7.88 -16.25
CA GLN H 35 -7.77 -8.26 -16.77
C GLN H 35 -8.25 -7.38 -17.91
N GLN H 36 -9.21 -7.93 -18.65
CA GLN H 36 -9.84 -7.25 -19.76
C GLN H 36 -11.34 -7.20 -19.51
N GLN H 37 -11.94 -6.02 -19.59
CA GLN H 37 -13.38 -5.90 -19.33
C GLN H 37 -14.11 -5.21 -20.47
N SER H 38 -15.32 -5.68 -20.77
CA SER H 38 -16.12 -5.09 -21.83
C SER H 38 -17.58 -5.01 -21.41
N TYR H 39 -18.26 -3.93 -21.81
CA TYR H 39 -19.67 -3.76 -21.46
C TYR H 39 -20.51 -3.66 -22.73
N ASN H 40 -21.48 -4.56 -22.88
CA ASN H 40 -22.35 -4.56 -24.05
C ASN H 40 -21.51 -4.64 -25.32
N SER A 2 5.91 14.99 25.93
CA SER A 2 6.84 14.32 24.97
C SER A 2 6.05 13.29 24.15
N TYR A 3 5.30 13.77 23.17
CA TYR A 3 4.53 12.86 22.33
C TYR A 3 4.22 13.48 20.98
N GLY A 4 3.89 12.61 20.03
CA GLY A 4 3.54 13.05 18.68
C GLY A 4 2.30 12.31 18.22
N SER A 5 1.45 12.97 17.45
CA SER A 5 0.23 12.32 16.99
C SER A 5 -0.21 12.82 15.62
N SER A 6 -0.63 11.89 14.78
CA SER A 6 -1.11 12.23 13.44
C SER A 6 -2.46 11.59 13.19
N SER A 7 -3.37 12.33 12.57
CA SER A 7 -4.70 11.81 12.29
C SER A 7 -5.12 12.12 10.86
N GLN A 8 -5.75 11.15 10.19
CA GLN A 8 -6.21 11.37 8.83
C GLN A 8 -7.62 10.80 8.65
N SER A 9 -8.45 11.51 7.93
CA SER A 9 -9.82 11.07 7.69
C SER A 9 -10.30 11.49 6.31
N SER A 10 -11.17 10.67 5.72
CA SER A 10 -11.73 10.97 4.41
C SER A 10 -13.13 10.37 4.28
N SER A 11 -13.96 10.99 3.46
CA SER A 11 -15.31 10.48 3.29
C SER A 11 -15.86 10.79 1.90
N TYR A 12 -16.78 9.94 1.44
CA TYR A 12 -17.41 10.13 0.14
C TYR A 12 -18.91 10.03 0.29
N GLY A 13 -19.65 10.90 -0.39
CA GLY A 13 -21.11 10.87 -0.30
C GLY A 13 -21.70 9.78 -1.19
N GLN A 14 -21.96 10.13 -2.46
CA GLN A 14 -22.56 9.18 -3.40
C GLN A 14 -21.78 9.13 -4.73
N PRO A 15 -20.60 8.56 -4.73
CA PRO A 15 -19.76 8.45 -5.96
C PRO A 15 -20.32 7.47 -7.00
N GLN A 16 -20.03 7.76 -8.28
CA GLN A 16 -20.46 6.92 -9.42
C GLN A 16 -21.99 6.79 -9.55
N SER A 17 -22.70 7.91 -9.70
CA SER A 17 -24.16 7.86 -9.85
C SER A 17 -24.59 8.23 -11.28
N GLY A 18 -23.64 8.52 -12.17
CA GLY A 18 -23.99 8.87 -13.55
C GLY A 18 -24.51 7.65 -14.30
N SER A 19 -25.14 7.86 -15.47
CA SER A 19 -25.71 6.73 -16.22
C SER A 19 -25.21 6.68 -17.67
N TYR A 20 -25.15 5.46 -18.20
CA TYR A 20 -24.73 5.21 -19.58
C TYR A 20 -23.28 5.63 -19.83
N SER A 21 -22.44 5.61 -18.80
CA SER A 21 -21.05 6.01 -19.01
C SER A 21 -20.10 5.25 -18.08
N GLN A 22 -18.96 4.82 -18.62
CA GLN A 22 -17.98 4.12 -17.80
C GLN A 22 -17.38 5.07 -16.78
N GLN A 23 -17.42 4.69 -15.51
CA GLN A 23 -16.90 5.54 -14.46
C GLN A 23 -16.20 4.72 -13.39
N PRO A 24 -15.09 4.12 -13.72
CA PRO A 24 -14.30 3.30 -12.77
C PRO A 24 -13.64 4.18 -11.71
N SER A 25 -13.38 3.63 -10.54
CA SER A 25 -12.78 4.41 -9.46
C SER A 25 -11.60 3.67 -8.81
N TYR A 26 -10.51 4.40 -8.58
CA TYR A 26 -9.30 3.83 -7.96
C TYR A 26 -8.90 4.62 -6.71
N GLY A 27 -8.70 3.93 -5.58
CA GLY A 27 -8.29 4.61 -4.33
C GLY A 27 -6.83 5.05 -4.41
N GLY A 28 -6.45 6.08 -3.65
CA GLY A 28 -5.07 6.59 -3.68
C GLY A 28 -4.20 6.09 -2.52
N GLN A 29 -3.17 6.88 -2.19
CA GLN A 29 -2.21 6.53 -1.12
C GLN A 29 -2.26 7.50 0.07
N GLN A 30 -2.36 6.94 1.28
CA GLN A 30 -2.34 7.75 2.51
C GLN A 30 -1.28 7.18 3.46
N GLN A 31 -0.49 8.04 4.09
CA GLN A 31 0.54 7.56 5.01
C GLN A 31 0.68 8.50 6.22
N SER A 32 0.45 7.97 7.43
CA SER A 32 0.52 8.77 8.65
C SER A 32 1.62 8.30 9.60
N TYR A 33 2.45 9.24 10.07
CA TYR A 33 3.53 8.93 11.02
C TYR A 33 3.32 9.68 12.34
N GLY A 34 3.19 8.95 13.44
CA GLY A 34 3.05 9.56 14.75
C GLY A 34 4.05 8.93 15.71
N GLN A 35 5.11 9.65 16.06
CA GLN A 35 6.11 9.05 16.95
C GLN A 35 6.93 10.05 17.76
N GLN A 36 7.56 9.52 18.82
CA GLN A 36 8.41 10.29 19.72
C GLN A 36 9.78 9.63 19.76
N GLN A 37 10.84 10.40 19.52
CA GLN A 37 12.19 9.81 19.52
C GLN A 37 13.15 10.57 20.43
N SER A 38 14.01 9.82 21.12
CA SER A 38 14.99 10.43 22.01
C SER A 38 16.35 9.75 21.84
N TYR A 39 17.41 10.54 21.94
CA TYR A 39 18.76 10.01 21.81
C TYR A 39 19.58 10.42 23.02
N ASN A 40 20.15 9.44 23.71
CA ASN A 40 20.97 9.71 24.89
C ASN A 40 22.37 9.13 24.72
N SER B 2 5.87 10.17 26.83
CA SER B 2 6.76 9.48 25.85
C SER B 2 5.94 8.48 25.04
N TYR B 3 5.16 8.97 24.10
CA TYR B 3 4.34 8.07 23.28
C TYR B 3 4.00 8.70 21.93
N GLY B 4 3.61 7.83 21.00
CA GLY B 4 3.23 8.27 19.67
C GLY B 4 1.95 7.54 19.25
N SER B 5 1.09 8.22 18.51
CA SER B 5 -0.15 7.59 18.09
C SER B 5 -0.63 8.10 16.75
N SER B 6 -1.10 7.16 15.92
CA SER B 6 -1.61 7.52 14.59
C SER B 6 -2.99 6.89 14.39
N SER B 7 -3.90 7.64 13.80
CA SER B 7 -5.24 7.13 13.56
C SER B 7 -5.71 7.46 12.15
N GLN B 8 -6.38 6.50 11.50
CA GLN B 8 -6.89 6.73 10.15
C GLN B 8 -8.30 6.17 10.02
N SER B 9 -9.16 6.91 9.33
CA SER B 9 -10.53 6.47 9.14
C SER B 9 -11.06 6.90 7.78
N SER B 10 -11.95 6.09 7.22
CA SER B 10 -12.55 6.41 5.93
C SER B 10 -13.96 5.83 5.84
N SER B 11 -14.81 6.47 5.06
CA SER B 11 -16.18 5.97 4.94
C SER B 11 -16.76 6.28 3.56
N TYR B 12 -17.72 5.46 3.14
CA TYR B 12 -18.39 5.64 1.86
C TYR B 12 -19.90 5.56 2.07
N GLY B 13 -20.64 6.44 1.41
CA GLY B 13 -22.10 6.44 1.55
C GLY B 13 -22.73 5.35 0.68
N GLN B 14 -23.03 5.70 -0.57
CA GLN B 14 -23.67 4.76 -1.50
C GLN B 14 -22.93 4.71 -2.85
N PRO B 15 -21.77 4.11 -2.88
CA PRO B 15 -20.98 4.00 -4.15
C PRO B 15 -21.59 3.02 -5.18
N GLN B 16 -21.34 3.32 -6.47
CA GLN B 16 -21.81 2.48 -7.59
C GLN B 16 -23.35 2.38 -7.67
N SER B 17 -24.05 3.51 -7.79
CA SER B 17 -25.50 3.47 -7.91
C SER B 17 -26.00 3.84 -9.32
N GLY B 18 -25.08 4.13 -10.23
CA GLY B 18 -25.45 4.49 -11.60
C GLY B 18 -26.03 3.27 -12.33
N SER B 19 -26.70 3.49 -13.47
CA SER B 19 -27.29 2.38 -14.21
C SER B 19 -26.85 2.32 -15.67
N TYR B 20 -26.84 1.10 -16.21
CA TYR B 20 -26.46 0.84 -17.60
C TYR B 20 -25.02 1.24 -17.90
N SER B 21 -24.14 1.19 -16.90
CA SER B 21 -22.76 1.56 -17.16
C SER B 21 -21.79 0.81 -16.27
N GLN B 22 -20.66 0.38 -16.85
CA GLN B 22 -19.67 -0.34 -16.06
C GLN B 22 -19.02 0.61 -15.06
N GLN B 23 -19.02 0.22 -13.79
CA GLN B 23 -18.46 1.06 -12.75
C GLN B 23 -17.73 0.23 -11.71
N PRO B 24 -16.64 -0.38 -12.08
CA PRO B 24 -15.83 -1.21 -11.15
C PRO B 24 -15.13 -0.33 -10.12
N SER B 25 -14.83 -0.89 -8.95
CA SER B 25 -14.18 -0.12 -7.90
C SER B 25 -12.99 -0.87 -7.29
N TYR B 26 -11.87 -0.16 -7.10
CA TYR B 26 -10.66 -0.75 -6.52
C TYR B 26 -10.21 0.04 -5.28
N GLY B 27 -9.96 -0.66 -4.17
CA GLY B 27 -9.51 0.01 -2.94
C GLY B 27 -8.03 0.43 -3.06
N GLY B 28 -7.62 1.46 -2.31
CA GLY B 28 -6.24 1.95 -2.39
C GLY B 28 -5.34 1.44 -1.25
N GLN B 29 -4.29 2.21 -0.97
CA GLN B 29 -3.29 1.86 0.06
C GLN B 29 -3.28 2.82 1.26
N GLN B 30 -3.35 2.27 2.47
CA GLN B 30 -3.28 3.06 3.70
C GLN B 30 -2.20 2.48 4.62
N GLN B 31 -1.38 3.34 5.22
CA GLN B 31 -0.32 2.85 6.10
C GLN B 31 -0.13 3.78 7.31
N SER B 32 -0.32 3.25 8.52
CA SER B 32 -0.20 4.06 9.74
C SER B 32 0.92 3.56 10.66
N TYR B 33 1.79 4.49 11.09
CA TYR B 33 2.90 4.17 12.00
C TYR B 33 2.75 4.92 13.32
N GLY B 34 2.64 4.17 14.43
CA GLY B 34 2.55 4.80 15.75
C GLY B 34 3.58 4.15 16.67
N GLN B 35 4.66 4.87 16.99
CA GLN B 35 5.68 4.25 17.83
C GLN B 35 6.55 5.25 18.63
N GLN B 36 7.20 4.70 19.66
CA GLN B 36 8.09 5.46 20.53
C GLN B 36 9.46 4.77 20.53
N GLN B 37 10.52 5.52 20.25
CA GLN B 37 11.86 4.93 20.19
C GLN B 37 12.86 5.67 21.07
N SER B 38 13.73 4.91 21.73
CA SER B 38 14.76 5.51 22.59
C SER B 38 16.10 4.82 22.36
N TYR B 39 17.17 5.59 22.43
CA TYR B 39 18.51 5.05 22.25
C TYR B 39 19.38 5.44 23.43
N ASN B 40 19.96 4.45 24.10
CA ASN B 40 20.81 4.72 25.25
C ASN B 40 22.19 4.12 25.05
N SER C 2 5.82 5.34 27.72
CA SER C 2 6.66 4.65 26.70
C SER C 2 5.79 3.65 25.93
N TYR C 3 5.00 4.16 25.00
CA TYR C 3 4.14 3.28 24.21
C TYR C 3 3.75 3.91 22.87
N GLY C 4 3.32 3.05 21.96
CA GLY C 4 2.89 3.49 20.64
C GLY C 4 1.61 2.78 20.27
N SER C 5 0.72 3.47 19.56
CA SER C 5 -0.55 2.86 19.19
C SER C 5 -1.06 3.36 17.85
N SER C 6 -1.57 2.45 17.04
CA SER C 6 -2.11 2.79 15.74
C SER C 6 -3.51 2.19 15.58
N SER C 7 -4.43 2.95 15.02
CA SER C 7 -5.79 2.46 14.83
C SER C 7 -6.30 2.80 13.43
N GLN C 8 -6.99 1.85 12.81
CA GLN C 8 -7.55 2.08 11.48
C GLN C 8 -8.97 1.53 11.39
N SER C 9 -9.84 2.29 10.74
CA SER C 9 -11.23 1.86 10.59
C SER C 9 -11.80 2.30 9.24
N SER C 10 -12.72 1.50 8.72
CA SER C 10 -13.36 1.84 7.45
C SER C 10 -14.77 1.27 7.41
N SER C 11 -15.65 1.93 6.67
CA SER C 11 -17.03 1.44 6.58
C SER C 11 -17.65 1.76 5.23
N TYR C 12 -18.63 0.95 4.85
CA TYR C 12 -19.34 1.14 3.59
C TYR C 12 -20.84 1.08 3.85
N GLY C 13 -21.60 1.96 3.22
CA GLY C 13 -23.05 1.98 3.42
C GLY C 13 -23.74 0.90 2.57
N GLN C 14 -24.06 1.26 1.32
CA GLN C 14 -24.74 0.33 0.41
C GLN C 14 -24.05 0.27 -0.95
N PRO C 15 -22.90 -0.35 -1.04
CA PRO C 15 -22.15 -0.47 -2.33
C PRO C 15 -22.80 -1.44 -3.34
N GLN C 16 -22.61 -1.14 -4.63
CA GLN C 16 -23.13 -1.96 -5.74
C GLN C 16 -24.66 -2.05 -5.76
N SER C 17 -25.35 -0.91 -5.88
CA SER C 17 -26.82 -0.94 -5.94
C SER C 17 -27.35 -0.55 -7.32
N GLY C 18 -26.46 -0.27 -8.27
CA GLY C 18 -26.88 0.10 -9.63
C GLY C 18 -27.49 -1.10 -10.33
N SER C 19 -28.20 -0.88 -11.46
CA SER C 19 -28.84 -2.00 -12.17
C SER C 19 -28.44 -2.05 -13.65
N TYR C 20 -28.45 -3.28 -14.18
CA TYR C 20 -28.13 -3.54 -15.59
C TYR C 20 -26.69 -3.15 -15.93
N SER C 21 -25.78 -3.23 -14.97
CA SER C 21 -24.40 -2.87 -15.27
C SER C 21 -23.41 -3.63 -14.41
N GLN C 22 -22.31 -4.08 -15.03
CA GLN C 22 -21.29 -4.81 -14.28
C GLN C 22 -20.62 -3.86 -13.31
N GLN C 23 -20.56 -4.26 -12.04
CA GLN C 23 -19.96 -3.42 -11.02
C GLN C 23 -19.21 -4.25 -10.00
N PRO C 24 -18.14 -4.89 -10.41
CA PRO C 24 -17.31 -5.73 -9.51
C PRO C 24 -16.55 -4.86 -8.50
N SER C 25 -16.23 -5.43 -7.35
CA SER C 25 -15.53 -4.66 -6.31
C SER C 25 -14.33 -5.43 -5.75
N TYR C 26 -13.19 -4.72 -5.59
CA TYR C 26 -11.97 -5.33 -5.07
C TYR C 26 -11.47 -4.56 -3.83
N GLY C 27 -11.20 -5.26 -2.73
CA GLY C 27 -10.70 -4.60 -1.52
C GLY C 27 -9.23 -4.19 -1.69
N GLY C 28 -8.78 -3.16 -0.95
CA GLY C 28 -7.40 -2.69 -1.07
C GLY C 28 -6.46 -3.21 0.03
N GLN C 29 -5.38 -2.45 0.28
CA GLN C 29 -4.36 -2.82 1.27
C GLN C 29 -4.30 -1.86 2.47
N GLN C 30 -4.33 -2.41 3.68
CA GLN C 30 -4.21 -1.62 4.91
C GLN C 30 -3.10 -2.22 5.79
N GLN C 31 -2.25 -1.38 6.36
CA GLN C 31 -1.17 -1.88 7.21
C GLN C 31 -0.93 -0.94 8.41
N SER C 32 -1.09 -1.48 9.62
CA SER C 32 -0.92 -0.67 10.83
C SER C 32 0.24 -1.18 11.72
N TYR C 33 1.13 -0.26 12.12
CA TYR C 33 2.26 -0.60 12.99
C TYR C 33 2.16 0.15 14.32
N GLY C 34 2.08 -0.59 15.43
CA GLY C 34 2.05 0.03 16.75
C GLY C 34 3.10 -0.63 17.63
N GLN C 35 4.20 0.07 17.93
CA GLN C 35 5.24 -0.55 18.73
C GLN C 35 6.15 0.42 19.49
N GLN C 36 6.83 -0.14 20.50
CA GLN C 36 7.76 0.61 21.34
C GLN C 36 9.11 -0.09 21.30
N GLN C 37 10.18 0.65 20.98
CA GLN C 37 11.50 0.04 20.88
C GLN C 37 12.54 0.78 21.72
N SER C 38 13.43 0.01 22.35
CA SER C 38 14.49 0.59 23.17
C SER C 38 15.82 -0.12 22.90
N TYR C 39 16.89 0.65 22.91
CA TYR C 39 18.21 0.08 22.70
C TYR C 39 19.14 0.46 23.85
N ASN C 40 19.71 -0.54 24.50
CA ASN C 40 20.62 -0.28 25.63
C ASN C 40 21.98 -0.90 25.37
N SER D 2 5.76 0.53 28.54
CA SER D 2 6.56 -0.17 27.49
C SER D 2 5.67 -1.15 26.75
N TYR D 3 4.83 -0.64 25.86
CA TYR D 3 3.94 -1.52 25.10
C TYR D 3 3.52 -0.90 23.77
N GLY D 4 3.04 -1.75 22.87
CA GLY D 4 2.57 -1.29 21.57
C GLY D 4 1.25 -1.98 21.25
N SER D 5 0.37 -1.29 20.56
CA SER D 5 -0.91 -1.89 20.23
C SER D 5 -1.47 -1.37 18.91
N SER D 6 -2.02 -2.28 18.12
CA SER D 6 -2.62 -1.92 16.84
C SER D 6 -4.02 -2.51 16.72
N SER D 7 -4.95 -1.74 16.20
CA SER D 7 -6.33 -2.21 16.05
C SER D 7 -6.88 -1.86 14.67
N GLN D 8 -7.61 -2.80 14.08
CA GLN D 8 -8.20 -2.58 12.77
C GLN D 8 -9.64 -3.09 12.73
N SER D 9 -10.53 -2.32 12.11
CA SER D 9 -11.92 -2.72 12.01
C SER D 9 -12.53 -2.28 10.68
N SER D 10 -13.48 -3.06 10.19
CA SER D 10 -14.15 -2.72 8.95
C SER D 10 -15.57 -3.26 8.97
N SER D 11 -16.48 -2.61 8.24
CA SER D 11 -17.85 -3.08 8.20
C SER D 11 -18.52 -2.75 6.87
N TYR D 12 -19.53 -3.55 6.53
CA TYR D 12 -20.28 -3.34 5.30
C TYR D 12 -21.77 -3.38 5.61
N GLY D 13 -22.54 -2.48 5.00
CA GLY D 13 -23.98 -2.44 5.24
C GLY D 13 -24.70 -3.51 4.42
N GLN D 14 -25.07 -3.16 3.19
CA GLN D 14 -25.80 -4.07 2.31
C GLN D 14 -25.16 -4.15 0.91
N PRO D 15 -24.03 -4.77 0.79
CA PRO D 15 -23.32 -4.90 -0.52
C PRO D 15 -24.02 -5.86 -1.50
N GLN D 16 -23.86 -5.57 -2.81
CA GLN D 16 -24.43 -6.39 -3.89
C GLN D 16 -25.96 -6.46 -3.87
N SER D 17 -26.64 -5.30 -3.95
CA SER D 17 -28.11 -5.31 -3.96
C SER D 17 -28.68 -4.92 -5.32
N GLY D 18 -27.82 -4.66 -6.30
CA GLY D 18 -28.30 -4.29 -7.65
C GLY D 18 -28.94 -5.49 -8.34
N SER D 19 -29.67 -5.25 -9.43
CA SER D 19 -30.36 -6.36 -10.12
C SER D 19 -30.02 -6.42 -11.61
N TYR D 20 -30.07 -7.64 -12.15
CA TYR D 20 -29.80 -7.90 -13.56
C TYR D 20 -28.38 -7.53 -13.95
N SER D 21 -27.44 -7.62 -13.03
CA SER D 21 -26.06 -7.29 -13.38
C SER D 21 -25.06 -8.08 -12.56
N GLN D 22 -23.97 -8.52 -13.20
CA GLN D 22 -22.95 -9.26 -12.48
C GLN D 22 -22.22 -8.33 -11.54
N GLN D 23 -22.14 -8.73 -10.27
CA GLN D 23 -21.48 -7.90 -9.28
C GLN D 23 -20.70 -8.75 -8.28
N PRO D 24 -19.66 -9.39 -8.73
CA PRO D 24 -18.81 -10.24 -7.86
C PRO D 24 -18.01 -9.38 -6.88
N SER D 25 -17.65 -9.95 -5.72
CA SER D 25 -16.91 -9.19 -4.72
C SER D 25 -15.70 -9.98 -4.20
N TYR D 26 -14.55 -9.29 -4.09
CA TYR D 26 -13.32 -9.92 -3.59
C TYR D 26 -12.76 -9.14 -2.38
N GLY D 27 -12.46 -9.84 -1.29
CA GLY D 27 -11.90 -9.20 -0.10
C GLY D 27 -10.43 -8.81 -0.33
N GLY D 28 -9.94 -7.79 0.40
CA GLY D 28 -8.56 -7.34 0.22
C GLY D 28 -7.58 -7.87 1.29
N GLN D 29 -6.49 -7.12 1.50
CA GLN D 29 -5.45 -7.52 2.46
C GLN D 29 -5.32 -6.55 3.65
N GLN D 30 -5.33 -7.11 4.87
CA GLN D 30 -5.16 -6.31 6.09
C GLN D 30 -4.03 -6.92 6.92
N GLN D 31 -3.14 -6.09 7.48
CA GLN D 31 -2.04 -6.61 8.29
C GLN D 31 -1.75 -5.68 9.46
N SER D 32 -1.85 -6.21 10.69
CA SER D 32 -1.63 -5.41 11.90
C SER D 32 -0.46 -5.93 12.74
N TYR D 33 0.45 -5.02 13.11
CA TYR D 33 1.62 -5.38 13.94
C TYR D 33 1.58 -4.63 15.28
N GLY D 34 1.52 -5.37 16.38
CA GLY D 34 1.53 -4.75 17.71
C GLY D 34 2.61 -5.42 18.56
N GLN D 35 3.73 -4.73 18.80
CA GLN D 35 4.79 -5.37 19.58
C GLN D 35 5.73 -4.41 20.31
N GLN D 36 6.44 -4.97 21.29
CA GLN D 36 7.42 -4.23 22.09
C GLN D 36 8.76 -4.96 22.00
N GLN D 37 9.82 -4.23 21.63
CA GLN D 37 11.14 -4.86 21.49
C GLN D 37 12.21 -4.14 22.30
N SER D 38 13.11 -4.92 22.89
CA SER D 38 14.20 -4.36 23.68
C SER D 38 15.51 -5.08 23.36
N TYR D 39 16.60 -4.34 23.36
CA TYR D 39 17.91 -4.92 23.09
C TYR D 39 18.88 -4.54 24.21
N ASN D 40 19.47 -5.55 24.83
CA ASN D 40 20.41 -5.31 25.92
C ASN D 40 21.76 -5.94 25.61
N SER E 2 -0.54 5.98 -30.95
CA SER E 2 -1.57 6.25 -29.91
C SER E 2 -1.25 5.44 -28.66
N TYR E 3 -0.28 5.92 -27.88
CA TYR E 3 0.08 5.21 -26.66
C TYR E 3 0.73 6.15 -25.65
N GLY E 4 0.74 5.70 -24.40
CA GLY E 4 1.34 6.48 -23.32
C GLY E 4 2.19 5.55 -22.46
N SER E 5 3.29 6.04 -21.93
CA SER E 5 4.15 5.21 -21.11
C SER E 5 4.86 5.99 -20.03
N SER E 6 4.92 5.41 -18.83
CA SER E 6 5.61 6.04 -17.71
C SER E 6 6.56 5.05 -17.07
N SER E 7 7.75 5.53 -16.70
CA SER E 7 8.73 4.66 -16.07
C SER E 7 9.37 5.33 -14.86
N GLN E 8 9.58 4.57 -13.78
CA GLN E 8 10.19 5.12 -12.58
C GLN E 8 11.21 4.14 -12.02
N SER E 9 12.35 4.67 -11.58
CA SER E 9 13.40 3.82 -11.02
C SER E 9 14.12 4.53 -9.89
N SER E 10 14.59 3.76 -8.91
CA SER E 10 15.34 4.32 -7.80
C SER E 10 16.34 3.30 -7.27
N SER E 11 17.43 3.78 -6.69
CA SER E 11 18.43 2.87 -6.16
C SER E 11 19.16 3.47 -4.97
N TYR E 12 19.67 2.58 -4.11
CA TYR E 12 20.41 3.02 -2.92
C TYR E 12 21.72 2.23 -2.85
N GLY E 13 22.81 2.90 -2.51
CA GLY E 13 24.10 2.23 -2.41
C GLY E 13 24.24 1.47 -1.09
N GLN E 14 24.71 2.17 -0.06
CA GLN E 14 24.92 1.55 1.26
C GLN E 14 24.30 2.40 2.38
N PRO E 15 23.00 2.43 2.48
CA PRO E 15 22.30 3.21 3.54
C PRO E 15 22.46 2.63 4.96
N GLN E 16 22.44 3.51 5.96
CA GLN E 16 22.56 3.14 7.38
C GLN E 16 23.89 2.44 7.73
N SER E 17 25.02 3.11 7.49
CA SER E 17 26.32 2.51 7.82
C SER E 17 26.98 3.21 9.02
N GLY E 18 26.33 4.23 9.59
CA GLY E 18 26.90 4.95 10.74
C GLY E 18 26.92 4.05 11.98
N SER E 19 27.66 4.45 13.01
CA SER E 19 27.74 3.62 14.23
C SER E 19 27.39 4.40 15.50
N TYR E 20 26.87 3.66 16.48
CA TYR E 20 26.48 4.22 17.78
C TYR E 20 25.39 5.28 17.66
N SER E 21 24.54 5.18 16.65
CA SER E 21 23.48 6.18 16.51
C SER E 21 22.22 5.58 15.87
N GLN E 22 21.05 5.95 16.41
CA GLN E 22 19.80 5.46 15.85
C GLN E 22 19.60 6.05 14.46
N GLN E 23 19.37 5.18 13.48
CA GLN E 23 19.18 5.65 12.12
C GLN E 23 18.12 4.84 11.39
N PRO E 24 16.88 4.97 11.81
CA PRO E 24 15.74 4.25 11.18
C PRO E 24 15.44 4.80 9.80
N SER E 25 14.87 3.97 8.93
CA SER E 25 14.59 4.40 7.56
C SER E 25 13.15 4.03 7.15
N TYR E 26 12.47 4.99 6.52
CA TYR E 26 11.08 4.78 6.05
C TYR E 26 10.98 5.07 4.54
N GLY E 27 10.38 4.13 3.79
CA GLY E 27 10.21 4.32 2.35
C GLY E 27 9.10 5.32 2.06
N GLY E 28 9.15 5.99 0.89
CA GLY E 28 8.13 7.00 0.55
C GLY E 28 7.03 6.48 -0.39
N GLN E 29 6.42 7.42 -1.13
CA GLN E 29 5.32 7.10 -2.06
C GLN E 29 5.68 7.36 -3.53
N GLN E 30 5.43 6.36 -4.38
CA GLN E 30 5.67 6.50 -5.83
C GLN E 30 4.39 6.09 -6.58
N GLN E 31 4.00 6.86 -7.60
CA GLN E 31 2.79 6.53 -8.35
C GLN E 31 2.99 6.83 -9.84
N SER E 32 2.86 5.80 -10.69
CA SER E 32 3.04 5.96 -12.13
C SER E 32 1.76 5.65 -12.93
N TYR E 33 1.39 6.58 -13.84
CA TYR E 33 0.21 6.40 -14.69
C TYR E 33 0.61 6.35 -16.17
N GLY E 34 0.33 5.24 -16.84
CA GLY E 34 0.61 5.12 -18.27
C GLY E 34 -0.63 4.64 -18.99
N GLN E 35 -1.31 5.53 -19.73
CA GLN E 35 -2.54 5.09 -20.39
C GLN E 35 -2.91 5.91 -21.64
N GLN E 36 -3.79 5.30 -22.44
CA GLN E 36 -4.28 5.90 -23.68
C GLN E 36 -5.82 5.93 -23.61
N GLN E 37 -6.42 7.10 -23.82
CA GLN E 37 -7.87 7.20 -23.74
C GLN E 37 -8.48 7.84 -24.99
N SER E 38 -9.64 7.31 -25.40
CA SER E 38 -10.34 7.84 -26.57
C SER E 38 -11.84 7.96 -26.29
N TYR E 39 -12.46 8.99 -26.83
CA TYR E 39 -13.89 9.19 -26.65
C TYR E 39 -14.55 9.36 -28.00
N ASN E 40 -15.53 8.53 -28.30
CA ASN E 40 -16.24 8.59 -29.57
C ASN E 40 -17.73 8.79 -29.34
N SER F 2 -2.62 1.73 -29.78
CA SER F 2 -3.63 1.97 -28.71
C SER F 2 -3.27 1.14 -27.48
N TYR F 3 -2.28 1.61 -26.73
CA TYR F 3 -1.86 0.88 -25.53
C TYR F 3 -1.18 1.80 -24.53
N GLY F 4 -1.13 1.33 -23.28
CA GLY F 4 -0.50 2.08 -22.21
C GLY F 4 0.37 1.13 -21.39
N SER F 5 1.51 1.62 -20.90
CA SER F 5 2.39 0.75 -20.13
C SER F 5 3.14 1.53 -19.06
N SER F 6 3.23 0.94 -17.88
CA SER F 6 3.95 1.55 -16.77
C SER F 6 4.93 0.54 -16.16
N SER F 7 6.13 1.01 -15.83
CA SER F 7 7.13 0.13 -15.25
C SER F 7 7.80 0.79 -14.05
N GLN F 8 8.04 0.01 -13.00
CA GLN F 8 8.71 0.54 -11.81
C GLN F 8 9.74 -0.46 -11.30
N SER F 9 10.89 0.06 -10.89
CA SER F 9 11.95 -0.79 -10.38
C SER F 9 12.72 -0.10 -9.26
N SER F 10 13.22 -0.90 -8.31
CA SER F 10 14.00 -0.35 -7.22
C SER F 10 15.02 -1.37 -6.74
N SER F 11 16.13 -0.90 -6.20
CA SER F 11 17.15 -1.82 -5.72
C SER F 11 17.93 -1.24 -4.54
N TYR F 12 18.45 -2.13 -3.71
CA TYR F 12 19.24 -1.73 -2.55
C TYR F 12 20.55 -2.52 -2.53
N GLY F 13 21.65 -1.85 -2.20
CA GLY F 13 22.94 -2.54 -2.16
C GLY F 13 23.12 -3.31 -0.85
N GLN F 14 23.64 -2.63 0.17
CA GLN F 14 23.88 -3.26 1.47
C GLN F 14 23.31 -2.43 2.62
N PRO F 15 22.01 -2.40 2.77
CA PRO F 15 21.35 -1.62 3.88
C PRO F 15 21.56 -2.24 5.27
N GLN F 16 21.57 -1.35 6.28
CA GLN F 16 21.73 -1.76 7.70
C GLN F 16 23.07 -2.46 7.99
N SER F 17 24.19 -1.79 7.73
CA SER F 17 25.50 -2.40 8.01
C SER F 17 26.22 -1.70 9.19
N GLY F 18 25.59 -0.70 9.79
CA GLY F 18 26.20 0.01 10.92
C GLY F 18 26.25 -0.91 12.15
N SER F 19 27.03 -0.54 13.17
CA SER F 19 27.15 -1.38 14.37
C SER F 19 26.84 -0.63 15.66
N TYR F 20 26.34 -1.38 16.64
CA TYR F 20 26.00 -0.84 17.96
C TYR F 20 24.92 0.22 17.89
N SER F 21 24.03 0.13 16.92
CA SER F 21 22.96 1.12 16.83
C SER F 21 21.69 0.56 16.22
N GLN F 22 20.54 0.92 16.80
CA GLN F 22 19.27 0.45 16.27
C GLN F 22 19.03 1.06 14.90
N GLN F 23 18.75 0.22 13.92
CA GLN F 23 18.52 0.70 12.57
C GLN F 23 17.43 -0.10 11.87
N PRO F 24 16.22 0.01 12.35
CA PRO F 24 15.06 -0.69 11.74
C PRO F 24 14.72 -0.12 10.37
N SER F 25 14.10 -0.93 9.52
CA SER F 25 13.77 -0.48 8.17
C SER F 25 12.32 -0.82 7.79
N TYR F 26 11.61 0.14 7.19
CA TYR F 26 10.22 -0.07 6.77
C TYR F 26 10.05 0.24 5.27
N GLY F 27 9.46 -0.69 4.52
CA GLY F 27 9.23 -0.47 3.08
C GLY F 27 8.10 0.54 2.85
N GLY F 28 8.12 1.22 1.70
CA GLY F 28 7.10 2.24 1.41
C GLY F 28 5.97 1.74 0.49
N GLN F 29 5.33 2.69 -0.22
CA GLN F 29 4.21 2.38 -1.11
C GLN F 29 4.51 2.67 -2.59
N GLN F 30 4.23 1.68 -3.45
CA GLN F 30 4.42 1.84 -4.90
C GLN F 30 3.11 1.44 -5.61
N GLN F 31 2.70 2.22 -6.60
CA GLN F 31 1.46 1.91 -7.32
C GLN F 31 1.61 2.24 -8.81
N SER F 32 1.43 1.22 -9.67
CA SER F 32 1.58 1.40 -11.12
C SER F 32 0.28 1.10 -11.87
N TYR F 33 -0.13 2.03 -12.75
CA TYR F 33 -1.35 1.85 -13.56
C TYR F 33 -0.99 1.84 -15.06
N GLY F 34 -1.31 0.73 -15.74
CA GLY F 34 -1.06 0.64 -17.18
C GLY F 34 -2.34 0.17 -17.87
N GLN F 35 -3.03 1.07 -18.57
CA GLN F 35 -4.28 0.66 -19.21
C GLN F 35 -4.69 1.49 -20.42
N GLN F 36 -5.60 0.89 -21.21
CA GLN F 36 -6.15 1.52 -22.41
C GLN F 36 -7.67 1.55 -22.28
N GLN F 37 -8.27 2.72 -22.46
CA GLN F 37 -9.73 2.83 -22.32
C GLN F 37 -10.37 3.49 -23.54
N SER F 38 -11.54 2.97 -23.92
CA SER F 38 -12.27 3.51 -25.07
C SER F 38 -13.76 3.63 -24.73
N TYR F 39 -14.38 4.68 -25.23
CA TYR F 39 -15.82 4.88 -25.00
C TYR F 39 -16.52 5.07 -26.33
N ASN F 40 -17.52 4.24 -26.59
CA ASN F 40 -18.26 4.34 -27.85
C ASN F 40 -19.75 4.54 -27.57
N SER G 2 -4.72 -2.58 -28.60
CA SER G 2 -5.69 -2.35 -27.50
C SER G 2 -5.28 -3.19 -26.28
N TYR G 3 -4.26 -2.73 -25.57
CA TYR G 3 -3.82 -3.48 -24.40
C TYR G 3 -3.09 -2.57 -23.40
N GLY G 4 -3.01 -3.06 -22.16
CA GLY G 4 -2.33 -2.32 -21.10
C GLY G 4 -1.44 -3.28 -20.33
N SER G 5 -0.28 -2.81 -19.88
CA SER G 5 0.61 -3.69 -19.13
C SER G 5 1.41 -2.93 -18.08
N SER G 6 1.53 -3.55 -16.91
CA SER G 6 2.29 -2.95 -15.82
C SER G 6 3.29 -3.97 -15.26
N SER G 7 4.50 -3.51 -14.96
CA SER G 7 5.52 -4.40 -14.42
C SER G 7 6.23 -3.75 -13.24
N GLN G 8 6.50 -4.55 -12.21
CA GLN G 8 7.21 -4.05 -11.03
C GLN G 8 8.26 -5.04 -10.57
N SER G 9 9.43 -4.53 -10.19
CA SER G 9 10.51 -5.40 -9.73
C SER G 9 11.32 -4.72 -8.62
N SER G 10 11.83 -5.54 -7.71
CA SER G 10 12.65 -5.01 -6.63
C SER G 10 13.68 -6.04 -6.19
N SER G 11 14.81 -5.58 -5.68
CA SER G 11 15.84 -6.51 -5.25
C SER G 11 16.65 -5.95 -4.09
N TYR G 12 17.22 -6.85 -3.29
CA TYR G 12 18.05 -6.47 -2.15
C TYR G 12 19.35 -7.27 -2.19
N GLY G 13 20.47 -6.63 -1.89
CA GLY G 13 21.75 -7.31 -1.91
C GLY G 13 21.97 -8.10 -0.62
N GLN G 14 22.52 -7.43 0.39
CA GLN G 14 22.80 -8.08 1.68
C GLN G 14 22.28 -7.26 2.86
N PRO G 15 20.98 -7.23 3.05
CA PRO G 15 20.36 -6.47 4.18
C PRO G 15 20.61 -7.10 5.57
N GLN G 16 20.67 -6.23 6.59
CA GLN G 16 20.87 -6.65 7.99
C GLN G 16 22.21 -7.37 8.23
N SER G 17 23.33 -6.69 7.94
CA SER G 17 24.65 -7.31 8.18
C SER G 17 25.41 -6.64 9.33
N GLY G 18 24.81 -5.64 9.97
CA GLY G 18 25.46 -4.96 11.09
C GLY G 18 25.54 -5.89 12.31
N SER G 19 26.36 -5.54 13.30
CA SER G 19 26.51 -6.39 14.47
C SER G 19 26.25 -5.66 15.79
N TYR G 20 25.79 -6.42 16.78
CA TYR G 20 25.50 -5.89 18.12
C TYR G 20 24.40 -4.83 18.11
N SER G 21 23.47 -4.91 17.16
CA SER G 21 22.42 -3.90 17.13
C SER G 21 21.12 -4.46 16.55
N GLN G 22 19.99 -4.09 17.16
CA GLN G 22 18.71 -4.56 16.66
C GLN G 22 18.42 -3.92 15.32
N GLN G 23 18.11 -4.76 14.33
CA GLN G 23 17.84 -4.25 13.00
C GLN G 23 16.72 -5.04 12.33
N PRO G 24 15.52 -4.92 12.84
CA PRO G 24 14.34 -5.62 12.27
C PRO G 24 13.95 -5.02 10.92
N SER G 25 13.31 -5.82 10.07
CA SER G 25 12.94 -5.36 8.74
C SER G 25 11.47 -5.69 8.41
N TYR G 26 10.75 -4.71 7.85
CA TYR G 26 9.34 -4.92 7.47
C TYR G 26 9.13 -4.59 5.99
N GLY G 27 8.50 -5.51 5.24
CA GLY G 27 8.22 -5.27 3.82
C GLY G 27 7.09 -4.25 3.65
N GLY G 28 7.07 -3.55 2.50
CA GLY G 28 6.05 -2.51 2.26
C GLY G 28 4.89 -3.00 1.38
N GLN G 29 4.23 -2.05 0.70
CA GLN G 29 3.07 -2.33 -0.15
C GLN G 29 3.33 -2.03 -1.65
N GLN G 30 3.02 -3.00 -2.51
CA GLN G 30 3.15 -2.83 -3.96
C GLN G 30 1.83 -3.21 -4.63
N GLN G 31 1.39 -2.41 -5.60
CA GLN G 31 0.12 -2.71 -6.28
C GLN G 31 0.21 -2.36 -7.77
N SER G 32 0.03 -3.37 -8.63
CA SER G 32 0.12 -3.16 -10.08
C SER G 32 -1.21 -3.45 -10.80
N TYR G 33 -1.64 -2.50 -11.65
CA TYR G 33 -2.88 -2.66 -12.42
C TYR G 33 -2.58 -2.67 -13.93
N GLY G 34 -2.93 -3.75 -14.61
CA GLY G 34 -2.73 -3.83 -16.06
C GLY G 34 -4.04 -4.28 -16.71
N GLN G 35 -4.74 -3.37 -17.40
CA GLN G 35 -6.01 -3.78 -17.99
C GLN G 35 -6.47 -2.92 -19.18
N GLN G 36 -7.40 -3.50 -19.93
CA GLN G 36 -7.99 -2.87 -21.11
C GLN G 36 -9.51 -2.84 -20.95
N GLN G 37 -10.11 -1.66 -21.07
CA GLN G 37 -11.56 -1.55 -20.88
C GLN G 37 -12.24 -0.88 -22.07
N SER G 38 -13.43 -1.38 -22.42
CA SER G 38 -14.19 -0.82 -23.53
C SER G 38 -15.67 -0.70 -23.14
N TYR G 39 -16.31 0.36 -23.61
CA TYR G 39 -17.72 0.56 -23.32
C TYR G 39 -18.47 0.78 -24.63
N ASN G 40 -19.49 -0.05 -24.88
CA ASN G 40 -20.27 0.06 -26.09
C ASN G 40 -21.75 0.26 -25.77
N SER H 2 -6.80 -6.83 -27.39
CA SER H 2 -7.73 -6.62 -26.25
C SER H 2 -7.30 -7.47 -25.07
N TYR H 3 -6.25 -7.04 -24.38
CA TYR H 3 -5.77 -7.81 -23.23
C TYR H 3 -5.00 -6.92 -22.24
N GLY H 4 -4.88 -7.42 -21.03
CA GLY H 4 -4.16 -6.72 -19.98
C GLY H 4 -3.25 -7.69 -19.24
N SER H 5 -2.08 -7.23 -18.82
CA SER H 5 -1.16 -8.12 -18.13
C SER H 5 -0.33 -7.38 -17.08
N SER H 6 -0.17 -8.00 -15.93
CA SER H 6 0.62 -7.43 -14.86
C SER H 6 1.63 -8.46 -14.35
N SER H 7 2.85 -8.01 -14.08
CA SER H 7 3.89 -8.91 -13.60
C SER H 7 4.64 -8.28 -12.43
N GLN H 8 4.95 -9.10 -11.42
CA GLN H 8 5.70 -8.61 -10.27
C GLN H 8 6.77 -9.62 -9.85
N SER H 9 7.95 -9.12 -9.50
CA SER H 9 9.03 -10.00 -9.08
C SER H 9 9.87 -9.34 -7.99
N SER H 10 10.43 -10.16 -7.11
CA SER H 10 11.29 -9.65 -6.06
C SER H 10 12.32 -10.70 -5.68
N SER H 11 13.48 -10.25 -5.20
CA SER H 11 14.53 -11.19 -4.82
C SER H 11 15.38 -10.65 -3.68
N TYR H 12 15.97 -11.57 -2.91
CA TYR H 12 16.82 -11.21 -1.80
C TYR H 12 18.13 -12.00 -1.89
N GLY H 13 19.25 -11.35 -1.62
CA GLY H 13 20.54 -12.03 -1.69
C GLY H 13 20.79 -12.85 -0.42
N GLN H 14 21.38 -12.19 0.59
CA GLN H 14 21.71 -12.86 1.85
C GLN H 14 21.22 -12.07 3.06
N PRO H 15 19.93 -12.04 3.31
CA PRO H 15 19.36 -11.29 4.47
C PRO H 15 19.66 -11.95 5.83
N GLN H 16 19.73 -11.09 6.87
CA GLN H 16 19.98 -11.54 8.25
C GLN H 16 21.34 -12.25 8.44
N SER H 17 22.44 -11.59 8.11
CA SER H 17 23.76 -12.21 8.29
C SER H 17 24.56 -11.56 9.43
N GLY H 18 23.98 -10.57 10.12
CA GLY H 18 24.67 -9.91 11.23
C GLY H 18 24.80 -10.87 12.42
N SER H 19 25.65 -10.53 13.39
CA SER H 19 25.83 -11.40 14.55
C SER H 19 25.63 -10.68 15.89
N TYR H 20 25.19 -11.47 16.87
CA TYR H 20 24.96 -10.96 18.24
C TYR H 20 23.86 -9.89 18.27
N SER H 21 22.90 -9.96 17.36
CA SER H 21 21.85 -8.97 17.38
C SER H 21 20.54 -9.53 16.85
N GLN H 22 19.42 -9.13 17.47
CA GLN H 22 18.13 -9.59 17.02
C GLN H 22 17.79 -8.94 15.69
N GLN H 23 17.44 -9.75 14.71
CA GLN H 23 17.13 -9.23 13.39
C GLN H 23 15.99 -10.00 12.76
N PRO H 24 14.80 -9.89 13.31
CA PRO H 24 13.60 -10.57 12.77
C PRO H 24 13.17 -9.95 11.44
N SER H 25 12.51 -10.74 10.59
CA SER H 25 12.10 -10.24 9.28
C SER H 25 10.62 -10.57 9.00
N TYR H 26 9.89 -9.59 8.49
CA TYR H 26 8.46 -9.77 8.15
C TYR H 26 8.20 -9.42 6.68
N GLY H 27 7.52 -10.32 5.94
CA GLY H 27 7.21 -10.06 4.53
C GLY H 27 6.07 -9.04 4.41
N GLY H 28 6.02 -8.32 3.28
CA GLY H 28 4.98 -7.30 3.08
C GLY H 28 3.79 -7.77 2.23
N GLN H 29 3.12 -6.79 1.59
CA GLN H 29 1.94 -7.07 0.77
C GLN H 29 2.14 -6.73 -0.72
N GLN H 30 1.80 -7.69 -1.59
CA GLN H 30 1.90 -7.49 -3.05
C GLN H 30 0.55 -7.86 -3.67
N GLN H 31 0.07 -7.05 -4.62
CA GLN H 31 -1.21 -7.34 -5.26
C GLN H 31 -1.17 -6.97 -6.75
N SER H 32 -1.39 -7.96 -7.61
CA SER H 32 -1.36 -7.73 -9.06
C SER H 32 -2.71 -8.00 -9.74
N TYR H 33 -3.16 -7.04 -10.57
CA TYR H 33 -4.42 -7.18 -11.29
C TYR H 33 -4.18 -7.17 -12.80
N GLY H 34 -4.54 -8.24 -13.49
CA GLY H 34 -4.40 -8.30 -14.95
C GLY H 34 -5.73 -8.74 -15.56
N GLN H 35 -6.46 -7.82 -16.20
CA GLN H 35 -7.75 -8.21 -16.76
C GLN H 35 -8.23 -7.33 -17.92
N GLN H 36 -9.19 -7.91 -18.66
CA GLN H 36 -9.82 -7.24 -19.80
C GLN H 36 -11.33 -7.20 -19.58
N GLN H 37 -11.94 -6.02 -19.67
CA GLN H 37 -13.37 -5.91 -19.44
C GLN H 37 -14.10 -5.22 -20.59
N SER H 38 -15.29 -5.71 -20.91
CA SER H 38 -16.09 -5.13 -21.97
C SER H 38 -17.55 -5.02 -21.54
N TYR H 39 -18.20 -3.95 -21.98
CA TYR H 39 -19.61 -3.75 -21.64
C TYR H 39 -20.41 -3.52 -22.92
N ASN H 40 -21.43 -4.34 -23.14
CA ASN H 40 -22.26 -4.20 -24.32
C ASN H 40 -23.72 -4.00 -23.95
N SER A 2 5.79 14.92 26.10
CA SER A 2 6.69 14.34 25.07
C SER A 2 5.93 13.32 24.24
N TYR A 3 5.20 13.80 23.23
CA TYR A 3 4.45 12.88 22.38
C TYR A 3 4.22 13.46 21.00
N GLY A 4 3.91 12.58 20.06
CA GLY A 4 3.63 12.99 18.69
C GLY A 4 2.33 12.35 18.23
N SER A 5 1.47 13.12 17.57
CA SER A 5 0.19 12.59 17.13
C SER A 5 -0.11 12.95 15.68
N SER A 6 -0.75 12.03 14.97
CA SER A 6 -1.12 12.25 13.58
C SER A 6 -2.42 11.52 13.27
N SER A 7 -3.30 12.16 12.51
CA SER A 7 -4.56 11.52 12.15
C SER A 7 -5.02 11.98 10.77
N GLN A 8 -5.78 11.12 10.10
CA GLN A 8 -6.29 11.45 8.78
C GLN A 8 -7.74 10.99 8.63
N SER A 9 -8.55 11.81 7.96
CA SER A 9 -9.95 11.47 7.76
C SER A 9 -10.39 11.77 6.33
N SER A 10 -10.99 10.78 5.69
CA SER A 10 -11.48 10.94 4.33
C SER A 10 -12.89 10.41 4.22
N SER A 11 -13.76 11.17 3.55
CA SER A 11 -15.14 10.74 3.41
C SER A 11 -15.66 10.92 1.99
N TYR A 12 -16.48 9.97 1.54
CA TYR A 12 -17.07 10.02 0.21
C TYR A 12 -18.59 9.93 0.32
N GLY A 13 -19.28 10.82 -0.38
CA GLY A 13 -20.75 10.85 -0.32
C GLY A 13 -21.36 9.75 -1.21
N GLN A 14 -21.69 10.11 -2.44
CA GLN A 14 -22.30 9.14 -3.37
C GLN A 14 -21.58 9.15 -4.72
N PRO A 15 -20.40 8.61 -4.79
CA PRO A 15 -19.61 8.56 -6.07
C PRO A 15 -20.17 7.57 -7.11
N GLN A 16 -19.94 7.87 -8.39
CA GLN A 16 -20.38 7.02 -9.50
C GLN A 16 -21.90 6.91 -9.62
N SER A 17 -22.59 8.04 -9.80
CA SER A 17 -24.04 8.01 -9.95
C SER A 17 -24.49 8.34 -11.38
N GLY A 18 -23.54 8.59 -12.29
CA GLY A 18 -23.87 8.89 -13.68
C GLY A 18 -24.42 7.65 -14.38
N SER A 19 -25.06 7.84 -15.53
CA SER A 19 -25.64 6.70 -16.26
C SER A 19 -25.17 6.62 -17.71
N TYR A 20 -25.15 5.40 -18.23
CA TYR A 20 -24.75 5.13 -19.61
C TYR A 20 -23.30 5.53 -19.89
N SER A 21 -22.44 5.48 -18.88
CA SER A 21 -21.04 5.85 -19.12
C SER A 21 -20.10 5.14 -18.16
N GLN A 22 -18.92 4.75 -18.68
CA GLN A 22 -17.94 4.08 -17.84
C GLN A 22 -17.36 5.07 -16.83
N GLN A 23 -17.40 4.68 -15.56
CA GLN A 23 -16.90 5.55 -14.50
C GLN A 23 -16.23 4.74 -13.40
N PRO A 24 -15.15 4.08 -13.72
CA PRO A 24 -14.37 3.27 -12.73
C PRO A 24 -13.64 4.17 -11.73
N SER A 25 -13.41 3.66 -10.52
CA SER A 25 -12.74 4.47 -9.50
C SER A 25 -11.57 3.72 -8.86
N TYR A 26 -10.47 4.44 -8.59
CA TYR A 26 -9.28 3.85 -7.97
C TYR A 26 -8.89 4.62 -6.70
N GLY A 27 -8.66 3.90 -5.61
CA GLY A 27 -8.26 4.54 -4.35
C GLY A 27 -6.81 5.02 -4.44
N GLY A 28 -6.46 6.03 -3.64
CA GLY A 28 -5.11 6.60 -3.67
C GLY A 28 -4.21 6.10 -2.52
N GLN A 29 -3.20 6.92 -2.18
CA GLN A 29 -2.24 6.57 -1.13
C GLN A 29 -2.27 7.54 0.06
N GLN A 30 -2.37 6.99 1.27
CA GLN A 30 -2.35 7.80 2.50
C GLN A 30 -1.30 7.23 3.45
N GLN A 31 -0.51 8.09 4.08
CA GLN A 31 0.52 7.62 5.01
C GLN A 31 0.67 8.57 6.19
N SER A 32 0.47 8.06 7.41
CA SER A 32 0.56 8.88 8.62
C SER A 32 1.67 8.42 9.58
N TYR A 33 2.49 9.36 10.05
CA TYR A 33 3.57 9.06 10.98
C TYR A 33 3.35 9.75 12.34
N GLY A 34 3.31 8.96 13.40
CA GLY A 34 3.15 9.52 14.74
C GLY A 34 4.14 8.85 15.69
N GLN A 35 5.19 9.57 16.09
CA GLN A 35 6.18 8.93 16.95
C GLN A 35 6.99 9.90 17.80
N GLN A 36 7.62 9.32 18.83
CA GLN A 36 8.48 10.05 19.76
C GLN A 36 9.89 9.47 19.67
N GLN A 37 10.88 10.32 19.43
CA GLN A 37 12.26 9.84 19.30
C GLN A 37 13.19 10.55 20.28
N SER A 38 13.95 9.75 21.03
CA SER A 38 14.91 10.30 21.99
C SER A 38 16.28 9.66 21.79
N TYR A 39 17.33 10.48 21.85
CA TYR A 39 18.68 9.96 21.70
C TYR A 39 19.49 10.25 22.96
N ASN A 40 19.98 9.20 23.60
CA ASN A 40 20.76 9.35 24.82
C ASN A 40 19.94 10.11 25.87
N SER B 2 5.78 10.05 27.06
CA SER B 2 6.63 9.47 25.99
C SER B 2 5.83 8.46 25.18
N TYR B 3 5.07 8.95 24.20
CA TYR B 3 4.28 8.06 23.38
C TYR B 3 4.00 8.65 21.99
N GLY B 4 3.65 7.76 21.06
CA GLY B 4 3.32 8.18 19.71
C GLY B 4 1.99 7.56 19.31
N SER B 5 1.13 8.33 18.67
CA SER B 5 -0.17 7.82 18.28
C SER B 5 -0.51 8.19 16.83
N SER B 6 -1.19 7.27 16.16
CA SER B 6 -1.60 7.49 14.78
C SER B 6 -2.92 6.79 14.51
N SER B 7 -3.82 7.44 13.78
CA SER B 7 -5.10 6.83 13.46
C SER B 7 -5.60 7.29 12.10
N GLN B 8 -6.40 6.44 11.45
CA GLN B 8 -6.95 6.79 10.14
C GLN B 8 -8.41 6.36 10.05
N SER B 9 -9.22 7.18 9.41
CA SER B 9 -10.64 6.86 9.27
C SER B 9 -11.12 7.17 7.85
N SER B 10 -11.76 6.19 7.23
CA SER B 10 -12.29 6.36 5.88
C SER B 10 -13.72 5.85 5.82
N SER B 11 -14.60 6.61 5.19
CA SER B 11 -16.00 6.20 5.09
C SER B 11 -16.55 6.40 3.68
N TYR B 12 -17.41 5.47 3.27
CA TYR B 12 -18.04 5.52 1.96
C TYR B 12 -19.55 5.46 2.12
N GLY B 13 -20.26 6.36 1.45
CA GLY B 13 -21.72 6.39 1.56
C GLY B 13 -22.37 5.31 0.69
N GLN B 14 -22.75 5.68 -0.53
CA GLN B 14 -23.40 4.73 -1.44
C GLN B 14 -22.73 4.73 -2.82
N PRO B 15 -21.56 4.17 -2.93
CA PRO B 15 -20.81 4.12 -4.24
C PRO B 15 -21.43 3.14 -5.26
N GLN B 16 -21.23 3.45 -6.55
CA GLN B 16 -21.71 2.60 -7.65
C GLN B 16 -23.24 2.51 -7.71
N SER B 17 -23.92 3.66 -7.88
CA SER B 17 -25.38 3.65 -7.97
C SER B 17 -25.87 3.97 -9.39
N GLY B 18 -24.94 4.23 -10.31
CA GLY B 18 -25.33 4.54 -11.69
C GLY B 18 -25.91 3.31 -12.38
N SER B 19 -26.60 3.50 -13.51
CA SER B 19 -27.21 2.37 -14.21
C SER B 19 -26.80 2.29 -15.68
N TYR B 20 -26.81 1.07 -16.20
CA TYR B 20 -26.46 0.79 -17.60
C TYR B 20 -25.02 1.17 -17.93
N SER B 21 -24.13 1.10 -16.96
CA SER B 21 -22.75 1.45 -17.24
C SER B 21 -21.77 0.72 -16.32
N GLN B 22 -20.60 0.34 -16.87
CA GLN B 22 -19.60 -0.34 -16.07
C GLN B 22 -18.99 0.63 -15.08
N GLN B 23 -18.98 0.24 -13.80
CA GLN B 23 -18.44 1.10 -12.77
C GLN B 23 -17.73 0.28 -11.69
N PRO B 24 -16.67 -0.39 -12.05
CA PRO B 24 -15.88 -1.21 -11.09
C PRO B 24 -15.10 -0.33 -10.12
N SER B 25 -14.83 -0.83 -8.92
CA SER B 25 -14.11 -0.05 -7.92
C SER B 25 -12.93 -0.82 -7.32
N TYR B 26 -11.82 -0.10 -7.09
CA TYR B 26 -10.62 -0.72 -6.50
C TYR B 26 -10.16 0.04 -5.26
N GLY B 27 -9.90 -0.69 -4.17
CA GLY B 27 -9.46 -0.05 -2.92
C GLY B 27 -8.00 0.42 -3.06
N GLY B 28 -7.62 1.42 -2.26
CA GLY B 28 -6.25 1.98 -2.34
C GLY B 28 -5.32 1.46 -1.23
N GLN B 29 -4.30 2.26 -0.92
CA GLN B 29 -3.30 1.90 0.09
C GLN B 29 -3.29 2.86 1.28
N GLN B 30 -3.35 2.30 2.50
CA GLN B 30 -3.28 3.12 3.72
C GLN B 30 -2.20 2.52 4.64
N GLN B 31 -1.37 3.38 5.24
CA GLN B 31 -0.33 2.89 6.14
C GLN B 31 -0.12 3.85 7.32
N SER B 32 -0.28 3.32 8.53
CA SER B 32 -0.14 4.14 9.74
C SER B 32 0.99 3.66 10.66
N TYR B 33 1.84 4.59 11.11
CA TYR B 33 2.96 4.27 12.00
C TYR B 33 2.79 4.95 13.36
N GLY B 34 2.77 4.17 14.43
CA GLY B 34 2.65 4.71 15.77
C GLY B 34 3.67 4.04 16.68
N GLN B 35 4.75 4.74 17.05
CA GLN B 35 5.76 4.09 17.87
C GLN B 35 6.61 5.05 18.71
N GLN B 36 7.28 4.46 19.70
CA GLN B 36 8.18 5.17 20.61
C GLN B 36 9.57 4.57 20.47
N GLN B 37 10.56 5.41 20.19
CA GLN B 37 11.93 4.91 20.02
C GLN B 37 12.90 5.60 20.96
N SER B 38 13.69 4.81 21.69
CA SER B 38 14.68 5.33 22.61
C SER B 38 16.04 4.68 22.36
N TYR B 39 17.09 5.48 22.39
CA TYR B 39 18.45 4.95 22.19
C TYR B 39 19.29 5.22 23.42
N ASN B 40 19.79 4.16 24.04
CA ASN B 40 20.60 4.30 25.24
C ASN B 40 19.85 5.06 26.32
N SER C 2 5.73 5.16 27.96
CA SER C 2 6.54 4.57 26.85
C SER C 2 5.69 3.58 26.07
N TYR C 3 4.92 4.09 25.12
CA TYR C 3 4.08 3.21 24.32
C TYR C 3 3.76 3.81 22.96
N GLY C 4 3.37 2.93 22.04
CA GLY C 4 3.00 3.34 20.70
C GLY C 4 1.64 2.74 20.33
N SER C 5 0.77 3.53 19.74
CA SER C 5 -0.55 3.04 19.38
C SER C 5 -0.94 3.41 17.96
N SER C 6 -1.65 2.50 17.29
CA SER C 6 -2.10 2.74 15.95
C SER C 6 -3.44 2.06 15.70
N SER C 7 -4.36 2.73 15.01
CA SER C 7 -5.66 2.13 14.74
C SER C 7 -6.21 2.60 13.40
N GLN C 8 -7.03 1.77 12.77
CA GLN C 8 -7.62 2.12 11.48
C GLN C 8 -9.09 1.70 11.44
N SER C 9 -9.92 2.55 10.84
CA SER C 9 -11.34 2.25 10.74
C SER C 9 -11.86 2.56 9.34
N SER C 10 -12.54 1.59 8.74
CA SER C 10 -13.11 1.78 7.41
C SER C 10 -14.55 1.29 7.40
N SER C 11 -15.45 2.06 6.80
CA SER C 11 -16.84 1.67 6.76
C SER C 11 -17.45 1.87 5.36
N TYR C 12 -18.32 0.95 4.98
CA TYR C 12 -19.00 1.02 3.69
C TYR C 12 -20.51 0.98 3.91
N GLY C 13 -21.24 1.89 3.27
CA GLY C 13 -22.68 1.94 3.42
C GLY C 13 -23.38 0.87 2.57
N GLN C 14 -23.80 1.25 1.37
CA GLN C 14 -24.49 0.30 0.48
C GLN C 14 -23.87 0.31 -0.91
N PRO C 15 -22.71 -0.27 -1.08
CA PRO C 15 -22.01 -0.33 -2.40
C PRO C 15 -22.66 -1.29 -3.41
N GLN C 16 -22.52 -0.98 -4.70
CA GLN C 16 -23.05 -1.82 -5.79
C GLN C 16 -24.58 -1.88 -5.81
N SER C 17 -25.25 -0.73 -5.94
CA SER C 17 -26.71 -0.73 -5.97
C SER C 17 -27.25 -0.39 -7.37
N GLY C 18 -26.35 -0.15 -8.33
CA GLY C 18 -26.78 0.18 -9.70
C GLY C 18 -27.40 -1.04 -10.36
N SER C 19 -28.13 -0.84 -11.47
CA SER C 19 -28.78 -1.96 -12.16
C SER C 19 -28.42 -2.04 -13.64
N TYR C 20 -28.47 -3.26 -14.16
CA TYR C 20 -28.17 -3.53 -15.57
C TYR C 20 -26.74 -3.17 -15.94
N SER C 21 -25.81 -3.25 -15.00
CA SER C 21 -24.43 -2.93 -15.34
C SER C 21 -23.43 -3.66 -14.46
N GLN C 22 -22.30 -4.05 -15.05
CA GLN C 22 -21.27 -4.75 -14.28
C GLN C 22 -20.61 -3.79 -13.32
N GLN C 23 -20.57 -4.18 -12.05
CA GLN C 23 -19.98 -3.34 -11.02
C GLN C 23 -19.24 -4.17 -9.98
N PRO C 24 -18.20 -4.86 -10.38
CA PRO C 24 -17.38 -5.69 -9.45
C PRO C 24 -16.56 -4.81 -8.50
N SER C 25 -16.25 -5.33 -7.32
CA SER C 25 -15.49 -4.56 -6.33
C SER C 25 -14.30 -5.34 -5.78
N TYR C 26 -13.18 -4.64 -5.59
CA TYR C 26 -11.96 -5.27 -5.05
C TYR C 26 -11.46 -4.52 -3.81
N GLY C 27 -11.17 -5.26 -2.74
CA GLY C 27 -10.67 -4.63 -1.51
C GLY C 27 -9.22 -4.18 -1.69
N GLY C 28 -8.78 -3.18 -0.91
CA GLY C 28 -7.42 -2.66 -1.03
C GLY C 28 -6.46 -3.18 0.05
N GLN C 29 -5.41 -2.39 0.32
CA GLN C 29 -4.39 -2.78 1.29
C GLN C 29 -4.31 -1.81 2.49
N GLN C 30 -4.34 -2.38 3.70
CA GLN C 30 -4.22 -1.57 4.92
C GLN C 30 -3.12 -2.17 5.80
N GLN C 31 -2.27 -1.33 6.39
CA GLN C 31 -1.19 -1.84 7.23
C GLN C 31 -0.93 -0.90 8.42
N SER C 32 -1.05 -1.42 9.64
CA SER C 32 -0.86 -0.61 10.85
C SER C 32 0.29 -1.11 11.72
N TYR C 33 1.17 -0.18 12.13
CA TYR C 33 2.31 -0.53 13.00
C TYR C 33 2.20 0.16 14.36
N GLY C 34 2.21 -0.63 15.42
CA GLY C 34 2.15 -0.09 16.78
C GLY C 34 3.20 -0.78 17.63
N GLN C 35 4.28 -0.09 17.97
CA GLN C 35 5.32 -0.75 18.76
C GLN C 35 6.21 0.19 19.56
N GLN C 36 6.90 -0.42 20.53
CA GLN C 36 7.84 0.27 21.42
C GLN C 36 9.22 -0.34 21.22
N GLN C 37 10.22 0.49 20.92
CA GLN C 37 11.57 -0.02 20.70
C GLN C 37 12.59 0.66 21.61
N SER C 38 13.38 -0.15 22.29
CA SER C 38 14.41 0.35 23.18
C SER C 38 15.75 -0.32 22.88
N TYR C 39 16.83 0.47 22.88
CA TYR C 39 18.15 -0.07 22.63
C TYR C 39 19.05 0.19 23.84
N ASN C 40 19.56 -0.88 24.43
CA ASN C 40 20.42 -0.77 25.60
C ASN C 40 19.70 0.01 26.71
N SER D 2 5.61 0.30 28.82
CA SER D 2 6.38 -0.30 27.71
C SER D 2 5.50 -1.28 26.94
N TYR D 3 4.69 -0.76 26.02
CA TYR D 3 3.83 -1.63 25.24
C TYR D 3 3.46 -1.03 23.89
N GLY D 4 3.03 -1.89 22.98
CA GLY D 4 2.62 -1.47 21.65
C GLY D 4 1.25 -2.06 21.34
N SER D 5 0.36 -1.25 20.77
CA SER D 5 -0.97 -1.73 20.45
C SER D 5 -1.41 -1.35 19.04
N SER D 6 -2.14 -2.25 18.41
CA SER D 6 -2.64 -2.00 17.07
C SER D 6 -3.99 -2.68 16.87
N SER D 7 -4.92 -2.00 16.22
CA SER D 7 -6.25 -2.57 15.98
C SER D 7 -6.83 -2.09 14.66
N GLN D 8 -7.68 -2.91 14.06
CA GLN D 8 -8.31 -2.54 12.80
C GLN D 8 -9.78 -2.94 12.80
N SER D 9 -10.62 -2.09 12.22
CA SER D 9 -12.05 -2.37 12.17
C SER D 9 -12.62 -2.05 10.79
N SER D 10 -13.32 -3.01 10.21
CA SER D 10 -13.93 -2.81 8.90
C SER D 10 -15.37 -3.28 8.94
N SER D 11 -16.28 -2.50 8.37
CA SER D 11 -17.70 -2.87 8.36
C SER D 11 -18.33 -2.65 6.99
N TYR D 12 -19.23 -3.56 6.63
CA TYR D 12 -19.95 -3.48 5.38
C TYR D 12 -21.46 -3.51 5.63
N GLY D 13 -22.19 -2.59 5.02
CA GLY D 13 -23.63 -2.52 5.22
C GLY D 13 -24.37 -3.58 4.39
N GLN D 14 -24.82 -3.20 3.20
CA GLN D 14 -25.54 -4.13 2.34
C GLN D 14 -24.97 -4.13 0.92
N PRO D 15 -23.82 -4.71 0.72
CA PRO D 15 -23.17 -4.77 -0.63
C PRO D 15 -23.88 -5.72 -1.61
N GLN D 16 -23.76 -5.41 -2.91
CA GLN D 16 -24.34 -6.25 -3.98
C GLN D 16 -25.87 -6.30 -3.96
N SER D 17 -26.53 -5.14 -4.04
CA SER D 17 -28.00 -5.11 -4.04
C SER D 17 -28.57 -4.76 -5.42
N GLY D 18 -27.70 -4.52 -6.41
CA GLY D 18 -28.16 -4.20 -7.76
C GLY D 18 -28.83 -5.41 -8.41
N SER D 19 -29.59 -5.19 -9.49
CA SER D 19 -30.27 -6.30 -10.15
C SER D 19 -29.96 -6.37 -11.66
N TYR D 20 -30.03 -7.60 -12.18
CA TYR D 20 -29.80 -7.88 -13.60
C TYR D 20 -28.38 -7.53 -14.02
N SER D 21 -27.41 -7.64 -13.12
CA SER D 21 -26.04 -7.34 -13.50
C SER D 21 -25.03 -8.11 -12.65
N GLN D 22 -23.90 -8.46 -13.27
CA GLN D 22 -22.87 -9.18 -12.54
C GLN D 22 -22.17 -8.24 -11.58
N GLN D 23 -22.09 -8.63 -10.32
CA GLN D 23 -21.45 -7.80 -9.32
C GLN D 23 -20.69 -8.64 -8.30
N PRO D 24 -19.68 -9.33 -8.73
CA PRO D 24 -18.84 -10.18 -7.83
C PRO D 24 -17.98 -9.32 -6.91
N SER D 25 -17.64 -9.84 -5.73
CA SER D 25 -16.83 -9.07 -4.78
C SER D 25 -15.64 -9.88 -4.27
N TYR D 26 -14.49 -9.19 -4.11
CA TYR D 26 -13.27 -9.84 -3.61
C TYR D 26 -12.72 -9.10 -2.39
N GLY D 27 -12.40 -9.84 -1.33
CA GLY D 27 -11.86 -9.23 -0.12
C GLY D 27 -10.41 -8.79 -0.34
N GLY D 28 -9.94 -7.80 0.43
CA GLY D 28 -8.58 -7.29 0.27
C GLY D 28 -7.59 -7.82 1.31
N GLN D 29 -6.52 -7.06 1.55
CA GLN D 29 -5.47 -7.45 2.49
C GLN D 29 -5.34 -6.49 3.69
N GLN D 30 -5.34 -7.06 4.89
CA GLN D 30 -5.18 -6.27 6.12
C GLN D 30 -4.05 -6.88 6.96
N GLN D 31 -3.17 -6.05 7.52
CA GLN D 31 -2.07 -6.57 8.32
C GLN D 31 -1.76 -5.63 9.50
N SER D 32 -1.85 -6.17 10.72
CA SER D 32 -1.61 -5.35 11.92
C SER D 32 -0.43 -5.87 12.76
N TYR D 33 0.48 -4.96 13.15
CA TYR D 33 1.64 -5.32 13.97
C TYR D 33 1.58 -4.63 15.34
N GLY D 34 1.61 -5.43 16.40
CA GLY D 34 1.60 -4.88 17.76
C GLY D 34 2.65 -5.59 18.58
N GLN D 35 3.77 -4.92 18.88
CA GLN D 35 4.82 -5.60 19.64
C GLN D 35 5.75 -4.66 20.42
N GLN D 36 6.46 -5.28 21.35
CA GLN D 36 7.45 -4.61 22.22
C GLN D 36 8.82 -5.23 21.98
N GLN D 37 9.80 -4.42 21.63
CA GLN D 37 11.14 -4.94 21.37
C GLN D 37 12.19 -4.27 22.25
N SER D 38 13.00 -5.11 22.90
CA SER D 38 14.08 -4.60 23.76
C SER D 38 15.39 -5.29 23.42
N TYR D 39 16.47 -4.52 23.38
CA TYR D 39 17.79 -5.07 23.08
C TYR D 39 18.73 -4.83 24.27
N ASN D 40 19.24 -5.92 24.84
CA ASN D 40 20.13 -5.80 25.98
C ASN D 40 19.46 -5.03 27.11
N SER E 2 -0.43 5.83 -31.08
CA SER E 2 -1.40 6.18 -30.01
C SER E 2 -1.09 5.38 -28.74
N TYR E 3 -0.16 5.88 -27.95
CA TYR E 3 0.19 5.18 -26.72
C TYR E 3 0.77 6.13 -25.68
N GLY E 4 0.74 5.68 -24.44
CA GLY E 4 1.28 6.46 -23.33
C GLY E 4 2.22 5.59 -22.51
N SER E 5 3.37 6.13 -22.12
CA SER E 5 4.33 5.34 -21.35
C SER E 5 4.87 6.11 -20.16
N SER E 6 5.10 5.39 -19.07
CA SER E 6 5.64 5.99 -17.86
C SER E 6 6.51 5.00 -17.11
N SER E 7 7.64 5.45 -16.59
CA SER E 7 8.53 4.55 -15.87
C SER E 7 9.26 5.30 -14.75
N GLN E 8 9.61 4.57 -13.70
CA GLN E 8 10.33 5.18 -12.58
C GLN E 8 11.44 4.27 -12.10
N SER E 9 12.57 4.86 -11.74
CA SER E 9 13.71 4.08 -11.25
C SER E 9 14.34 4.73 -10.03
N SER E 10 14.51 3.94 -8.97
CA SER E 10 15.12 4.45 -7.75
C SER E 10 16.18 3.46 -7.27
N SER E 11 17.34 3.97 -6.87
CA SER E 11 18.41 3.11 -6.41
C SER E 11 19.06 3.63 -5.13
N TYR E 12 19.43 2.70 -4.25
CA TYR E 12 20.09 3.06 -2.99
C TYR E 12 21.41 2.31 -2.89
N GLY E 13 22.47 3.02 -2.53
CA GLY E 13 23.79 2.38 -2.42
C GLY E 13 23.94 1.62 -1.10
N GLN E 14 24.50 2.28 -0.10
CA GLN E 14 24.70 1.65 1.21
C GLN E 14 24.16 2.52 2.34
N PRO E 15 22.87 2.61 2.50
CA PRO E 15 22.25 3.43 3.58
C PRO E 15 22.41 2.84 4.99
N GLN E 16 22.42 3.71 6.00
CA GLN E 16 22.54 3.30 7.41
C GLN E 16 23.87 2.63 7.74
N SER E 17 24.99 3.32 7.52
CA SER E 17 26.31 2.74 7.83
C SER E 17 26.96 3.42 9.04
N GLY E 18 26.28 4.40 9.64
CA GLY E 18 26.83 5.09 10.82
C GLY E 18 26.84 4.15 12.03
N SER E 19 27.60 4.51 13.07
CA SER E 19 27.67 3.65 14.25
C SER E 19 27.34 4.39 15.54
N TYR E 20 26.83 3.63 16.52
CA TYR E 20 26.46 4.16 17.84
C TYR E 20 25.36 5.21 17.76
N SER E 21 24.49 5.12 16.76
CA SER E 21 23.41 6.11 16.67
C SER E 21 22.17 5.53 15.99
N GLN E 22 20.99 5.93 16.47
CA GLN E 22 19.75 5.45 15.87
C GLN E 22 19.58 6.06 14.49
N GLN E 23 19.35 5.20 13.50
CA GLN E 23 19.18 5.68 12.14
C GLN E 23 18.14 4.85 11.39
N PRO E 24 16.91 4.91 11.82
CA PRO E 24 15.79 4.17 11.17
C PRO E 24 15.44 4.79 9.82
N SER E 25 14.93 3.98 8.90
CA SER E 25 14.57 4.49 7.57
C SER E 25 13.15 4.10 7.16
N TYR E 26 12.46 5.04 6.49
CA TYR E 26 11.08 4.80 6.04
C TYR E 26 10.96 5.06 4.53
N GLY E 27 10.35 4.11 3.81
CA GLY E 27 10.16 4.27 2.35
C GLY E 27 9.08 5.32 2.07
N GLY E 28 9.14 5.93 0.89
CA GLY E 28 8.16 6.98 0.53
C GLY E 28 7.06 6.48 -0.41
N GLN E 29 6.47 7.41 -1.17
CA GLN E 29 5.36 7.10 -2.09
C GLN E 29 5.72 7.38 -3.55
N GLN E 30 5.48 6.38 -4.41
CA GLN E 30 5.71 6.53 -5.86
C GLN E 30 4.45 6.11 -6.61
N GLN E 31 4.06 6.88 -7.63
CA GLN E 31 2.86 6.54 -8.39
C GLN E 31 3.04 6.88 -9.88
N SER E 32 2.90 5.88 -10.74
CA SER E 32 3.08 6.07 -12.18
C SER E 32 1.80 5.76 -12.98
N TYR E 33 1.43 6.68 -13.89
CA TYR E 33 0.25 6.49 -14.74
C TYR E 33 0.64 6.40 -16.22
N GLY E 34 0.26 5.30 -16.86
CA GLY E 34 0.53 5.11 -18.29
C GLY E 34 -0.72 4.61 -18.98
N GLN E 35 -1.39 5.45 -19.76
CA GLN E 35 -2.61 5.00 -20.39
C GLN E 35 -3.00 5.77 -21.65
N GLN E 36 -3.90 5.13 -22.41
CA GLN E 36 -4.44 5.70 -23.66
C GLN E 36 -5.94 5.86 -23.50
N GLN E 37 -6.45 7.06 -23.74
CA GLN E 37 -7.88 7.31 -23.60
C GLN E 37 -8.50 7.87 -24.87
N SER E 38 -9.59 7.24 -25.32
CA SER E 38 -10.29 7.68 -26.52
C SER E 38 -11.78 7.83 -26.23
N TYR E 39 -12.38 8.91 -26.74
CA TYR E 39 -13.80 9.13 -26.55
C TYR E 39 -14.51 9.17 -27.91
N ASN E 40 -15.45 8.26 -28.12
CA ASN E 40 -16.18 8.20 -29.38
C ASN E 40 -15.20 8.04 -30.54
N SER F 2 -2.57 1.51 -29.94
CA SER F 2 -3.51 1.84 -28.84
C SER F 2 -3.15 1.02 -27.60
N TYR F 3 -2.19 1.52 -26.83
CA TYR F 3 -1.80 0.81 -25.62
C TYR F 3 -1.18 1.73 -24.58
N GLY F 4 -1.18 1.27 -23.34
CA GLY F 4 -0.60 2.03 -22.25
C GLY F 4 0.36 1.14 -21.47
N SER F 5 1.52 1.67 -21.12
CA SER F 5 2.51 0.86 -20.40
C SER F 5 3.09 1.62 -19.21
N SER F 6 3.36 0.88 -18.14
CA SER F 6 3.93 1.47 -16.94
C SER F 6 4.84 0.46 -16.24
N SER F 7 5.98 0.91 -15.74
CA SER F 7 6.90 0.01 -15.06
C SER F 7 7.66 0.73 -13.96
N GLN F 8 8.05 -0.01 -12.93
CA GLN F 8 8.81 0.58 -11.82
C GLN F 8 9.93 -0.34 -11.39
N SER F 9 11.08 0.24 -11.07
CA SER F 9 12.23 -0.55 -10.63
C SER F 9 12.90 0.08 -9.42
N SER F 10 13.10 -0.72 -8.39
CA SER F 10 13.76 -0.24 -7.17
C SER F 10 14.84 -1.23 -6.75
N SER F 11 16.00 -0.72 -6.38
CA SER F 11 17.09 -1.60 -5.97
C SER F 11 17.78 -1.09 -4.71
N TYR F 12 18.18 -2.03 -3.85
CA TYR F 12 18.88 -1.70 -2.62
C TYR F 12 20.20 -2.45 -2.56
N GLY F 13 21.28 -1.75 -2.25
CA GLY F 13 22.60 -2.39 -2.18
C GLY F 13 22.78 -3.16 -0.88
N GLN F 14 23.38 -2.53 0.12
CA GLN F 14 23.63 -3.18 1.41
C GLN F 14 23.14 -2.32 2.57
N PRO F 15 21.86 -2.23 2.76
CA PRO F 15 21.27 -1.40 3.88
C PRO F 15 21.48 -2.03 5.27
N GLN F 16 21.54 -1.16 6.30
CA GLN F 16 21.69 -1.58 7.70
C GLN F 16 23.03 -2.28 7.96
N SER F 17 24.15 -1.57 7.73
CA SER F 17 25.46 -2.17 7.99
C SER F 17 26.16 -1.51 9.18
N GLY F 18 25.51 -0.53 9.82
CA GLY F 18 26.11 0.14 10.98
C GLY F 18 26.15 -0.81 12.18
N SER F 19 26.94 -0.47 13.19
CA SER F 19 27.07 -1.34 14.37
C SER F 19 26.77 -0.62 15.68
N TYR F 20 26.30 -1.39 16.66
CA TYR F 20 25.98 -0.89 17.99
C TYR F 20 24.87 0.16 17.98
N SER F 21 23.96 0.09 17.01
CA SER F 21 22.88 1.07 16.97
C SER F 21 21.62 0.51 16.32
N GLN F 22 20.46 0.92 16.84
CA GLN F 22 19.20 0.46 16.27
C GLN F 22 18.98 1.09 14.90
N GLN F 23 18.72 0.25 13.92
CA GLN F 23 18.51 0.73 12.56
C GLN F 23 17.44 -0.08 11.84
N PRO F 24 16.22 -0.01 12.32
CA PRO F 24 15.08 -0.75 11.70
C PRO F 24 14.68 -0.11 10.36
N SER F 25 14.13 -0.90 9.46
CA SER F 25 13.74 -0.39 8.14
C SER F 25 12.30 -0.76 7.78
N TYR F 26 11.59 0.19 7.15
CA TYR F 26 10.20 -0.04 6.74
C TYR F 26 10.03 0.24 5.24
N GLY F 27 9.39 -0.69 4.53
CA GLY F 27 9.16 -0.52 3.09
C GLY F 27 8.06 0.53 2.85
N GLY F 28 8.08 1.18 1.67
CA GLY F 28 7.10 2.22 1.36
C GLY F 28 5.96 1.73 0.45
N GLN F 29 5.35 2.69 -0.28
CA GLN F 29 4.22 2.39 -1.15
C GLN F 29 4.52 2.68 -2.63
N GLN F 30 4.25 1.69 -3.50
CA GLN F 30 4.44 1.85 -4.94
C GLN F 30 3.14 1.46 -5.66
N GLN F 31 2.73 2.25 -6.65
CA GLN F 31 1.49 1.92 -7.37
C GLN F 31 1.62 2.27 -8.86
N SER F 32 1.44 1.27 -9.73
CA SER F 32 1.57 1.49 -11.17
C SER F 32 0.27 1.19 -11.93
N TYR F 33 -0.12 2.13 -12.81
CA TYR F 33 -1.34 1.95 -13.62
C TYR F 33 -1.00 1.87 -15.12
N GLY F 34 -1.41 0.77 -15.76
CA GLY F 34 -1.17 0.61 -17.19
C GLY F 34 -2.45 0.13 -17.85
N GLN F 35 -3.14 0.99 -18.59
CA GLN F 35 -4.40 0.54 -19.20
C GLN F 35 -4.82 1.33 -20.43
N GLN F 36 -5.75 0.72 -21.17
CA GLN F 36 -6.32 1.28 -22.38
C GLN F 36 -7.83 1.45 -22.17
N GLN F 37 -8.34 2.66 -22.39
CA GLN F 37 -9.76 2.91 -22.20
C GLN F 37 -10.41 3.49 -23.44
N SER F 38 -11.53 2.87 -23.85
CA SER F 38 -12.26 3.33 -25.02
C SER F 38 -13.74 3.48 -24.68
N TYR F 39 -14.35 4.56 -25.16
CA TYR F 39 -15.77 4.79 -24.92
C TYR F 39 -16.51 4.85 -26.25
N ASN F 40 -17.48 3.95 -26.42
CA ASN F 40 -18.25 3.90 -27.66
C ASN F 40 -17.32 3.74 -28.87
N SER G 2 -4.71 -2.83 -28.74
CA SER G 2 -5.61 -2.51 -27.60
C SER G 2 -5.21 -3.34 -26.38
N TYR G 3 -4.22 -2.86 -25.65
CA TYR G 3 -3.79 -3.58 -24.46
C TYR G 3 -3.12 -2.67 -23.43
N GLY G 4 -3.08 -3.15 -22.20
CA GLY G 4 -2.46 -2.41 -21.11
C GLY G 4 -1.48 -3.32 -20.38
N SER G 5 -0.29 -2.80 -20.06
CA SER G 5 0.70 -3.61 -19.39
C SER G 5 1.33 -2.87 -18.21
N SER G 6 1.62 -3.63 -17.16
CA SER G 6 2.26 -3.05 -15.98
C SER G 6 3.18 -4.08 -15.32
N SER G 7 4.34 -3.64 -14.87
CA SER G 7 5.28 -4.56 -14.23
C SER G 7 6.08 -3.84 -13.14
N GLN G 8 6.51 -4.60 -12.14
CA GLN G 8 7.30 -4.03 -11.05
C GLN G 8 8.44 -4.96 -10.67
N SER G 9 9.60 -4.39 -10.38
CA SER G 9 10.76 -5.19 -10.00
C SER G 9 11.47 -4.57 -8.81
N SER G 10 11.71 -5.38 -7.78
CA SER G 10 12.41 -4.91 -6.59
C SER G 10 13.49 -5.92 -6.21
N SER G 11 14.68 -5.42 -5.88
CA SER G 11 15.78 -6.31 -5.52
C SER G 11 16.52 -5.82 -4.27
N TYR G 12 16.94 -6.77 -3.44
CA TYR G 12 17.68 -6.46 -2.23
C TYR G 12 19.01 -7.22 -2.23
N GLY G 13 20.10 -6.53 -1.94
CA GLY G 13 21.41 -7.17 -1.94
C GLY G 13 21.65 -7.96 -0.65
N GLN G 14 22.28 -7.32 0.33
CA GLN G 14 22.56 -8.00 1.60
C GLN G 14 22.12 -7.16 2.79
N PRO G 15 20.84 -7.07 3.03
CA PRO G 15 20.30 -6.26 4.19
C PRO G 15 20.55 -6.89 5.56
N GLN G 16 20.65 -6.03 6.59
CA GLN G 16 20.86 -6.48 7.98
C GLN G 16 22.21 -7.18 8.19
N SER G 17 23.32 -6.48 7.92
CA SER G 17 24.63 -7.08 8.12
C SER G 17 25.37 -6.45 9.31
N GLY G 18 24.76 -5.46 9.98
CA GLY G 18 25.39 -4.81 11.13
C GLY G 18 25.47 -5.78 12.31
N SER G 19 26.31 -5.45 13.30
CA SER G 19 26.46 -6.34 14.46
C SER G 19 26.22 -5.63 15.79
N TYR G 20 25.78 -6.42 16.77
CA TYR G 20 25.51 -5.93 18.13
C TYR G 20 24.41 -4.87 18.15
N SER G 21 23.46 -4.93 17.23
CA SER G 21 22.39 -3.95 17.23
C SER G 21 21.10 -4.49 16.62
N GLN G 22 19.96 -4.08 17.19
CA GLN G 22 18.68 -4.53 16.66
C GLN G 22 18.42 -3.88 15.31
N GLN G 23 18.12 -4.71 14.33
CA GLN G 23 17.86 -4.21 12.98
C GLN G 23 16.77 -5.01 12.29
N PRO G 24 15.57 -4.95 12.81
CA PRO G 24 14.39 -5.66 12.22
C PRO G 24 13.96 -5.00 10.90
N SER G 25 13.36 -5.79 10.01
CA SER G 25 12.93 -5.25 8.72
C SER G 25 11.49 -5.61 8.41
N TYR G 26 10.75 -4.66 7.81
CA TYR G 26 9.34 -4.87 7.45
C TYR G 26 9.12 -4.57 5.96
N GLY G 27 8.46 -5.49 5.26
CA GLY G 27 8.17 -5.30 3.83
C GLY G 27 7.08 -4.24 3.64
N GLY G 28 7.06 -3.59 2.48
CA GLY G 28 6.07 -2.53 2.21
C GLY G 28 4.90 -3.00 1.34
N GLN G 29 4.27 -2.04 0.65
CA GLN G 29 3.10 -2.33 -0.20
C GLN G 29 3.36 -2.02 -1.69
N GLN G 30 3.05 -2.99 -2.54
CA GLN G 30 3.18 -2.81 -4.00
C GLN G 30 1.86 -3.19 -4.67
N GLN G 31 1.42 -2.40 -5.64
CA GLN G 31 0.16 -2.70 -6.33
C GLN G 31 0.24 -2.34 -7.81
N SER G 32 0.02 -3.32 -8.69
CA SER G 32 0.10 -3.09 -10.14
C SER G 32 -1.22 -3.37 -10.85
N TYR G 33 -1.65 -2.43 -11.71
CA TYR G 33 -2.89 -2.59 -12.48
C TYR G 33 -2.61 -2.66 -13.98
N GLY G 34 -3.04 -3.74 -14.62
CA GLY G 34 -2.86 -3.89 -16.06
C GLY G 34 -4.18 -4.36 -16.68
N GLN G 35 -4.87 -3.49 -17.40
CA GLN G 35 -6.15 -3.91 -17.95
C GLN G 35 -6.62 -3.11 -19.16
N GLN G 36 -7.58 -3.71 -19.88
CA GLN G 36 -8.19 -3.12 -21.06
C GLN G 36 -9.69 -2.96 -20.80
N GLN G 37 -10.19 -1.75 -20.98
CA GLN G 37 -11.60 -1.49 -20.73
C GLN G 37 -12.30 -0.90 -21.94
N SER G 38 -13.43 -1.51 -22.32
CA SER G 38 -14.21 -1.03 -23.46
C SER G 38 -15.68 -0.87 -23.07
N TYR G 39 -16.30 0.20 -23.51
CA TYR G 39 -17.70 0.45 -23.21
C TYR G 39 -18.50 0.52 -24.52
N ASN G 40 -19.46 -0.38 -24.67
CA ASN G 40 -20.27 -0.40 -25.88
C ASN G 40 -19.39 -0.55 -27.12
N SER H 2 -6.83 -7.14 -27.52
CA SER H 2 -7.69 -6.83 -26.34
C SER H 2 -7.25 -7.67 -25.15
N TYR H 3 -6.23 -7.21 -24.44
CA TYR H 3 -5.76 -7.96 -23.28
C TYR H 3 -5.07 -7.06 -22.26
N GLY H 4 -4.97 -7.56 -21.03
CA GLY H 4 -4.31 -6.82 -19.96
C GLY H 4 -3.31 -7.75 -19.28
N SER H 5 -2.12 -7.24 -18.99
CA SER H 5 -1.10 -8.06 -18.36
C SER H 5 -0.43 -7.35 -17.19
N SER H 6 -0.10 -8.12 -16.16
CA SER H 6 0.56 -7.56 -14.99
C SER H 6 1.49 -8.60 -14.38
N SER H 7 2.67 -8.17 -13.96
CA SER H 7 3.63 -9.10 -13.37
C SER H 7 4.47 -8.40 -12.31
N GLN H 8 4.94 -9.17 -11.32
CA GLN H 8 5.77 -8.61 -10.26
C GLN H 8 6.92 -9.56 -9.93
N SER H 9 8.09 -8.99 -9.66
CA SER H 9 9.26 -9.79 -9.33
C SER H 9 10.02 -9.19 -8.16
N SER H 10 10.28 -10.02 -7.15
CA SER H 10 11.03 -9.57 -5.98
C SER H 10 12.12 -10.59 -5.66
N SER H 11 13.31 -10.10 -5.35
CA SER H 11 14.43 -10.99 -5.04
C SER H 11 15.21 -10.52 -3.82
N TYR H 12 15.64 -11.48 -3.02
CA TYR H 12 16.44 -11.19 -1.84
C TYR H 12 17.76 -11.95 -1.89
N GLY H 13 18.86 -11.27 -1.62
CA GLY H 13 20.18 -11.91 -1.67
C GLY H 13 20.44 -12.72 -0.40
N GLN H 14 21.12 -12.11 0.57
CA GLN H 14 21.44 -12.81 1.81
C GLN H 14 21.04 -11.97 3.04
N PRO H 15 19.78 -11.88 3.32
CA PRO H 15 19.28 -11.08 4.50
C PRO H 15 19.58 -11.72 5.86
N GLN H 16 19.70 -10.88 6.89
CA GLN H 16 19.95 -11.35 8.27
C GLN H 16 21.31 -12.05 8.43
N SER H 17 22.41 -11.36 8.12
CA SER H 17 23.73 -11.96 8.27
C SER H 17 24.51 -11.35 9.45
N GLY H 18 23.92 -10.38 10.15
CA GLY H 18 24.60 -9.75 11.28
C GLY H 18 24.72 -10.73 12.44
N SER H 19 25.58 -10.43 13.41
CA SER H 19 25.78 -11.33 14.55
C SER H 19 25.59 -10.63 15.90
N TYR H 20 25.17 -11.43 16.89
CA TYR H 20 24.96 -10.95 18.26
C TYR H 20 23.86 -9.89 18.34
N SER H 21 22.88 -9.95 17.45
CA SER H 21 21.81 -8.97 17.52
C SER H 21 20.50 -9.51 16.96
N GLN H 22 19.38 -9.06 17.53
CA GLN H 22 18.09 -9.51 17.04
C GLN H 22 17.77 -8.85 15.71
N GLN H 23 17.43 -9.67 14.73
CA GLN H 23 17.14 -9.14 13.40
C GLN H 23 16.01 -9.93 12.73
N PRO H 24 14.84 -9.88 13.30
CA PRO H 24 13.64 -10.57 12.74
C PRO H 24 13.16 -9.90 11.45
N SER H 25 12.53 -10.66 10.56
CA SER H 25 12.06 -10.12 9.30
C SER H 25 10.61 -10.47 9.03
N TYR H 26 9.86 -9.50 8.47
CA TYR H 26 8.44 -9.70 8.15
C TYR H 26 8.17 -9.39 6.67
N GLY H 27 7.47 -10.30 5.99
CA GLY H 27 7.14 -10.08 4.57
C GLY H 27 6.04 -9.02 4.43
N GLY H 28 5.98 -8.35 3.28
CA GLY H 28 4.99 -7.30 3.06
C GLY H 28 3.79 -7.74 2.21
N GLN H 29 3.14 -6.77 1.56
CA GLN H 29 1.95 -7.04 0.76
C GLN H 29 2.15 -6.72 -0.74
N GLN H 30 1.80 -7.67 -1.60
CA GLN H 30 1.90 -7.47 -3.05
C GLN H 30 0.55 -7.85 -3.69
N GLN H 31 0.07 -7.03 -4.63
CA GLN H 31 -1.21 -7.33 -5.27
C GLN H 31 -1.17 -6.94 -6.76
N SER H 32 -1.42 -7.92 -7.64
CA SER H 32 -1.39 -7.67 -9.08
C SER H 32 -2.75 -7.93 -9.76
N TYR H 33 -3.19 -6.98 -10.59
CA TYR H 33 -4.46 -7.12 -11.31
C TYR H 33 -4.22 -7.18 -12.83
N GLY H 34 -4.68 -8.24 -13.47
CA GLY H 34 -4.55 -8.38 -14.91
C GLY H 34 -5.88 -8.84 -15.49
N GLN H 35 -6.60 -7.96 -16.17
CA GLN H 35 -7.90 -8.37 -16.69
C GLN H 35 -8.41 -7.54 -17.88
N GLN H 36 -9.39 -8.14 -18.57
CA GLN H 36 -10.05 -7.54 -19.73
C GLN H 36 -11.53 -7.37 -19.41
N GLN H 37 -12.04 -6.14 -19.55
CA GLN H 37 -13.45 -5.89 -19.25
C GLN H 37 -14.18 -5.28 -20.44
N SER H 38 -15.32 -5.88 -20.78
CA SER H 38 -16.14 -5.38 -21.89
C SER H 38 -17.59 -5.23 -21.44
N TYR H 39 -18.22 -4.14 -21.86
CA TYR H 39 -19.62 -3.91 -21.50
C TYR H 39 -20.45 -3.81 -22.79
N ASN H 40 -21.43 -4.70 -22.92
CA ASN H 40 -22.28 -4.71 -24.10
C ASN H 40 -21.44 -4.84 -25.36
N SER A 2 6.92 13.88 26.50
CA SER A 2 6.69 14.40 25.12
C SER A 2 5.97 13.36 24.28
N TYR A 3 5.22 13.81 23.28
CA TYR A 3 4.50 12.88 22.43
C TYR A 3 4.20 13.47 21.06
N GLY A 4 3.93 12.58 20.12
CA GLY A 4 3.59 12.99 18.76
C GLY A 4 2.30 12.31 18.33
N SER A 5 1.47 13.02 17.56
CA SER A 5 0.21 12.44 17.13
C SER A 5 -0.18 12.89 15.73
N SER A 6 -0.65 11.95 14.92
CA SER A 6 -1.08 12.25 13.56
C SER A 6 -2.40 11.56 13.26
N SER A 7 -3.26 12.21 12.48
CA SER A 7 -4.53 11.62 12.14
C SER A 7 -4.98 12.04 10.74
N GLN A 8 -5.71 11.17 10.07
CA GLN A 8 -6.20 11.47 8.73
C GLN A 8 -7.61 10.93 8.55
N SER A 9 -8.44 11.65 7.80
CA SER A 9 -9.80 11.19 7.57
C SER A 9 -10.29 11.63 6.20
N SER A 10 -11.15 10.81 5.60
CA SER A 10 -11.70 11.13 4.28
C SER A 10 -13.10 10.55 4.15
N SER A 11 -13.95 11.22 3.37
CA SER A 11 -15.31 10.75 3.18
C SER A 11 -15.79 10.95 1.75
N TYR A 12 -16.55 9.97 1.26
CA TYR A 12 -17.10 10.05 -0.09
C TYR A 12 -18.62 9.95 0.00
N GLY A 13 -19.32 10.89 -0.62
CA GLY A 13 -20.78 10.89 -0.56
C GLY A 13 -21.43 10.51 -1.89
N GLN A 14 -22.15 9.40 -1.88
CA GLN A 14 -22.87 8.92 -3.06
C GLN A 14 -22.02 9.01 -4.34
N PRO A 15 -20.87 8.38 -4.36
CA PRO A 15 -19.98 8.39 -5.56
C PRO A 15 -20.50 7.49 -6.69
N GLN A 16 -20.17 7.85 -7.93
CA GLN A 16 -20.57 7.08 -9.10
C GLN A 16 -22.09 6.95 -9.24
N SER A 17 -22.76 8.08 -9.48
CA SER A 17 -24.21 8.08 -9.65
C SER A 17 -24.62 8.37 -11.11
N GLY A 18 -23.64 8.59 -11.98
CA GLY A 18 -23.93 8.87 -13.39
C GLY A 18 -24.46 7.62 -14.08
N SER A 19 -24.91 7.76 -15.33
CA SER A 19 -25.45 6.61 -16.04
C SER A 19 -25.05 6.63 -17.52
N TYR A 20 -25.14 5.45 -18.15
CA TYR A 20 -24.82 5.29 -19.56
C TYR A 20 -23.37 5.64 -19.87
N SER A 21 -22.48 5.55 -18.89
CA SER A 21 -21.07 5.86 -19.15
C SER A 21 -20.14 5.15 -18.18
N GLN A 22 -18.96 4.78 -18.66
CA GLN A 22 -17.98 4.11 -17.81
C GLN A 22 -17.38 5.11 -16.83
N GLN A 23 -17.45 4.76 -15.54
CA GLN A 23 -16.92 5.65 -14.51
C GLN A 23 -16.25 4.87 -13.40
N PRO A 24 -15.20 4.17 -13.71
CA PRO A 24 -14.42 3.37 -12.71
C PRO A 24 -13.64 4.27 -11.77
N SER A 25 -13.32 3.78 -10.58
CA SER A 25 -12.57 4.59 -9.62
C SER A 25 -11.48 3.77 -8.93
N TYR A 26 -10.39 4.46 -8.55
CA TYR A 26 -9.27 3.82 -7.87
C TYR A 26 -8.90 4.60 -6.62
N GLY A 27 -8.56 3.89 -5.54
CA GLY A 27 -8.17 4.55 -4.30
C GLY A 27 -6.75 5.11 -4.42
N GLY A 28 -6.43 6.09 -3.58
CA GLY A 28 -5.10 6.70 -3.63
C GLY A 28 -4.19 6.18 -2.51
N GLN A 29 -3.17 6.96 -2.17
CA GLN A 29 -2.21 6.57 -1.13
C GLN A 29 -2.26 7.52 0.06
N GLN A 30 -2.29 6.95 1.27
CA GLN A 30 -2.28 7.74 2.49
C GLN A 30 -1.23 7.20 3.44
N GLN A 31 -0.46 8.08 4.07
CA GLN A 31 0.58 7.64 4.99
C GLN A 31 0.67 8.61 6.18
N SER A 32 0.52 8.07 7.38
CA SER A 32 0.56 8.90 8.59
C SER A 32 1.63 8.43 9.57
N TYR A 33 2.44 9.36 10.04
CA TYR A 33 3.50 9.05 11.00
C TYR A 33 3.25 9.76 12.32
N GLY A 34 3.22 9.01 13.41
CA GLY A 34 3.03 9.58 14.74
C GLY A 34 4.00 8.93 15.71
N GLN A 35 5.04 9.64 16.10
CA GLN A 35 6.02 9.02 16.99
C GLN A 35 6.85 10.03 17.78
N GLN A 36 7.47 9.49 18.84
CA GLN A 36 8.34 10.27 19.71
C GLN A 36 9.71 9.61 19.74
N GLN A 37 10.76 10.37 19.45
CA GLN A 37 12.11 9.80 19.43
C GLN A 37 13.03 10.50 20.42
N SER A 38 13.83 9.71 21.13
CA SER A 38 14.77 10.25 22.10
C SER A 38 16.13 9.59 21.94
N TYR A 39 17.18 10.41 21.87
CA TYR A 39 18.54 9.90 21.72
C TYR A 39 19.36 10.17 22.98
N ASN A 40 19.81 9.11 23.62
CA ASN A 40 20.61 9.25 24.84
C ASN A 40 19.86 10.09 25.87
N SER B 2 6.87 9.02 27.38
CA SER B 2 6.61 9.56 26.01
C SER B 2 5.84 8.53 25.20
N TYR B 3 5.07 9.00 24.23
CA TYR B 3 4.30 8.08 23.40
C TYR B 3 3.97 8.66 22.04
N GLY B 4 3.64 7.79 21.10
CA GLY B 4 3.26 8.19 19.76
C GLY B 4 1.95 7.53 19.38
N SER B 5 1.11 8.25 18.64
CA SER B 5 -0.18 7.68 18.25
C SER B 5 -0.61 8.15 16.86
N SER B 6 -1.12 7.20 16.08
CA SER B 6 -1.58 7.52 14.73
C SER B 6 -2.93 6.84 14.47
N SER B 7 -3.80 7.51 13.73
CA SER B 7 -5.10 6.93 13.42
C SER B 7 -5.58 7.37 12.05
N GLN B 8 -6.35 6.50 11.39
CA GLN B 8 -6.88 6.81 10.07
C GLN B 8 -8.30 6.28 9.94
N SER B 9 -9.15 7.02 9.22
CA SER B 9 -10.52 6.58 9.04
C SER B 9 -11.05 7.03 7.68
N SER B 10 -11.94 6.21 7.11
CA SER B 10 -12.53 6.54 5.82
C SER B 10 -13.94 5.98 5.72
N SER B 11 -14.80 6.68 4.98
CA SER B 11 -16.19 6.21 4.84
C SER B 11 -16.71 6.42 3.43
N TYR B 12 -17.49 5.46 2.95
CA TYR B 12 -18.09 5.54 1.62
C TYR B 12 -19.61 5.47 1.77
N GLY B 13 -20.32 6.41 1.17
CA GLY B 13 -21.77 6.44 1.29
C GLY B 13 -22.47 6.06 -0.02
N GLN B 14 -23.22 4.96 0.02
CA GLN B 14 -23.97 4.49 -1.14
C GLN B 14 -23.17 4.57 -2.45
N PRO B 15 -22.03 3.93 -2.52
CA PRO B 15 -21.18 3.93 -3.74
C PRO B 15 -21.75 3.05 -4.85
N GLN B 16 -21.45 3.41 -6.11
CA GLN B 16 -21.90 2.64 -7.27
C GLN B 16 -23.43 2.54 -7.35
N SER B 17 -24.09 3.67 -7.58
CA SER B 17 -25.55 3.68 -7.68
C SER B 17 -26.01 3.98 -9.13
N GLY B 18 -25.04 4.20 -10.04
CA GLY B 18 -25.39 4.48 -11.43
C GLY B 18 -25.95 3.24 -12.10
N SER B 19 -26.45 3.38 -13.33
CA SER B 19 -27.03 2.24 -14.04
C SER B 19 -26.68 2.26 -15.52
N TYR B 20 -26.81 1.09 -16.15
CA TYR B 20 -26.54 0.92 -17.58
C TYR B 20 -25.09 1.25 -17.93
N SER B 21 -24.17 1.15 -16.98
CA SER B 21 -22.77 1.43 -17.29
C SER B 21 -21.81 0.72 -16.36
N GLN B 22 -20.65 0.35 -16.87
CA GLN B 22 -19.64 -0.33 -16.06
C GLN B 22 -19.00 0.65 -15.10
N GLN B 23 -19.03 0.31 -13.81
CA GLN B 23 -18.46 1.19 -12.80
C GLN B 23 -17.76 0.39 -11.71
N PRO B 24 -16.73 -0.32 -12.07
CA PRO B 24 -15.92 -1.13 -11.09
C PRO B 24 -15.09 -0.24 -10.17
N SER B 25 -14.74 -0.75 -9.00
CA SER B 25 -13.95 0.06 -8.07
C SER B 25 -12.85 -0.78 -7.41
N TYR B 26 -11.75 -0.10 -7.07
CA TYR B 26 -10.61 -0.76 -6.43
C TYR B 26 -10.18 0.02 -5.19
N GLY B 27 -9.82 -0.70 -4.13
CA GLY B 27 -9.38 -0.04 -2.90
C GLY B 27 -7.96 0.50 -3.07
N GLY B 28 -7.59 1.47 -2.24
CA GLY B 28 -6.26 2.08 -2.32
C GLY B 28 -5.32 1.53 -1.24
N GLN B 29 -4.27 2.30 -0.94
CA GLN B 29 -3.29 1.89 0.07
C GLN B 29 -3.28 2.84 1.27
N GLN B 30 -3.27 2.27 2.46
CA GLN B 30 -3.22 3.06 3.70
C GLN B 30 -2.14 2.50 4.60
N GLN B 31 -1.35 3.38 5.21
CA GLN B 31 -0.28 2.93 6.09
C GLN B 31 -0.13 3.88 7.28
N SER B 32 -0.25 3.35 8.48
CA SER B 32 -0.16 4.16 9.69
C SER B 32 0.94 3.67 10.63
N TYR B 33 1.79 4.61 11.08
CA TYR B 33 2.87 4.27 12.00
C TYR B 33 2.67 4.98 13.33
N GLY B 34 2.67 4.22 14.42
CA GLY B 34 2.52 4.79 15.75
C GLY B 34 3.52 4.13 16.69
N GLN B 35 4.59 4.83 17.04
CA GLN B 35 5.58 4.21 17.90
C GLN B 35 6.46 5.19 18.67
N GLN B 36 7.10 4.66 19.70
CA GLN B 36 8.02 5.42 20.55
C GLN B 36 9.38 4.74 20.53
N GLN B 37 10.43 5.49 20.21
CA GLN B 37 11.78 4.91 20.13
C GLN B 37 12.74 5.60 21.08
N SER B 38 13.55 4.79 21.77
CA SER B 38 14.52 5.32 22.70
C SER B 38 15.87 4.64 22.50
N TYR B 39 16.93 5.45 22.39
CA TYR B 39 18.27 4.92 22.20
C TYR B 39 19.13 5.18 23.43
N ASN B 40 19.61 4.11 24.05
CA ASN B 40 20.44 4.24 25.24
C ASN B 40 19.74 5.09 26.30
N SER C 2 6.80 4.14 28.23
CA SER C 2 6.49 4.70 26.89
C SER C 2 5.68 3.67 26.09
N TYR C 3 4.88 4.16 25.15
CA TYR C 3 4.08 3.25 24.34
C TYR C 3 3.70 3.85 22.99
N GLY C 4 3.33 2.97 22.06
CA GLY C 4 2.92 3.39 20.74
C GLY C 4 1.58 2.75 20.40
N SER C 5 0.72 3.47 19.69
CA SER C 5 -0.58 2.92 19.34
C SER C 5 -1.05 3.39 17.98
N SER C 6 -1.59 2.46 17.20
CA SER C 6 -2.11 2.78 15.88
C SER C 6 -3.47 2.12 15.67
N SER C 7 -4.35 2.79 14.95
CA SER C 7 -5.67 2.22 14.69
C SER C 7 -6.19 2.68 13.33
N GLN C 8 -6.99 1.83 12.70
CA GLN C 8 -7.57 2.15 11.40
C GLN C 8 -9.00 1.64 11.32
N SER C 9 -9.86 2.38 10.64
CA SER C 9 -11.25 1.96 10.49
C SER C 9 -11.83 2.41 9.15
N SER C 10 -12.73 1.61 8.61
CA SER C 10 -13.36 1.95 7.34
C SER C 10 -14.79 1.40 7.29
N SER C 11 -15.66 2.11 6.59
CA SER C 11 -17.06 1.67 6.49
C SER C 11 -17.62 1.88 5.10
N TYR C 12 -18.43 0.93 4.64
CA TYR C 12 -19.08 1.02 3.34
C TYR C 12 -20.59 0.96 3.54
N GLY C 13 -21.32 1.92 2.97
CA GLY C 13 -22.76 1.96 3.13
C GLY C 13 -23.51 1.60 1.85
N GLN C 14 -24.26 0.49 1.91
CA GLN C 14 -25.05 0.04 0.77
C GLN C 14 -24.30 0.12 -0.56
N PRO C 15 -23.17 -0.53 -0.66
CA PRO C 15 -22.37 -0.53 -1.92
C PRO C 15 -22.98 -1.42 -3.01
N GLN C 16 -22.73 -1.04 -4.28
CA GLN C 16 -23.23 -1.81 -5.43
C GLN C 16 -24.75 -1.90 -5.47
N SER C 17 -25.41 -0.75 -5.65
CA SER C 17 -26.87 -0.73 -5.71
C SER C 17 -27.36 -0.42 -7.13
N GLY C 18 -26.45 -0.20 -8.07
CA GLY C 18 -26.83 0.10 -9.45
C GLY C 18 -27.43 -1.14 -10.11
N SER C 19 -27.96 -0.99 -11.32
CA SER C 19 -28.58 -2.12 -12.02
C SER C 19 -28.28 -2.10 -13.51
N TYR C 20 -28.45 -3.27 -14.14
CA TYR C 20 -28.21 -3.43 -15.57
C TYR C 20 -26.78 -3.12 -15.98
N SER C 21 -25.83 -3.24 -15.06
CA SER C 21 -24.45 -2.96 -15.42
C SER C 21 -23.46 -3.69 -14.52
N GLN C 22 -22.32 -4.08 -15.08
CA GLN C 22 -21.30 -4.76 -14.30
C GLN C 22 -20.61 -3.79 -13.35
N GLN C 23 -20.59 -4.13 -12.07
CA GLN C 23 -19.98 -3.27 -11.08
C GLN C 23 -19.25 -4.08 -10.01
N PRO C 24 -18.24 -4.79 -10.41
CA PRO C 24 -17.42 -5.61 -9.47
C PRO C 24 -16.55 -4.74 -8.57
N SER C 25 -16.16 -5.26 -7.41
CA SER C 25 -15.32 -4.47 -6.51
C SER C 25 -14.21 -5.31 -5.89
N TYR C 26 -13.09 -4.65 -5.59
CA TYR C 26 -11.93 -5.31 -4.99
C TYR C 26 -11.45 -4.54 -3.76
N GLY C 27 -11.07 -5.28 -2.71
CA GLY C 27 -10.58 -4.63 -1.49
C GLY C 27 -9.17 -4.10 -1.72
N GLY C 28 -8.76 -3.13 -0.90
CA GLY C 28 -7.42 -2.54 -1.02
C GLY C 28 -6.45 -3.10 0.02
N GLN C 29 -5.39 -2.35 0.29
CA GLN C 29 -4.37 -2.77 1.26
C GLN C 29 -4.32 -1.82 2.46
N GLN C 30 -4.28 -2.40 3.65
CA GLN C 30 -4.17 -1.62 4.88
C GLN C 30 -3.06 -2.20 5.75
N GLN C 31 -2.24 -1.33 6.34
CA GLN C 31 -1.15 -1.79 7.18
C GLN C 31 -0.96 -0.84 8.36
N SER C 32 -1.04 -1.39 9.57
CA SER C 32 -0.89 -0.56 10.78
C SER C 32 0.23 -1.07 11.68
N TYR C 33 1.10 -0.15 12.10
CA TYR C 33 2.21 -0.50 12.98
C TYR C 33 2.07 0.21 14.32
N GLY C 34 2.10 -0.56 15.41
CA GLY C 34 2.00 0.01 16.75
C GLY C 34 3.02 -0.66 17.64
N GLN C 35 4.11 0.03 17.97
CA GLN C 35 5.14 -0.61 18.79
C GLN C 35 6.04 0.36 19.53
N GLN C 36 6.72 -0.19 20.53
CA GLN C 36 7.67 0.56 21.35
C GLN C 36 9.03 -0.13 21.29
N GLN C 37 10.07 0.61 20.92
CA GLN C 37 11.40 0.02 20.80
C GLN C 37 12.40 0.70 21.73
N SER C 38 13.23 -0.12 22.38
CA SER C 38 14.24 0.39 23.29
C SER C 38 15.57 -0.29 23.03
N TYR C 39 16.63 0.50 22.90
CA TYR C 39 17.96 -0.04 22.65
C TYR C 39 18.86 0.20 23.85
N ASN C 40 19.36 -0.87 24.45
CA ASN C 40 20.24 -0.76 25.61
C ASN C 40 19.57 0.09 26.70
N SER D 2 6.73 -0.73 29.06
CA SER D 2 6.38 -0.16 27.72
C SER D 2 5.53 -1.17 26.97
N TYR D 3 4.70 -0.67 26.06
CA TYR D 3 3.86 -1.58 25.27
C TYR D 3 3.45 -0.97 23.94
N GLY D 4 3.04 -1.84 23.02
CA GLY D 4 2.58 -1.41 21.71
C GLY D 4 1.23 -2.04 21.42
N SER D 5 0.35 -1.32 20.74
CA SER D 5 -0.98 -1.85 20.43
C SER D 5 -1.49 -1.37 19.08
N SER D 6 -2.07 -2.29 18.33
CA SER D 6 -2.62 -1.96 17.02
C SER D 6 -3.99 -2.60 16.85
N SER D 7 -4.90 -1.91 16.17
CA SER D 7 -6.23 -2.47 15.96
C SER D 7 -6.79 -2.00 14.62
N GLN D 8 -7.62 -2.85 14.02
CA GLN D 8 -8.24 -2.51 12.74
C GLN D 8 -9.68 -3.01 12.70
N SER D 9 -10.56 -2.26 12.04
CA SER D 9 -11.95 -2.67 11.95
C SER D 9 -12.57 -2.19 10.63
N SER D 10 -13.51 -2.98 10.12
CA SER D 10 -14.18 -2.62 8.88
C SER D 10 -15.60 -3.16 8.88
N SER D 11 -16.50 -2.45 8.22
CA SER D 11 -17.90 -2.88 8.16
C SER D 11 -18.50 -2.65 6.79
N TYR D 12 -19.35 -3.60 6.36
CA TYR D 12 -20.04 -3.50 5.08
C TYR D 12 -21.54 -3.53 5.33
N GLY D 13 -22.27 -2.56 4.79
CA GLY D 13 -23.71 -2.51 4.99
C GLY D 13 -24.50 -2.86 3.74
N GLN D 14 -25.26 -3.95 3.82
CA GLN D 14 -26.11 -4.39 2.71
C GLN D 14 -25.40 -4.31 1.36
N PRO D 15 -24.28 -4.98 1.21
CA PRO D 15 -23.52 -4.98 -0.07
C PRO D 15 -24.18 -5.84 -1.16
N GLN D 16 -23.96 -5.48 -2.42
CA GLN D 16 -24.50 -6.23 -3.55
C GLN D 16 -26.03 -6.30 -3.53
N SER D 17 -26.68 -5.15 -3.71
CA SER D 17 -28.15 -5.12 -3.71
C SER D 17 -28.70 -4.81 -5.11
N GLY D 18 -27.80 -4.59 -6.09
CA GLY D 18 -28.23 -4.29 -7.45
C GLY D 18 -28.86 -5.52 -8.09
N SER D 19 -29.44 -5.35 -9.28
CA SER D 19 -30.09 -6.48 -9.95
C SER D 19 -29.85 -6.46 -11.46
N TYR D 20 -30.04 -7.62 -12.08
CA TYR D 20 -29.87 -7.78 -13.53
C TYR D 20 -28.45 -7.48 -13.98
N SER D 21 -27.47 -7.63 -13.10
CA SER D 21 -26.09 -7.37 -13.51
C SER D 21 -25.09 -8.11 -12.64
N GLN D 22 -23.96 -8.47 -13.24
CA GLN D 22 -22.92 -9.18 -12.50
C GLN D 22 -22.19 -8.22 -11.57
N GLN D 23 -22.14 -8.57 -10.29
CA GLN D 23 -21.48 -7.71 -9.32
C GLN D 23 -20.72 -8.54 -8.28
N PRO D 24 -19.73 -9.26 -8.71
CA PRO D 24 -18.89 -10.10 -7.81
C PRO D 24 -17.98 -9.24 -6.94
N SER D 25 -17.56 -9.76 -5.79
CA SER D 25 -16.68 -8.98 -4.91
C SER D 25 -15.56 -9.83 -4.34
N TYR D 26 -14.42 -9.19 -4.07
CA TYR D 26 -13.26 -9.87 -3.52
C TYR D 26 -12.72 -9.12 -2.31
N GLY D 27 -12.31 -9.86 -1.27
CA GLY D 27 -11.77 -9.22 -0.07
C GLY D 27 -10.36 -8.70 -0.34
N GLY D 28 -9.92 -7.75 0.48
CA GLY D 28 -8.57 -7.17 0.30
C GLY D 28 -7.57 -7.74 1.31
N GLN D 29 -6.50 -6.99 1.55
CA GLN D 29 -5.45 -7.43 2.48
C GLN D 29 -5.34 -6.49 3.67
N GLN D 30 -5.27 -7.08 4.87
CA GLN D 30 -5.11 -6.30 6.10
C GLN D 30 -3.97 -6.89 6.92
N GLN D 31 -3.13 -6.03 7.49
CA GLN D 31 -2.01 -6.51 8.28
C GLN D 31 -1.77 -5.57 9.46
N SER D 32 -1.81 -6.11 10.68
CA SER D 32 -1.62 -5.30 11.87
C SER D 32 -0.46 -5.82 12.73
N TYR D 33 0.42 -4.91 13.13
CA TYR D 33 1.56 -5.27 13.97
C TYR D 33 1.46 -4.57 15.32
N GLY D 34 1.52 -5.34 16.40
CA GLY D 34 1.48 -4.77 17.75
C GLY D 34 2.53 -5.47 18.60
N GLN D 35 3.62 -4.79 18.89
CA GLN D 35 4.68 -5.44 19.67
C GLN D 35 5.62 -4.47 20.38
N GLN D 36 6.33 -5.03 21.36
CA GLN D 36 7.31 -4.30 22.15
C GLN D 36 8.65 -5.00 22.03
N GLN D 37 9.69 -4.27 21.64
CA GLN D 37 11.02 -4.88 21.47
C GLN D 37 12.06 -4.22 22.36
N SER D 38 12.89 -5.05 22.97
CA SER D 38 13.95 -4.55 23.85
C SER D 38 15.26 -5.25 23.54
N TYR D 39 16.32 -4.47 23.38
CA TYR D 39 17.64 -5.03 23.08
C TYR D 39 18.58 -4.79 24.26
N ASN D 40 19.09 -5.88 24.84
CA ASN D 40 20.00 -5.77 25.97
C ASN D 40 19.39 -4.92 27.07
N SER E 2 -1.96 5.32 -31.13
CA SER E 2 -1.42 6.22 -30.08
C SER E 2 -1.15 5.43 -28.81
N TYR E 3 -0.19 5.89 -28.00
CA TYR E 3 0.13 5.20 -26.78
C TYR E 3 0.75 6.12 -25.73
N GLY E 4 0.70 5.68 -24.48
CA GLY E 4 1.28 6.44 -23.38
C GLY E 4 2.19 5.53 -22.57
N SER E 5 3.30 6.06 -22.07
CA SER E 5 4.22 5.24 -21.30
C SER E 5 4.88 6.03 -20.18
N SER E 6 4.96 5.41 -19.00
CA SER E 6 5.58 6.04 -17.84
C SER E 6 6.50 5.05 -17.13
N SER E 7 7.61 5.54 -16.61
CA SER E 7 8.53 4.66 -15.90
C SER E 7 9.22 5.40 -14.77
N GLN E 8 9.56 4.67 -13.71
CA GLN E 8 10.24 5.27 -12.56
C GLN E 8 11.28 4.31 -12.02
N SER E 9 12.40 4.85 -11.55
CA SER E 9 13.45 4.00 -10.99
C SER E 9 14.19 4.72 -9.86
N SER E 10 14.65 3.95 -8.88
CA SER E 10 15.39 4.52 -7.77
C SER E 10 16.42 3.52 -7.24
N SER E 11 17.53 4.03 -6.72
CA SER E 11 18.57 3.15 -6.21
C SER E 11 19.20 3.71 -4.93
N TYR E 12 19.50 2.82 -3.99
CA TYR E 12 20.14 3.20 -2.74
C TYR E 12 21.46 2.45 -2.61
N GLY E 13 22.55 3.17 -2.35
CA GLY E 13 23.85 2.53 -2.24
C GLY E 13 24.37 2.50 -0.81
N GLN E 14 24.55 1.30 -0.28
CA GLN E 14 25.08 1.10 1.07
C GLN E 14 24.46 2.06 2.09
N PRO E 15 23.16 2.05 2.24
CA PRO E 15 22.46 2.93 3.22
C PRO E 15 22.63 2.46 4.67
N GLN E 16 22.58 3.41 5.60
CA GLN E 16 22.70 3.11 7.03
C GLN E 16 24.03 2.43 7.37
N SER E 17 25.13 3.16 7.22
CA SER E 17 26.45 2.61 7.53
C SER E 17 27.06 3.28 8.77
N GLY E 18 26.35 4.24 9.37
CA GLY E 18 26.84 4.93 10.56
C GLY E 18 26.84 3.98 11.75
N SER E 19 27.41 4.42 12.88
CA SER E 19 27.45 3.57 14.06
C SER E 19 27.22 4.36 15.35
N TYR E 20 26.85 3.65 16.40
CA TYR E 20 26.60 4.24 17.71
C TYR E 20 25.47 5.27 17.68
N SER E 21 24.55 5.16 16.72
CA SER E 21 23.44 6.11 16.68
C SER E 21 22.23 5.53 15.97
N GLN E 22 21.04 5.93 16.43
CA GLN E 22 19.80 5.45 15.82
C GLN E 22 19.62 6.10 14.45
N GLN E 23 19.42 5.25 13.43
CA GLN E 23 19.25 5.77 12.08
C GLN E 23 18.21 4.95 11.32
N PRO E 24 16.99 4.96 11.77
CA PRO E 24 15.88 4.23 11.10
C PRO E 24 15.48 4.89 9.79
N SER E 25 14.88 4.13 8.88
CA SER E 25 14.47 4.70 7.59
C SER E 25 13.09 4.21 7.18
N TYR E 26 12.38 5.06 6.43
CA TYR E 26 11.05 4.74 5.95
C TYR E 26 10.95 5.01 4.44
N GLY E 27 10.26 4.12 3.73
CA GLY E 27 10.08 4.30 2.29
C GLY E 27 9.07 5.40 2.01
N GLY E 28 9.12 5.97 0.81
CA GLY E 28 8.19 7.05 0.44
C GLY E 28 7.06 6.54 -0.46
N GLN E 29 6.45 7.46 -1.20
CA GLN E 29 5.34 7.12 -2.09
C GLN E 29 5.69 7.36 -3.55
N GLN E 30 5.37 6.39 -4.40
CA GLN E 30 5.61 6.52 -5.84
C GLN E 30 4.35 6.13 -6.59
N GLN E 31 4.00 6.90 -7.62
CA GLN E 31 2.80 6.61 -8.39
C GLN E 31 3.04 6.93 -9.87
N SER E 32 2.85 5.92 -10.73
CA SER E 32 3.07 6.10 -12.16
C SER E 32 1.82 5.77 -12.97
N TYR E 33 1.45 6.68 -13.88
CA TYR E 33 0.28 6.46 -14.73
C TYR E 33 0.71 6.38 -16.20
N GLY E 34 0.32 5.30 -16.87
CA GLY E 34 0.65 5.13 -18.29
C GLY E 34 -0.58 4.61 -19.01
N GLN E 35 -1.25 5.46 -19.77
CA GLN E 35 -2.47 5.00 -20.44
C GLN E 35 -2.85 5.83 -21.66
N GLN E 36 -3.71 5.22 -22.47
CA GLN E 36 -4.23 5.86 -23.68
C GLN E 36 -5.76 5.88 -23.59
N GLN E 37 -6.35 7.05 -23.77
CA GLN E 37 -7.80 7.18 -23.67
C GLN E 37 -8.41 7.72 -24.95
N SER E 38 -9.53 7.13 -25.36
CA SER E 38 -10.22 7.55 -26.57
C SER E 38 -11.72 7.67 -26.31
N TYR E 39 -12.29 8.80 -26.70
CA TYR E 39 -13.73 9.02 -26.51
C TYR E 39 -14.44 9.05 -27.86
N ASN E 40 -15.38 8.12 -28.06
CA ASN E 40 -16.12 8.07 -29.31
C ASN E 40 -15.17 8.00 -30.49
N SER F 2 -4.06 1.01 -29.94
CA SER F 2 -3.48 1.90 -28.91
C SER F 2 -3.16 1.10 -27.65
N TYR F 3 -2.18 1.56 -26.88
CA TYR F 3 -1.83 0.84 -25.67
C TYR F 3 -1.17 1.74 -24.63
N GLY F 4 -1.17 1.28 -23.38
CA GLY F 4 -0.55 2.02 -22.29
C GLY F 4 0.38 1.09 -21.53
N SER F 5 1.50 1.62 -21.05
CA SER F 5 2.45 0.78 -20.32
C SER F 5 3.14 1.55 -19.20
N SER F 6 3.26 0.90 -18.04
CA SER F 6 3.92 1.52 -16.91
C SER F 6 4.86 0.52 -16.24
N SER F 7 5.99 1.00 -15.74
CA SER F 7 6.94 0.11 -15.08
C SER F 7 7.67 0.84 -13.95
N GLN F 8 8.03 0.09 -12.92
CA GLN F 8 8.76 0.67 -11.79
C GLN F 8 9.82 -0.30 -11.29
N SER F 9 10.95 0.23 -10.85
CA SER F 9 12.01 -0.63 -10.34
C SER F 9 12.79 0.07 -9.23
N SER F 10 13.28 -0.73 -8.28
CA SER F 10 14.05 -0.16 -7.18
C SER F 10 15.09 -1.17 -6.70
N SER F 11 16.23 -0.68 -6.22
CA SER F 11 17.28 -1.56 -5.74
C SER F 11 17.95 -1.03 -4.49
N TYR F 12 18.28 -1.94 -3.57
CA TYR F 12 18.96 -1.58 -2.34
C TYR F 12 20.28 -2.34 -2.26
N GLY F 13 21.38 -1.63 -2.03
CA GLY F 13 22.69 -2.28 -1.97
C GLY F 13 23.25 -2.32 -0.56
N GLN F 14 23.44 -3.54 -0.05
CA GLN F 14 24.01 -3.75 1.28
C GLN F 14 23.43 -2.80 2.32
N PRO F 15 22.14 -2.80 2.53
CA PRO F 15 21.48 -1.92 3.53
C PRO F 15 21.70 -2.41 4.97
N GLN F 16 21.69 -1.46 5.92
CA GLN F 16 21.85 -1.80 7.34
C GLN F 16 23.19 -2.49 7.64
N SER F 17 24.29 -1.76 7.44
CA SER F 17 25.60 -2.33 7.71
C SER F 17 26.26 -1.68 8.94
N GLY F 18 25.58 -0.71 9.56
CA GLY F 18 26.12 -0.04 10.75
C GLY F 18 26.14 -1.00 11.93
N SER F 19 26.76 -0.58 13.03
CA SER F 19 26.83 -1.44 14.22
C SER F 19 26.66 -0.66 15.51
N TYR F 20 26.31 -1.40 16.57
CA TYR F 20 26.11 -0.81 17.90
C TYR F 20 24.98 0.21 17.93
N SER F 21 24.03 0.13 16.99
CA SER F 21 22.94 1.07 17.00
C SER F 21 21.69 0.52 16.33
N GLN F 22 20.51 0.92 16.82
CA GLN F 22 19.26 0.47 16.25
C GLN F 22 19.02 1.12 14.89
N GLN F 23 18.80 0.30 13.88
CA GLN F 23 18.58 0.83 12.54
C GLN F 23 17.52 0.02 11.80
N PRO F 24 16.31 0.04 12.30
CA PRO F 24 15.16 -0.67 11.66
C PRO F 24 14.73 0.00 10.36
N SER F 25 14.10 -0.75 9.47
CA SER F 25 13.66 -0.16 8.21
C SER F 25 12.26 -0.63 7.82
N TYR F 26 11.52 0.23 7.11
CA TYR F 26 10.17 -0.08 6.68
C TYR F 26 10.02 0.20 5.18
N GLY F 27 9.31 -0.66 4.48
CA GLY F 27 9.08 -0.48 3.04
C GLY F 27 8.07 0.64 2.80
N GLY F 28 8.08 1.23 1.61
CA GLY F 28 7.15 2.31 1.29
C GLY F 28 5.98 1.83 0.43
N GLN F 29 5.36 2.76 -0.29
CA GLN F 29 4.21 2.43 -1.14
C GLN F 29 4.52 2.69 -2.61
N GLN F 30 4.17 1.72 -3.46
CA GLN F 30 4.36 1.87 -4.91
C GLN F 30 3.08 1.49 -5.63
N GLN F 31 2.70 2.28 -6.62
CA GLN F 31 1.47 2.00 -7.36
C GLN F 31 1.66 2.34 -8.84
N SER F 32 1.43 1.35 -9.70
CA SER F 32 1.60 1.54 -11.14
C SER F 32 0.33 1.23 -11.91
N TYR F 33 -0.06 2.15 -12.80
CA TYR F 33 -1.26 1.95 -13.62
C TYR F 33 -0.88 1.87 -15.10
N GLY F 34 -1.29 0.81 -15.76
CA GLY F 34 -1.02 0.65 -17.19
C GLY F 34 -2.28 0.15 -17.88
N GLN F 35 -2.97 1.01 -18.61
CA GLN F 35 -4.21 0.58 -19.25
C GLN F 35 -4.63 1.42 -20.45
N GLN F 36 -5.52 0.83 -21.23
CA GLN F 36 -6.08 1.47 -22.42
C GLN F 36 -7.60 1.51 -22.28
N GLN F 37 -8.19 2.69 -22.41
CA GLN F 37 -9.64 2.83 -22.27
C GLN F 37 -10.28 3.39 -23.53
N SER F 38 -11.42 2.80 -23.91
CA SER F 38 -12.14 3.24 -25.09
C SER F 38 -13.63 3.36 -24.78
N TYR F 39 -14.22 4.50 -25.14
CA TYR F 39 -15.63 4.72 -24.89
C TYR F 39 -16.39 4.79 -26.21
N ASN F 40 -17.34 3.86 -26.39
CA ASN F 40 -18.14 3.82 -27.62
C ASN F 40 -17.22 3.76 -28.84
N SER G 2 -6.16 -3.31 -28.70
CA SER G 2 -5.52 -2.43 -27.67
C SER G 2 -5.18 -3.25 -26.44
N TYR G 3 -4.17 -2.81 -25.70
CA TYR G 3 -3.78 -3.54 -24.51
C TYR G 3 -3.07 -2.65 -23.49
N GLY G 4 -3.04 -3.12 -22.25
CA GLY G 4 -2.38 -2.41 -21.17
C GLY G 4 -1.44 -3.35 -20.44
N SER G 5 -0.28 -2.84 -20.01
CA SER G 5 0.67 -3.69 -19.32
C SER G 5 1.42 -2.94 -18.21
N SER G 6 1.56 -3.59 -17.07
CA SER G 6 2.27 -3.00 -15.95
C SER G 6 3.23 -4.01 -15.32
N SER G 7 4.37 -3.54 -14.86
CA SER G 7 5.34 -4.45 -14.23
C SER G 7 6.11 -3.73 -13.13
N GLN G 8 6.51 -4.50 -12.12
CA GLN G 8 7.27 -3.94 -11.01
C GLN G 8 8.34 -4.92 -10.56
N SER G 9 9.49 -4.41 -10.15
CA SER G 9 10.57 -5.27 -9.68
C SER G 9 11.39 -4.60 -8.60
N SER G 10 11.90 -5.40 -7.67
CA SER G 10 12.72 -4.86 -6.59
C SER G 10 13.77 -5.87 -6.16
N SER G 11 14.92 -5.39 -5.71
CA SER G 11 15.98 -6.29 -5.29
C SER G 11 16.71 -5.77 -4.05
N TYR G 12 17.05 -6.70 -3.15
CA TYR G 12 17.79 -6.35 -1.94
C TYR G 12 19.10 -7.12 -1.92
N GLY G 13 20.21 -6.42 -1.72
CA GLY G 13 21.51 -7.07 -1.71
C GLY G 13 22.13 -7.14 -0.31
N GLN G 14 22.33 -8.36 0.18
CA GLN G 14 22.94 -8.59 1.48
C GLN G 14 22.41 -7.64 2.56
N PRO G 15 21.12 -7.65 2.80
CA PRO G 15 20.49 -6.79 3.85
C PRO G 15 20.76 -7.29 5.27
N GLN G 16 20.80 -6.36 6.22
CA GLN G 16 21.00 -6.70 7.64
C GLN G 16 22.35 -7.41 7.88
N SER G 17 23.44 -6.69 7.65
CA SER G 17 24.77 -7.25 7.87
C SER G 17 25.47 -6.63 9.08
N GLY G 18 24.81 -5.66 9.74
CA GLY G 18 25.40 -5.00 10.91
C GLY G 18 25.45 -5.98 12.08
N SER G 19 26.12 -5.57 13.18
CA SER G 19 26.22 -6.45 14.33
C SER G 19 26.09 -5.69 15.65
N TYR G 20 25.79 -6.43 16.71
CA TYR G 20 25.64 -5.86 18.05
C TYR G 20 24.52 -4.83 18.13
N SER G 21 23.53 -4.90 17.23
CA SER G 21 22.43 -3.94 17.29
C SER G 21 21.17 -4.49 16.65
N GLN G 22 20.01 -4.08 17.18
CA GLN G 22 18.74 -4.52 16.65
C GLN G 22 18.46 -3.85 15.31
N GLN G 23 18.19 -4.66 14.30
CA GLN G 23 17.94 -4.11 12.98
C GLN G 23 16.84 -4.90 12.26
N PRO G 24 15.65 -4.89 12.80
CA PRO G 24 14.48 -5.59 12.19
C PRO G 24 14.01 -4.89 10.92
N SER G 25 13.34 -5.63 10.04
CA SER G 25 12.86 -5.02 8.79
C SER G 25 11.44 -5.48 8.46
N TYR G 26 10.70 -4.60 7.79
CA TYR G 26 9.32 -4.91 7.38
C TYR G 26 9.12 -4.60 5.90
N GLY G 27 8.37 -5.45 5.21
CA GLY G 27 8.11 -5.24 3.79
C GLY G 27 7.09 -4.12 3.60
N GLY G 28 7.08 -3.51 2.42
CA GLY G 28 6.13 -2.43 2.13
C GLY G 28 4.94 -2.90 1.31
N GLN G 29 4.28 -1.96 0.63
CA GLN G 29 3.11 -2.27 -0.19
C GLN G 29 3.37 -2.00 -1.67
N GLN G 30 2.98 -2.94 -2.52
CA GLN G 30 3.14 -2.78 -3.96
C GLN G 30 1.81 -3.14 -4.64
N GLN G 31 1.40 -2.34 -5.61
CA GLN G 31 0.15 -2.60 -6.31
C GLN G 31 0.30 -2.25 -7.79
N SER G 32 0.03 -3.23 -8.66
CA SER G 32 0.15 -3.02 -10.10
C SER G 32 -1.15 -3.32 -10.83
N TYR G 33 -1.56 -2.39 -11.69
CA TYR G 33 -2.79 -2.58 -12.47
C TYR G 33 -2.47 -2.63 -13.96
N GLY G 34 -2.90 -3.69 -14.63
CA GLY G 34 -2.69 -3.84 -16.06
C GLY G 34 -3.97 -4.32 -16.72
N GLN G 35 -4.67 -3.44 -17.42
CA GLN G 35 -5.94 -3.85 -18.01
C GLN G 35 -6.39 -3.00 -19.19
N GLN G 36 -7.32 -3.58 -19.95
CA GLN G 36 -7.91 -2.93 -21.10
C GLN G 36 -9.42 -2.88 -20.92
N GLN G 37 -10.01 -1.68 -21.01
CA GLN G 37 -11.46 -1.55 -20.82
C GLN G 37 -12.14 -0.96 -22.05
N SER G 38 -13.28 -1.55 -22.39
CA SER G 38 -14.06 -1.08 -23.54
C SER G 38 -15.53 -0.96 -23.18
N TYR G 39 -16.12 0.18 -23.51
CA TYR G 39 -17.53 0.42 -23.22
C TYR G 39 -18.34 0.50 -24.51
N ASN G 40 -19.29 -0.41 -24.66
CA ASN G 40 -20.13 -0.43 -25.86
C ASN G 40 -19.25 -0.49 -27.11
N SER H 2 -8.25 -7.59 -27.43
CA SER H 2 -7.60 -6.73 -26.42
C SER H 2 -7.22 -7.57 -25.21
N TYR H 3 -6.18 -7.15 -24.49
CA TYR H 3 -5.75 -7.90 -23.32
C TYR H 3 -5.00 -7.02 -22.32
N GLY H 4 -4.93 -7.52 -21.09
CA GLY H 4 -4.23 -6.81 -20.01
C GLY H 4 -3.26 -7.77 -19.33
N SER H 5 -2.11 -7.28 -18.93
CA SER H 5 -1.12 -8.14 -18.28
C SER H 5 -0.34 -7.40 -17.20
N SER H 6 -0.16 -8.07 -16.07
CA SER H 6 0.60 -7.49 -14.96
C SER H 6 1.55 -8.52 -14.39
N SER H 7 2.73 -8.07 -13.95
CA SER H 7 3.70 -8.99 -13.37
C SER H 7 4.52 -8.29 -12.29
N GLN H 8 4.95 -9.06 -11.30
CA GLN H 8 5.75 -8.53 -10.21
C GLN H 8 6.84 -9.52 -9.81
N SER H 9 7.99 -9.01 -9.42
CA SER H 9 9.08 -9.89 -9.01
C SER H 9 9.95 -9.22 -7.94
N SER H 10 10.49 -10.04 -7.05
CA SER H 10 11.35 -9.52 -5.99
C SER H 10 12.40 -10.54 -5.61
N SER H 11 13.57 -10.07 -5.19
CA SER H 11 14.64 -10.98 -4.81
C SER H 11 15.40 -10.49 -3.59
N TYR H 12 15.78 -11.42 -2.72
CA TYR H 12 16.56 -11.10 -1.52
C TYR H 12 17.87 -11.87 -1.56
N GLY H 13 18.99 -11.18 -1.38
CA GLY H 13 20.29 -11.84 -1.43
C GLY H 13 20.94 -11.93 -0.06
N GLN H 14 21.15 -13.16 0.40
CA GLN H 14 21.81 -13.41 1.68
C GLN H 14 21.31 -12.48 2.79
N PRO H 15 20.03 -12.48 3.08
CA PRO H 15 19.46 -11.61 4.15
C PRO H 15 19.77 -12.13 5.56
N GLN H 16 19.83 -11.21 6.51
CA GLN H 16 20.10 -11.57 7.92
C GLN H 16 21.43 -12.29 8.10
N SER H 17 22.53 -11.57 7.86
CA SER H 17 23.85 -12.15 8.02
C SER H 17 24.60 -11.55 9.22
N GLY H 18 23.97 -10.59 9.91
CA GLY H 18 24.60 -9.95 11.07
C GLY H 18 24.69 -10.94 12.23
N SER H 19 25.38 -10.55 13.30
CA SER H 19 25.53 -11.45 14.45
C SER H 19 25.45 -10.70 15.78
N TYR H 20 25.17 -11.46 16.84
CA TYR H 20 25.07 -10.90 18.19
C TYR H 20 23.96 -9.86 18.32
N SER H 21 22.94 -9.93 17.46
CA SER H 21 21.85 -8.98 17.57
C SER H 21 20.56 -9.51 16.97
N GLN H 22 19.44 -9.08 17.54
CA GLN H 22 18.13 -9.51 17.04
C GLN H 22 17.82 -8.81 15.73
N GLN H 23 17.51 -9.61 14.70
CA GLN H 23 17.22 -9.05 13.40
C GLN H 23 16.09 -9.83 12.71
N PRO H 24 14.92 -9.81 13.28
CA PRO H 24 13.73 -10.50 12.71
C PRO H 24 13.21 -9.78 11.47
N SER H 25 12.51 -10.50 10.60
CA SER H 25 11.99 -9.88 9.38
C SER H 25 10.57 -10.33 9.09
N TYR H 26 9.80 -9.44 8.45
CA TYR H 26 8.41 -9.73 8.09
C TYR H 26 8.17 -9.41 6.62
N GLY H 27 7.39 -10.25 5.95
CA GLY H 27 7.08 -10.02 4.54
C GLY H 27 6.06 -8.89 4.40
N GLY H 28 6.00 -8.28 3.23
CA GLY H 28 5.06 -7.18 2.99
C GLY H 28 3.84 -7.63 2.20
N GLN H 29 3.17 -6.67 1.56
CA GLN H 29 1.97 -6.98 0.77
C GLN H 29 2.19 -6.68 -0.71
N GLN H 30 1.75 -7.61 -1.56
CA GLN H 30 1.85 -7.44 -3.01
C GLN H 30 0.51 -7.77 -3.64
N GLN H 31 0.08 -6.96 -4.60
CA GLN H 31 -1.20 -7.21 -5.26
C GLN H 31 -1.10 -6.84 -6.74
N SER H 32 -1.41 -7.81 -7.61
CA SER H 32 -1.32 -7.58 -9.05
C SER H 32 -2.66 -7.87 -9.74
N TYR H 33 -3.10 -6.93 -10.57
CA TYR H 33 -4.35 -7.09 -11.32
C TYR H 33 -4.07 -7.13 -12.82
N GLY H 34 -4.54 -8.17 -13.48
CA GLY H 34 -4.37 -8.32 -14.93
C GLY H 34 -5.68 -8.79 -15.54
N GLN H 35 -6.40 -7.89 -16.21
CA GLN H 35 -7.68 -8.30 -16.76
C GLN H 35 -8.18 -7.42 -17.92
N GLN H 36 -9.13 -7.98 -18.65
CA GLN H 36 -9.76 -7.30 -19.78
C GLN H 36 -11.27 -7.26 -19.53
N GLN H 37 -11.85 -6.06 -19.60
CA GLN H 37 -13.28 -5.91 -19.34
C GLN H 37 -14.00 -5.31 -20.54
N SER H 38 -15.16 -5.89 -20.86
CA SER H 38 -15.96 -5.41 -21.98
C SER H 38 -17.44 -5.28 -21.57
N TYR H 39 -18.02 -4.12 -21.86
CA TYR H 39 -19.42 -3.89 -21.51
C TYR H 39 -20.27 -3.79 -22.78
N ASN H 40 -21.24 -4.70 -22.91
CA ASN H 40 -22.11 -4.70 -24.08
C ASN H 40 -21.28 -4.75 -25.36
N SER A 2 5.72 15.10 25.95
CA SER A 2 6.64 14.47 24.96
C SER A 2 5.88 13.44 24.15
N TYR A 3 5.14 13.90 23.14
CA TYR A 3 4.39 12.97 22.31
C TYR A 3 4.13 13.54 20.92
N GLY A 4 3.82 12.65 19.99
CA GLY A 4 3.53 13.04 18.63
C GLY A 4 2.23 12.38 18.18
N SER A 5 1.44 13.06 17.36
CA SER A 5 0.18 12.49 16.91
C SER A 5 -0.21 12.99 15.54
N SER A 6 -0.85 12.10 14.76
CA SER A 6 -1.31 12.46 13.43
C SER A 6 -2.62 11.73 13.13
N SER A 7 -3.48 12.37 12.35
CA SER A 7 -4.76 11.76 12.01
C SER A 7 -5.17 12.11 10.58
N GLN A 8 -5.79 11.16 9.88
CA GLN A 8 -6.24 11.42 8.52
C GLN A 8 -7.67 10.92 8.33
N SER A 9 -8.50 11.76 7.71
CA SER A 9 -9.89 11.39 7.46
C SER A 9 -10.26 11.63 6.01
N SER A 10 -10.98 10.67 5.43
CA SER A 10 -11.43 10.80 4.04
C SER A 10 -12.87 10.32 3.94
N SER A 11 -13.68 11.01 3.14
CA SER A 11 -15.07 10.63 2.98
C SER A 11 -15.57 10.89 1.57
N TYR A 12 -16.39 9.97 1.08
CA TYR A 12 -16.97 10.09 -0.26
C TYR A 12 -18.48 10.01 -0.14
N GLY A 13 -19.19 10.88 -0.87
CA GLY A 13 -20.65 10.88 -0.80
C GLY A 13 -21.31 10.46 -2.11
N GLN A 14 -22.08 9.38 -2.04
CA GLN A 14 -22.82 8.87 -3.20
C GLN A 14 -22.01 8.91 -4.51
N PRO A 15 -20.86 8.29 -4.54
CA PRO A 15 -20.01 8.27 -5.77
C PRO A 15 -20.53 7.30 -6.86
N GLN A 16 -20.23 7.62 -8.12
CA GLN A 16 -20.61 6.78 -9.28
C GLN A 16 -22.13 6.61 -9.43
N SER A 17 -22.87 7.69 -9.68
CA SER A 17 -24.32 7.58 -9.85
C SER A 17 -24.77 7.96 -11.28
N GLY A 18 -23.84 8.37 -12.13
CA GLY A 18 -24.19 8.74 -13.50
C GLY A 18 -24.50 7.49 -14.33
N SER A 19 -25.20 7.65 -15.46
CA SER A 19 -25.55 6.49 -16.29
C SER A 19 -24.94 6.56 -17.70
N TYR A 20 -24.85 5.37 -18.32
CA TYR A 20 -24.29 5.24 -19.68
C TYR A 20 -22.89 5.85 -19.81
N SER A 21 -21.97 5.45 -18.95
CA SER A 21 -20.62 6.02 -19.02
C SER A 21 -19.59 5.16 -18.33
N GLN A 22 -18.32 5.50 -18.48
CA GLN A 22 -17.27 4.75 -17.81
C GLN A 22 -16.91 5.46 -16.51
N GLN A 23 -17.13 4.77 -15.40
CA GLN A 23 -16.85 5.37 -14.10
C GLN A 23 -15.98 4.46 -13.24
N PRO A 24 -14.78 4.19 -13.70
CA PRO A 24 -13.80 3.36 -12.93
C PRO A 24 -13.21 4.17 -11.79
N SER A 25 -13.04 3.53 -10.64
CA SER A 25 -12.49 4.23 -9.47
C SER A 25 -11.31 3.48 -8.86
N TYR A 26 -10.25 4.23 -8.48
CA TYR A 26 -9.06 3.63 -7.87
C TYR A 26 -8.67 4.40 -6.60
N GLY A 27 -8.42 3.69 -5.49
CA GLY A 27 -8.03 4.34 -4.23
C GLY A 27 -6.58 4.85 -4.32
N GLY A 28 -6.25 5.90 -3.55
CA GLY A 28 -4.90 6.46 -3.59
C GLY A 28 -3.99 6.00 -2.44
N GLN A 29 -2.98 6.84 -2.11
CA GLN A 29 -2.00 6.53 -1.06
C GLN A 29 -2.02 7.54 0.10
N GLN A 30 -2.09 7.01 1.33
CA GLN A 30 -2.05 7.85 2.54
C GLN A 30 -1.00 7.30 3.51
N GLN A 31 -0.20 8.17 4.12
CA GLN A 31 0.82 7.71 5.06
C GLN A 31 0.83 8.58 6.33
N SER A 32 0.48 7.97 7.47
CA SER A 32 0.44 8.70 8.74
C SER A 32 1.56 8.27 9.70
N TYR A 33 2.39 9.24 10.11
CA TYR A 33 3.50 8.98 11.04
C TYR A 33 3.29 9.73 12.37
N GLY A 34 3.24 8.99 13.46
CA GLY A 34 3.10 9.60 14.79
C GLY A 34 4.09 8.94 15.75
N GLN A 35 5.14 9.65 16.16
CA GLN A 35 6.11 9.01 17.04
C GLN A 35 6.94 9.98 17.89
N GLN A 36 7.56 9.39 18.93
CA GLN A 36 8.43 10.13 19.85
C GLN A 36 9.83 9.53 19.76
N GLN A 37 10.83 10.37 19.49
CA GLN A 37 12.21 9.87 19.37
C GLN A 37 13.16 10.56 20.34
N SER A 38 13.93 9.75 21.06
CA SER A 38 14.91 10.28 22.01
C SER A 38 16.26 9.61 21.81
N TYR A 39 17.33 10.40 21.85
CA TYR A 39 18.68 9.87 21.70
C TYR A 39 19.48 10.16 22.95
N ASN A 40 19.97 9.11 23.60
CA ASN A 40 20.74 9.26 24.83
C ASN A 40 19.96 10.09 25.84
N SER B 2 5.70 10.21 26.93
CA SER B 2 6.56 9.59 25.90
C SER B 2 5.76 8.57 25.11
N TYR B 3 5.00 9.04 24.13
CA TYR B 3 4.20 8.13 23.32
C TYR B 3 3.90 8.71 21.94
N GLY B 4 3.53 7.83 21.03
CA GLY B 4 3.20 8.23 19.67
C GLY B 4 1.88 7.59 19.27
N SER B 5 1.08 8.28 18.49
CA SER B 5 -0.21 7.73 18.09
C SER B 5 -0.65 8.23 16.72
N SER B 6 -1.32 7.36 15.98
CA SER B 6 -1.83 7.71 14.66
C SER B 6 -3.16 7.01 14.41
N SER B 7 -4.05 7.66 13.67
CA SER B 7 -5.34 7.08 13.36
C SER B 7 -5.79 7.45 11.95
N GLN B 8 -6.46 6.51 11.28
CA GLN B 8 -6.95 6.77 9.92
C GLN B 8 -8.39 6.29 9.79
N SER B 9 -9.23 7.14 9.20
CA SER B 9 -10.63 6.79 9.01
C SER B 9 -11.07 7.04 7.57
N SER B 10 -11.81 6.10 7.01
CA SER B 10 -12.32 6.23 5.66
C SER B 10 -13.77 5.77 5.60
N SER B 11 -14.59 6.49 4.84
CA SER B 11 -15.99 6.12 4.73
C SER B 11 -16.55 6.40 3.34
N TYR B 12 -17.39 5.48 2.87
CA TYR B 12 -18.02 5.62 1.56
C TYR B 12 -19.54 5.55 1.72
N GLY B 13 -20.26 6.44 1.04
CA GLY B 13 -21.72 6.47 1.16
C GLY B 13 -22.42 6.06 -0.12
N GLN B 14 -23.21 4.99 -0.04
CA GLN B 14 -23.99 4.48 -1.16
C GLN B 14 -23.24 4.52 -2.50
N PRO B 15 -22.09 3.89 -2.58
CA PRO B 15 -21.30 3.87 -3.85
C PRO B 15 -21.86 2.90 -4.92
N GLN B 16 -21.59 3.23 -6.19
CA GLN B 16 -22.03 2.42 -7.34
C GLN B 16 -23.56 2.25 -7.43
N SER B 17 -24.30 3.35 -7.65
CA SER B 17 -25.76 3.25 -7.77
C SER B 17 -26.26 3.64 -9.17
N GLY B 18 -25.35 4.05 -10.06
CA GLY B 18 -25.75 4.44 -11.42
C GLY B 18 -26.11 3.20 -12.23
N SER B 19 -26.84 3.37 -13.34
CA SER B 19 -27.24 2.22 -14.15
C SER B 19 -26.69 2.29 -15.59
N TYR B 20 -26.64 1.11 -16.23
CA TYR B 20 -26.14 0.98 -17.60
C TYR B 20 -24.74 1.57 -17.77
N SER B 21 -23.79 1.14 -16.96
CA SER B 21 -22.44 1.70 -17.07
C SER B 21 -21.39 0.82 -16.42
N GLN B 22 -20.12 1.16 -16.63
CA GLN B 22 -19.05 0.39 -16.01
C GLN B 22 -18.65 1.09 -14.72
N GLN B 23 -18.82 0.40 -13.60
CA GLN B 23 -18.49 0.98 -12.30
C GLN B 23 -17.59 0.05 -11.49
N PRO B 24 -16.40 -0.22 -11.99
CA PRO B 24 -15.42 -1.06 -11.26
C PRO B 24 -14.77 -0.27 -10.14
N SER B 25 -14.57 -0.92 -8.99
CA SER B 25 -13.97 -0.23 -7.85
C SER B 25 -12.76 -1.01 -7.28
N TYR B 26 -11.69 -0.27 -6.94
CA TYR B 26 -10.48 -0.88 -6.39
C TYR B 26 -10.03 -0.12 -5.12
N GLY B 27 -9.76 -0.84 -4.03
CA GLY B 27 -9.30 -0.20 -2.79
C GLY B 27 -7.85 0.30 -2.94
N GLY B 28 -7.47 1.33 -2.16
CA GLY B 28 -6.12 1.88 -2.25
C GLY B 28 -5.18 1.40 -1.14
N GLN B 29 -4.15 2.23 -0.84
CA GLN B 29 -3.15 1.90 0.17
C GLN B 29 -3.11 2.91 1.33
N GLN B 30 -3.12 2.37 2.57
CA GLN B 30 -3.04 3.21 3.78
C GLN B 30 -1.96 2.63 4.70
N GLN B 31 -1.13 3.49 5.29
CA GLN B 31 -0.08 3.01 6.19
C GLN B 31 -0.01 3.87 7.45
N SER B 32 -0.32 3.27 8.61
CA SER B 32 -0.31 3.99 9.89
C SER B 32 0.85 3.54 10.79
N TYR B 33 1.71 4.49 11.19
CA TYR B 33 2.84 4.21 12.07
C TYR B 33 2.69 4.95 13.40
N GLY B 34 2.68 4.21 14.51
CA GLY B 34 2.60 4.81 15.84
C GLY B 34 3.61 4.12 16.75
N GLN B 35 4.68 4.83 17.12
CA GLN B 35 5.68 4.17 17.97
C GLN B 35 6.55 5.13 18.80
N GLN B 36 7.22 4.52 19.79
CA GLN B 36 8.12 5.24 20.69
C GLN B 36 9.51 4.64 20.54
N GLN B 37 10.51 5.47 20.24
CA GLN B 37 11.87 4.96 20.06
C GLN B 37 12.87 5.63 21.00
N SER B 38 13.66 4.80 21.69
CA SER B 38 14.68 5.32 22.61
C SER B 38 16.02 4.64 22.34
N TYR B 39 17.08 5.43 22.35
CA TYR B 39 18.42 4.87 22.14
C TYR B 39 19.28 5.14 23.37
N ASN B 40 19.77 4.07 24.00
CA ASN B 40 20.59 4.22 25.19
C ASN B 40 19.86 5.05 26.24
N SER C 2 5.64 5.30 27.87
CA SER C 2 6.47 4.68 26.79
C SER C 2 5.62 3.67 26.02
N TYR C 3 4.83 4.17 25.08
CA TYR C 3 3.99 3.26 24.29
C TYR C 3 3.64 3.86 22.93
N GLY C 4 3.24 2.99 22.02
CA GLY C 4 2.86 3.40 20.68
C GLY C 4 1.52 2.76 20.33
N SER C 5 0.69 3.48 19.58
CA SER C 5 -0.61 2.94 19.22
C SER C 5 -1.10 3.46 17.88
N SER C 6 -1.80 2.60 17.15
CA SER C 6 -2.36 2.97 15.85
C SER C 6 -3.69 2.28 15.64
N SER C 7 -4.60 2.94 14.93
CA SER C 7 -5.91 2.37 14.67
C SER C 7 -6.41 2.75 13.28
N GLN C 8 -7.10 1.82 12.62
CA GLN C 8 -7.65 2.10 11.30
C GLN C 8 -9.09 1.65 11.21
N SER C 9 -9.94 2.50 10.64
CA SER C 9 -11.36 2.17 10.51
C SER C 9 -11.85 2.43 9.09
N SER C 10 -12.63 1.49 8.55
CA SER C 10 -13.18 1.66 7.22
C SER C 10 -14.63 1.21 7.21
N SER C 11 -15.47 1.94 6.49
CA SER C 11 -16.88 1.58 6.44
C SER C 11 -17.48 1.87 5.07
N TYR C 12 -18.36 0.96 4.61
CA TYR C 12 -19.03 1.12 3.33
C TYR C 12 -20.54 1.06 3.55
N GLY C 13 -21.27 1.97 2.91
CA GLY C 13 -22.72 2.00 3.09
C GLY C 13 -23.49 1.60 1.81
N GLN C 14 -24.28 0.54 1.93
CA GLN C 14 -25.11 0.05 0.82
C GLN C 14 -24.40 0.10 -0.54
N PRO C 15 -23.26 -0.55 -0.67
CA PRO C 15 -22.52 -0.58 -1.97
C PRO C 15 -23.14 -1.52 -3.01
N GLN C 16 -22.91 -1.19 -4.30
CA GLN C 16 -23.40 -2.00 -5.43
C GLN C 16 -24.93 -2.14 -5.48
N SER C 17 -25.66 -1.04 -5.65
CA SER C 17 -27.13 -1.13 -5.72
C SER C 17 -27.67 -0.73 -7.10
N GLY C 18 -26.79 -0.31 -8.01
CA GLY C 18 -27.24 0.09 -9.36
C GLY C 18 -27.64 -1.15 -10.17
N SER C 19 -28.40 -0.95 -11.25
CA SER C 19 -28.85 -2.09 -12.06
C SER C 19 -28.34 -2.02 -13.51
N TYR C 20 -28.34 -3.19 -14.16
CA TYR C 20 -27.89 -3.33 -15.54
C TYR C 20 -26.49 -2.76 -15.76
N SER C 21 -25.51 -3.19 -14.99
CA SER C 21 -24.18 -2.65 -15.14
C SER C 21 -23.09 -3.55 -14.55
N GLN C 22 -21.83 -3.21 -14.79
CA GLN C 22 -20.75 -3.98 -14.21
C GLN C 22 -20.29 -3.30 -12.93
N GLN C 23 -20.42 -4.01 -11.81
CA GLN C 23 -20.04 -3.43 -10.53
C GLN C 23 -19.12 -4.38 -9.76
N PRO C 24 -17.96 -4.66 -10.29
CA PRO C 24 -16.96 -5.52 -9.62
C PRO C 24 -16.26 -4.74 -8.50
N SER C 25 -16.02 -5.40 -7.37
CA SER C 25 -15.38 -4.72 -6.25
C SER C 25 -14.16 -5.51 -5.72
N TYR C 26 -13.07 -4.78 -5.42
CA TYR C 26 -11.85 -5.41 -4.91
C TYR C 26 -11.35 -4.66 -3.67
N GLY C 27 -11.04 -5.39 -2.58
CA GLY C 27 -10.53 -4.77 -1.36
C GLY C 27 -9.08 -4.28 -1.55
N GLY C 28 -8.66 -3.27 -0.79
CA GLY C 28 -7.31 -2.72 -0.93
C GLY C 28 -6.33 -3.22 0.14
N GLN C 29 -5.29 -2.40 0.41
CA GLN C 29 -4.25 -2.74 1.39
C GLN C 29 -4.17 -1.75 2.56
N GLN C 30 -4.13 -2.28 3.78
CA GLN C 30 -4.00 -1.45 4.99
C GLN C 30 -2.89 -2.05 5.88
N GLN C 31 -2.03 -1.21 6.43
CA GLN C 31 -0.96 -1.70 7.29
C GLN C 31 -0.83 -0.85 8.57
N SER C 32 -1.11 -1.46 9.72
CA SER C 32 -1.04 -0.75 11.01
C SER C 32 0.15 -1.22 11.86
N TYR C 33 1.03 -0.27 12.24
CA TYR C 33 2.19 -0.58 13.07
C TYR C 33 2.10 0.15 14.42
N GLY C 34 2.11 -0.60 15.52
CA GLY C 34 2.08 0.00 16.85
C GLY C 34 3.12 -0.70 17.73
N GLN C 35 4.22 -0.01 18.06
CA GLN C 35 5.24 -0.68 18.86
C GLN C 35 6.15 0.26 19.67
N GLN C 36 6.83 -0.35 20.64
CA GLN C 36 7.78 0.35 21.50
C GLN C 36 9.16 -0.27 21.30
N GLN C 37 10.16 0.56 20.96
CA GLN C 37 11.50 0.03 20.74
C GLN C 37 12.54 0.69 21.64
N SER C 38 13.35 -0.15 22.29
CA SER C 38 14.41 0.35 23.17
C SER C 38 15.74 -0.34 22.86
N TYR C 39 16.81 0.43 22.84
CA TYR C 39 18.13 -0.13 22.57
C TYR C 39 19.03 0.12 23.78
N ASN C 40 19.53 -0.94 24.38
CA ASN C 40 20.39 -0.83 25.54
C ASN C 40 19.71 0.01 26.63
N SER D 2 5.64 0.44 28.72
CA SER D 2 6.43 -0.21 27.62
C SER D 2 5.55 -1.20 26.89
N TYR D 3 4.71 -0.70 25.98
CA TYR D 3 3.84 -1.59 25.22
C TYR D 3 3.45 -0.98 23.88
N GLY D 4 2.99 -1.85 22.98
CA GLY D 4 2.55 -1.42 21.65
C GLY D 4 1.20 -2.03 21.35
N SER D 5 0.35 -1.31 20.64
CA SER D 5 -0.96 -1.84 20.33
C SER D 5 -1.50 -1.31 19.01
N SER D 6 -2.24 -2.16 18.30
CA SER D 6 -2.83 -1.77 17.03
C SER D 6 -4.19 -2.45 16.87
N SER D 7 -5.12 -1.77 16.20
CA SER D 7 -6.45 -2.33 15.99
C SER D 7 -6.99 -1.92 14.62
N GLN D 8 -7.73 -2.83 13.99
CA GLN D 8 -8.32 -2.55 12.68
C GLN D 8 -9.78 -2.98 12.65
N SER D 9 -10.64 -2.12 12.12
CA SER D 9 -12.06 -2.43 12.04
C SER D 9 -12.60 -2.15 10.65
N SER D 10 -13.40 -3.07 10.14
CA SER D 10 -14.01 -2.90 8.82
C SER D 10 -15.47 -3.32 8.87
N SER D 11 -16.33 -2.59 8.18
CA SER D 11 -17.74 -2.92 8.18
C SER D 11 -18.40 -2.62 6.83
N TYR D 12 -19.29 -3.50 6.42
CA TYR D 12 -20.02 -3.34 5.16
C TYR D 12 -21.51 -3.37 5.44
N GLY D 13 -22.26 -2.45 4.83
CA GLY D 13 -23.70 -2.40 5.06
C GLY D 13 -24.51 -2.78 3.81
N GLN D 14 -25.32 -3.83 3.96
CA GLN D 14 -26.19 -4.31 2.89
C GLN D 14 -25.54 -4.27 1.51
N PRO D 15 -24.42 -4.92 1.33
CA PRO D 15 -23.73 -4.95 0.00
C PRO D 15 -24.39 -5.88 -1.03
N GLN D 16 -24.21 -5.55 -2.32
CA GLN D 16 -24.75 -6.34 -3.43
C GLN D 16 -26.28 -6.46 -3.43
N SER D 17 -27.01 -5.35 -3.57
CA SER D 17 -28.47 -5.41 -3.57
C SER D 17 -29.07 -5.00 -4.93
N GLY D 18 -28.22 -4.61 -5.89
CA GLY D 18 -28.71 -4.19 -7.21
C GLY D 18 -29.16 -5.42 -8.00
N SER D 19 -29.98 -5.21 -9.04
CA SER D 19 -30.47 -6.34 -9.84
C SER D 19 -30.01 -6.27 -11.32
N TYR D 20 -30.04 -7.45 -11.96
CA TYR D 20 -29.65 -7.58 -13.37
C TYR D 20 -28.26 -7.02 -13.63
N SER D 21 -27.26 -7.48 -12.90
CA SER D 21 -25.91 -6.94 -13.10
C SER D 21 -24.84 -7.86 -12.53
N GLN D 22 -23.59 -7.56 -12.85
CA GLN D 22 -22.49 -8.35 -12.32
C GLN D 22 -21.97 -7.68 -11.06
N GLN D 23 -22.08 -8.37 -9.93
CA GLN D 23 -21.63 -7.81 -8.67
C GLN D 23 -20.70 -8.77 -7.93
N PRO D 24 -19.56 -9.07 -8.52
CA PRO D 24 -18.54 -9.94 -7.88
C PRO D 24 -17.78 -9.18 -6.80
N SER D 25 -17.52 -9.83 -5.68
CA SER D 25 -16.82 -9.18 -4.57
C SER D 25 -15.59 -9.98 -4.12
N TYR D 26 -14.47 -9.27 -3.85
CA TYR D 26 -13.25 -9.92 -3.39
C TYR D 26 -12.69 -9.19 -2.16
N GLY D 27 -12.34 -9.93 -1.10
CA GLY D 27 -11.78 -9.31 0.12
C GLY D 27 -10.34 -8.85 -0.13
N GLY D 28 -9.88 -7.85 0.63
CA GLY D 28 -8.52 -7.32 0.43
C GLY D 28 -7.51 -7.83 1.47
N GLN D 29 -6.46 -7.02 1.70
CA GLN D 29 -5.37 -7.38 2.62
C GLN D 29 -5.23 -6.40 3.80
N GLN D 30 -5.16 -6.94 5.02
CA GLN D 30 -4.96 -6.12 6.23
C GLN D 30 -3.83 -6.74 7.06
N GLN D 31 -2.95 -5.90 7.59
CA GLN D 31 -1.84 -6.41 8.40
C GLN D 31 -1.65 -5.58 9.68
N SER D 32 -1.89 -6.19 10.84
CA SER D 32 -1.77 -5.48 12.12
C SER D 32 -0.55 -5.97 12.93
N TYR D 33 0.35 -5.04 13.27
CA TYR D 33 1.55 -5.36 14.05
C TYR D 33 1.51 -4.63 15.40
N GLY D 34 1.55 -5.38 16.50
CA GLY D 34 1.59 -4.78 17.84
C GLY D 34 2.64 -5.51 18.67
N GLN D 35 3.76 -4.84 18.98
CA GLN D 35 4.81 -5.52 19.74
C GLN D 35 5.76 -4.60 20.51
N GLN D 36 6.49 -5.22 21.44
CA GLN D 36 7.47 -4.54 22.27
C GLN D 36 8.84 -5.18 22.01
N GLN D 37 9.83 -4.37 21.65
CA GLN D 37 11.16 -4.91 21.36
C GLN D 37 12.24 -4.27 22.22
N SER D 38 13.06 -5.11 22.85
CA SER D 38 14.14 -4.64 23.68
C SER D 38 15.45 -5.35 23.32
N TYR D 39 16.54 -4.58 23.25
CA TYR D 39 17.84 -5.17 22.94
C TYR D 39 18.79 -4.94 24.11
N ASN D 40 19.30 -6.01 24.68
CA ASN D 40 20.21 -5.90 25.81
C ASN D 40 19.58 -5.07 26.92
N SER E 2 -0.26 6.04 -31.03
CA SER E 2 -1.26 6.34 -29.98
C SER E 2 -0.96 5.52 -28.72
N TYR E 3 -0.02 6.00 -27.92
CA TYR E 3 0.32 5.28 -26.69
C TYR E 3 0.91 6.22 -25.65
N GLY E 4 0.89 5.75 -24.40
CA GLY E 4 1.43 6.52 -23.29
C GLY E 4 2.33 5.62 -22.47
N SER E 5 3.40 6.18 -21.92
CA SER E 5 4.32 5.37 -21.14
C SER E 5 5.01 6.18 -20.04
N SER E 6 5.26 5.52 -18.92
CA SER E 6 5.93 6.17 -17.80
C SER E 6 6.82 5.16 -17.07
N SER E 7 7.93 5.63 -16.53
CA SER E 7 8.85 4.74 -15.82
C SER E 7 9.48 5.46 -14.63
N GLN E 8 9.67 4.72 -13.53
CA GLN E 8 10.30 5.30 -12.35
C GLN E 8 11.39 4.39 -11.82
N SER E 9 12.54 4.97 -11.48
CA SER E 9 13.65 4.18 -10.96
C SER E 9 14.23 4.82 -9.70
N SER E 10 14.49 3.99 -8.70
CA SER E 10 15.07 4.47 -7.46
C SER E 10 16.17 3.53 -7.00
N SER E 11 17.24 4.08 -6.46
CA SER E 11 18.35 3.25 -6.01
C SER E 11 19.02 3.84 -4.77
N TYR E 12 19.40 2.96 -3.85
CA TYR E 12 20.08 3.37 -2.63
C TYR E 12 21.41 2.62 -2.52
N GLY E 13 22.48 3.33 -2.15
CA GLY E 13 23.78 2.68 -2.04
C GLY E 13 24.29 2.61 -0.60
N GLN E 14 24.53 1.39 -0.14
CA GLN E 14 25.06 1.14 1.21
C GLN E 14 24.45 2.06 2.27
N PRO E 15 23.16 2.07 2.43
CA PRO E 15 22.49 2.92 3.45
C PRO E 15 22.62 2.38 4.90
N GLN E 16 22.58 3.29 5.87
CA GLN E 16 22.66 2.94 7.31
C GLN E 16 23.96 2.22 7.69
N SER E 17 25.11 2.88 7.55
CA SER E 17 26.38 2.24 7.93
C SER E 17 27.06 2.95 9.11
N GLY E 18 26.46 4.03 9.61
CA GLY E 18 27.04 4.76 10.75
C GLY E 18 26.86 3.97 12.04
N SER E 19 27.65 4.28 13.07
CA SER E 19 27.54 3.54 14.34
C SER E 19 27.13 4.44 15.52
N TYR E 20 26.59 3.79 16.56
CA TYR E 20 26.15 4.49 17.77
C TYR E 20 25.17 5.61 17.47
N SER E 21 24.09 5.34 16.76
CA SER E 21 23.13 6.38 16.43
C SER E 21 21.76 5.84 16.04
N GLN E 22 20.79 6.72 15.89
CA GLN E 22 19.47 6.28 15.47
C GLN E 22 19.35 6.45 13.98
N GLN E 23 19.17 5.34 13.26
CA GLN E 23 19.07 5.41 11.81
C GLN E 23 17.82 4.68 11.31
N PRO E 24 16.67 5.17 11.68
CA PRO E 24 15.37 4.59 11.21
C PRO E 24 15.08 5.00 9.78
N SER E 25 14.55 4.07 8.98
CA SER E 25 14.27 4.37 7.59
C SER E 25 12.81 4.01 7.20
N TYR E 26 12.18 4.90 6.43
CA TYR E 26 10.80 4.69 5.99
C TYR E 26 10.69 4.95 4.47
N GLY E 27 10.07 4.02 3.74
CA GLY E 27 9.89 4.19 2.30
C GLY E 27 8.82 5.26 2.00
N GLY E 28 8.90 5.89 0.83
CA GLY E 28 7.94 6.95 0.48
C GLY E 28 6.83 6.47 -0.48
N GLN E 29 6.27 7.43 -1.23
CA GLN E 29 5.17 7.16 -2.18
C GLN E 29 5.53 7.48 -3.64
N GLN E 30 5.26 6.53 -4.53
CA GLN E 30 5.50 6.70 -5.97
C GLN E 30 4.23 6.30 -6.75
N GLN E 31 3.84 7.08 -7.74
CA GLN E 31 2.65 6.75 -8.52
C GLN E 31 2.91 6.92 -10.02
N SER E 32 2.88 5.81 -10.77
CA SER E 32 3.13 5.85 -12.22
C SER E 32 1.85 5.59 -13.02
N TYR E 33 1.50 6.54 -13.90
CA TYR E 33 0.31 6.40 -14.76
C TYR E 33 0.71 6.36 -16.25
N GLY E 34 0.35 5.29 -16.93
CA GLY E 34 0.62 5.18 -18.37
C GLY E 34 -0.63 4.65 -19.07
N GLN E 35 -1.30 5.49 -19.87
CA GLN E 35 -2.52 5.02 -20.51
C GLN E 35 -2.91 5.79 -21.77
N GLN E 36 -3.82 5.16 -22.53
CA GLN E 36 -4.35 5.73 -23.76
C GLN E 36 -5.86 5.88 -23.60
N GLN E 37 -6.38 7.09 -23.82
CA GLN E 37 -7.81 7.32 -23.67
C GLN E 37 -8.46 7.88 -24.94
N SER E 38 -9.56 7.25 -25.35
CA SER E 38 -10.29 7.69 -26.54
C SER E 38 -11.77 7.81 -26.25
N TYR E 39 -12.38 8.88 -26.73
CA TYR E 39 -13.82 9.09 -26.52
C TYR E 39 -14.51 9.13 -27.87
N ASN E 40 -15.45 8.22 -28.08
CA ASN E 40 -16.18 8.15 -29.35
C ASN E 40 -15.21 8.08 -30.52
N SER F 2 -2.41 1.65 -29.91
CA SER F 2 -3.38 1.96 -28.83
C SER F 2 -3.03 1.13 -27.59
N TYR F 3 -2.06 1.61 -26.81
CA TYR F 3 -1.67 0.88 -25.61
C TYR F 3 -1.05 1.79 -24.58
N GLY F 4 -1.02 1.31 -23.34
CA GLY F 4 -0.44 2.06 -22.24
C GLY F 4 0.50 1.15 -21.46
N SER F 5 1.60 1.70 -20.95
CA SER F 5 2.53 0.87 -20.21
C SER F 5 3.25 1.66 -19.13
N SER F 6 3.53 0.99 -18.01
CA SER F 6 4.24 1.61 -16.91
C SER F 6 5.16 0.59 -16.23
N SER F 7 6.29 1.06 -15.73
CA SER F 7 7.23 0.16 -15.06
C SER F 7 7.91 0.86 -13.89
N GLN F 8 8.16 0.11 -12.81
CA GLN F 8 8.82 0.68 -11.64
C GLN F 8 9.92 -0.25 -11.16
N SER F 9 11.09 0.31 -10.87
CA SER F 9 12.21 -0.48 -10.39
C SER F 9 12.82 0.13 -9.14
N SER F 10 13.13 -0.70 -8.15
CA SER F 10 13.75 -0.24 -6.92
C SER F 10 14.85 -1.20 -6.51
N SER F 11 15.96 -0.65 -6.02
CA SER F 11 17.07 -1.50 -5.62
C SER F 11 17.80 -0.93 -4.40
N TYR F 12 18.21 -1.82 -3.51
CA TYR F 12 18.93 -1.43 -2.31
C TYR F 12 20.26 -2.19 -2.25
N GLY F 13 21.34 -1.49 -1.91
CA GLY F 13 22.65 -2.13 -1.86
C GLY F 13 23.21 -2.23 -0.45
N GLN F 14 23.44 -3.46 0.00
CA GLN F 14 24.03 -3.73 1.33
C GLN F 14 23.46 -2.82 2.42
N PRO F 15 22.17 -2.80 2.62
CA PRO F 15 21.55 -1.96 3.69
C PRO F 15 21.73 -2.53 5.12
N GLN F 16 21.74 -1.63 6.10
CA GLN F 16 21.86 -1.98 7.52
C GLN F 16 23.17 -2.72 7.86
N SER F 17 24.32 -2.05 7.69
CA SER F 17 25.61 -2.69 8.01
C SER F 17 26.34 -2.01 9.18
N GLY F 18 25.77 -0.92 9.71
CA GLY F 18 26.39 -0.22 10.82
C GLY F 18 26.25 -1.03 12.12
N SER F 19 27.07 -0.74 13.12
CA SER F 19 27.00 -1.48 14.39
C SER F 19 26.64 -0.59 15.59
N TYR F 20 26.14 -1.26 16.64
CA TYR F 20 25.75 -0.57 17.88
C TYR F 20 24.76 0.56 17.63
N SER F 21 23.65 0.28 16.96
CA SER F 21 22.69 1.34 16.67
C SER F 21 21.31 0.81 16.34
N GLN F 22 20.34 1.71 16.22
CA GLN F 22 18.99 1.29 15.84
C GLN F 22 18.82 1.48 14.35
N GLN F 23 18.60 0.38 13.64
CA GLN F 23 18.44 0.45 12.19
C GLN F 23 17.17 -0.26 11.73
N PRO F 24 16.03 0.23 12.16
CA PRO F 24 14.73 -0.34 11.74
C PRO F 24 14.39 0.11 10.32
N SER F 25 13.85 -0.81 9.51
CA SER F 25 13.52 -0.48 8.12
C SER F 25 12.06 -0.83 7.79
N TYR F 26 11.38 0.07 7.07
CA TYR F 26 9.98 -0.14 6.66
C TYR F 26 9.82 0.13 5.17
N GLY F 27 9.18 -0.79 4.43
CA GLY F 27 8.94 -0.60 2.99
C GLY F 27 7.86 0.47 2.76
N GLY F 28 7.89 1.13 1.59
CA GLY F 28 6.92 2.19 1.29
C GLY F 28 5.78 1.74 0.37
N GLN F 29 5.20 2.71 -0.36
CA GLN F 29 4.07 2.45 -1.26
C GLN F 29 4.38 2.78 -2.73
N GLN F 30 4.07 1.83 -3.63
CA GLN F 30 4.24 2.03 -5.07
C GLN F 30 2.96 1.64 -5.81
N GLN F 31 2.54 2.43 -6.77
CA GLN F 31 1.32 2.12 -7.52
C GLN F 31 1.52 2.30 -9.02
N SER F 32 1.44 1.20 -9.78
CA SER F 32 1.65 1.25 -11.23
C SER F 32 0.34 1.00 -12.01
N TYR F 33 -0.04 1.97 -12.86
CA TYR F 33 -1.26 1.85 -13.67
C TYR F 33 -0.92 1.83 -15.17
N GLY F 34 -1.30 0.76 -15.86
CA GLY F 34 -1.07 0.65 -17.29
C GLY F 34 -2.35 0.15 -17.97
N GLN F 35 -3.04 1.01 -18.71
CA GLN F 35 -4.30 0.56 -19.31
C GLN F 35 -4.73 1.34 -20.56
N GLN F 36 -5.66 0.73 -21.30
CA GLN F 36 -6.23 1.31 -22.50
C GLN F 36 -7.73 1.47 -22.29
N GLN F 37 -8.26 2.68 -22.48
CA GLN F 37 -9.68 2.92 -22.27
C GLN F 37 -10.36 3.49 -23.51
N SER F 38 -11.48 2.88 -23.88
CA SER F 38 -12.25 3.34 -25.05
C SER F 38 -13.73 3.46 -24.69
N TYR F 39 -14.35 4.54 -25.15
CA TYR F 39 -15.77 4.75 -24.88
C TYR F 39 -16.52 4.81 -26.21
N ASN F 40 -17.48 3.90 -26.38
CA ASN F 40 -18.24 3.86 -27.63
C ASN F 40 -17.32 3.77 -28.83
N SER G 2 -4.57 -2.72 -28.74
CA SER G 2 -5.48 -2.40 -27.61
C SER G 2 -5.10 -3.24 -26.40
N TYR G 3 -4.10 -2.79 -25.65
CA TYR G 3 -3.68 -3.53 -24.47
C TYR G 3 -3.01 -2.64 -23.44
N GLY G 4 -2.95 -3.13 -22.22
CA GLY G 4 -2.31 -2.38 -21.13
C GLY G 4 -1.36 -3.32 -20.39
N SER G 5 -0.24 -2.77 -19.91
CA SER G 5 0.72 -3.61 -19.22
C SER G 5 1.48 -2.84 -18.16
N SER G 6 1.82 -3.54 -17.07
CA SER G 6 2.58 -2.93 -15.99
C SER G 6 3.49 -3.96 -15.35
N SER G 7 4.66 -3.51 -14.89
CA SER G 7 5.61 -4.42 -14.26
C SER G 7 6.34 -3.74 -13.11
N GLN G 8 6.61 -4.50 -12.05
CA GLN G 8 7.32 -3.96 -10.90
C GLN G 8 8.44 -4.90 -10.46
N SER G 9 9.62 -4.34 -10.20
CA SER G 9 10.74 -5.16 -9.78
C SER G 9 11.42 -4.55 -8.55
N SER G 10 11.74 -5.40 -7.58
CA SER G 10 12.42 -4.95 -6.37
C SER G 10 13.54 -5.92 -6.02
N SER G 11 14.66 -5.39 -5.56
CA SER G 11 15.78 -6.24 -5.21
C SER G 11 16.56 -5.69 -4.02
N TYR G 12 16.99 -6.59 -3.14
CA TYR G 12 17.76 -6.22 -1.96
C TYR G 12 19.08 -6.99 -1.97
N GLY G 13 20.18 -6.32 -1.66
CA GLY G 13 21.49 -6.97 -1.66
C GLY G 13 22.10 -7.08 -0.27
N GLN G 14 22.35 -8.32 0.16
CA GLN G 14 22.97 -8.60 1.45
C GLN G 14 22.46 -7.70 2.58
N PRO G 15 21.17 -7.68 2.83
CA PRO G 15 20.59 -6.84 3.93
C PRO G 15 20.82 -7.43 5.33
N GLN G 16 20.87 -6.53 6.33
CA GLN G 16 21.05 -6.91 7.75
C GLN G 16 22.36 -7.65 8.02
N SER G 17 23.51 -7.00 7.83
CA SER G 17 24.79 -7.65 8.09
C SER G 17 25.57 -6.98 9.24
N GLY G 18 25.03 -5.90 9.79
CA GLY G 18 25.71 -5.20 10.90
C GLY G 18 25.61 -6.03 12.19
N SER G 19 26.47 -5.76 13.16
CA SER G 19 26.45 -6.51 14.42
C SER G 19 26.14 -5.65 15.64
N TYR G 20 25.66 -6.31 16.70
CA TYR G 20 25.32 -5.64 17.97
C TYR G 20 24.33 -4.49 17.77
N SER G 21 23.19 -4.76 17.13
CA SER G 21 22.24 -3.69 16.90
C SER G 21 20.83 -4.21 16.60
N GLN G 22 19.87 -3.30 16.53
CA GLN G 22 18.51 -3.71 16.20
C GLN G 22 18.28 -3.50 14.71
N GLN G 23 18.03 -4.59 14.01
CA GLN G 23 17.82 -4.51 12.56
C GLN G 23 16.53 -5.20 12.15
N PRO G 24 15.42 -4.72 12.61
CA PRO G 24 14.09 -5.27 12.24
C PRO G 24 13.70 -4.81 10.84
N SER G 25 13.12 -5.71 10.05
CA SER G 25 12.73 -5.36 8.68
C SER G 25 11.27 -5.69 8.39
N TYR G 26 10.57 -4.78 7.70
CA TYR G 26 9.16 -4.98 7.35
C TYR G 26 8.93 -4.69 5.86
N GLY G 27 8.25 -5.60 5.14
CA GLY G 27 7.96 -5.39 3.71
C GLY G 27 6.89 -4.32 3.53
N GLY G 28 6.90 -3.64 2.37
CA GLY G 28 5.92 -2.57 2.11
C GLY G 28 4.75 -3.00 1.23
N GLN G 29 4.15 -2.02 0.54
CA GLN G 29 2.98 -2.27 -0.32
C GLN G 29 3.23 -1.92 -1.80
N GLN G 30 2.87 -2.86 -2.70
CA GLN G 30 3.01 -2.65 -4.15
C GLN G 30 1.69 -3.02 -4.83
N GLN G 31 1.24 -2.20 -5.77
CA GLN G 31 -0.01 -2.51 -6.48
C GLN G 31 0.14 -2.30 -7.99
N SER G 32 0.04 -3.39 -8.76
CA SER G 32 0.18 -3.33 -10.22
C SER G 32 -1.16 -3.56 -10.94
N TYR G 33 -1.56 -2.58 -11.77
CA TYR G 33 -2.81 -2.68 -12.54
C TYR G 33 -2.53 -2.70 -14.05
N GLY G 34 -2.94 -3.76 -14.73
CA GLY G 34 -2.77 -3.85 -16.18
C GLY G 34 -4.08 -4.33 -16.81
N GLN G 35 -4.79 -3.46 -17.52
CA GLN G 35 -6.07 -3.89 -18.09
C GLN G 35 -6.54 -3.09 -19.30
N GLN G 36 -7.49 -3.70 -20.01
CA GLN G 36 -8.11 -3.10 -21.20
C GLN G 36 -9.61 -2.94 -20.92
N GLN G 37 -10.12 -1.71 -21.06
CA GLN G 37 -11.54 -1.47 -20.80
C GLN G 37 -12.26 -0.88 -22.01
N SER G 38 -13.40 -1.48 -22.35
CA SER G 38 -14.20 -1.01 -23.48
C SER G 38 -15.66 -0.88 -23.08
N TYR G 39 -16.29 0.21 -23.48
CA TYR G 39 -17.70 0.42 -23.18
C TYR G 39 -18.50 0.51 -24.47
N ASN G 40 -19.46 -0.40 -24.63
CA ASN G 40 -20.28 -0.42 -25.83
C ASN G 40 -19.39 -0.48 -27.08
N SER H 2 -6.70 -6.99 -27.50
CA SER H 2 -7.60 -6.71 -26.33
C SER H 2 -7.18 -7.57 -25.15
N TYR H 3 -6.15 -7.13 -24.43
CA TYR H 3 -5.68 -7.90 -23.28
C TYR H 3 -4.96 -7.02 -22.26
N GLY H 4 -4.86 -7.52 -21.04
CA GLY H 4 -4.18 -6.81 -19.97
C GLY H 4 -3.21 -7.75 -19.28
N SER H 5 -2.08 -7.23 -18.83
CA SER H 5 -1.10 -8.08 -18.18
C SER H 5 -0.28 -7.32 -17.15
N SER H 6 0.07 -8.02 -16.08
CA SER H 6 0.88 -7.43 -15.02
C SER H 6 1.82 -8.49 -14.44
N SER H 7 2.99 -8.05 -14.01
CA SER H 7 3.98 -8.97 -13.43
C SER H 7 4.74 -8.31 -12.29
N GLN H 8 5.06 -9.08 -11.27
CA GLN H 8 5.82 -8.56 -10.13
C GLN H 8 6.94 -9.50 -9.75
N SER H 9 8.14 -8.96 -9.53
CA SER H 9 9.28 -9.77 -9.16
C SER H 9 10.00 -9.19 -7.95
N SER H 10 10.35 -10.06 -7.02
CA SER H 10 11.07 -9.63 -5.83
C SER H 10 12.19 -10.61 -5.53
N SER H 11 13.34 -10.09 -5.10
CA SER H 11 14.47 -10.96 -4.79
C SER H 11 15.29 -10.43 -3.61
N TYR H 12 15.75 -11.34 -2.78
CA TYR H 12 16.57 -10.99 -1.62
C TYR H 12 17.88 -11.76 -1.69
N GLY H 13 19.00 -11.09 -1.41
CA GLY H 13 20.29 -11.75 -1.47
C GLY H 13 20.96 -11.88 -0.11
N GLN H 14 21.22 -13.13 0.29
CA GLN H 14 21.89 -13.43 1.57
C GLN H 14 21.43 -12.54 2.72
N PRO H 15 20.16 -12.52 3.02
CA PRO H 15 19.62 -11.69 4.15
C PRO H 15 19.90 -12.29 5.55
N GLN H 16 19.98 -11.40 6.54
CA GLN H 16 20.21 -11.79 7.95
C GLN H 16 21.53 -12.55 8.17
N SER H 17 22.67 -11.91 7.92
CA SER H 17 23.96 -12.58 8.13
C SER H 17 24.79 -11.93 9.26
N GLY H 18 24.28 -10.84 9.85
CA GLY H 18 24.99 -10.17 10.94
C GLY H 18 24.93 -11.01 12.22
N SER H 19 25.84 -10.75 13.17
CA SER H 19 25.85 -11.54 14.41
C SER H 19 25.59 -10.67 15.66
N TYR H 20 25.16 -11.34 16.73
CA TYR H 20 24.86 -10.70 18.01
C TYR H 20 23.88 -9.55 17.85
N SER H 21 22.72 -9.80 17.26
CA SER H 21 21.76 -8.72 17.06
C SER H 21 20.36 -9.24 16.80
N GLN H 22 19.38 -8.33 16.82
CA GLN H 22 18.01 -8.73 16.53
C GLN H 22 17.74 -8.50 15.06
N GLN H 23 17.44 -9.58 14.34
CA GLN H 23 17.18 -9.46 12.92
C GLN H 23 15.87 -10.15 12.54
N PRO H 24 14.78 -9.66 13.05
CA PRO H 24 13.43 -10.19 12.71
C PRO H 24 13.00 -9.71 11.32
N SER H 25 12.38 -10.60 10.55
CA SER H 25 11.95 -10.24 9.20
C SER H 25 10.46 -10.56 8.96
N TYR H 26 9.75 -9.64 8.32
CA TYR H 26 8.32 -9.83 8.02
C TYR H 26 8.04 -9.51 6.54
N GLY H 27 7.32 -10.41 5.85
CA GLY H 27 6.99 -10.18 4.43
C GLY H 27 5.92 -9.10 4.29
N GLY H 28 5.88 -8.40 3.14
CA GLY H 28 4.91 -7.33 2.93
C GLY H 28 3.70 -7.75 2.08
N GLN H 29 3.07 -6.75 1.42
CA GLN H 29 1.87 -6.98 0.61
C GLN H 29 2.08 -6.61 -0.87
N GLN H 30 1.69 -7.54 -1.76
CA GLN H 30 1.77 -7.30 -3.22
C GLN H 30 0.42 -7.66 -3.85
N GLN H 31 -0.06 -6.85 -4.78
CA GLN H 31 -1.33 -7.13 -5.44
C GLN H 31 -1.24 -6.91 -6.94
N SER H 32 -1.39 -7.99 -7.73
CA SER H 32 -1.30 -7.90 -9.18
C SER H 32 -2.66 -8.12 -9.86
N TYR H 33 -3.09 -7.13 -10.66
CA TYR H 33 -4.37 -7.22 -11.38
C TYR H 33 -4.14 -7.21 -12.90
N GLY H 34 -4.59 -8.26 -13.58
CA GLY H 34 -4.46 -8.33 -15.04
C GLY H 34 -5.79 -8.81 -15.61
N GLN H 35 -6.53 -7.93 -16.30
CA GLN H 35 -7.83 -8.35 -16.83
C GLN H 35 -8.35 -7.52 -18.01
N GLN H 36 -9.33 -8.11 -18.69
CA GLN H 36 -9.99 -7.49 -19.84
C GLN H 36 -11.47 -7.32 -19.50
N GLN H 37 -11.98 -6.10 -19.62
CA GLN H 37 -13.39 -5.85 -19.30
C GLN H 37 -14.15 -5.24 -20.47
N SER H 38 -15.30 -5.83 -20.78
CA SER H 38 -16.15 -5.33 -21.87
C SER H 38 -17.60 -5.21 -21.40
N TYR H 39 -18.24 -4.11 -21.79
CA TYR H 39 -19.63 -3.89 -21.41
C TYR H 39 -20.47 -3.79 -22.67
N ASN H 40 -21.45 -4.68 -22.81
CA ASN H 40 -22.31 -4.68 -23.99
C ASN H 40 -21.48 -4.74 -25.26
N SER A 2 5.69 15.08 26.19
CA SER A 2 6.67 14.39 25.32
C SER A 2 5.96 13.37 24.44
N TYR A 3 5.22 13.85 23.44
CA TYR A 3 4.51 12.94 22.56
C TYR A 3 4.25 13.57 21.20
N GLY A 4 3.95 12.71 20.24
CA GLY A 4 3.65 13.16 18.88
C GLY A 4 2.50 12.33 18.30
N SER A 5 1.66 12.95 17.49
CA SER A 5 0.55 12.21 16.92
C SER A 5 0.04 12.82 15.63
N SER A 6 -0.67 12.01 14.84
CA SER A 6 -1.24 12.46 13.59
C SER A 6 -2.54 11.75 13.29
N SER A 7 -3.43 12.40 12.56
CA SER A 7 -4.71 11.80 12.21
C SER A 7 -5.11 12.13 10.77
N GLN A 8 -5.73 11.17 10.10
CA GLN A 8 -6.17 11.38 8.74
C GLN A 8 -7.57 10.80 8.54
N SER A 9 -8.41 11.51 7.79
CA SER A 9 -9.76 11.04 7.54
C SER A 9 -10.22 11.43 6.14
N SER A 10 -11.05 10.58 5.54
CA SER A 10 -11.57 10.84 4.21
C SER A 10 -13.02 10.41 4.12
N SER A 11 -13.82 11.12 3.34
CA SER A 11 -15.23 10.76 3.22
C SER A 11 -15.75 10.98 1.79
N TYR A 12 -16.49 9.99 1.29
CA TYR A 12 -17.07 10.05 -0.04
C TYR A 12 -18.58 9.94 0.06
N GLY A 13 -19.30 10.84 -0.59
CA GLY A 13 -20.76 10.81 -0.54
C GLY A 13 -21.40 10.42 -1.87
N GLN A 14 -22.12 9.30 -1.86
CA GLN A 14 -22.82 8.81 -3.05
C GLN A 14 -21.98 8.93 -4.32
N PRO A 15 -20.82 8.32 -4.36
CA PRO A 15 -19.94 8.35 -5.56
C PRO A 15 -20.44 7.46 -6.71
N GLN A 16 -20.09 7.82 -7.93
CA GLN A 16 -20.46 7.05 -9.13
C GLN A 16 -21.98 6.93 -9.31
N SER A 17 -22.65 8.07 -9.56
CA SER A 17 -24.10 8.04 -9.77
C SER A 17 -24.47 8.38 -11.23
N GLY A 18 -23.47 8.58 -12.08
CA GLY A 18 -23.75 8.90 -13.48
C GLY A 18 -24.34 7.69 -14.20
N SER A 19 -24.96 7.90 -15.36
CA SER A 19 -25.58 6.81 -16.10
C SER A 19 -25.11 6.74 -17.55
N TYR A 20 -25.13 5.51 -18.09
CA TYR A 20 -24.73 5.26 -19.48
C TYR A 20 -23.28 5.63 -19.75
N SER A 21 -22.41 5.54 -18.74
CA SER A 21 -21.00 5.87 -18.98
C SER A 21 -20.08 5.15 -18.01
N GLN A 22 -18.91 4.73 -18.52
CA GLN A 22 -17.94 4.04 -17.67
C GLN A 22 -17.33 5.02 -16.67
N GLN A 23 -17.39 4.67 -15.40
CA GLN A 23 -16.86 5.54 -14.37
C GLN A 23 -16.18 4.73 -13.26
N PRO A 24 -15.10 4.09 -13.58
CA PRO A 24 -14.32 3.28 -12.61
C PRO A 24 -13.62 4.18 -11.58
N SER A 25 -13.34 3.63 -10.40
CA SER A 25 -12.71 4.43 -9.36
C SER A 25 -11.54 3.68 -8.69
N TYR A 26 -10.44 4.40 -8.49
CA TYR A 26 -9.26 3.81 -7.86
C TYR A 26 -8.86 4.61 -6.61
N GLY A 27 -8.55 3.92 -5.51
CA GLY A 27 -8.14 4.59 -4.28
C GLY A 27 -6.68 5.09 -4.40
N GLY A 28 -6.31 6.03 -3.53
CA GLY A 28 -4.96 6.60 -3.57
C GLY A 28 -4.07 6.08 -2.43
N GLN A 29 -3.08 6.90 -2.06
CA GLN A 29 -2.13 6.53 -1.00
C GLN A 29 -2.15 7.51 0.18
N GLN A 30 -2.15 6.97 1.40
CA GLN A 30 -2.11 7.79 2.61
C GLN A 30 -1.06 7.24 3.58
N GLN A 31 -0.26 8.13 4.16
CA GLN A 31 0.78 7.70 5.10
C GLN A 31 0.77 8.58 6.34
N SER A 32 0.51 7.98 7.50
CA SER A 32 0.46 8.74 8.75
C SER A 32 1.58 8.30 9.70
N TYR A 33 2.38 9.27 10.16
CA TYR A 33 3.48 8.98 11.09
C TYR A 33 3.26 9.71 12.41
N GLY A 34 3.24 8.96 13.50
CA GLY A 34 3.07 9.56 14.83
C GLY A 34 4.07 8.92 15.79
N GLN A 35 5.13 9.64 16.16
CA GLN A 35 6.12 9.04 17.03
C GLN A 35 6.96 10.03 17.83
N GLN A 36 7.60 9.49 18.86
CA GLN A 36 8.48 10.27 19.74
C GLN A 36 9.85 9.59 19.79
N GLN A 37 10.92 10.34 19.55
CA GLN A 37 12.25 9.75 19.54
C GLN A 37 13.20 10.47 20.49
N SER A 38 14.02 9.69 21.20
CA SER A 38 14.99 10.26 22.13
C SER A 38 16.33 9.54 22.01
N TYR A 39 17.32 10.23 21.46
CA TYR A 39 18.65 9.65 21.30
C TYR A 39 19.24 9.33 22.68
N ASN A 40 19.21 10.32 23.56
CA ASN A 40 19.73 10.13 24.92
C ASN A 40 18.74 10.64 25.96
N SER B 2 5.66 10.25 27.08
CA SER B 2 6.62 9.56 26.17
C SER B 2 5.86 8.55 25.31
N TYR B 3 5.10 9.04 24.34
CA TYR B 3 4.34 8.15 23.48
C TYR B 3 4.04 8.77 22.13
N GLY B 4 3.68 7.93 21.19
CA GLY B 4 3.34 8.37 19.85
C GLY B 4 2.17 7.57 19.31
N SER B 5 1.31 8.18 18.52
CA SER B 5 0.17 7.46 17.99
C SER B 5 -0.39 8.07 16.72
N SER B 6 -1.12 7.27 15.96
CA SER B 6 -1.73 7.75 14.73
C SER B 6 -3.05 7.04 14.47
N SER B 7 -3.96 7.71 13.77
CA SER B 7 -5.25 7.12 13.47
C SER B 7 -5.70 7.46 12.05
N GLN B 8 -6.36 6.51 11.41
CA GLN B 8 -6.85 6.73 10.05
C GLN B 8 -8.26 6.16 9.90
N SER B 9 -9.12 6.89 9.19
CA SER B 9 -10.48 6.42 8.98
C SER B 9 -10.98 6.83 7.60
N SER B 10 -11.83 5.99 7.03
CA SER B 10 -12.41 6.27 5.71
C SER B 10 -13.87 5.84 5.68
N SER B 11 -14.70 6.58 4.94
CA SER B 11 -16.10 6.24 4.86
C SER B 11 -16.67 6.45 3.45
N TYR B 12 -17.44 5.47 2.98
CA TYR B 12 -18.06 5.55 1.66
C TYR B 12 -19.58 5.45 1.81
N GLY B 13 -20.31 6.36 1.20
CA GLY B 13 -21.76 6.34 1.30
C GLY B 13 -22.45 5.96 -0.01
N GLN B 14 -23.18 4.86 0.02
CA GLN B 14 -23.93 4.38 -1.14
C GLN B 14 -23.13 4.49 -2.45
N PRO B 15 -21.99 3.86 -2.52
CA PRO B 15 -21.14 3.89 -3.76
C PRO B 15 -21.70 3.01 -4.89
N GLN B 16 -21.38 3.37 -6.13
CA GLN B 16 -21.81 2.61 -7.30
C GLN B 16 -23.33 2.51 -7.43
N SER B 17 -23.99 3.64 -7.66
CA SER B 17 -25.45 3.64 -7.82
C SER B 17 -25.87 3.97 -9.25
N GLY B 18 -24.90 4.19 -10.14
CA GLY B 18 -25.23 4.51 -11.54
C GLY B 18 -25.86 3.30 -12.22
N SER B 19 -26.51 3.53 -13.37
CA SER B 19 -27.17 2.43 -14.09
C SER B 19 -26.75 2.35 -15.56
N TYR B 20 -26.82 1.15 -16.10
CA TYR B 20 -26.46 0.89 -17.50
C TYR B 20 -25.02 1.24 -17.82
N SER B 21 -24.12 1.12 -16.85
CA SER B 21 -22.72 1.43 -17.14
C SER B 21 -21.77 0.70 -16.21
N GLN B 22 -20.62 0.30 -16.74
CA GLN B 22 -19.62 -0.40 -15.94
C GLN B 22 -18.96 0.57 -14.97
N GLN B 23 -18.99 0.21 -13.70
CA GLN B 23 -18.41 1.07 -12.68
C GLN B 23 -17.70 0.25 -11.60
N PRO B 24 -16.63 -0.40 -11.96
CA PRO B 24 -15.83 -1.22 -11.01
C PRO B 24 -15.09 -0.34 -10.01
N SER B 25 -14.77 -0.88 -8.83
CA SER B 25 -14.09 -0.09 -7.81
C SER B 25 -12.92 -0.85 -7.20
N TYR B 26 -11.79 -0.16 -7.03
CA TYR B 26 -10.60 -0.76 -6.44
C TYR B 26 -10.14 0.04 -5.21
N GLY B 27 -9.81 -0.67 -4.13
CA GLY B 27 -9.35 0.00 -2.91
C GLY B 27 -7.90 0.48 -3.07
N GLY B 28 -7.48 1.42 -2.22
CA GLY B 28 -6.13 1.96 -2.30
C GLY B 28 -5.20 1.44 -1.19
N GLN B 29 -4.18 2.24 -0.85
CA GLN B 29 -3.20 1.86 0.17
C GLN B 29 -3.17 2.84 1.35
N GLN B 30 -3.14 2.29 2.56
CA GLN B 30 -3.05 3.11 3.78
C GLN B 30 -1.96 2.54 4.70
N GLN B 31 -1.14 3.42 5.25
CA GLN B 31 -0.06 2.99 6.16
C GLN B 31 -0.02 3.87 7.41
N SER B 32 -0.25 3.26 8.57
CA SER B 32 -0.24 4.01 9.83
C SER B 32 0.90 3.56 10.74
N TYR B 33 1.73 4.51 11.16
CA TYR B 33 2.86 4.22 12.05
C TYR B 33 2.69 4.94 13.38
N GLY B 34 2.70 4.19 14.48
CA GLY B 34 2.59 4.79 15.81
C GLY B 34 3.62 4.14 16.73
N GLN B 35 4.69 4.86 17.07
CA GLN B 35 5.71 4.24 17.90
C GLN B 35 6.58 5.22 18.67
N GLN B 36 7.26 4.67 19.68
CA GLN B 36 8.17 5.43 20.53
C GLN B 36 9.53 4.73 20.52
N GLN B 37 10.61 5.48 20.24
CA GLN B 37 11.93 4.87 20.19
C GLN B 37 12.92 5.58 21.10
N SER B 38 13.75 4.79 21.79
CA SER B 38 14.76 5.34 22.68
C SER B 38 16.09 4.61 22.51
N TYR B 39 17.07 5.30 21.93
CA TYR B 39 18.38 4.70 21.72
C TYR B 39 19.02 4.38 23.08
N ASN B 40 19.03 5.36 23.96
CA ASN B 40 19.61 5.16 25.29
C ASN B 40 18.65 5.67 26.37
N SER C 2 5.60 5.39 27.98
CA SER C 2 6.52 4.70 27.03
C SER C 2 5.71 3.70 26.20
N TYR C 3 4.94 4.22 25.26
CA TYR C 3 4.13 3.33 24.42
C TYR C 3 3.80 3.96 23.08
N GLY C 4 3.40 3.12 22.14
CA GLY C 4 3.02 3.58 20.82
C GLY C 4 1.82 2.78 20.32
N SER C 5 0.93 3.42 19.57
CA SER C 5 -0.24 2.69 19.08
C SER C 5 -0.83 3.33 17.83
N SER C 6 -1.60 2.53 17.10
CA SER C 6 -2.25 3.02 15.88
C SER C 6 -3.58 2.33 15.67
N SER C 7 -4.50 3.01 15.00
CA SER C 7 -5.82 2.43 14.75
C SER C 7 -6.30 2.78 13.35
N GLN C 8 -6.99 1.84 12.72
CA GLN C 8 -7.54 2.07 11.38
C GLN C 8 -8.96 1.52 11.28
N SER C 9 -9.82 2.25 10.61
CA SER C 9 -11.21 1.80 10.44
C SER C 9 -11.75 2.22 9.08
N SER C 10 -12.63 1.39 8.54
CA SER C 10 -13.24 1.68 7.24
C SER C 10 -14.71 1.27 7.26
N SER C 11 -15.55 2.01 6.55
CA SER C 11 -16.97 1.69 6.51
C SER C 11 -17.57 1.91 5.14
N TYR C 12 -18.37 0.95 4.69
CA TYR C 12 -19.05 1.03 3.39
C TYR C 12 -20.55 0.95 3.60
N GLY C 13 -21.31 1.88 3.00
CA GLY C 13 -22.76 1.87 3.16
C GLY C 13 -23.48 1.50 1.88
N GLN C 14 -24.23 0.40 1.92
CA GLN C 14 -25.02 -0.07 0.79
C GLN C 14 -24.27 0.03 -0.55
N PRO C 15 -23.14 -0.59 -0.66
CA PRO C 15 -22.33 -0.57 -1.93
C PRO C 15 -22.93 -1.45 -3.04
N GLN C 16 -22.66 -1.07 -4.29
CA GLN C 16 -23.14 -1.83 -5.45
C GLN C 16 -24.67 -1.92 -5.52
N SER C 17 -25.33 -0.78 -5.72
CA SER C 17 -26.79 -0.76 -5.83
C SER C 17 -27.25 -0.42 -7.24
N GLY C 18 -26.31 -0.20 -8.17
CA GLY C 18 -26.67 0.12 -9.56
C GLY C 18 -27.34 -1.08 -10.22
N SER C 19 -28.04 -0.84 -11.34
CA SER C 19 -28.74 -1.93 -12.04
C SER C 19 -28.37 -2.00 -13.51
N TYR C 20 -28.46 -3.21 -14.06
CA TYR C 20 -28.17 -3.46 -15.47
C TYR C 20 -26.73 -3.13 -15.85
N SER C 21 -25.79 -3.26 -14.91
CA SER C 21 -24.40 -2.97 -15.25
C SER C 21 -23.42 -3.70 -14.35
N GLN C 22 -22.30 -4.13 -14.93
CA GLN C 22 -21.29 -4.84 -14.16
C GLN C 22 -20.59 -3.87 -13.22
N GLN C 23 -20.57 -4.23 -11.94
CA GLN C 23 -19.95 -3.38 -10.94
C GLN C 23 -19.21 -4.21 -9.89
N PRO C 24 -18.15 -4.87 -10.30
CA PRO C 24 -17.33 -5.70 -9.38
C PRO C 24 -16.54 -4.82 -8.40
N SER C 25 -16.19 -5.38 -7.24
CA SER C 25 -15.47 -4.60 -6.24
C SER C 25 -14.28 -5.38 -5.66
N TYR C 26 -13.14 -4.70 -5.54
CA TYR C 26 -11.93 -5.31 -4.99
C TYR C 26 -11.43 -4.53 -3.78
N GLY C 27 -11.07 -5.24 -2.71
CA GLY C 27 -10.55 -4.59 -1.50
C GLY C 27 -9.10 -4.11 -1.71
N GLY C 28 -8.65 -3.19 -0.88
CA GLY C 28 -7.29 -2.64 -1.01
C GLY C 28 -6.34 -3.18 0.07
N GLN C 29 -5.30 -2.40 0.38
CA GLN C 29 -4.29 -2.79 1.36
C GLN C 29 -4.21 -1.82 2.54
N GLN C 30 -4.13 -2.37 3.76
CA GLN C 30 -3.99 -1.57 4.97
C GLN C 30 -2.88 -2.13 5.85
N GLN C 31 -2.02 -1.27 6.38
CA GLN C 31 -0.93 -1.73 7.25
C GLN C 31 -0.83 -0.84 8.49
N SER C 32 -1.02 -1.46 9.65
CA SER C 32 -0.97 -0.72 10.91
C SER C 32 0.21 -1.18 11.78
N TYR C 33 1.06 -0.23 12.18
CA TYR C 33 2.21 -0.55 13.04
C TYR C 33 2.09 0.19 14.37
N GLY C 34 2.14 -0.58 15.46
CA GLY C 34 2.08 0.02 16.80
C GLY C 34 3.13 -0.65 17.68
N GLN C 35 4.22 0.06 17.98
CA GLN C 35 5.27 -0.58 18.77
C GLN C 35 6.19 0.40 19.52
N GLN C 36 6.88 -0.17 20.51
CA GLN C 36 7.83 0.57 21.32
C GLN C 36 9.19 -0.13 21.26
N GLN C 37 10.25 0.60 20.96
CA GLN C 37 11.57 -0.01 20.85
C GLN C 37 12.60 0.68 21.73
N SER C 38 13.45 -0.12 22.38
CA SER C 38 14.49 0.41 23.25
C SER C 38 15.80 -0.32 23.02
N TYR C 39 16.77 0.37 22.41
CA TYR C 39 18.07 -0.25 22.16
C TYR C 39 18.75 -0.59 23.49
N ASN C 40 18.81 0.40 24.38
CA ASN C 40 19.43 0.18 25.68
C ASN C 40 18.52 0.70 26.80
N SER D 2 5.52 0.55 28.83
CA SER D 2 6.38 -0.14 27.85
C SER D 2 5.55 -1.13 27.04
N TYR D 3 4.73 -0.61 26.13
CA TYR D 3 3.90 -1.49 25.32
C TYR D 3 3.51 -0.84 23.99
N GLY D 4 3.08 -1.68 23.07
CA GLY D 4 2.65 -1.22 21.76
C GLY D 4 1.43 -2.01 21.31
N SER D 5 0.53 -1.36 20.59
CA SER D 5 -0.67 -2.07 20.13
C SER D 5 -1.29 -1.42 18.90
N SER D 6 -2.10 -2.20 18.19
CA SER D 6 -2.78 -1.71 17.02
C SER D 6 -4.13 -2.39 16.85
N SER D 7 -5.07 -1.70 16.21
CA SER D 7 -6.39 -2.25 16.00
C SER D 7 -6.93 -1.89 14.62
N GLN D 8 -7.65 -2.83 14.02
CA GLN D 8 -8.23 -2.60 12.70
C GLN D 8 -9.67 -3.13 12.65
N SER D 9 -10.55 -2.38 12.01
CA SER D 9 -11.94 -2.81 11.88
C SER D 9 -12.52 -2.38 10.54
N SER D 10 -13.43 -3.20 10.03
CA SER D 10 -14.08 -2.90 8.76
C SER D 10 -15.56 -3.30 8.83
N SER D 11 -16.42 -2.54 8.15
CA SER D 11 -17.84 -2.85 8.17
C SER D 11 -18.48 -2.62 6.81
N TYR D 12 -19.31 -3.58 6.38
CA TYR D 12 -20.02 -3.47 5.11
C TYR D 12 -21.53 -3.55 5.37
N GLY D 13 -22.28 -2.62 4.80
CA GLY D 13 -23.73 -2.62 5.01
C GLY D 13 -24.51 -2.96 3.75
N GLN D 14 -25.26 -4.06 3.83
CA GLN D 14 -26.10 -4.51 2.71
C GLN D 14 -25.40 -4.41 1.36
N PRO D 15 -24.26 -5.05 1.20
CA PRO D 15 -23.51 -5.03 -0.09
C PRO D 15 -24.16 -5.89 -1.19
N GLN D 16 -23.92 -5.52 -2.44
CA GLN D 16 -24.45 -6.27 -3.59
C GLN D 16 -25.97 -6.33 -3.61
N SER D 17 -26.64 -5.19 -3.78
CA SER D 17 -28.10 -5.17 -3.83
C SER D 17 -28.61 -4.82 -5.24
N GLY D 18 -27.70 -4.61 -6.19
CA GLY D 18 -28.11 -4.27 -7.56
C GLY D 18 -28.82 -5.46 -8.21
N SER D 19 -29.54 -5.21 -9.30
CA SER D 19 -30.28 -6.28 -9.98
C SER D 19 -29.96 -6.35 -11.47
N TYR D 20 -30.09 -7.56 -12.02
CA TYR D 20 -29.85 -7.82 -13.45
C TYR D 20 -28.42 -7.49 -13.87
N SER D 21 -27.45 -7.65 -12.97
CA SER D 21 -26.08 -7.37 -13.35
C SER D 21 -25.08 -8.13 -12.49
N GLN D 22 -23.96 -8.52 -13.11
CA GLN D 22 -22.94 -9.25 -12.38
C GLN D 22 -22.19 -8.29 -11.45
N GLN D 23 -22.13 -8.66 -10.18
CA GLN D 23 -21.47 -7.82 -9.19
C GLN D 23 -20.70 -8.67 -8.18
N PRO D 24 -19.67 -9.33 -8.61
CA PRO D 24 -18.81 -10.18 -7.74
C PRO D 24 -17.99 -9.31 -6.78
N SER D 25 -17.61 -9.88 -5.64
CA SER D 25 -16.84 -9.11 -4.66
C SER D 25 -15.64 -9.90 -4.14
N TYR D 26 -14.50 -9.22 -4.04
CA TYR D 26 -13.27 -9.85 -3.54
C TYR D 26 -12.72 -9.08 -2.33
N GLY D 27 -12.32 -9.80 -1.29
CA GLY D 27 -11.76 -9.16 -0.10
C GLY D 27 -10.32 -8.70 -0.36
N GLY D 28 -9.82 -7.78 0.47
CA GLY D 28 -8.46 -7.26 0.30
C GLY D 28 -7.48 -7.81 1.34
N GLN D 29 -6.42 -7.03 1.60
CA GLN D 29 -5.38 -7.44 2.56
C GLN D 29 -5.26 -6.47 3.73
N GLN D 30 -5.14 -7.03 4.94
CA GLN D 30 -4.94 -6.22 6.15
C GLN D 30 -3.81 -6.81 6.99
N GLN D 31 -2.93 -5.96 7.49
CA GLN D 31 -1.82 -6.42 8.31
C GLN D 31 -1.66 -5.55 9.56
N SER D 32 -1.82 -6.17 10.73
CA SER D 32 -1.71 -5.43 11.99
C SER D 32 -0.51 -5.91 12.81
N TYR D 33 0.37 -4.98 13.18
CA TYR D 33 1.54 -5.30 13.99
C TYR D 33 1.48 -4.58 15.34
N GLY D 34 1.56 -5.34 16.43
CA GLY D 34 1.55 -4.75 17.76
C GLY D 34 2.62 -5.43 18.60
N GLN D 35 3.73 -4.74 18.88
CA GLN D 35 4.80 -5.39 19.64
C GLN D 35 5.74 -4.42 20.35
N GLN D 36 6.47 -4.99 21.31
CA GLN D 36 7.46 -4.26 22.09
C GLN D 36 8.80 -4.98 21.98
N GLN D 37 9.87 -4.25 21.63
CA GLN D 37 11.17 -4.88 21.47
C GLN D 37 12.23 -4.20 22.33
N SER D 38 13.10 -5.01 22.94
CA SER D 38 14.18 -4.49 23.77
C SER D 38 15.48 -5.23 23.50
N TYR D 39 16.43 -4.56 22.85
CA TYR D 39 17.71 -5.19 22.56
C TYR D 39 18.44 -5.53 23.85
N ASN D 40 18.54 -4.56 24.75
CA ASN D 40 19.20 -4.79 26.03
C ASN D 40 18.33 -4.27 27.17
N SER E 2 -0.29 5.88 -31.17
CA SER E 2 -1.41 6.13 -30.22
C SER E 2 -1.13 5.36 -28.92
N TYR E 3 -0.19 5.85 -28.13
CA TYR E 3 0.13 5.19 -26.88
C TYR E 3 0.75 6.15 -25.88
N GLY E 4 0.73 5.74 -24.63
CA GLY E 4 1.30 6.54 -23.55
C GLY E 4 2.02 5.64 -22.56
N SER E 5 3.11 6.11 -21.97
CA SER E 5 3.84 5.27 -21.02
C SER E 5 4.67 6.10 -20.06
N SER E 6 5.01 5.47 -18.93
CA SER E 6 5.82 6.14 -17.92
C SER E 6 6.71 5.12 -17.20
N SER E 7 7.85 5.59 -16.70
CA SER E 7 8.77 4.70 -16.00
C SER E 7 9.38 5.40 -14.79
N GLN E 8 9.58 4.64 -13.72
CA GLN E 8 10.19 5.20 -12.51
C GLN E 8 11.21 4.22 -11.94
N SER E 9 12.33 4.75 -11.46
CA SER E 9 13.35 3.91 -10.87
C SER E 9 14.05 4.62 -9.72
N SER E 10 14.48 3.83 -8.73
CA SER E 10 15.17 4.38 -7.56
C SER E 10 16.30 3.45 -7.15
N SER E 11 17.39 4.01 -6.65
CA SER E 11 18.52 3.19 -6.23
C SER E 11 19.18 3.74 -4.96
N TYR E 12 19.47 2.83 -4.02
CA TYR E 12 20.12 3.20 -2.77
C TYR E 12 21.42 2.42 -2.64
N GLY E 13 22.51 3.12 -2.34
CA GLY E 13 23.81 2.45 -2.21
C GLY E 13 24.31 2.43 -0.77
N GLN E 14 24.48 1.22 -0.24
CA GLN E 14 25.00 1.02 1.11
C GLN E 14 24.39 2.00 2.13
N PRO E 15 23.10 2.02 2.27
CA PRO E 15 22.40 2.92 3.25
C PRO E 15 22.57 2.47 4.71
N GLN E 16 22.51 3.43 5.63
CA GLN E 16 22.61 3.14 7.07
C GLN E 16 23.94 2.48 7.46
N SER E 17 25.04 3.22 7.30
CA SER E 17 26.36 2.67 7.66
C SER E 17 26.95 3.39 8.88
N GLY E 18 26.21 4.34 9.46
CA GLY E 18 26.71 5.06 10.63
C GLY E 18 26.78 4.13 11.84
N SER E 19 27.52 4.54 12.88
CA SER E 19 27.67 3.70 14.07
C SER E 19 27.33 4.44 15.35
N TYR E 20 26.87 3.69 16.35
CA TYR E 20 26.51 4.22 17.66
C TYR E 20 25.38 5.25 17.59
N SER E 21 24.49 5.14 16.62
CA SER E 21 23.39 6.08 16.53
C SER E 21 22.17 5.49 15.85
N GLN E 22 20.97 5.87 16.33
CA GLN E 22 19.75 5.37 15.74
C GLN E 22 19.53 6.00 14.37
N GLN E 23 19.34 5.16 13.37
CA GLN E 23 19.15 5.65 12.02
C GLN E 23 18.10 4.82 11.28
N PRO E 24 16.87 4.90 11.70
CA PRO E 24 15.74 4.17 11.06
C PRO E 24 15.43 4.75 9.68
N SER E 25 14.84 3.94 8.80
CA SER E 25 14.53 4.41 7.45
C SER E 25 13.11 4.03 7.03
N TYR E 26 12.41 4.99 6.42
CA TYR E 26 11.05 4.75 5.96
C TYR E 26 10.93 5.04 4.46
N GLY E 27 10.26 4.15 3.72
CA GLY E 27 10.07 4.35 2.28
C GLY E 27 9.00 5.41 2.02
N GLY E 28 9.00 5.97 0.80
CA GLY E 28 8.03 7.01 0.45
C GLY E 28 6.92 6.49 -0.48
N GLN E 29 6.34 7.41 -1.26
CA GLN E 29 5.25 7.07 -2.17
C GLN E 29 5.61 7.36 -3.64
N GLN E 30 5.26 6.42 -4.53
CA GLN E 30 5.49 6.58 -5.96
C GLN E 30 4.22 6.19 -6.73
N GLN E 31 3.83 7.00 -7.72
CA GLN E 31 2.65 6.70 -8.52
C GLN E 31 2.93 6.89 -10.00
N SER E 32 2.81 5.81 -10.76
CA SER E 32 3.07 5.87 -12.20
C SER E 32 1.81 5.59 -13.01
N TYR E 33 1.46 6.52 -13.91
CA TYR E 33 0.28 6.36 -14.77
C TYR E 33 0.69 6.30 -16.24
N GLY E 34 0.30 5.24 -16.92
CA GLY E 34 0.59 5.11 -18.35
C GLY E 34 -0.65 4.61 -19.06
N GLN E 35 -1.32 5.48 -19.82
CA GLN E 35 -2.55 5.04 -20.47
C GLN E 35 -2.94 5.87 -21.70
N GLN E 36 -3.83 5.28 -22.49
CA GLN E 36 -4.35 5.90 -23.70
C GLN E 36 -5.88 5.91 -23.62
N GLN E 37 -6.49 7.06 -23.83
CA GLN E 37 -7.96 7.17 -23.74
C GLN E 37 -8.57 7.75 -25.00
N SER E 38 -9.70 7.17 -25.42
CA SER E 38 -10.40 7.64 -26.60
C SER E 38 -11.91 7.68 -26.36
N TYR E 39 -12.46 8.90 -26.25
CA TYR E 39 -13.88 9.04 -26.03
C TYR E 39 -14.67 8.47 -27.21
N ASN E 40 -14.28 8.88 -28.42
CA ASN E 40 -14.95 8.38 -29.62
C ASN E 40 -13.93 7.94 -30.66
N SER F 2 -2.40 1.60 -30.03
CA SER F 2 -3.49 1.84 -29.03
C SER F 2 -3.17 1.05 -27.76
N TYR F 3 -2.19 1.54 -27.00
CA TYR F 3 -1.83 0.86 -25.77
C TYR F 3 -1.18 1.81 -24.76
N GLY F 4 -1.15 1.36 -23.51
CA GLY F 4 -0.55 2.15 -22.44
C GLY F 4 0.20 1.22 -21.50
N SER F 5 1.32 1.68 -20.94
CA SER F 5 2.07 0.83 -20.03
C SER F 5 2.94 1.63 -19.07
N SER F 6 3.31 0.99 -17.97
CA SER F 6 4.15 1.63 -16.98
C SER F 6 5.06 0.61 -16.30
N SER F 7 6.23 1.06 -15.83
CA SER F 7 7.16 0.17 -15.18
C SER F 7 7.82 0.85 -13.98
N GLN F 8 8.06 0.07 -12.93
CA GLN F 8 8.70 0.61 -11.74
C GLN F 8 9.74 -0.38 -11.21
N SER F 9 10.87 0.14 -10.76
CA SER F 9 11.92 -0.71 -10.23
C SER F 9 12.66 -0.02 -9.08
N SER F 10 13.11 -0.83 -8.12
CA SER F 10 13.84 -0.29 -6.97
C SER F 10 14.99 -1.24 -6.61
N SER F 11 16.09 -0.69 -6.14
CA SER F 11 17.23 -1.53 -5.77
C SER F 11 17.94 -1.00 -4.52
N TYR F 12 18.25 -1.91 -3.61
CA TYR F 12 18.95 -1.56 -2.37
C TYR F 12 20.26 -2.35 -2.29
N GLY F 13 21.36 -1.66 -2.01
CA GLY F 13 22.65 -2.34 -1.94
C GLY F 13 23.21 -2.38 -0.52
N GLN F 14 23.39 -3.60 -0.01
CA GLN F 14 23.94 -3.81 1.33
C GLN F 14 23.38 -2.84 2.37
N PRO F 15 22.09 -2.83 2.56
CA PRO F 15 21.44 -1.94 3.57
C PRO F 15 21.65 -2.41 5.01
N GLN F 16 21.62 -1.46 5.95
CA GLN F 16 21.78 -1.77 7.37
C GLN F 16 23.11 -2.43 7.71
N SER F 17 24.22 -1.71 7.52
CA SER F 17 25.53 -2.26 7.84
C SER F 17 26.17 -1.56 9.05
N GLY F 18 25.46 -0.60 9.66
CA GLY F 18 25.99 0.10 10.83
C GLY F 18 26.11 -0.86 12.02
N SER F 19 26.89 -0.47 13.03
CA SER F 19 27.06 -1.33 14.20
C SER F 19 26.77 -0.60 15.51
N TYR F 20 26.35 -1.38 16.51
CA TYR F 20 26.04 -0.85 17.85
C TYR F 20 24.92 0.18 17.83
N SER F 21 23.98 0.07 16.89
CA SER F 21 22.89 1.03 16.85
C SER F 21 21.63 0.46 16.20
N GLN F 22 20.47 0.84 16.73
CA GLN F 22 19.21 0.35 16.18
C GLN F 22 18.96 1.01 14.82
N GLN F 23 18.73 0.18 13.82
CA GLN F 23 18.49 0.68 12.48
C GLN F 23 17.41 -0.12 11.76
N PRO F 24 16.21 -0.04 12.23
CA PRO F 24 15.05 -0.76 11.61
C PRO F 24 14.69 -0.16 10.25
N SER F 25 14.08 -0.95 9.39
CA SER F 25 13.72 -0.45 8.05
C SER F 25 12.28 -0.83 7.68
N TYR F 26 11.56 0.14 7.11
CA TYR F 26 10.18 -0.09 6.68
C TYR F 26 10.02 0.23 5.19
N GLY F 27 9.33 -0.66 4.47
CA GLY F 27 9.09 -0.44 3.03
C GLY F 27 8.01 0.63 2.82
N GLY F 28 7.97 1.21 1.62
CA GLY F 28 6.99 2.27 1.31
C GLY F 28 5.86 1.76 0.42
N GLN F 29 5.25 2.69 -0.34
CA GLN F 29 4.12 2.37 -1.22
C GLN F 29 4.43 2.68 -2.69
N GLN F 30 4.06 1.74 -3.58
CA GLN F 30 4.23 1.93 -5.02
C GLN F 30 2.94 1.56 -5.75
N GLN F 31 2.53 2.38 -6.70
CA GLN F 31 1.31 2.09 -7.47
C GLN F 31 1.55 2.30 -8.96
N SER F 32 1.39 1.23 -9.74
CA SER F 32 1.61 1.31 -11.18
C SER F 32 0.31 1.05 -11.95
N TYR F 33 -0.06 1.99 -12.83
CA TYR F 33 -1.27 1.85 -13.64
C TYR F 33 -0.91 1.80 -15.12
N GLY F 34 -1.33 0.76 -15.80
CA GLY F 34 -1.08 0.63 -17.24
C GLY F 34 -2.36 0.15 -17.92
N GLN F 35 -3.04 1.04 -18.65
CA GLN F 35 -4.30 0.63 -19.27
C GLN F 35 -4.72 1.47 -20.46
N GLN F 36 -5.64 0.89 -21.23
CA GLN F 36 -6.20 1.53 -22.41
C GLN F 36 -7.73 1.54 -22.28
N GLN F 37 -8.34 2.71 -22.46
CA GLN F 37 -9.80 2.80 -22.31
C GLN F 37 -10.46 3.41 -23.54
N SER F 38 -11.60 2.85 -23.93
CA SER F 38 -12.34 3.34 -25.09
C SER F 38 -13.83 3.39 -24.78
N TYR F 39 -14.37 4.60 -24.66
CA TYR F 39 -15.79 4.75 -24.38
C TYR F 39 -16.61 4.19 -25.55
N ASN F 40 -16.28 4.64 -26.75
CA ASN F 40 -16.98 4.15 -27.94
C ASN F 40 -15.99 3.71 -29.01
N SER G 2 -4.51 -2.69 -28.85
CA SER G 2 -5.55 -2.47 -27.82
C SER G 2 -5.20 -3.27 -26.56
N TYR G 3 -4.20 -2.80 -25.83
CA TYR G 3 -3.80 -3.49 -24.62
C TYR G 3 -3.10 -2.56 -23.63
N GLY G 4 -3.04 -3.02 -22.39
CA GLY G 4 -2.38 -2.26 -21.33
C GLY G 4 -1.61 -3.20 -20.42
N SER G 5 -0.48 -2.75 -19.90
CA SER G 5 0.30 -3.61 -19.02
C SER G 5 1.20 -2.83 -18.08
N SER G 6 1.61 -3.49 -17.00
CA SER G 6 2.50 -2.87 -16.03
C SER G 6 3.42 -3.90 -15.41
N SER G 7 4.59 -3.46 -14.97
CA SER G 7 5.55 -4.37 -14.36
C SER G 7 6.25 -3.71 -13.18
N GLN G 8 6.52 -4.50 -12.14
CA GLN G 8 7.20 -3.99 -10.96
C GLN G 8 8.25 -4.98 -10.48
N SER G 9 9.40 -4.47 -10.07
CA SER G 9 10.47 -5.35 -9.58
C SER G 9 11.25 -4.67 -8.45
N SER G 10 11.72 -5.49 -7.52
CA SER G 10 12.51 -4.97 -6.39
C SER G 10 13.65 -5.93 -6.08
N SER G 11 14.78 -5.39 -5.64
CA SER G 11 15.92 -6.24 -5.32
C SER G 11 16.67 -5.73 -4.09
N TYR G 12 17.00 -6.66 -3.18
CA TYR G 12 17.75 -6.33 -1.98
C TYR G 12 19.06 -7.13 -1.95
N GLY G 13 20.17 -6.44 -1.72
CA GLY G 13 21.46 -7.13 -1.69
C GLY G 13 22.07 -7.19 -0.29
N GLN G 14 22.25 -8.42 0.21
CA GLN G 14 22.85 -8.65 1.52
C GLN G 14 22.33 -7.69 2.59
N PRO G 15 21.05 -7.67 2.83
CA PRO G 15 20.44 -6.79 3.86
C PRO G 15 20.69 -7.28 5.30
N GLN G 16 20.71 -6.34 6.25
CA GLN G 16 20.90 -6.67 7.67
C GLN G 16 22.25 -7.36 7.95
N SER G 17 23.35 -6.63 7.73
CA SER G 17 24.67 -7.19 7.99
C SER G 17 25.35 -6.51 9.19
N GLY G 18 24.67 -5.57 9.83
CA GLY G 18 25.25 -4.88 10.99
C GLY G 18 25.39 -5.85 12.16
N SER G 19 26.21 -5.48 13.15
CA SER G 19 26.43 -6.36 14.31
C SER G 19 26.19 -5.64 15.64
N TYR G 20 25.79 -6.42 16.64
CA TYR G 20 25.53 -5.91 17.99
C TYR G 20 24.41 -4.88 18.02
N SER G 21 23.44 -4.97 17.12
CA SER G 21 22.35 -4.01 17.14
C SER G 21 21.07 -4.57 16.52
N GLN G 22 19.93 -4.19 17.09
CA GLN G 22 18.65 -4.66 16.57
C GLN G 22 18.35 -3.99 15.24
N GLN G 23 18.09 -4.80 14.23
CA GLN G 23 17.81 -4.27 12.90
C GLN G 23 16.71 -5.06 12.21
N PRO G 24 15.51 -4.99 12.72
CA PRO G 24 14.33 -5.68 12.14
C PRO G 24 13.93 -5.06 10.80
N SER G 25 13.28 -5.84 9.94
CA SER G 25 12.88 -5.32 8.64
C SER G 25 11.43 -5.69 8.29
N TYR G 26 10.70 -4.71 7.77
CA TYR G 26 9.30 -4.92 7.38
C TYR G 26 9.09 -4.59 5.90
N GLY G 27 8.37 -5.46 5.19
CA GLY G 27 8.09 -5.21 3.76
C GLY G 27 7.01 -4.14 3.60
N GLY G 28 6.92 -3.55 2.42
CA GLY G 28 5.95 -2.49 2.15
C GLY G 28 4.78 -2.97 1.29
N GLN G 29 4.16 -2.03 0.57
CA GLN G 29 3.00 -2.33 -0.28
C GLN G 29 3.25 -2.01 -1.76
N GLN G 30 2.85 -2.92 -2.63
CA GLN G 30 2.97 -2.72 -4.08
C GLN G 30 1.66 -3.08 -4.77
N GLN G 31 1.21 -2.24 -5.70
CA GLN G 31 -0.03 -2.51 -6.43
C GLN G 31 0.16 -2.28 -7.92
N SER G 32 -0.03 -3.35 -8.71
CA SER G 32 0.14 -3.24 -10.16
C SER G 32 -1.18 -3.49 -10.89
N TYR G 33 -1.58 -2.53 -11.73
CA TYR G 33 -2.81 -2.66 -12.51
C TYR G 33 -2.51 -2.69 -14.00
N GLY G 34 -2.96 -3.73 -14.69
CA GLY G 34 -2.75 -3.84 -16.13
C GLY G 34 -4.06 -4.30 -16.78
N GLN G 35 -4.76 -3.39 -17.46
CA GLN G 35 -6.04 -3.79 -18.05
C GLN G 35 -6.50 -2.93 -19.22
N GLN G 36 -7.45 -3.50 -19.96
CA GLN G 36 -8.05 -2.84 -21.12
C GLN G 36 -9.56 -2.82 -20.93
N GLN G 37 -10.18 -1.65 -21.07
CA GLN G 37 -11.63 -1.55 -20.88
C GLN G 37 -12.33 -0.92 -22.08
N SER G 38 -13.49 -1.48 -22.43
CA SER G 38 -14.27 -0.96 -23.56
C SER G 38 -15.74 -0.91 -23.20
N TYR G 39 -16.27 0.30 -23.05
CA TYR G 39 -17.68 0.45 -22.71
C TYR G 39 -18.55 -0.08 -23.86
N ASN G 40 -18.25 0.36 -25.07
CA ASN G 40 -18.99 -0.09 -26.24
C ASN G 40 -18.04 -0.52 -27.35
N SER H 2 -6.61 -6.95 -27.64
CA SER H 2 -7.61 -6.74 -26.57
C SER H 2 -7.22 -7.55 -25.34
N TYR H 3 -6.19 -7.10 -24.63
CA TYR H 3 -5.75 -7.82 -23.44
C TYR H 3 -5.02 -6.92 -22.46
N GLY H 4 -4.92 -7.38 -21.22
CA GLY H 4 -4.23 -6.64 -20.19
C GLY H 4 -3.43 -7.61 -19.31
N SER H 5 -2.28 -7.18 -18.82
CA SER H 5 -1.47 -8.05 -17.98
C SER H 5 -0.54 -7.28 -17.06
N SER H 6 -0.09 -7.96 -16.01
CA SER H 6 0.82 -7.34 -15.06
C SER H 6 1.76 -8.39 -14.48
N SER H 7 2.95 -7.97 -14.08
CA SER H 7 3.93 -8.89 -13.51
C SER H 7 4.67 -8.25 -12.34
N GLN H 8 4.96 -9.06 -11.32
CA GLN H 8 5.69 -8.56 -10.17
C GLN H 8 6.76 -9.57 -9.74
N SER H 9 7.91 -9.07 -9.35
CA SER H 9 9.00 -9.96 -8.92
C SER H 9 9.81 -9.30 -7.80
N SER H 10 10.32 -10.13 -6.89
CA SER H 10 11.14 -9.64 -5.80
C SER H 10 12.29 -10.60 -5.53
N SER H 11 13.44 -10.07 -5.13
CA SER H 11 14.59 -10.94 -4.85
C SER H 11 15.38 -10.45 -3.64
N TYR H 12 15.74 -11.39 -2.76
CA TYR H 12 16.53 -11.08 -1.57
C TYR H 12 17.82 -11.89 -1.61
N GLY H 13 18.96 -11.21 -1.40
CA GLY H 13 20.24 -11.90 -1.42
C GLY H 13 20.89 -11.99 -0.05
N GLN H 14 21.09 -13.23 0.41
CA GLN H 14 21.74 -13.47 1.70
C GLN H 14 21.25 -12.53 2.81
N PRO H 15 19.98 -12.51 3.08
CA PRO H 15 19.40 -11.63 4.16
C PRO H 15 19.72 -12.14 5.58
N GLN H 16 19.76 -11.22 6.54
CA GLN H 16 20.00 -11.56 7.94
C GLN H 16 21.35 -12.25 8.17
N SER H 17 22.45 -11.54 7.92
CA SER H 17 23.78 -12.12 8.14
C SER H 17 24.50 -11.46 9.32
N GLY H 18 23.84 -10.52 10.00
CA GLY H 18 24.46 -9.84 11.14
C GLY H 18 24.65 -10.83 12.31
N SER H 19 25.49 -10.48 13.27
CA SER H 19 25.74 -11.37 14.40
C SER H 19 25.55 -10.67 15.76
N TYR H 20 25.19 -11.47 16.76
CA TYR H 20 24.98 -10.98 18.13
C TYR H 20 23.87 -9.94 18.20
N SER H 21 22.86 -10.03 17.34
CA SER H 21 21.78 -9.06 17.42
C SER H 21 20.48 -9.62 16.84
N GLN H 22 19.36 -9.21 17.43
CA GLN H 22 18.07 -9.67 16.95
C GLN H 22 17.73 -8.97 15.64
N GLN H 23 17.41 -9.77 14.63
CA GLN H 23 17.10 -9.23 13.32
C GLN H 23 15.96 -10.00 12.65
N PRO H 24 14.79 -9.93 13.21
CA PRO H 24 13.59 -10.61 12.66
C PRO H 24 13.14 -9.96 11.35
N SER H 25 12.45 -10.73 10.50
CA SER H 25 12.02 -10.20 9.20
C SER H 25 10.56 -10.55 8.92
N TYR H 26 9.82 -9.57 8.42
CA TYR H 26 8.40 -9.77 8.09
C TYR H 26 8.15 -9.41 6.62
N GLY H 27 7.39 -10.26 5.91
CA GLY H 27 7.07 -10.00 4.51
C GLY H 27 6.00 -8.91 4.40
N GLY H 28 5.87 -8.31 3.22
CA GLY H 28 4.89 -7.24 3.00
C GLY H 28 3.68 -7.71 2.17
N GLN H 29 3.06 -6.74 1.49
CA GLN H 29 1.86 -7.04 0.68
C GLN H 29 2.07 -6.69 -0.80
N GLN H 30 1.62 -7.60 -1.68
CA GLN H 30 1.71 -7.37 -3.13
C GLN H 30 0.36 -7.72 -3.78
N GLN H 31 -0.10 -6.86 -4.69
CA GLN H 31 -1.38 -7.11 -5.37
C GLN H 31 -1.24 -6.87 -6.87
N SER H 32 -1.45 -7.91 -7.66
CA SER H 32 -1.33 -7.80 -9.11
C SER H 32 -2.69 -8.03 -9.80
N TYR H 33 -3.10 -7.06 -10.61
CA TYR H 33 -4.37 -7.17 -11.35
C TYR H 33 -4.11 -7.18 -12.86
N GLY H 34 -4.59 -8.21 -13.54
CA GLY H 34 -4.44 -8.29 -14.99
C GLY H 34 -5.76 -8.74 -15.60
N GLN H 35 -6.48 -7.83 -16.26
CA GLN H 35 -7.78 -8.21 -16.80
C GLN H 35 -8.26 -7.33 -17.95
N GLN H 36 -9.25 -7.88 -18.67
CA GLN H 36 -9.88 -7.20 -19.79
C GLN H 36 -11.40 -7.18 -19.55
N GLN H 37 -12.01 -6.00 -19.65
CA GLN H 37 -13.45 -5.89 -19.41
C GLN H 37 -14.18 -5.25 -20.58
N SER H 38 -15.36 -5.79 -20.91
CA SER H 38 -16.16 -5.26 -22.00
C SER H 38 -17.64 -5.20 -21.59
N TYR H 39 -18.14 -3.99 -21.39
CA TYR H 39 -19.54 -3.82 -21.01
C TYR H 39 -20.44 -4.34 -22.12
N ASN H 40 -20.19 -3.89 -23.34
CA ASN H 40 -20.98 -4.32 -24.49
C ASN H 40 -20.07 -4.75 -25.64
N SER A 2 6.79 13.88 26.31
CA SER A 2 6.61 14.39 24.93
C SER A 2 5.87 13.35 24.09
N TYR A 3 5.13 13.80 23.09
CA TYR A 3 4.40 12.87 22.24
C TYR A 3 4.13 13.48 20.87
N GLY A 4 3.83 12.59 19.92
CA GLY A 4 3.51 13.01 18.56
C GLY A 4 2.24 12.31 18.11
N SER A 5 1.35 13.04 17.45
CA SER A 5 0.11 12.44 17.00
C SER A 5 -0.25 12.87 15.58
N SER A 6 -0.76 11.91 14.81
CA SER A 6 -1.19 12.19 13.44
C SER A 6 -2.55 11.53 13.18
N SER A 7 -3.43 12.26 12.52
CA SER A 7 -4.76 11.74 12.23
C SER A 7 -5.17 12.07 10.79
N GLN A 8 -5.81 11.11 10.13
CA GLN A 8 -6.27 11.33 8.76
C GLN A 8 -7.68 10.76 8.58
N SER A 9 -8.51 11.49 7.85
CA SER A 9 -9.88 11.04 7.60
C SER A 9 -10.34 11.45 6.21
N SER A 10 -11.22 10.64 5.63
CA SER A 10 -11.77 10.95 4.31
C SER A 10 -13.20 10.41 4.21
N SER A 11 -14.01 11.06 3.40
CA SER A 11 -15.40 10.63 3.25
C SER A 11 -15.91 10.86 1.84
N TYR A 12 -16.73 9.93 1.36
CA TYR A 12 -17.32 10.03 0.03
C TYR A 12 -18.83 9.89 0.15
N GLY A 13 -19.58 10.71 -0.59
CA GLY A 13 -21.03 10.66 -0.52
C GLY A 13 -21.59 9.55 -1.43
N GLN A 14 -21.91 9.92 -2.66
CA GLN A 14 -22.48 8.98 -3.63
C GLN A 14 -21.73 9.02 -4.97
N PRO A 15 -20.54 8.48 -5.03
CA PRO A 15 -19.72 8.46 -6.29
C PRO A 15 -20.25 7.46 -7.34
N GLN A 16 -19.92 7.74 -8.61
CA GLN A 16 -20.31 6.88 -9.75
C GLN A 16 -21.83 6.85 -10.02
N SER A 17 -22.44 8.01 -10.27
CA SER A 17 -23.88 8.03 -10.56
C SER A 17 -24.16 8.14 -12.07
N GLY A 18 -23.13 8.15 -12.90
CA GLY A 18 -23.32 8.25 -14.35
C GLY A 18 -24.37 7.23 -14.80
N SER A 19 -25.40 7.69 -15.53
CA SER A 19 -26.45 6.79 -15.98
C SER A 19 -26.00 5.84 -17.09
N TYR A 20 -25.39 6.43 -18.12
CA TYR A 20 -24.92 5.65 -19.28
C TYR A 20 -23.47 5.97 -19.61
N SER A 21 -22.56 5.82 -18.65
CA SER A 21 -21.16 6.10 -18.95
C SER A 21 -20.23 5.34 -18.01
N GLN A 22 -19.09 4.89 -18.53
CA GLN A 22 -18.13 4.17 -17.71
C GLN A 22 -17.53 5.14 -16.69
N GLN A 23 -17.56 4.74 -15.43
CA GLN A 23 -17.04 5.61 -14.38
C GLN A 23 -16.31 4.80 -13.31
N PRO A 24 -15.24 4.16 -13.68
CA PRO A 24 -14.42 3.35 -12.72
C PRO A 24 -13.67 4.25 -11.76
N SER A 25 -13.34 3.72 -10.59
CA SER A 25 -12.63 4.51 -9.58
C SER A 25 -11.51 3.70 -8.90
N TYR A 26 -10.42 4.41 -8.52
CA TYR A 26 -9.29 3.75 -7.86
C TYR A 26 -8.89 4.53 -6.59
N GLY A 27 -8.62 3.81 -5.48
CA GLY A 27 -8.20 4.48 -4.24
C GLY A 27 -6.76 4.98 -4.33
N GLY A 28 -6.38 5.93 -3.48
CA GLY A 28 -5.02 6.50 -3.53
C GLY A 28 -4.11 6.04 -2.38
N GLN A 29 -3.10 6.87 -2.08
CA GLN A 29 -2.12 6.55 -1.03
C GLN A 29 -2.13 7.55 0.13
N GLN A 30 -2.18 7.02 1.36
CA GLN A 30 -2.15 7.86 2.58
C GLN A 30 -1.10 7.29 3.53
N GLN A 31 -0.30 8.17 4.16
CA GLN A 31 0.73 7.71 5.09
C GLN A 31 0.76 8.59 6.35
N SER A 32 0.45 8.00 7.50
CA SER A 32 0.43 8.75 8.77
C SER A 32 1.55 8.30 9.73
N TYR A 33 2.38 9.27 10.15
CA TYR A 33 3.48 8.99 11.09
C TYR A 33 3.25 9.71 12.42
N GLY A 34 3.18 8.95 13.51
CA GLY A 34 3.01 9.53 14.84
C GLY A 34 4.03 8.91 15.78
N GLN A 35 5.11 9.64 16.12
CA GLN A 35 6.13 9.03 16.99
C GLN A 35 6.97 10.04 17.77
N GLN A 36 7.61 9.50 18.82
CA GLN A 36 8.50 10.28 19.69
C GLN A 36 9.87 9.60 19.72
N GLN A 37 10.93 10.33 19.42
CA GLN A 37 12.27 9.73 19.38
C GLN A 37 13.22 10.42 20.34
N SER A 38 13.99 9.61 21.07
CA SER A 38 14.97 10.13 22.02
C SER A 38 16.33 9.49 21.80
N TYR A 39 17.38 10.30 21.85
CA TYR A 39 18.74 9.78 21.67
C TYR A 39 19.56 10.10 22.91
N ASN A 40 20.08 9.07 23.57
CA ASN A 40 20.88 9.27 24.77
C ASN A 40 20.08 10.03 25.81
N SER B 2 6.81 9.04 27.21
CA SER B 2 6.58 9.57 25.84
C SER B 2 5.80 8.55 25.03
N TYR B 3 5.03 9.01 24.05
CA TYR B 3 4.25 8.10 23.23
C TYR B 3 3.94 8.70 21.86
N GLY B 4 3.59 7.83 20.93
CA GLY B 4 3.23 8.24 19.58
C GLY B 4 1.95 7.57 19.17
N SER B 5 1.05 8.31 18.54
CA SER B 5 -0.23 7.72 18.14
C SER B 5 -0.63 8.15 16.73
N SER B 6 -1.18 7.21 15.98
CA SER B 6 -1.66 7.48 14.63
C SER B 6 -3.03 6.86 14.42
N SER B 7 -3.93 7.61 13.78
CA SER B 7 -5.27 7.10 13.54
C SER B 7 -5.73 7.43 12.12
N GLN B 8 -6.41 6.49 11.48
CA GLN B 8 -6.92 6.71 10.13
C GLN B 8 -8.32 6.15 9.99
N SER B 9 -9.18 6.89 9.29
CA SER B 9 -10.55 6.46 9.10
C SER B 9 -11.07 6.88 7.72
N SER B 10 -11.98 6.09 7.18
CA SER B 10 -12.58 6.41 5.88
C SER B 10 -14.00 5.89 5.83
N SER B 11 -14.85 6.55 5.05
CA SER B 11 -16.24 6.13 4.94
C SER B 11 -16.80 6.38 3.56
N TYR B 12 -17.65 5.46 3.11
CA TYR B 12 -18.28 5.56 1.79
C TYR B 12 -19.80 5.44 1.97
N GLY B 13 -20.55 6.28 1.26
CA GLY B 13 -22.00 6.25 1.37
C GLY B 13 -22.59 5.14 0.49
N GLN B 14 -22.96 5.51 -0.74
CA GLN B 14 -23.58 4.58 -1.68
C GLN B 14 -22.88 4.61 -3.04
N PRO B 15 -21.70 4.06 -3.14
CA PRO B 15 -20.94 4.03 -4.44
C PRO B 15 -21.51 3.04 -5.46
N GLN B 16 -21.22 3.32 -6.75
CA GLN B 16 -21.66 2.48 -7.88
C GLN B 16 -23.18 2.46 -8.09
N SER B 17 -23.78 3.63 -8.32
CA SER B 17 -25.24 3.68 -8.56
C SER B 17 -25.57 3.79 -10.05
N GLY B 18 -24.56 3.79 -10.93
CA GLY B 18 -24.81 3.89 -12.37
C GLY B 18 -25.89 2.88 -12.79
N SER B 19 -26.93 3.35 -13.47
CA SER B 19 -28.02 2.46 -13.88
C SER B 19 -27.61 1.52 -15.01
N TYR B 20 -27.04 2.09 -16.07
CA TYR B 20 -26.63 1.31 -17.24
C TYR B 20 -25.18 1.61 -17.62
N SER B 21 -24.25 1.43 -16.70
CA SER B 21 -22.86 1.69 -17.04
C SER B 21 -21.90 0.92 -16.13
N GLN B 22 -20.78 0.47 -16.70
CA GLN B 22 -19.79 -0.25 -15.91
C GLN B 22 -19.15 0.70 -14.92
N GLN B 23 -19.13 0.31 -13.65
CA GLN B 23 -18.57 1.16 -12.62
C GLN B 23 -17.82 0.35 -11.58
N PRO B 24 -16.76 -0.31 -11.98
CA PRO B 24 -15.94 -1.13 -11.07
C PRO B 24 -15.13 -0.24 -10.12
N SER B 25 -14.76 -0.78 -8.96
CA SER B 25 -14.01 0.00 -7.99
C SER B 25 -12.87 -0.82 -7.35
N TYR B 26 -11.77 -0.14 -7.01
CA TYR B 26 -10.61 -0.81 -6.38
C TYR B 26 -10.16 -0.03 -5.12
N GLY B 27 -9.86 -0.76 -4.04
CA GLY B 27 -9.39 -0.11 -2.80
C GLY B 27 -7.95 0.38 -2.96
N GLY B 28 -7.53 1.33 -2.11
CA GLY B 28 -6.17 1.88 -2.21
C GLY B 28 -5.22 1.40 -1.09
N GLN B 29 -4.20 2.22 -0.82
CA GLN B 29 -3.17 1.89 0.19
C GLN B 29 -3.14 2.89 1.36
N GLN B 30 -3.15 2.36 2.59
CA GLN B 30 -3.05 3.19 3.80
C GLN B 30 -1.97 2.61 4.72
N GLN B 31 -1.15 3.47 5.31
CA GLN B 31 -0.10 3.00 6.20
C GLN B 31 -0.01 3.87 7.46
N SER B 32 -0.29 3.30 8.63
CA SER B 32 -0.25 4.04 9.90
C SER B 32 0.89 3.58 10.81
N TYR B 33 1.75 4.53 11.21
CA TYR B 33 2.88 4.23 12.11
C TYR B 33 2.71 4.94 13.45
N GLY B 34 2.66 4.19 14.54
CA GLY B 34 2.56 4.77 15.88
C GLY B 34 3.61 4.14 16.78
N GLN B 35 4.70 4.84 17.08
CA GLN B 35 5.74 4.23 17.91
C GLN B 35 6.62 5.23 18.67
N GLN B 36 7.30 4.68 19.69
CA GLN B 36 8.21 5.44 20.53
C GLN B 36 9.57 4.74 20.50
N GLN B 37 10.63 5.46 20.16
CA GLN B 37 11.97 4.86 20.09
C GLN B 37 12.97 5.53 21.02
N SER B 38 13.75 4.70 21.71
CA SER B 38 14.78 5.22 22.62
C SER B 38 16.11 4.55 22.35
N TYR B 39 17.18 5.34 22.36
CA TYR B 39 18.51 4.81 22.14
C TYR B 39 19.39 5.12 23.34
N ASN B 40 19.91 4.08 23.97
CA ASN B 40 20.75 4.25 25.15
C ASN B 40 20.00 5.03 26.23
N SER C 2 6.79 4.19 28.06
CA SER C 2 6.51 4.73 26.70
C SER C 2 5.69 3.71 25.91
N TYR C 3 4.88 4.20 24.98
CA TYR C 3 4.07 3.29 24.18
C TYR C 3 3.70 3.90 22.83
N GLY C 4 3.33 3.03 21.90
CA GLY C 4 2.93 3.46 20.57
C GLY C 4 1.61 2.79 20.21
N SER C 5 0.70 3.54 19.60
CA SER C 5 -0.59 2.97 19.24
C SER C 5 -1.04 3.41 17.85
N SER C 6 -1.63 2.47 17.12
CA SER C 6 -2.14 2.76 15.80
C SER C 6 -3.54 2.15 15.64
N SER C 7 -4.45 2.91 15.04
CA SER C 7 -5.81 2.42 14.84
C SER C 7 -6.31 2.76 13.43
N GLN C 8 -7.02 1.82 12.81
CA GLN C 8 -7.56 2.05 11.49
C GLN C 8 -9.00 1.52 11.39
N SER C 9 -9.86 2.27 10.73
CA SER C 9 -11.25 1.86 10.58
C SER C 9 -11.81 2.29 9.23
N SER C 10 -12.74 1.51 8.71
CA SER C 10 -13.38 1.84 7.44
C SER C 10 -14.81 1.33 7.42
N SER C 11 -15.67 2.02 6.69
CA SER C 11 -17.07 1.61 6.63
C SER C 11 -17.68 1.86 5.25
N TYR C 12 -18.55 0.95 4.83
CA TYR C 12 -19.24 1.07 3.55
C TYR C 12 -20.74 0.96 3.77
N GLY C 13 -21.50 1.81 3.10
CA GLY C 13 -22.96 1.79 3.26
C GLY C 13 -23.60 0.70 2.40
N GLN C 14 -24.00 1.09 1.18
CA GLN C 14 -24.66 0.16 0.26
C GLN C 14 -24.02 0.18 -1.12
N PRO C 15 -22.85 -0.38 -1.26
CA PRO C 15 -22.13 -0.42 -2.58
C PRO C 15 -22.75 -1.39 -3.60
N GLN C 16 -22.50 -1.12 -4.89
CA GLN C 16 -22.99 -1.96 -6.00
C GLN C 16 -24.51 -1.96 -6.16
N SER C 17 -25.11 -0.78 -6.37
CA SER C 17 -26.57 -0.71 -6.55
C SER C 17 -26.97 -0.60 -8.04
N GLY C 18 -25.98 -0.61 -8.94
CA GLY C 18 -26.29 -0.50 -10.37
C GLY C 18 -27.38 -1.50 -10.76
N SER C 19 -28.45 -1.01 -11.39
CA SER C 19 -29.56 -1.89 -11.77
C SER C 19 -29.20 -2.83 -12.92
N TYR C 20 -28.65 -2.26 -13.99
CA TYR C 20 -28.29 -3.04 -15.18
C TYR C 20 -26.86 -2.76 -15.61
N SER C 21 -25.90 -2.96 -14.72
CA SER C 21 -24.52 -2.71 -15.11
C SER C 21 -23.53 -3.49 -14.24
N GLN C 22 -22.44 -3.95 -14.86
CA GLN C 22 -21.44 -4.69 -14.10
C GLN C 22 -20.75 -3.75 -13.13
N GLN C 23 -20.70 -4.14 -11.86
CA GLN C 23 -20.08 -3.30 -10.85
C GLN C 23 -19.31 -4.12 -9.84
N PRO C 24 -18.28 -4.79 -10.28
CA PRO C 24 -17.42 -5.62 -9.40
C PRO C 24 -16.57 -4.74 -8.48
N SER C 25 -16.17 -5.29 -7.34
CA SER C 25 -15.38 -4.51 -6.39
C SER C 25 -14.23 -5.35 -5.78
N TYR C 26 -13.10 -4.69 -5.49
CA TYR C 26 -11.94 -5.38 -4.90
C TYR C 26 -11.43 -4.61 -3.67
N GLY C 27 -11.11 -5.34 -2.59
CA GLY C 27 -10.58 -4.70 -1.37
C GLY C 27 -9.14 -4.22 -1.58
N GLY C 28 -8.68 -3.27 -0.74
CA GLY C 28 -7.31 -2.75 -0.89
C GLY C 28 -6.33 -3.25 0.18
N GLN C 29 -5.29 -2.44 0.43
CA GLN C 29 -4.24 -2.79 1.41
C GLN C 29 -4.15 -1.78 2.58
N GLN C 30 -4.13 -2.32 3.80
CA GLN C 30 -3.98 -1.50 5.01
C GLN C 30 -2.88 -2.08 5.90
N GLN C 31 -2.02 -1.23 6.45
CA GLN C 31 -0.94 -1.72 7.31
C GLN C 31 -0.79 -0.85 8.56
N SER C 32 -1.04 -1.43 9.73
CA SER C 32 -0.95 -0.68 11.00
C SER C 32 0.22 -1.16 11.87
N TYR C 33 1.11 -0.23 12.26
CA TYR C 33 2.26 -0.53 13.11
C TYR C 33 2.14 0.18 14.46
N GLY C 34 2.13 -0.58 15.55
CA GLY C 34 2.08 0.00 16.89
C GLY C 34 3.15 -0.65 17.76
N GLN C 35 4.26 0.05 18.02
CA GLN C 35 5.32 -0.58 18.80
C GLN C 35 6.24 0.40 19.54
N GLN C 36 6.95 -0.16 20.52
CA GLN C 36 7.90 0.59 21.34
C GLN C 36 9.25 -0.13 21.27
N GLN C 37 10.30 0.59 20.90
CA GLN C 37 11.63 -0.04 20.77
C GLN C 37 12.67 0.62 21.66
N SER C 38 13.46 -0.22 22.34
CA SER C 38 14.52 0.28 23.21
C SER C 38 15.85 -0.39 22.89
N TYR C 39 16.92 0.39 22.86
CA TYR C 39 18.24 -0.16 22.59
C TYR C 39 19.16 0.14 23.75
N ASN C 40 19.70 -0.92 24.37
CA ASN C 40 20.58 -0.75 25.52
C ASN C 40 19.88 0.03 26.62
N SER D 2 6.73 -0.64 28.92
CA SER D 2 6.40 -0.10 27.56
C SER D 2 5.54 -1.11 26.81
N TYR D 3 4.72 -0.61 25.88
CA TYR D 3 3.87 -1.51 25.12
C TYR D 3 3.46 -0.89 23.78
N GLY D 4 3.03 -1.76 22.87
CA GLY D 4 2.59 -1.32 21.56
C GLY D 4 1.25 -1.97 21.24
N SER D 5 0.33 -1.20 20.67
CA SER D 5 -0.97 -1.76 20.34
C SER D 5 -1.47 -1.31 18.98
N SER D 6 -2.11 -2.24 18.27
CA SER D 6 -2.66 -1.94 16.96
C SER D 6 -4.05 -2.54 16.84
N SER D 7 -4.99 -1.76 16.29
CA SER D 7 -6.36 -2.24 16.13
C SER D 7 -6.90 -1.89 14.75
N GLN D 8 -7.64 -2.81 14.15
CA GLN D 8 -8.24 -2.57 12.84
C GLN D 8 -9.66 -3.09 12.80
N SER D 9 -10.55 -2.33 12.17
CA SER D 9 -11.95 -2.72 12.07
C SER D 9 -12.55 -2.28 10.73
N SER D 10 -13.52 -3.03 10.26
CA SER D 10 -14.19 -2.69 9.02
C SER D 10 -15.63 -3.18 9.05
N SER D 11 -16.52 -2.50 8.34
CA SER D 11 -17.92 -2.88 8.34
C SER D 11 -18.58 -2.63 6.99
N TYR D 12 -19.47 -3.53 6.60
CA TYR D 12 -20.20 -3.40 5.34
C TYR D 12 -21.69 -3.49 5.61
N GLY D 13 -22.48 -2.62 4.96
CA GLY D 13 -23.91 -2.62 5.18
C GLY D 13 -24.60 -3.70 4.34
N GLN D 14 -25.05 -3.31 3.14
CA GLN D 14 -25.76 -4.23 2.24
C GLN D 14 -25.16 -4.21 0.83
N PRO D 15 -24.00 -4.79 0.65
CA PRO D 15 -23.32 -4.83 -0.69
C PRO D 15 -23.99 -5.79 -1.68
N GLN D 16 -23.79 -5.51 -2.98
CA GLN D 16 -24.33 -6.35 -4.08
C GLN D 16 -25.86 -6.31 -4.19
N SER D 17 -26.45 -5.13 -4.37
CA SER D 17 -27.91 -5.05 -4.50
C SER D 17 -28.36 -4.93 -5.97
N GLY D 18 -27.40 -4.94 -6.92
CA GLY D 18 -27.75 -4.84 -8.34
C GLY D 18 -28.88 -5.82 -8.68
N SER D 19 -29.96 -5.32 -9.28
CA SER D 19 -31.10 -6.18 -9.61
C SER D 19 -30.80 -7.13 -10.76
N TYR D 20 -30.29 -6.56 -11.86
CA TYR D 20 -29.98 -7.35 -13.06
C TYR D 20 -28.56 -7.09 -13.55
N SER D 21 -27.58 -7.31 -12.70
CA SER D 21 -26.21 -7.09 -13.14
C SER D 21 -25.21 -7.89 -12.31
N GLN D 22 -24.12 -8.33 -12.95
CA GLN D 22 -23.11 -9.09 -12.23
C GLN D 22 -22.37 -8.15 -11.29
N GLN D 23 -22.27 -8.55 -10.03
CA GLN D 23 -21.62 -7.72 -9.04
C GLN D 23 -20.82 -8.55 -8.05
N PRO D 24 -19.81 -9.24 -8.53
CA PRO D 24 -18.94 -10.08 -7.68
C PRO D 24 -18.05 -9.22 -6.80
N SER D 25 -17.61 -9.77 -5.67
CA SER D 25 -16.77 -9.01 -4.74
C SER D 25 -15.61 -9.86 -4.19
N TYR D 26 -14.47 -9.20 -3.93
CA TYR D 26 -13.29 -9.91 -3.39
C TYR D 26 -12.73 -9.16 -2.17
N GLY D 27 -12.37 -9.89 -1.11
CA GLY D 27 -11.80 -9.26 0.09
C GLY D 27 -10.35 -8.81 -0.15
N GLY D 28 -9.85 -7.87 0.65
CA GLY D 28 -8.49 -7.36 0.47
C GLY D 28 -7.48 -7.86 1.51
N GLN D 29 -6.41 -7.07 1.71
CA GLN D 29 -5.33 -7.43 2.64
C GLN D 29 -5.18 -6.44 3.82
N GLN D 30 -5.13 -6.98 5.04
CA GLN D 30 -4.93 -6.15 6.24
C GLN D 30 -3.80 -6.76 7.08
N GLN D 31 -2.92 -5.92 7.63
CA GLN D 31 -1.82 -6.43 8.44
C GLN D 31 -1.60 -5.56 9.68
N SER D 32 -1.82 -6.15 10.87
CA SER D 32 -1.68 -5.41 12.13
C SER D 32 -0.48 -5.89 12.95
N TYR D 33 0.43 -4.96 13.31
CA TYR D 33 1.61 -5.30 14.12
C TYR D 33 1.55 -4.58 15.47
N GLY D 34 1.56 -5.35 16.56
CA GLY D 34 1.57 -4.76 17.90
C GLY D 34 2.66 -5.43 18.73
N GLN D 35 3.78 -4.75 18.96
CA GLN D 35 4.86 -5.39 19.70
C GLN D 35 5.83 -4.42 20.41
N GLN D 36 6.57 -4.99 21.36
CA GLN D 36 7.57 -4.25 22.14
C GLN D 36 8.89 -4.99 22.01
N GLN D 37 9.95 -4.29 21.60
CA GLN D 37 11.25 -4.94 21.42
C GLN D 37 12.34 -4.29 22.28
N SER D 38 13.14 -5.13 22.92
CA SER D 38 14.23 -4.65 23.76
C SER D 38 15.54 -5.35 23.39
N TYR D 39 16.62 -4.58 23.33
CA TYR D 39 17.92 -5.15 23.00
C TYR D 39 18.89 -4.88 24.15
N ASN D 40 19.42 -5.93 24.73
CA ASN D 40 20.35 -5.78 25.85
C ASN D 40 19.70 -5.02 26.98
N SER E 2 -1.85 5.33 -30.96
CA SER E 2 -1.34 6.25 -29.92
C SER E 2 -1.07 5.45 -28.64
N TYR E 3 -0.11 5.92 -27.84
CA TYR E 3 0.20 5.23 -26.61
C TYR E 3 0.82 6.16 -25.57
N GLY E 4 0.79 5.73 -24.32
CA GLY E 4 1.36 6.50 -23.23
C GLY E 4 2.24 5.59 -22.38
N SER E 5 3.40 6.08 -21.97
CA SER E 5 4.30 5.26 -21.18
C SER E 5 4.93 6.04 -20.04
N SER E 6 5.04 5.37 -18.89
CA SER E 6 5.65 5.98 -17.72
C SER E 6 6.61 5.00 -17.06
N SER E 7 7.78 5.48 -16.67
CA SER E 7 8.77 4.63 -16.03
C SER E 7 9.40 5.32 -14.81
N GLN E 8 9.62 4.55 -13.75
CA GLN E 8 10.23 5.09 -12.54
C GLN E 8 11.25 4.13 -11.98
N SER E 9 12.38 4.66 -11.52
CA SER E 9 13.43 3.83 -10.96
C SER E 9 14.14 4.54 -9.81
N SER E 10 14.64 3.76 -8.86
CA SER E 10 15.37 4.33 -7.74
C SER E 10 16.43 3.33 -7.25
N SER E 11 17.51 3.84 -6.69
CA SER E 11 18.57 2.97 -6.22
C SER E 11 19.26 3.53 -4.98
N TYR E 12 19.63 2.63 -4.07
CA TYR E 12 20.31 3.02 -2.84
C TYR E 12 21.61 2.22 -2.72
N GLY E 13 22.69 2.87 -2.31
CA GLY E 13 23.96 2.20 -2.17
C GLY E 13 24.06 1.45 -0.84
N GLN E 14 24.60 2.12 0.17
CA GLN E 14 24.78 1.54 1.50
C GLN E 14 24.24 2.43 2.61
N PRO E 15 22.94 2.54 2.73
CA PRO E 15 22.31 3.39 3.79
C PRO E 15 22.44 2.81 5.22
N GLN E 16 22.36 3.70 6.21
CA GLN E 16 22.44 3.32 7.64
C GLN E 16 23.80 2.77 8.07
N SER E 17 24.88 3.55 7.90
CA SER E 17 26.21 3.09 8.31
C SER E 17 26.63 3.69 9.67
N GLY E 18 25.76 4.47 10.30
CA GLY E 18 26.10 5.08 11.59
C GLY E 18 26.63 4.01 12.55
N SER E 19 27.82 4.24 13.13
CA SER E 19 28.42 3.25 14.03
C SER E 19 27.69 3.16 15.36
N TYR E 20 27.49 4.31 16.00
CA TYR E 20 26.83 4.38 17.30
C TYR E 20 25.68 5.39 17.31
N SER E 21 24.73 5.25 16.40
CA SER E 21 23.62 6.19 16.38
C SER E 21 22.37 5.58 15.74
N GLN E 22 21.20 5.93 16.27
CA GLN E 22 19.96 5.42 15.71
C GLN E 22 19.75 6.01 14.32
N GLN E 23 19.51 5.15 13.34
CA GLN E 23 19.32 5.62 11.98
C GLN E 23 18.24 4.84 11.26
N PRO E 24 17.02 4.93 11.73
CA PRO E 24 15.86 4.23 11.11
C PRO E 24 15.49 4.85 9.78
N SER E 25 14.87 4.07 8.89
CA SER E 25 14.48 4.58 7.58
C SER E 25 13.07 4.13 7.17
N TYR E 26 12.38 4.98 6.41
CA TYR E 26 11.03 4.68 5.94
C TYR E 26 10.90 4.94 4.44
N GLY E 27 10.24 4.04 3.71
CA GLY E 27 10.05 4.21 2.26
C GLY E 27 8.99 5.27 1.98
N GLY E 28 9.00 5.85 0.77
CA GLY E 28 8.03 6.89 0.42
C GLY E 28 6.92 6.42 -0.53
N GLN E 29 6.34 7.40 -1.27
CA GLN E 29 5.23 7.12 -2.21
C GLN E 29 5.58 7.43 -3.66
N GLN E 30 5.30 6.47 -4.56
CA GLN E 30 5.52 6.64 -6.00
C GLN E 30 4.26 6.24 -6.75
N GLN E 31 3.87 7.01 -7.77
CA GLN E 31 2.67 6.69 -8.54
C GLN E 31 2.92 6.90 -10.04
N SER E 32 2.86 5.80 -10.81
CA SER E 32 3.09 5.87 -12.26
C SER E 32 1.82 5.59 -13.06
N TYR E 33 1.47 6.53 -13.96
CA TYR E 33 0.28 6.38 -14.82
C TYR E 33 0.68 6.30 -16.29
N GLY E 34 0.33 5.19 -16.95
CA GLY E 34 0.62 5.04 -18.38
C GLY E 34 -0.65 4.57 -19.10
N GLN E 35 -1.33 5.48 -19.81
CA GLN E 35 -2.57 5.06 -20.47
C GLN E 35 -2.95 5.90 -21.68
N GLN E 36 -3.85 5.30 -22.48
CA GLN E 36 -4.38 5.93 -23.69
C GLN E 36 -5.91 5.95 -23.59
N GLN E 37 -6.52 7.13 -23.75
CA GLN E 37 -7.98 7.23 -23.63
C GLN E 37 -8.62 7.79 -24.89
N SER E 38 -9.72 7.15 -25.31
CA SER E 38 -10.45 7.59 -26.50
C SER E 38 -11.93 7.75 -26.18
N TYR E 39 -12.54 8.82 -26.67
CA TYR E 39 -13.95 9.06 -26.46
C TYR E 39 -14.66 9.15 -27.80
N ASN E 40 -15.62 8.26 -28.03
CA ASN E 40 -16.35 8.25 -29.29
C ASN E 40 -15.39 8.08 -30.46
N SER F 2 -3.96 1.06 -29.78
CA SER F 2 -3.41 1.96 -28.74
C SER F 2 -3.09 1.15 -27.49
N TYR F 3 -2.11 1.61 -26.72
CA TYR F 3 -1.74 0.89 -25.50
C TYR F 3 -1.10 1.81 -24.48
N GLY F 4 -1.09 1.36 -23.23
CA GLY F 4 -0.48 2.11 -22.15
C GLY F 4 0.42 1.19 -21.34
N SER F 5 1.60 1.66 -20.97
CA SER F 5 2.51 0.82 -20.22
C SER F 5 3.18 1.59 -19.08
N SER F 6 3.33 0.91 -17.94
CA SER F 6 3.98 1.50 -16.79
C SER F 6 4.97 0.50 -16.18
N SER F 7 6.15 0.98 -15.82
CA SER F 7 7.16 0.11 -15.22
C SER F 7 7.82 0.78 -14.03
N GLN F 8 8.09 -0.01 -12.98
CA GLN F 8 8.75 0.53 -11.80
C GLN F 8 9.79 -0.45 -11.28
N SER F 9 10.92 0.07 -10.85
CA SER F 9 11.99 -0.78 -10.33
C SER F 9 12.75 -0.09 -9.21
N SER F 10 13.26 -0.87 -8.28
CA SER F 10 14.04 -0.32 -7.17
C SER F 10 15.10 -1.33 -6.73
N SER F 11 16.22 -0.82 -6.22
CA SER F 11 17.29 -1.70 -5.79
C SER F 11 18.01 -1.16 -4.56
N TYR F 12 18.40 -2.07 -3.69
CA TYR F 12 19.13 -1.71 -2.47
C TYR F 12 20.42 -2.52 -2.39
N GLY F 13 21.52 -1.87 -2.01
CA GLY F 13 22.79 -2.56 -1.93
C GLY F 13 22.93 -3.32 -0.61
N GLN F 14 23.53 -2.67 0.38
CA GLN F 14 23.75 -3.29 1.70
C GLN F 14 23.25 -2.41 2.83
N PRO F 15 21.96 -2.30 3.01
CA PRO F 15 21.36 -1.47 4.10
C PRO F 15 21.52 -2.07 5.51
N GLN F 16 21.49 -1.18 6.52
CA GLN F 16 21.62 -1.57 7.94
C GLN F 16 22.99 -2.14 8.32
N SER F 17 24.06 -1.37 8.11
CA SER F 17 25.40 -1.83 8.47
C SER F 17 25.88 -1.27 9.82
N GLY F 18 25.04 -0.47 10.49
CA GLY F 18 25.43 0.11 11.79
C GLY F 18 25.99 -0.98 12.70
N SER F 19 27.19 -0.76 13.25
CA SER F 19 27.81 -1.76 14.10
C SER F 19 27.13 -1.88 15.47
N TYR F 20 26.95 -0.72 16.12
CA TYR F 20 26.33 -0.68 17.46
C TYR F 20 25.20 0.33 17.51
N SER F 21 24.21 0.19 16.64
CA SER F 21 23.09 1.13 16.67
C SER F 21 21.82 0.54 16.06
N GLN F 22 20.67 0.88 16.63
CA GLN F 22 19.41 0.39 16.10
C GLN F 22 19.17 1.01 14.73
N GLN F 23 18.88 0.18 13.75
CA GLN F 23 18.66 0.67 12.40
C GLN F 23 17.55 -0.10 11.70
N PRO F 24 16.35 -0.02 12.22
CA PRO F 24 15.17 -0.71 11.63
C PRO F 24 14.75 -0.05 10.32
N SER F 25 14.10 -0.81 9.45
CA SER F 25 13.69 -0.26 8.16
C SER F 25 12.26 -0.72 7.79
N TYR F 26 11.54 0.15 7.07
CA TYR F 26 10.15 -0.15 6.65
C TYR F 26 9.98 0.12 5.15
N GLY F 27 9.31 -0.79 4.42
CA GLY F 27 9.06 -0.59 2.98
C GLY F 27 7.99 0.48 2.76
N GLY F 28 7.96 1.07 1.56
CA GLY F 28 6.98 2.13 1.27
C GLY F 28 5.82 1.68 0.35
N GLN F 29 5.24 2.66 -0.36
CA GLN F 29 4.10 2.41 -1.26
C GLN F 29 4.41 2.74 -2.73
N GLN F 30 4.08 1.80 -3.63
CA GLN F 30 4.26 1.99 -5.08
C GLN F 30 2.97 1.61 -5.79
N GLN F 31 2.56 2.39 -6.78
CA GLN F 31 1.33 2.08 -7.51
C GLN F 31 1.52 2.30 -9.02
N SER F 32 1.44 1.22 -9.80
CA SER F 32 1.62 1.31 -11.26
C SER F 32 0.32 1.04 -12.03
N TYR F 33 -0.08 2.00 -12.89
CA TYR F 33 -1.28 1.86 -13.71
C TYR F 33 -0.94 1.80 -15.20
N GLY F 34 -1.30 0.71 -15.86
CA GLY F 34 -1.06 0.58 -17.30
C GLY F 34 -2.37 0.13 -17.97
N GLN F 35 -3.06 1.04 -18.67
CA GLN F 35 -4.32 0.64 -19.28
C GLN F 35 -4.75 1.50 -20.48
N GLN F 36 -5.67 0.92 -21.25
CA GLN F 36 -6.25 1.57 -22.43
C GLN F 36 -7.76 1.59 -22.29
N GLN F 37 -8.37 2.77 -22.40
CA GLN F 37 -9.83 2.87 -22.22
C GLN F 37 -10.51 3.45 -23.46
N SER F 38 -11.62 2.82 -23.84
CA SER F 38 -12.40 3.29 -25.00
C SER F 38 -13.86 3.43 -24.63
N TYR F 39 -14.48 4.52 -25.09
CA TYR F 39 -15.89 4.75 -24.82
C TYR F 39 -16.64 4.86 -26.14
N ASN F 40 -17.62 3.98 -26.35
CA ASN F 40 -18.39 3.99 -27.58
C ASN F 40 -17.47 3.84 -28.79
N SER G 2 -6.08 -3.21 -28.58
CA SER G 2 -5.49 -2.31 -27.53
C SER G 2 -5.13 -3.15 -26.31
N TYR G 3 -4.12 -2.71 -25.56
CA TYR G 3 -3.72 -3.45 -24.37
C TYR G 3 -3.03 -2.55 -23.35
N GLY G 4 -2.97 -3.02 -22.12
CA GLY G 4 -2.32 -2.30 -21.04
C GLY G 4 -1.40 -3.23 -20.28
N SER G 5 -0.21 -2.76 -19.94
CA SER G 5 0.73 -3.61 -19.23
C SER G 5 1.44 -2.86 -18.11
N SER G 6 1.62 -3.56 -16.99
CA SER G 6 2.31 -2.98 -15.84
C SER G 6 3.31 -4.00 -15.29
N SER G 7 4.51 -3.53 -14.95
CA SER G 7 5.54 -4.41 -14.42
C SER G 7 6.25 -3.77 -13.23
N GLN G 8 6.53 -4.56 -12.20
CA GLN G 8 7.23 -4.05 -11.02
C GLN G 8 8.29 -5.04 -10.56
N SER G 9 9.45 -4.53 -10.17
CA SER G 9 10.53 -5.38 -9.71
C SER G 9 11.33 -4.71 -8.60
N SER G 10 11.88 -5.52 -7.70
CA SER G 10 12.69 -4.98 -6.62
C SER G 10 13.76 -5.99 -6.23
N SER G 11 14.89 -5.50 -5.75
CA SER G 11 15.98 -6.39 -5.37
C SER G 11 16.75 -5.88 -4.15
N TYR G 12 17.17 -6.80 -3.30
CA TYR G 12 17.93 -6.46 -2.11
C TYR G 12 19.23 -7.27 -2.09
N GLY G 13 20.33 -6.63 -1.74
CA GLY G 13 21.61 -7.32 -1.71
C GLY G 13 21.79 -8.11 -0.40
N GLN G 14 22.42 -7.47 0.58
CA GLN G 14 22.70 -8.11 1.87
C GLN G 14 22.23 -7.24 3.04
N PRO G 15 20.95 -7.13 3.26
CA PRO G 15 20.39 -6.31 4.39
C PRO G 15 20.60 -6.94 5.78
N GLN G 16 20.62 -6.06 6.79
CA GLN G 16 20.78 -6.48 8.21
C GLN G 16 22.17 -7.05 8.53
N SER G 17 23.23 -6.28 8.30
CA SER G 17 24.58 -6.76 8.62
C SER G 17 25.10 -6.21 9.96
N GLY G 18 24.29 -5.42 10.65
CA GLY G 18 24.72 -4.86 11.95
C GLY G 18 25.30 -5.97 12.83
N SER G 19 26.53 -5.76 13.33
CA SER G 19 27.18 -6.78 14.15
C SER G 19 26.54 -6.91 15.54
N TYR G 20 26.38 -5.77 16.22
CA TYR G 20 25.82 -5.75 17.57
C TYR G 20 24.69 -4.74 17.68
N SER G 21 23.67 -4.86 16.85
CA SER G 21 22.56 -3.92 16.93
C SER G 21 21.27 -4.50 16.36
N GLN G 22 20.14 -4.15 16.97
CA GLN G 22 18.85 -4.62 16.47
C GLN G 22 18.56 -3.98 15.13
N GLN G 23 18.25 -4.80 14.14
CA GLN G 23 17.98 -4.29 12.81
C GLN G 23 16.85 -5.06 12.14
N PRO G 24 15.67 -4.98 12.70
CA PRO G 24 14.48 -5.65 12.14
C PRO G 24 14.02 -4.98 10.86
N SER G 25 13.32 -5.72 10.00
CA SER G 25 12.85 -5.15 8.73
C SER G 25 11.41 -5.59 8.40
N TYR G 26 10.68 -4.71 7.72
CA TYR G 26 9.29 -5.00 7.34
C TYR G 26 9.06 -4.70 5.85
N GLY G 27 8.37 -5.60 5.13
CA GLY G 27 8.08 -5.38 3.71
C GLY G 27 6.99 -4.30 3.53
N GLY G 28 6.93 -3.69 2.34
CA GLY G 28 5.94 -2.62 2.09
C GLY G 28 4.76 -3.07 1.20
N GLN G 29 4.14 -2.07 0.54
CA GLN G 29 2.96 -2.31 -0.31
C GLN G 29 3.23 -1.96 -1.79
N GLN G 30 2.87 -2.89 -2.69
CA GLN G 30 3.00 -2.68 -4.14
C GLN G 30 1.68 -3.06 -4.82
N GLN G 31 1.23 -2.24 -5.78
CA GLN G 31 -0.02 -2.54 -6.48
C GLN G 31 0.12 -2.30 -7.98
N SER G 32 0.01 -3.36 -8.78
CA SER G 32 0.14 -3.25 -10.24
C SER G 32 -1.19 -3.51 -10.98
N TYR G 33 -1.61 -2.53 -11.80
CA TYR G 33 -2.85 -2.66 -12.58
C TYR G 33 -2.55 -2.70 -14.08
N GLY G 34 -2.95 -3.77 -14.74
CA GLY G 34 -2.76 -3.88 -16.19
C GLY G 34 -4.07 -4.32 -16.84
N GLN G 35 -4.79 -3.39 -17.48
CA GLN G 35 -6.08 -3.78 -18.07
C GLN G 35 -6.55 -2.91 -19.23
N GLN G 36 -7.50 -3.48 -19.98
CA GLN G 36 -8.10 -2.82 -21.13
C GLN G 36 -9.61 -2.79 -20.93
N GLN G 37 -10.22 -1.61 -21.00
CA GLN G 37 -11.67 -1.51 -20.78
C GLN G 37 -12.39 -0.91 -21.98
N SER G 38 -13.53 -1.51 -22.33
CA SER G 38 -14.33 -1.04 -23.44
C SER G 38 -15.79 -0.88 -23.03
N TYR G 39 -16.41 0.20 -23.46
CA TYR G 39 -17.82 0.44 -23.14
C TYR G 39 -18.62 0.58 -24.42
N ASN G 40 -19.59 -0.30 -24.62
CA ASN G 40 -20.41 -0.28 -25.82
C ASN G 40 -19.54 -0.43 -27.07
N SER H 2 -8.18 -7.48 -27.34
CA SER H 2 -7.56 -6.61 -26.30
C SER H 2 -7.16 -7.47 -25.11
N TYR H 3 -6.13 -7.03 -24.38
CA TYR H 3 -5.69 -7.78 -23.22
C TYR H 3 -4.96 -6.90 -22.21
N GLY H 4 -4.87 -7.40 -20.99
CA GLY H 4 -4.17 -6.68 -19.92
C GLY H 4 -3.23 -7.64 -19.22
N SER H 5 -2.03 -7.17 -18.91
CA SER H 5 -1.06 -8.03 -18.25
C SER H 5 -0.31 -7.31 -17.14
N SER H 6 -0.09 -8.03 -16.04
CA SER H 6 0.64 -7.48 -14.91
C SER H 6 1.65 -8.50 -14.40
N SER H 7 2.86 -8.04 -14.09
CA SER H 7 3.90 -8.93 -13.60
C SER H 7 4.66 -8.30 -12.43
N GLN H 8 4.97 -9.11 -11.43
CA GLN H 8 5.71 -8.62 -10.27
C GLN H 8 6.79 -9.63 -9.86
N SER H 9 7.95 -9.12 -9.49
CA SER H 9 9.05 -9.99 -9.07
C SER H 9 9.88 -9.33 -7.99
N SER H 10 10.47 -10.15 -7.12
CA SER H 10 11.32 -9.63 -6.07
C SER H 10 12.40 -10.65 -5.74
N SER H 11 13.54 -10.17 -5.27
CA SER H 11 14.65 -11.08 -4.94
C SER H 11 15.46 -10.58 -3.76
N TYR H 12 15.91 -11.52 -2.92
CA TYR H 12 16.72 -11.19 -1.76
C TYR H 12 18.01 -12.00 -1.80
N GLY H 13 19.13 -11.37 -1.48
CA GLY H 13 20.40 -12.07 -1.50
C GLY H 13 20.62 -12.88 -0.22
N GLN H 14 21.28 -12.26 0.76
CA GLN H 14 21.59 -12.91 2.03
C GLN H 14 21.18 -12.06 3.23
N PRO H 15 19.91 -11.96 3.50
CA PRO H 15 19.39 -11.15 4.65
C PRO H 15 19.66 -11.79 6.02
N GLN H 16 19.69 -10.93 7.06
CA GLN H 16 19.90 -11.37 8.45
C GLN H 16 21.30 -11.95 8.72
N SER H 17 22.36 -11.17 8.45
CA SER H 17 23.72 -11.67 8.71
C SER H 17 24.29 -11.14 10.04
N GLY H 18 23.50 -10.37 10.79
CA GLY H 18 23.98 -9.84 12.08
C GLY H 18 24.60 -10.96 12.92
N SER H 19 25.82 -10.75 13.39
CA SER H 19 26.51 -11.79 14.17
C SER H 19 25.93 -11.94 15.58
N TYR H 20 25.80 -10.81 16.28
CA TYR H 20 25.28 -10.80 17.65
C TYR H 20 24.15 -9.79 17.82
N SER H 21 23.10 -9.90 17.02
CA SER H 21 22.01 -8.98 17.16
C SER H 21 20.69 -9.55 16.63
N GLN H 22 19.58 -9.17 17.26
CA GLN H 22 18.29 -9.65 16.80
C GLN H 22 17.94 -8.98 15.48
N GLN H 23 17.59 -9.79 14.49
CA GLN H 23 17.27 -9.26 13.18
C GLN H 23 16.12 -10.01 12.54
N PRO H 24 14.96 -9.92 13.14
CA PRO H 24 13.74 -10.59 12.61
C PRO H 24 13.24 -9.89 11.36
N SER H 25 12.52 -10.62 10.52
CA SER H 25 12.02 -10.04 9.26
C SER H 25 10.57 -10.47 8.98
N TYR H 26 9.80 -9.57 8.34
CA TYR H 26 8.40 -9.86 8.01
C TYR H 26 8.12 -9.53 6.53
N GLY H 27 7.40 -10.41 5.83
CA GLY H 27 7.05 -10.17 4.42
C GLY H 27 5.98 -9.09 4.29
N GLY H 28 5.87 -8.46 3.11
CA GLY H 28 4.88 -7.39 2.92
C GLY H 28 3.67 -7.81 2.06
N GLN H 29 3.04 -6.81 1.42
CA GLN H 29 1.84 -7.03 0.60
C GLN H 29 2.04 -6.66 -0.88
N GLN H 30 1.65 -7.57 -1.77
CA GLN H 30 1.73 -7.33 -3.22
C GLN H 30 0.38 -7.70 -3.86
N GLN H 31 -0.10 -6.87 -4.79
CA GLN H 31 -1.37 -7.15 -5.45
C GLN H 31 -1.28 -6.89 -6.95
N SER H 32 -1.42 -7.95 -7.76
CA SER H 32 -1.35 -7.82 -9.22
C SER H 32 -2.70 -8.05 -9.91
N TYR H 33 -3.13 -7.07 -10.71
CA TYR H 33 -4.40 -7.18 -11.45
C TYR H 33 -4.16 -7.20 -12.96
N GLY H 34 -4.59 -8.26 -13.63
CA GLY H 34 -4.44 -8.35 -15.09
C GLY H 34 -5.78 -8.78 -15.68
N GLN H 35 -6.52 -7.85 -16.30
CA GLN H 35 -7.83 -8.22 -16.83
C GLN H 35 -8.34 -7.33 -17.98
N GLN H 36 -9.31 -7.88 -18.70
CA GLN H 36 -9.96 -7.18 -19.82
C GLN H 36 -11.46 -7.17 -19.57
N GLN H 37 -12.07 -5.97 -19.59
CA GLN H 37 -13.51 -5.88 -19.32
C GLN H 37 -14.27 -5.26 -20.49
N SER H 38 -15.42 -5.85 -20.81
CA SER H 38 -16.25 -5.36 -21.89
C SER H 38 -17.70 -5.21 -21.42
N TYR H 39 -18.34 -4.11 -21.82
CA TYR H 39 -19.72 -3.88 -21.45
C TYR H 39 -20.56 -3.73 -22.69
N ASN H 40 -21.56 -4.59 -22.86
CA ASN H 40 -22.42 -4.54 -24.04
C ASN H 40 -21.58 -4.68 -25.30
N SER A 2 5.75 14.99 26.14
CA SER A 2 6.69 14.35 25.17
C SER A 2 5.93 13.35 24.31
N TYR A 3 5.19 13.83 23.32
CA TYR A 3 4.43 12.93 22.47
C TYR A 3 4.16 13.55 21.11
N GLY A 4 3.82 12.69 20.16
CA GLY A 4 3.51 13.13 18.80
C GLY A 4 2.34 12.32 18.26
N SER A 5 1.51 12.94 17.43
CA SER A 5 0.37 12.21 16.89
C SER A 5 -0.06 12.75 15.52
N SER A 6 -0.70 11.89 14.74
CA SER A 6 -1.18 12.29 13.43
C SER A 6 -2.50 11.60 13.13
N SER A 7 -3.35 12.27 12.36
CA SER A 7 -4.64 11.70 12.03
C SER A 7 -5.06 12.10 10.62
N GLN A 8 -5.79 11.21 9.96
CA GLN A 8 -6.25 11.48 8.61
C GLN A 8 -7.67 10.95 8.44
N SER A 9 -8.48 11.69 7.69
CA SER A 9 -9.86 11.27 7.46
C SER A 9 -10.30 11.63 6.05
N SER A 10 -11.14 10.79 5.47
CA SER A 10 -11.64 11.04 4.12
C SER A 10 -13.05 10.48 3.96
N SER A 11 -13.92 11.24 3.31
CA SER A 11 -15.30 10.79 3.13
C SER A 11 -15.79 10.96 1.69
N TYR A 12 -16.57 10.00 1.22
CA TYR A 12 -17.14 10.04 -0.12
C TYR A 12 -18.66 9.92 -0.03
N GLY A 13 -19.37 10.87 -0.65
CA GLY A 13 -20.83 10.83 -0.61
C GLY A 13 -21.46 10.45 -1.94
N GLN A 14 -22.18 9.33 -1.94
CA GLN A 14 -22.88 8.85 -3.14
C GLN A 14 -22.03 8.96 -4.41
N PRO A 15 -20.87 8.35 -4.43
CA PRO A 15 -19.97 8.38 -5.63
C PRO A 15 -20.47 7.50 -6.79
N GLN A 16 -20.09 7.88 -8.01
CA GLN A 16 -20.47 7.12 -9.22
C GLN A 16 -21.99 7.03 -9.41
N SER A 17 -22.65 8.18 -9.55
CA SER A 17 -24.10 8.19 -9.74
C SER A 17 -24.47 8.45 -11.21
N GLY A 18 -23.48 8.62 -12.08
CA GLY A 18 -23.75 8.87 -13.50
C GLY A 18 -24.31 7.61 -14.17
N SER A 19 -24.78 7.75 -15.41
CA SER A 19 -25.34 6.61 -16.13
C SER A 19 -24.93 6.59 -17.60
N TYR A 20 -25.03 5.41 -18.21
CA TYR A 20 -24.69 5.22 -19.62
C TYR A 20 -23.24 5.58 -19.92
N SER A 21 -22.34 5.49 -18.93
CA SER A 21 -20.94 5.82 -19.19
C SER A 21 -19.99 5.09 -18.23
N GLN A 22 -18.81 4.73 -18.75
CA GLN A 22 -17.82 4.06 -17.90
C GLN A 22 -17.23 5.04 -16.91
N GLN A 23 -17.28 4.67 -15.63
CA GLN A 23 -16.78 5.55 -14.59
C GLN A 23 -16.12 4.77 -13.47
N PRO A 24 -15.01 4.13 -13.76
CA PRO A 24 -14.25 3.33 -12.75
C PRO A 24 -13.57 4.22 -11.72
N SER A 25 -13.29 3.65 -10.54
CA SER A 25 -12.66 4.43 -9.48
C SER A 25 -11.51 3.67 -8.81
N TYR A 26 -10.41 4.40 -8.55
CA TYR A 26 -9.24 3.80 -7.91
C TYR A 26 -8.87 4.57 -6.63
N GLY A 27 -8.51 3.86 -5.56
CA GLY A 27 -8.15 4.51 -4.31
C GLY A 27 -6.84 5.29 -4.46
N GLY A 28 -6.23 5.65 -3.32
CA GLY A 28 -4.98 6.41 -3.35
C GLY A 28 -4.01 5.97 -2.26
N GLN A 29 -3.01 6.82 -1.98
CA GLN A 29 -2.01 6.52 -0.97
C GLN A 29 -2.02 7.52 0.18
N GLN A 30 -2.08 7.00 1.42
CA GLN A 30 -2.05 7.85 2.61
C GLN A 30 -1.04 7.28 3.61
N GLN A 31 -0.25 8.16 4.21
CA GLN A 31 0.75 7.72 5.18
C GLN A 31 0.70 8.61 6.43
N SER A 32 0.64 7.98 7.61
CA SER A 32 0.59 8.73 8.87
C SER A 32 1.70 8.30 9.83
N TYR A 33 2.51 9.27 10.26
CA TYR A 33 3.61 9.00 11.19
C TYR A 33 3.40 9.71 12.53
N GLY A 34 3.44 8.95 13.62
CA GLY A 34 3.28 9.55 14.95
C GLY A 34 4.24 8.86 15.92
N GLN A 35 5.31 9.53 16.33
CA GLN A 35 6.26 8.88 17.23
C GLN A 35 7.04 9.85 18.09
N GLN A 36 7.64 9.28 19.12
CA GLN A 36 8.49 10.02 20.05
C GLN A 36 9.90 9.46 19.95
N GLN A 37 10.87 10.32 19.65
CA GLN A 37 12.24 9.86 19.51
C GLN A 37 13.18 10.57 20.48
N SER A 38 13.94 9.78 21.24
CA SER A 38 14.89 10.35 22.20
C SER A 38 16.26 9.71 22.01
N TYR A 39 17.30 10.53 22.10
CA TYR A 39 18.66 10.04 21.94
C TYR A 39 19.51 10.46 23.13
N ASN A 40 20.07 9.48 23.83
CA ASN A 40 20.90 9.76 24.99
C ASN A 40 22.28 9.13 24.83
N SER B 2 5.69 10.15 27.07
CA SER B 2 6.59 9.50 26.07
C SER B 2 5.78 8.50 25.24
N TYR B 3 5.02 9.00 24.27
CA TYR B 3 4.22 8.11 23.45
C TYR B 3 3.91 8.74 22.10
N GLY B 4 3.51 7.87 21.15
CA GLY B 4 3.16 8.33 19.82
C GLY B 4 1.97 7.53 19.31
N SER B 5 1.13 8.16 18.50
CA SER B 5 -0.04 7.45 17.99
C SER B 5 -0.50 8.00 16.65
N SER B 6 -1.18 7.16 15.89
CA SER B 6 -1.70 7.56 14.59
C SER B 6 -3.05 6.90 14.35
N SER B 7 -3.92 7.57 13.61
CA SER B 7 -5.22 7.02 13.31
C SER B 7 -5.68 7.42 11.92
N GLN B 8 -6.44 6.55 11.28
CA GLN B 8 -6.96 6.82 9.95
C GLN B 8 -8.38 6.32 9.83
N SER B 9 -9.22 7.06 9.11
CA SER B 9 -10.59 6.66 8.93
C SER B 9 -11.08 7.03 7.52
N SER B 10 -11.95 6.21 6.97
CA SER B 10 -12.49 6.46 5.64
C SER B 10 -13.91 5.93 5.54
N SER B 11 -14.80 6.70 4.92
CA SER B 11 -16.19 6.26 4.78
C SER B 11 -16.72 6.45 3.37
N TYR B 12 -17.53 5.50 2.92
CA TYR B 12 -18.14 5.55 1.60
C TYR B 12 -19.66 5.45 1.74
N GLY B 13 -20.39 6.39 1.14
CA GLY B 13 -21.84 6.38 1.25
C GLY B 13 -22.53 6.02 -0.08
N GLN B 14 -23.26 4.90 -0.05
CA GLN B 14 -24.00 4.44 -1.23
C GLN B 14 -23.19 4.54 -2.53
N PRO B 15 -22.04 3.91 -2.59
CA PRO B 15 -21.18 3.94 -3.82
C PRO B 15 -21.73 3.07 -4.97
N GLN B 16 -21.40 3.46 -6.21
CA GLN B 16 -21.82 2.71 -7.40
C GLN B 16 -23.34 2.63 -7.53
N SER B 17 -23.99 3.79 -7.65
CA SER B 17 -25.45 3.81 -7.79
C SER B 17 -25.88 4.08 -9.25
N GLY B 18 -24.90 4.25 -10.15
CA GLY B 18 -25.23 4.51 -11.55
C GLY B 18 -25.82 3.27 -12.22
N SER B 19 -26.33 3.41 -13.44
CA SER B 19 -26.94 2.27 -14.13
C SER B 19 -26.57 2.26 -15.62
N TYR B 20 -26.71 1.08 -16.23
CA TYR B 20 -26.42 0.90 -17.66
C TYR B 20 -24.96 1.23 -18.00
N SER B 21 -24.05 1.12 -17.05
CA SER B 21 -22.65 1.43 -17.35
C SER B 21 -21.68 0.69 -16.44
N GLN B 22 -20.51 0.33 -16.98
CA GLN B 22 -19.50 -0.35 -16.18
C GLN B 22 -18.87 0.62 -15.20
N GLN B 23 -18.88 0.25 -13.93
CA GLN B 23 -18.33 1.12 -12.90
C GLN B 23 -17.64 0.32 -11.80
N PRO B 24 -16.55 -0.32 -12.13
CA PRO B 24 -15.76 -1.14 -11.16
C PRO B 24 -15.04 -0.26 -10.14
N SER B 25 -14.72 -0.83 -8.98
CA SER B 25 -14.05 -0.07 -7.94
C SER B 25 -12.88 -0.84 -7.31
N TYR B 26 -11.78 -0.13 -7.08
CA TYR B 26 -10.58 -0.73 -6.49
C TYR B 26 -10.16 0.03 -5.22
N GLY B 27 -9.78 -0.70 -4.17
CA GLY B 27 -9.37 -0.05 -2.92
C GLY B 27 -8.06 0.72 -3.11
N GLY B 28 -7.39 1.05 -2.00
CA GLY B 28 -6.14 1.81 -2.08
C GLY B 28 -5.13 1.35 -1.01
N GLN B 29 -4.13 2.19 -0.76
CA GLN B 29 -3.08 1.87 0.21
C GLN B 29 -3.06 2.87 1.38
N GLN B 30 -3.07 2.34 2.60
CA GLN B 30 -3.00 3.17 3.80
C GLN B 30 -1.97 2.59 4.76
N GLN B 31 -1.14 3.45 5.33
CA GLN B 31 -0.12 3.01 6.28
C GLN B 31 -0.11 3.88 7.53
N SER B 32 -0.13 3.25 8.70
CA SER B 32 -0.14 4.01 9.96
C SER B 32 1.01 3.56 10.89
N TYR B 33 1.84 4.52 11.29
CA TYR B 33 2.97 4.22 12.18
C TYR B 33 2.80 4.93 13.53
N GLY B 34 2.87 4.17 14.62
CA GLY B 34 2.77 4.75 15.95
C GLY B 34 3.75 4.06 16.88
N GLN B 35 4.83 4.73 17.26
CA GLN B 35 5.81 4.06 18.13
C GLN B 35 6.64 5.03 18.97
N GLN B 36 7.27 4.44 19.98
CA GLN B 36 8.15 5.16 20.87
C GLN B 36 9.55 4.59 20.72
N GLN B 37 10.52 5.43 20.39
CA GLN B 37 11.89 4.96 20.21
C GLN B 37 12.87 5.66 21.14
N SER B 38 13.64 4.85 21.87
CA SER B 38 14.63 5.40 22.80
C SER B 38 15.98 4.76 22.56
N TYR B 39 17.03 5.56 22.61
CA TYR B 39 18.38 5.06 22.41
C TYR B 39 19.28 5.46 23.57
N ASN B 40 19.85 4.47 24.25
CA ASN B 40 20.73 4.74 25.38
C ASN B 40 22.08 4.09 25.18
N SER C 2 5.60 5.29 27.97
CA SER C 2 6.46 4.63 26.93
C SER C 2 5.62 3.65 26.14
N TYR C 3 4.82 4.16 25.21
CA TYR C 3 3.99 3.27 24.40
C TYR C 3 3.64 3.91 23.05
N GLY C 4 3.21 3.05 22.13
CA GLY C 4 2.82 3.51 20.80
C GLY C 4 1.59 2.74 20.34
N SER C 5 0.73 3.37 19.55
CA SER C 5 -0.46 2.68 19.07
C SER C 5 -0.97 3.24 17.76
N SER C 6 -1.68 2.41 17.02
CA SER C 6 -2.24 2.82 15.74
C SER C 6 -3.60 2.17 15.54
N SER C 7 -4.48 2.87 14.83
CA SER C 7 -5.81 2.33 14.58
C SER C 7 -6.31 2.74 13.21
N GLN C 8 -7.11 1.89 12.60
CA GLN C 8 -7.66 2.17 11.29
C GLN C 8 -9.10 1.67 11.21
N SER C 9 -9.95 2.43 10.53
CA SER C 9 -11.34 2.04 10.39
C SER C 9 -11.87 2.43 9.00
N SER C 10 -12.76 1.60 8.47
CA SER C 10 -13.34 1.87 7.16
C SER C 10 -14.77 1.36 7.11
N SER C 11 -15.67 2.14 6.53
CA SER C 11 -17.07 1.73 6.44
C SER C 11 -17.65 1.93 5.04
N TYR C 12 -18.49 0.98 4.62
CA TYR C 12 -19.14 1.05 3.32
C TYR C 12 -20.66 0.96 3.51
N GLY C 13 -21.39 1.92 2.95
CA GLY C 13 -22.84 1.92 3.11
C GLY C 13 -23.57 1.57 1.81
N GLN C 14 -24.31 0.46 1.85
CA GLN C 14 -25.10 0.00 0.70
C GLN C 14 -24.34 0.10 -0.63
N PRO C 15 -23.20 -0.54 -0.74
CA PRO C 15 -22.38 -0.51 -1.99
C PRO C 15 -22.98 -1.37 -3.12
N GLN C 16 -22.68 -0.98 -4.38
CA GLN C 16 -23.15 -1.72 -5.55
C GLN C 16 -24.68 -1.78 -5.64
N SER C 17 -25.32 -0.61 -5.73
CA SER C 17 -26.78 -0.57 -5.82
C SER C 17 -27.26 -0.29 -7.25
N GLY C 18 -26.32 -0.13 -8.20
CA GLY C 18 -26.69 0.13 -9.59
C GLY C 18 -27.32 -1.10 -10.23
N SER C 19 -27.88 -0.95 -11.44
CA SER C 19 -28.52 -2.07 -12.12
C SER C 19 -28.21 -2.09 -13.62
N TYR C 20 -28.36 -3.26 -14.21
CA TYR C 20 -28.12 -3.45 -15.65
C TYR C 20 -26.68 -3.13 -16.05
N SER C 21 -25.73 -3.25 -15.12
CA SER C 21 -24.35 -2.96 -15.48
C SER C 21 -23.34 -3.70 -14.60
N GLN C 22 -22.21 -4.07 -15.18
CA GLN C 22 -21.18 -4.77 -14.43
C GLN C 22 -20.50 -3.81 -13.46
N GLN C 23 -20.47 -4.19 -12.19
CA GLN C 23 -19.88 -3.32 -11.17
C GLN C 23 -19.15 -4.14 -10.11
N PRO C 24 -18.10 -4.79 -10.48
CA PRO C 24 -17.28 -5.62 -9.54
C PRO C 24 -16.50 -4.75 -8.54
N SER C 25 -16.15 -5.34 -7.40
CA SER C 25 -15.44 -4.59 -6.37
C SER C 25 -14.26 -5.37 -5.79
N TYR C 26 -13.13 -4.67 -5.60
CA TYR C 26 -11.92 -5.28 -5.04
C TYR C 26 -11.45 -4.53 -3.80
N GLY C 27 -11.06 -5.27 -2.74
CA GLY C 27 -10.59 -4.63 -1.51
C GLY C 27 -9.29 -3.87 -1.75
N GLY C 28 -8.57 -3.56 -0.67
CA GLY C 28 -7.32 -2.82 -0.78
C GLY C 28 -6.27 -3.29 0.25
N GLN C 29 -5.25 -2.46 0.46
CA GLN C 29 -4.18 -2.79 1.40
C GLN C 29 -4.10 -1.80 2.57
N GLN C 30 -4.09 -2.33 3.79
CA GLN C 30 -3.96 -1.51 4.99
C GLN C 30 -2.90 -2.10 5.91
N GLN C 31 -2.05 -1.24 6.46
CA GLN C 31 -1.00 -1.72 7.36
C GLN C 31 -0.94 -0.84 8.62
N SER C 32 -0.93 -1.47 9.80
CA SER C 32 -0.88 -0.73 11.05
C SER C 32 0.29 -1.19 11.93
N TYR C 33 1.15 -0.24 12.32
CA TYR C 33 2.31 -0.55 13.17
C TYR C 33 2.19 0.15 14.52
N GLY C 34 2.29 -0.62 15.60
CA GLY C 34 2.25 -0.04 16.94
C GLY C 34 3.26 -0.75 17.84
N GLN C 35 4.35 -0.09 18.17
CA GLN C 35 5.35 -0.76 19.01
C GLN C 35 6.22 0.19 19.82
N GLN C 36 6.88 -0.42 20.81
CA GLN C 36 7.80 0.29 21.67
C GLN C 36 9.19 -0.31 21.47
N GLN C 37 10.15 0.54 21.11
CA GLN C 37 11.50 0.05 20.88
C GLN C 37 12.52 0.73 21.79
N SER C 38 13.32 -0.07 22.48
CA SER C 38 14.33 0.45 23.38
C SER C 38 15.68 -0.20 23.09
N TYR C 39 16.74 0.59 23.10
CA TYR C 39 18.08 0.08 22.85
C TYR C 39 19.01 0.47 23.98
N ASN C 40 19.59 -0.53 24.64
CA ASN C 40 20.50 -0.27 25.75
C ASN C 40 21.86 -0.93 25.50
N SER D 2 5.52 0.42 28.83
CA SER D 2 6.33 -0.23 27.77
C SER D 2 5.45 -1.21 27.00
N TYR D 3 4.63 -0.69 26.09
CA TYR D 3 3.76 -1.56 25.31
C TYR D 3 3.36 -0.92 23.98
N GLY D 4 2.89 -1.75 23.06
CA GLY D 4 2.45 -1.29 21.76
C GLY D 4 1.21 -2.05 21.33
N SER D 5 0.33 -1.41 20.58
CA SER D 5 -0.89 -2.09 20.15
C SER D 5 -1.43 -1.52 18.85
N SER D 6 -2.17 -2.34 18.13
CA SER D 6 -2.78 -1.92 16.87
C SER D 6 -4.15 -2.55 16.71
N SER D 7 -5.05 -1.84 16.05
CA SER D 7 -6.39 -2.36 15.84
C SER D 7 -6.93 -1.94 14.48
N GLN D 8 -7.75 -2.79 13.90
CA GLN D 8 -8.35 -2.50 12.60
C GLN D 8 -9.79 -2.97 12.57
N SER D 9 -10.66 -2.20 11.92
CA SER D 9 -12.06 -2.57 11.82
C SER D 9 -12.62 -2.17 10.47
N SER D 10 -13.55 -2.97 9.96
CA SER D 10 -14.18 -2.70 8.68
C SER D 10 -15.61 -3.21 8.67
N SER D 11 -16.52 -2.40 8.12
CA SER D 11 -17.92 -2.80 8.07
C SER D 11 -18.55 -2.59 6.70
N TYR D 12 -19.41 -3.53 6.31
CA TYR D 12 -20.11 -3.46 5.03
C TYR D 12 -21.62 -3.52 5.28
N GLY D 13 -22.37 -2.56 4.73
CA GLY D 13 -23.81 -2.54 4.94
C GLY D 13 -24.58 -2.88 3.66
N GLN D 14 -25.33 -3.98 3.73
CA GLN D 14 -26.17 -4.42 2.60
C GLN D 14 -25.45 -4.33 1.25
N PRO D 15 -24.32 -4.97 1.11
CA PRO D 15 -23.55 -4.95 -0.18
C PRO D 15 -24.19 -5.80 -1.29
N GLN D 16 -23.94 -5.41 -2.55
CA GLN D 16 -24.45 -6.14 -3.71
C GLN D 16 -25.98 -6.17 -3.75
N SER D 17 -26.61 -5.00 -3.80
CA SER D 17 -28.07 -4.95 -3.85
C SER D 17 -28.59 -4.66 -5.27
N GLY D 18 -27.69 -4.52 -6.23
CA GLY D 18 -28.09 -4.23 -7.61
C GLY D 18 -28.76 -5.46 -8.24
N SER D 19 -29.35 -5.29 -9.42
CA SER D 19 -30.02 -6.41 -10.09
C SER D 19 -29.77 -6.42 -11.60
N TYR D 20 -29.96 -7.59 -12.21
CA TYR D 20 -29.78 -7.77 -13.64
C TYR D 20 -28.36 -7.46 -14.08
N SER D 21 -27.38 -7.63 -13.20
CA SER D 21 -26.00 -7.35 -13.60
C SER D 21 -24.99 -8.11 -12.76
N GLN D 22 -23.86 -8.46 -13.38
CA GLN D 22 -22.81 -9.18 -12.66
C GLN D 22 -22.09 -8.23 -11.71
N GLN D 23 -22.03 -8.61 -10.45
CA GLN D 23 -21.39 -7.76 -9.45
C GLN D 23 -20.64 -8.59 -8.41
N PRO D 24 -19.59 -9.25 -8.82
CA PRO D 24 -18.75 -10.09 -7.91
C PRO D 24 -17.94 -9.23 -6.94
N SER D 25 -17.55 -9.82 -5.81
CA SER D 25 -16.80 -9.08 -4.81
C SER D 25 -15.61 -9.88 -4.27
N TYR D 26 -14.47 -9.19 -4.11
CA TYR D 26 -13.25 -9.83 -3.60
C TYR D 26 -12.74 -9.08 -2.37
N GLY D 27 -12.29 -9.82 -1.35
CA GLY D 27 -11.78 -9.20 -0.13
C GLY D 27 -10.48 -8.45 -0.40
N GLY D 28 -9.73 -8.15 0.66
CA GLY D 28 -8.47 -7.41 0.52
C GLY D 28 -7.40 -7.90 1.50
N GLN D 29 -6.36 -7.09 1.68
CA GLN D 29 -5.26 -7.44 2.59
C GLN D 29 -5.13 -6.45 3.75
N GLN D 30 -5.08 -7.00 4.96
CA GLN D 30 -4.90 -6.18 6.16
C GLN D 30 -3.81 -6.79 7.05
N GLN D 31 -2.94 -5.95 7.57
CA GLN D 31 -1.86 -6.42 8.44
C GLN D 31 -1.75 -5.56 9.69
N SER D 32 -1.70 -6.20 10.86
CA SER D 32 -1.61 -5.46 12.12
C SER D 32 -0.42 -5.94 12.96
N TYR D 33 0.47 -5.00 13.32
CA TYR D 33 1.64 -5.32 14.13
C TYR D 33 1.59 -4.63 15.49
N GLY D 34 1.71 -5.40 16.56
CA GLY D 34 1.72 -4.83 17.90
C GLY D 34 2.74 -5.56 18.76
N GLN D 35 3.86 -4.91 19.07
CA GLN D 35 4.88 -5.60 19.88
C GLN D 35 5.79 -4.66 20.65
N GLN D 36 6.46 -5.27 21.62
CA GLN D 36 7.43 -4.58 22.46
C GLN D 36 8.80 -5.18 22.20
N GLN D 37 9.76 -4.35 21.82
CA GLN D 37 11.10 -4.85 21.53
C GLN D 37 12.16 -4.19 22.40
N SER D 38 12.96 -5.01 23.07
CA SER D 38 14.02 -4.50 23.93
C SER D 38 15.35 -5.17 23.58
N TYR D 39 16.41 -4.38 23.58
CA TYR D 39 17.74 -4.91 23.28
C TYR D 39 18.72 -4.53 24.38
N ASN D 40 19.31 -5.54 25.00
CA ASN D 40 20.27 -5.31 26.08
C ASN D 40 21.60 -5.99 25.78
N SER E 2 -0.40 5.92 -31.16
CA SER E 2 -1.43 6.20 -30.12
C SER E 2 -1.12 5.41 -28.85
N TYR E 3 -0.18 5.91 -28.07
CA TYR E 3 0.20 5.22 -26.84
C TYR E 3 0.81 6.17 -25.83
N GLY E 4 0.83 5.72 -24.57
CA GLY E 4 1.41 6.51 -23.49
C GLY E 4 2.17 5.59 -22.54
N SER E 5 3.24 6.09 -21.94
CA SER E 5 3.99 5.25 -21.02
C SER E 5 4.72 6.07 -19.97
N SER E 6 4.98 5.44 -18.83
CA SER E 6 5.69 6.10 -17.74
C SER E 6 6.62 5.11 -17.04
N SER E 7 7.73 5.61 -16.53
CA SER E 7 8.67 4.75 -15.84
C SER E 7 9.33 5.48 -14.68
N GLN E 8 9.65 4.74 -13.64
CA GLN E 8 10.29 5.32 -12.47
C GLN E 8 11.36 4.36 -11.94
N SER E 9 12.47 4.93 -11.47
CA SER E 9 13.53 4.10 -10.93
C SER E 9 14.20 4.80 -9.74
N SER E 10 14.65 4.00 -8.79
CA SER E 10 15.32 4.56 -7.61
C SER E 10 16.36 3.58 -7.09
N SER E 11 17.52 4.10 -6.70
CA SER E 11 18.58 3.22 -6.20
C SER E 11 19.21 3.76 -4.91
N TYR E 12 19.55 2.85 -4.01
CA TYR E 12 20.18 3.20 -2.75
C TYR E 12 21.49 2.43 -2.61
N GLY E 13 22.58 3.14 -2.33
CA GLY E 13 23.88 2.49 -2.21
C GLY E 13 24.40 2.47 -0.77
N GLN E 14 24.55 1.27 -0.23
CA GLN E 14 25.08 1.08 1.13
C GLN E 14 24.46 2.05 2.15
N PRO E 15 23.16 2.07 2.29
CA PRO E 15 22.45 2.96 3.25
C PRO E 15 22.62 2.53 4.72
N GLN E 16 22.55 3.51 5.64
CA GLN E 16 22.66 3.24 7.08
C GLN E 16 23.99 2.60 7.47
N SER E 17 25.09 3.30 7.20
CA SER E 17 26.41 2.78 7.53
C SER E 17 26.99 3.44 8.80
N GLY E 18 26.24 4.36 9.41
CA GLY E 18 26.71 5.04 10.61
C GLY E 18 26.72 4.08 11.80
N SER E 19 27.30 4.51 12.92
CA SER E 19 27.38 3.65 14.11
C SER E 19 27.11 4.42 15.40
N TYR E 20 26.74 3.68 16.44
CA TYR E 20 26.46 4.27 17.76
C TYR E 20 25.33 5.29 17.71
N SER E 21 24.41 5.18 16.75
CA SER E 21 23.32 6.15 16.69
C SER E 21 22.08 5.57 16.02
N GLN E 22 20.89 5.99 16.49
CA GLN E 22 19.65 5.51 15.91
C GLN E 22 19.46 6.13 14.53
N GLN E 23 19.25 5.29 13.53
CA GLN E 23 19.09 5.77 12.16
C GLN E 23 18.06 4.95 11.38
N PRO E 24 16.82 5.03 11.79
CA PRO E 24 15.70 4.29 11.11
C PRO E 24 15.39 4.86 9.73
N SER E 25 14.80 4.05 8.87
CA SER E 25 14.49 4.48 7.51
C SER E 25 13.07 4.09 7.09
N TYR E 26 12.38 5.02 6.43
CA TYR E 26 11.01 4.77 5.96
C TYR E 26 10.90 5.01 4.45
N GLY E 27 10.19 4.13 3.73
CA GLY E 27 10.04 4.28 2.29
C GLY E 27 9.22 5.53 1.95
N GLY E 28 8.73 5.61 0.71
CA GLY E 28 7.95 6.76 0.28
C GLY E 28 6.79 6.36 -0.64
N GLN E 29 6.25 7.35 -1.35
CA GLN E 29 5.12 7.11 -2.26
C GLN E 29 5.48 7.43 -3.71
N GLN E 30 5.19 6.47 -4.60
CA GLN E 30 5.45 6.66 -6.03
C GLN E 30 4.21 6.21 -6.83
N GLN E 31 3.83 7.01 -7.81
CA GLN E 31 2.67 6.68 -8.64
C GLN E 31 2.99 6.84 -10.12
N SER E 32 2.68 5.83 -10.92
CA SER E 32 2.95 5.88 -12.36
C SER E 32 1.68 5.61 -13.18
N TYR E 33 1.33 6.55 -14.06
CA TYR E 33 0.16 6.41 -14.92
C TYR E 33 0.55 6.32 -16.40
N GLY E 34 0.10 5.28 -17.08
CA GLY E 34 0.37 5.14 -18.51
C GLY E 34 -0.86 4.58 -19.22
N GLN E 35 -1.56 5.41 -19.98
CA GLN E 35 -2.76 4.91 -20.64
C GLN E 35 -3.13 5.66 -21.91
N GLN E 36 -3.98 5.02 -22.69
CA GLN E 36 -4.50 5.59 -23.92
C GLN E 36 -6.01 5.79 -23.75
N GLN E 37 -6.49 7.00 -23.95
CA GLN E 37 -7.91 7.28 -23.80
C GLN E 37 -8.53 7.84 -25.07
N SER E 38 -9.60 7.21 -25.53
CA SER E 38 -10.30 7.66 -26.73
C SER E 38 -11.79 7.81 -26.44
N TYR E 39 -12.37 8.88 -26.99
CA TYR E 39 -13.79 9.12 -26.79
C TYR E 39 -14.48 9.32 -28.15
N ASN E 40 -15.46 8.47 -28.44
CA ASN E 40 -16.18 8.57 -29.71
C ASN E 40 -17.67 8.69 -29.46
N SER F 2 -2.48 1.59 -29.99
CA SER F 2 -3.48 1.86 -28.91
C SER F 2 -3.12 1.05 -27.67
N TYR F 3 -2.14 1.54 -26.91
CA TYR F 3 -1.74 0.84 -25.70
C TYR F 3 -1.08 1.77 -24.69
N GLY F 4 -1.03 1.31 -23.45
CA GLY F 4 -0.41 2.07 -22.38
C GLY F 4 0.38 1.14 -21.47
N SER F 5 1.46 1.63 -20.88
CA SER F 5 2.24 0.77 -20.01
C SER F 5 3.01 1.58 -18.96
N SER F 6 3.31 0.93 -17.84
CA SER F 6 4.06 1.58 -16.78
C SER F 6 5.00 0.58 -16.13
N SER F 7 6.13 1.07 -15.64
CA SER F 7 7.10 0.20 -14.99
C SER F 7 7.79 0.91 -13.84
N GLN F 8 8.16 0.15 -12.82
CA GLN F 8 8.84 0.71 -11.67
C GLN F 8 9.92 -0.25 -11.19
N SER F 9 11.04 0.30 -10.76
CA SER F 9 12.13 -0.54 -10.26
C SER F 9 12.84 0.14 -9.11
N SER F 10 13.30 -0.66 -8.16
CA SER F 10 14.00 -0.13 -6.99
C SER F 10 15.06 -1.11 -6.51
N SER F 11 16.25 -0.61 -6.17
CA SER F 11 17.32 -1.48 -5.72
C SER F 11 17.99 -0.96 -4.45
N TYR F 12 18.35 -1.90 -3.57
CA TYR F 12 19.03 -1.56 -2.32
C TYR F 12 20.35 -2.35 -2.23
N GLY F 13 21.46 -1.64 -2.00
CA GLY F 13 22.75 -2.31 -1.92
C GLY F 13 23.30 -2.33 -0.49
N GLN F 14 23.47 -3.55 0.03
CA GLN F 14 24.04 -3.75 1.38
C GLN F 14 23.46 -2.78 2.42
N PRO F 15 22.17 -2.78 2.59
CA PRO F 15 21.50 -1.88 3.60
C PRO F 15 21.71 -2.33 5.06
N GLN F 16 21.68 -1.38 5.98
CA GLN F 16 21.84 -1.65 7.42
C GLN F 16 23.18 -2.30 7.75
N SER F 17 24.27 -1.60 7.45
CA SER F 17 25.61 -2.13 7.73
C SER F 17 26.22 -1.49 8.99
N GLY F 18 25.50 -0.56 9.62
CA GLY F 18 26.02 0.10 10.83
C GLY F 18 26.06 -0.88 12.00
N SER F 19 26.67 -0.47 13.11
CA SER F 19 26.78 -1.34 14.28
C SER F 19 26.57 -0.59 15.60
N TYR F 20 26.23 -1.34 16.64
CA TYR F 20 26.01 -0.77 17.97
C TYR F 20 24.88 0.26 17.98
N SER F 21 23.93 0.15 17.05
CA SER F 21 22.85 1.12 17.04
C SER F 21 21.57 0.56 16.39
N GLN F 22 20.41 0.99 16.91
CA GLN F 22 19.15 0.53 16.36
C GLN F 22 18.91 1.18 15.00
N GLN F 23 18.67 0.34 13.99
CA GLN F 23 18.46 0.84 12.64
C GLN F 23 17.39 0.03 11.90
N PRO F 24 16.17 0.11 12.34
CA PRO F 24 15.03 -0.61 11.70
C PRO F 24 14.68 -0.03 10.34
N SER F 25 14.05 -0.83 9.49
CA SER F 25 13.70 -0.38 8.14
C SER F 25 12.27 -0.77 7.77
N TYR F 26 11.55 0.18 7.14
CA TYR F 26 10.17 -0.06 6.71
C TYR F 26 10.02 0.21 5.20
N GLY F 27 9.29 -0.67 4.50
CA GLY F 27 9.09 -0.48 3.07
C GLY F 27 8.27 0.77 2.78
N GLY F 28 7.71 0.86 1.56
CA GLY F 28 6.93 2.03 1.17
C GLY F 28 5.73 1.64 0.28
N GLN F 29 5.17 2.64 -0.40
CA GLN F 29 4.02 2.42 -1.28
C GLN F 29 4.33 2.74 -2.75
N GLN F 30 4.02 1.80 -3.63
CA GLN F 30 4.21 2.01 -5.06
C GLN F 30 2.95 1.57 -5.83
N GLN F 31 2.53 2.39 -6.79
CA GLN F 31 1.34 2.06 -7.57
C GLN F 31 1.62 2.24 -9.06
N SER F 32 1.27 1.23 -9.87
CA SER F 32 1.49 1.32 -11.31
C SER F 32 0.21 1.05 -12.10
N TYR F 33 -0.16 2.01 -12.96
CA TYR F 33 -1.38 1.88 -13.77
C TYR F 33 -1.03 1.81 -15.26
N GLY F 34 -1.50 0.77 -15.93
CA GLY F 34 -1.27 0.63 -17.37
C GLY F 34 -2.54 0.10 -18.05
N GLN F 35 -3.25 0.95 -18.78
CA GLN F 35 -4.48 0.47 -19.42
C GLN F 35 -4.89 1.24 -20.66
N GLN F 36 -5.78 0.62 -21.40
CA GLN F 36 -6.34 1.20 -22.61
C GLN F 36 -7.84 1.38 -22.40
N GLN F 37 -8.31 2.60 -22.57
CA GLN F 37 -9.73 2.88 -22.35
C GLN F 37 -10.39 3.47 -23.61
N SER F 38 -11.49 2.85 -24.02
CA SER F 38 -12.21 3.32 -25.20
C SER F 38 -13.69 3.48 -24.87
N TYR F 39 -14.29 4.55 -25.37
CA TYR F 39 -15.71 4.80 -25.13
C TYR F 39 -16.43 5.01 -26.46
N ASN F 40 -17.43 4.18 -26.73
CA ASN F 40 -18.18 4.29 -27.96
C ASN F 40 -19.67 4.43 -27.67
N SER G 2 -4.54 -2.77 -28.81
CA SER G 2 -5.52 -2.51 -27.70
C SER G 2 -5.12 -3.32 -26.47
N TYR G 3 -4.11 -2.85 -25.75
CA TYR G 3 -3.67 -3.57 -24.56
C TYR G 3 -2.97 -2.65 -23.56
N GLY G 4 -2.88 -3.13 -22.33
CA GLY G 4 -2.22 -2.38 -21.28
C GLY G 4 -1.42 -3.32 -20.40
N SER G 5 -0.31 -2.85 -19.85
CA SER G 5 0.50 -3.71 -19.00
C SER G 5 1.30 -2.92 -17.97
N SER G 6 1.64 -3.59 -16.87
CA SER G 6 2.43 -2.95 -15.83
C SER G 6 3.39 -3.97 -15.22
N SER G 7 4.53 -3.49 -14.76
CA SER G 7 5.52 -4.39 -14.16
C SER G 7 6.26 -3.68 -13.03
N GLN G 8 6.64 -4.46 -12.03
CA GLN G 8 7.37 -3.92 -10.89
C GLN G 8 8.46 -4.89 -10.46
N SER G 9 9.60 -4.35 -10.05
CA SER G 9 10.69 -5.19 -9.61
C SER G 9 11.46 -4.53 -8.46
N SER G 10 11.93 -5.34 -7.54
CA SER G 10 12.68 -4.83 -6.39
C SER G 10 13.75 -5.82 -5.96
N SER G 11 14.95 -5.33 -5.65
CA SER G 11 16.03 -6.23 -5.24
C SER G 11 16.74 -5.72 -3.99
N TYR G 12 17.12 -6.66 -3.12
CA TYR G 12 17.84 -6.34 -1.90
C TYR G 12 19.15 -7.13 -1.85
N GLY G 13 20.27 -6.43 -1.66
CA GLY G 13 21.56 -7.11 -1.63
C GLY G 13 22.17 -7.16 -0.22
N GLN G 14 22.35 -8.38 0.28
CA GLN G 14 22.95 -8.60 1.60
C GLN G 14 22.42 -7.65 2.68
N PRO G 15 21.13 -7.62 2.89
CA PRO G 15 20.50 -6.74 3.92
C PRO G 15 20.76 -7.21 5.37
N GLN G 16 20.77 -6.25 6.30
CA GLN G 16 20.96 -6.55 7.73
C GLN G 16 22.31 -7.21 8.01
N SER G 17 23.40 -6.51 7.69
CA SER G 17 24.74 -7.05 7.93
C SER G 17 25.40 -6.43 9.17
N GLY G 18 24.71 -5.49 9.84
CA GLY G 18 25.26 -4.86 11.03
C GLY G 18 25.34 -5.85 12.19
N SER G 19 26.01 -5.45 13.28
CA SER G 19 26.14 -6.34 14.44
C SER G 19 25.99 -5.59 15.77
N TYR G 20 25.68 -6.35 16.81
CA TYR G 20 25.50 -5.80 18.15
C TYR G 20 24.38 -4.76 18.21
N SER G 21 23.39 -4.85 17.32
CA SER G 21 22.31 -3.88 17.36
C SER G 21 21.01 -4.41 16.76
N GLN G 22 19.88 -3.99 17.31
CA GLN G 22 18.59 -4.43 16.79
C GLN G 22 18.31 -3.77 15.44
N GLN G 23 18.03 -4.60 14.43
CA GLN G 23 17.79 -4.08 13.09
C GLN G 23 16.69 -4.88 12.38
N PRO G 24 15.49 -4.79 12.86
CA PRO G 24 14.32 -5.51 12.26
C PRO G 24 13.92 -4.90 10.91
N SER G 25 13.26 -5.69 10.07
CA SER G 25 12.87 -5.22 8.75
C SER G 25 11.43 -5.60 8.41
N TYR G 26 10.70 -4.65 7.82
CA TYR G 26 9.29 -4.87 7.44
C TYR G 26 9.11 -4.59 5.94
N GLY G 27 8.35 -5.44 5.24
CA GLY G 27 8.10 -5.25 3.82
C GLY G 27 7.27 -3.98 3.57
N GLY G 28 6.68 -3.88 2.37
CA GLY G 28 5.88 -2.71 2.03
C GLY G 28 4.66 -3.08 1.17
N GLN G 29 4.09 -2.08 0.51
CA GLN G 29 2.90 -2.28 -0.32
C GLN G 29 3.17 -1.93 -1.79
N GLN G 30 2.82 -2.87 -2.68
CA GLN G 30 2.96 -2.64 -4.12
C GLN G 30 1.69 -3.06 -4.83
N GLN G 31 1.24 -2.25 -5.78
CA GLN G 31 0.02 -2.55 -6.53
C GLN G 31 0.24 -2.36 -8.03
N SER G 32 -0.13 -3.36 -8.83
CA SER G 32 0.05 -3.26 -10.28
C SER G 32 -1.28 -3.51 -11.03
N TYR G 33 -1.67 -2.54 -11.87
CA TYR G 33 -2.91 -2.66 -12.64
C TYR G 33 -2.61 -2.71 -14.14
N GLY G 34 -3.11 -3.73 -14.81
CA GLY G 34 -2.92 -3.86 -16.26
C GLY G 34 -4.21 -4.37 -16.90
N GLN G 35 -4.95 -3.52 -17.60
CA GLN G 35 -6.20 -3.98 -18.19
C GLN G 35 -6.64 -3.20 -19.41
N GLN G 36 -7.56 -3.81 -20.13
CA GLN G 36 -8.16 -3.21 -21.32
C GLN G 36 -9.64 -3.02 -21.06
N GLN G 37 -10.12 -1.79 -21.19
CA GLN G 37 -11.53 -1.50 -20.93
C GLN G 37 -12.22 -0.90 -22.15
N SER G 38 -13.33 -1.51 -22.54
CA SER G 38 -14.09 -1.03 -23.69
C SER G 38 -15.56 -0.86 -23.31
N TYR G 39 -16.17 0.22 -23.78
CA TYR G 39 -17.58 0.47 -23.49
C TYR G 39 -18.34 0.71 -24.79
N ASN G 40 -19.35 -0.13 -25.04
CA ASN G 40 -20.14 0.00 -26.25
C ASN G 40 -21.63 0.15 -25.90
N SER H 2 -6.64 -7.09 -27.55
CA SER H 2 -7.56 -6.83 -26.41
C SER H 2 -7.13 -7.66 -25.22
N TYR H 3 -6.10 -7.20 -24.52
CA TYR H 3 -5.63 -7.94 -23.35
C TYR H 3 -4.89 -7.04 -22.36
N GLY H 4 -4.75 -7.53 -21.14
CA GLY H 4 -4.05 -6.79 -20.11
C GLY H 4 -3.23 -7.75 -19.26
N SER H 5 -2.10 -7.30 -18.75
CA SER H 5 -1.26 -8.18 -17.93
C SER H 5 -0.43 -7.41 -16.93
N SER H 6 -0.05 -8.08 -15.85
CA SER H 6 0.77 -7.47 -14.83
C SER H 6 1.75 -8.49 -14.27
N SER H 7 2.91 -8.02 -13.84
CA SER H 7 3.90 -8.93 -13.28
C SER H 7 4.68 -8.24 -12.17
N GLN H 8 5.10 -9.03 -11.19
CA GLN H 8 5.87 -8.51 -10.07
C GLN H 8 6.96 -9.48 -9.69
N SER H 9 8.12 -8.96 -9.31
CA SER H 9 9.23 -9.81 -8.91
C SER H 9 10.03 -9.17 -7.79
N SER H 10 10.56 -10.00 -6.89
CA SER H 10 11.33 -9.50 -5.77
C SER H 10 12.41 -10.51 -5.38
N SER H 11 13.61 -10.03 -5.11
CA SER H 11 14.70 -10.93 -4.75
C SER H 11 15.47 -10.45 -3.51
N TYR H 12 15.86 -11.40 -2.68
CA TYR H 12 16.63 -11.10 -1.47
C TYR H 12 17.93 -11.90 -1.49
N GLY H 13 19.07 -11.22 -1.31
CA GLY H 13 20.36 -11.90 -1.33
C GLY H 13 21.00 -11.96 0.05
N GLN H 14 21.20 -13.19 0.54
CA GLN H 14 21.85 -13.43 1.83
C GLN H 14 21.35 -12.48 2.93
N PRO H 15 20.08 -12.45 3.20
CA PRO H 15 19.49 -11.56 4.25
C PRO H 15 19.80 -12.05 5.68
N GLN H 16 19.83 -11.10 6.64
CA GLN H 16 20.08 -11.42 8.04
C GLN H 16 21.43 -12.08 8.26
N SER H 17 22.52 -11.40 7.92
CA SER H 17 23.85 -11.95 8.10
C SER H 17 24.56 -11.35 9.32
N GLY H 18 23.90 -10.43 10.03
CA GLY H 18 24.49 -9.80 11.21
C GLY H 18 24.61 -10.81 12.36
N SER H 19 25.31 -10.43 13.43
CA SER H 19 25.47 -11.34 14.57
C SER H 19 25.37 -10.60 15.91
N TYR H 20 25.09 -11.37 16.96
CA TYR H 20 24.97 -10.83 18.32
C TYR H 20 23.86 -9.79 18.42
N SER H 21 22.83 -9.88 17.58
CA SER H 21 21.77 -8.90 17.66
C SER H 21 20.45 -9.45 17.11
N GLN H 22 19.33 -8.98 17.67
CA GLN H 22 18.02 -9.42 17.19
C GLN H 22 17.71 -8.74 15.87
N GLN H 23 17.37 -9.55 14.87
CA GLN H 23 17.09 -9.02 13.54
C GLN H 23 15.97 -9.80 12.85
N PRO H 24 14.78 -9.71 13.38
CA PRO H 24 13.60 -10.41 12.80
C PRO H 24 13.15 -9.78 11.48
N SER H 25 12.47 -10.57 10.65
CA SER H 25 12.02 -10.08 9.35
C SER H 25 10.56 -10.43 9.06
N TYR H 26 9.83 -9.47 8.49
CA TYR H 26 8.41 -9.67 8.15
C TYR H 26 8.18 -9.37 6.68
N GLY H 27 7.39 -10.21 6.01
CA GLY H 27 7.09 -10.00 4.58
C GLY H 27 6.27 -8.74 4.38
N GLY H 28 5.63 -8.62 3.20
CA GLY H 28 4.82 -7.44 2.90
C GLY H 28 3.58 -7.80 2.08
N GLN H 29 2.98 -6.77 1.45
CA GLN H 29 1.77 -6.96 0.66
C GLN H 29 1.98 -6.60 -0.81
N GLN H 30 1.60 -7.52 -1.70
CA GLN H 30 1.70 -7.29 -3.14
C GLN H 30 0.39 -7.69 -3.82
N GLN H 31 -0.07 -6.87 -4.75
CA GLN H 31 -1.31 -7.16 -5.45
C GLN H 31 -1.14 -6.95 -6.96
N SER H 32 -1.56 -7.93 -7.76
CA SER H 32 -1.43 -7.81 -9.21
C SER H 32 -2.78 -8.05 -9.91
N TYR H 33 -3.19 -7.07 -10.72
CA TYR H 33 -4.46 -7.17 -11.45
C TYR H 33 -4.21 -7.21 -12.96
N GLY H 34 -4.75 -8.22 -13.63
CA GLY H 34 -4.61 -8.33 -15.08
C GLY H 34 -5.91 -8.84 -15.68
N GLN H 35 -6.67 -7.97 -16.35
CA GLN H 35 -7.93 -8.42 -16.91
C GLN H 35 -8.42 -7.61 -18.10
N GLN H 36 -9.36 -8.21 -18.81
CA GLN H 36 -10.01 -7.60 -19.96
C GLN H 36 -11.48 -7.40 -19.63
N GLN H 37 -11.95 -6.16 -19.74
CA GLN H 37 -13.35 -5.88 -19.44
C GLN H 37 -14.07 -5.26 -20.63
N SER H 38 -15.21 -5.86 -20.98
CA SER H 38 -16.01 -5.36 -22.09
C SER H 38 -17.46 -5.19 -21.66
N TYR H 39 -18.07 -4.11 -22.10
CA TYR H 39 -19.47 -3.85 -21.77
C TYR H 39 -20.28 -3.59 -23.03
N ASN H 40 -21.29 -4.41 -23.25
CA ASN H 40 -22.14 -4.26 -24.43
C ASN H 40 -23.60 -4.11 -24.04
N SER A 2 6.67 13.89 26.48
CA SER A 2 6.48 14.42 25.10
C SER A 2 5.77 13.37 24.25
N TYR A 3 5.05 13.83 23.24
CA TYR A 3 4.33 12.90 22.37
C TYR A 3 4.07 13.49 21.00
N GLY A 4 3.79 12.61 20.05
CA GLY A 4 3.50 13.03 18.67
C GLY A 4 2.21 12.36 18.21
N SER A 5 1.33 13.12 17.57
CA SER A 5 0.08 12.55 17.12
C SER A 5 -0.24 12.93 15.67
N SER A 6 -0.74 11.96 14.93
CA SER A 6 -1.10 12.19 13.54
C SER A 6 -2.42 11.50 13.23
N SER A 7 -3.25 12.15 12.42
CA SER A 7 -4.54 11.56 12.07
C SER A 7 -4.96 12.00 10.68
N GLN A 8 -5.71 11.14 10.00
CA GLN A 8 -6.20 11.45 8.67
C GLN A 8 -7.65 10.99 8.53
N SER A 9 -8.43 11.76 7.80
CA SER A 9 -9.83 11.42 7.60
C SER A 9 -10.29 11.82 6.20
N SER A 10 -11.07 10.95 5.58
CA SER A 10 -11.58 11.23 4.24
C SER A 10 -13.00 10.69 4.08
N SER A 11 -13.80 11.34 3.25
CA SER A 11 -15.18 10.90 3.07
C SER A 11 -15.66 11.10 1.63
N TYR A 12 -16.39 10.11 1.13
CA TYR A 12 -16.95 10.17 -0.22
C TYR A 12 -18.46 10.00 -0.15
N GLY A 13 -19.21 10.90 -0.77
CA GLY A 13 -20.67 10.83 -0.74
C GLY A 13 -21.26 10.38 -2.08
N GLN A 14 -22.04 9.30 -2.04
CA GLN A 14 -22.70 8.77 -3.24
C GLN A 14 -21.77 8.69 -4.46
N PRO A 15 -20.67 7.98 -4.36
CA PRO A 15 -19.70 7.85 -5.50
C PRO A 15 -20.31 7.20 -6.75
N GLN A 16 -19.95 7.73 -7.94
CA GLN A 16 -20.41 7.17 -9.21
C GLN A 16 -21.94 7.14 -9.34
N SER A 17 -22.56 8.31 -9.44
CA SER A 17 -24.01 8.39 -9.57
C SER A 17 -24.44 8.65 -11.02
N GLY A 18 -23.48 8.76 -11.95
CA GLY A 18 -23.81 9.01 -13.35
C GLY A 18 -24.38 7.75 -14.01
N SER A 19 -24.76 7.84 -15.28
CA SER A 19 -25.33 6.69 -15.97
C SER A 19 -24.95 6.67 -17.46
N TYR A 20 -25.09 5.49 -18.07
CA TYR A 20 -24.78 5.30 -19.48
C TYR A 20 -23.32 5.64 -19.81
N SER A 21 -22.42 5.52 -18.84
CA SER A 21 -21.02 5.82 -19.13
C SER A 21 -20.06 5.08 -18.19
N GLN A 22 -18.90 4.69 -18.71
CA GLN A 22 -17.91 4.00 -17.89
C GLN A 22 -17.26 4.99 -16.93
N GLN A 23 -17.23 4.63 -15.65
CA GLN A 23 -16.66 5.51 -14.64
C GLN A 23 -15.89 4.73 -13.57
N PRO A 24 -14.81 4.11 -13.94
CA PRO A 24 -13.97 3.31 -13.00
C PRO A 24 -13.39 4.19 -11.88
N SER A 25 -13.17 3.60 -10.70
CA SER A 25 -12.63 4.36 -9.59
C SER A 25 -11.46 3.63 -8.91
N TYR A 26 -10.41 4.38 -8.57
CA TYR A 26 -9.24 3.82 -7.91
C TYR A 26 -8.87 4.63 -6.66
N GLY A 27 -8.54 3.96 -5.57
CA GLY A 27 -8.16 4.65 -4.33
C GLY A 27 -6.74 5.20 -4.43
N GLY A 28 -6.39 6.10 -3.50
CA GLY A 28 -5.04 6.70 -3.51
C GLY A 28 -4.16 6.16 -2.38
N GLN A 29 -3.13 6.92 -2.03
CA GLN A 29 -2.19 6.52 -0.97
C GLN A 29 -2.17 7.50 0.20
N GLN A 30 -2.18 6.96 1.42
CA GLN A 30 -2.12 7.78 2.62
C GLN A 30 -1.07 7.21 3.57
N GLN A 31 -0.30 8.09 4.19
CA GLN A 31 0.74 7.66 5.13
C GLN A 31 0.76 8.55 6.36
N SER A 32 0.44 7.99 7.53
CA SER A 32 0.42 8.76 8.76
C SER A 32 1.53 8.32 9.73
N TYR A 33 2.36 9.28 10.16
CA TYR A 33 3.45 9.00 11.09
C TYR A 33 3.25 9.72 12.43
N GLY A 34 3.17 8.97 13.52
CA GLY A 34 3.02 9.57 14.83
C GLY A 34 4.01 8.93 15.79
N GLN A 35 5.06 9.65 16.17
CA GLN A 35 6.06 9.04 17.06
C GLN A 35 6.87 10.05 17.85
N GLN A 36 7.52 9.52 18.88
CA GLN A 36 8.39 10.30 19.74
C GLN A 36 9.74 9.60 19.81
N GLN A 37 10.81 10.33 19.51
CA GLN A 37 12.14 9.72 19.50
C GLN A 37 13.09 10.43 20.45
N SER A 38 13.86 9.65 21.20
CA SER A 38 14.82 10.19 22.14
C SER A 38 16.18 9.55 21.95
N TYR A 39 17.23 10.36 22.05
CA TYR A 39 18.59 9.85 21.89
C TYR A 39 19.41 10.14 23.14
N ASN A 40 19.91 9.10 23.78
CA ASN A 40 20.70 9.26 24.99
C ASN A 40 19.88 9.91 26.10
N SER B 2 6.62 9.05 27.39
CA SER B 2 6.40 9.58 26.02
C SER B 2 5.65 8.55 25.19
N TYR B 3 4.90 9.03 24.20
CA TYR B 3 4.15 8.09 23.36
C TYR B 3 3.85 8.69 21.98
N GLY B 4 3.52 7.82 21.05
CA GLY B 4 3.18 8.24 19.70
C GLY B 4 1.87 7.59 19.27
N SER B 5 0.97 8.36 18.67
CA SER B 5 -0.31 7.80 18.26
C SER B 5 -0.66 8.18 16.83
N SER B 6 -1.20 7.22 16.08
CA SER B 6 -1.61 7.46 14.71
C SER B 6 -2.95 6.79 14.45
N SER B 7 -3.79 7.44 13.68
CA SER B 7 -5.09 6.87 13.35
C SER B 7 -5.56 7.32 11.99
N GLN B 8 -6.35 6.47 11.34
CA GLN B 8 -6.88 6.79 10.02
C GLN B 8 -8.33 6.34 9.93
N SER B 9 -9.14 7.14 9.24
CA SER B 9 -10.55 6.80 9.08
C SER B 9 -11.06 7.20 7.71
N SER B 10 -11.86 6.35 7.10
CA SER B 10 -12.41 6.64 5.78
C SER B 10 -13.83 6.11 5.67
N SER B 11 -14.66 6.78 4.89
CA SER B 11 -16.05 6.35 4.74
C SER B 11 -16.58 6.56 3.33
N TYR B 12 -17.35 5.58 2.84
CA TYR B 12 -17.94 5.64 1.51
C TYR B 12 -19.46 5.48 1.64
N GLY B 13 -20.21 6.41 1.04
CA GLY B 13 -21.67 6.34 1.12
C GLY B 13 -22.32 5.92 -0.19
N GLN B 14 -23.11 4.84 -0.13
CA GLN B 14 -23.81 4.30 -1.30
C GLN B 14 -22.93 4.24 -2.55
N PRO B 15 -21.83 3.51 -2.50
CA PRO B 15 -20.90 3.38 -3.68
C PRO B 15 -21.56 2.74 -4.91
N GLN B 16 -21.23 3.27 -6.10
CA GLN B 16 -21.75 2.72 -7.37
C GLN B 16 -23.28 2.70 -7.42
N SER B 17 -23.88 3.89 -7.52
CA SER B 17 -25.34 3.98 -7.60
C SER B 17 -25.82 4.24 -9.02
N GLY B 18 -24.89 4.36 -9.98
CA GLY B 18 -25.28 4.62 -11.37
C GLY B 18 -25.88 3.36 -12.01
N SER B 19 -26.31 3.47 -13.28
CA SER B 19 -26.91 2.32 -13.95
C SER B 19 -26.58 2.31 -15.44
N TYR B 20 -26.75 1.12 -16.06
CA TYR B 20 -26.49 0.94 -17.49
C TYR B 20 -25.04 1.25 -17.86
N SER B 21 -24.11 1.12 -16.93
CA SER B 21 -22.72 1.41 -17.26
C SER B 21 -21.73 0.65 -16.35
N GLN B 22 -20.59 0.28 -16.92
CA GLN B 22 -19.58 -0.42 -16.13
C GLN B 22 -18.90 0.56 -15.19
N GLN B 23 -18.81 0.18 -13.92
CA GLN B 23 -18.19 1.06 -12.93
C GLN B 23 -17.41 0.27 -11.89
N PRO B 24 -16.34 -0.37 -12.30
CA PRO B 24 -15.48 -1.17 -11.39
C PRO B 24 -14.84 -0.30 -10.30
N SER B 25 -14.59 -0.90 -9.13
CA SER B 25 -14.00 -0.15 -8.02
C SER B 25 -12.82 -0.90 -7.40
N TYR B 26 -11.75 -0.15 -7.09
CA TYR B 26 -10.56 -0.72 -6.47
C TYR B 26 -10.14 0.08 -5.24
N GLY B 27 -9.79 -0.60 -4.15
CA GLY B 27 -9.36 0.08 -2.92
C GLY B 27 -7.93 0.62 -3.06
N GLY B 28 -7.53 1.51 -2.16
CA GLY B 28 -6.19 2.10 -2.21
C GLY B 28 -5.28 1.54 -1.12
N GLN B 29 -4.22 2.29 -0.80
CA GLN B 29 -3.25 1.87 0.22
C GLN B 29 -3.18 2.85 1.39
N GLN B 30 -3.15 2.30 2.60
CA GLN B 30 -3.04 3.11 3.81
C GLN B 30 -1.97 2.54 4.72
N GLN B 31 -1.17 3.41 5.33
CA GLN B 31 -0.10 2.96 6.22
C GLN B 31 -0.03 3.85 7.47
N SER B 32 -0.31 3.28 8.63
CA SER B 32 -0.28 4.04 9.88
C SER B 32 0.85 3.60 10.80
N TYR B 33 1.71 4.54 11.20
CA TYR B 33 2.83 4.25 12.09
C TYR B 33 2.68 4.96 13.43
N GLY B 34 2.63 4.20 14.52
CA GLY B 34 2.52 4.80 15.85
C GLY B 34 3.55 4.14 16.77
N GLN B 35 4.62 4.85 17.11
CA GLN B 35 5.64 4.24 17.97
C GLN B 35 6.49 5.24 18.73
N GLN B 36 7.18 4.69 19.74
CA GLN B 36 8.08 5.46 20.57
C GLN B 36 9.43 4.75 20.58
N GLN B 37 10.49 5.47 20.25
CA GLN B 37 11.82 4.86 20.18
C GLN B 37 12.81 5.56 21.12
N SER B 38 13.60 4.75 21.83
CA SER B 38 14.59 5.30 22.74
C SER B 38 15.94 4.64 22.50
N TYR B 39 17.00 5.44 22.56
CA TYR B 39 18.34 4.92 22.36
C TYR B 39 19.20 5.20 23.58
N ASN B 40 19.72 4.14 24.19
CA ASN B 40 20.56 4.29 25.38
C ASN B 40 19.78 4.93 26.51
N SER C 2 6.55 4.17 28.26
CA SER C 2 6.29 4.72 26.90
C SER C 2 5.50 3.70 26.09
N TYR C 3 4.72 4.18 25.13
CA TYR C 3 3.93 3.27 24.30
C TYR C 3 3.59 3.87 22.95
N GLY C 4 3.21 3.01 22.02
CA GLY C 4 2.83 3.44 20.69
C GLY C 4 1.50 2.80 20.31
N SER C 5 0.59 3.57 19.73
CA SER C 5 -0.70 3.04 19.36
C SER C 5 -1.10 3.43 17.95
N SER C 6 -1.67 2.47 17.22
CA SER C 6 -2.13 2.72 15.87
C SER C 6 -3.48 2.06 15.64
N SER C 7 -4.35 2.73 14.91
CA SER C 7 -5.66 2.17 14.62
C SER C 7 -6.17 2.63 13.27
N GLN C 8 -6.99 1.78 12.64
CA GLN C 8 -7.56 2.12 11.35
C GLN C 8 -9.02 1.69 11.30
N SER C 9 -9.85 2.49 10.65
CA SER C 9 -11.26 2.17 10.55
C SER C 9 -11.82 2.59 9.20
N SER C 10 -12.65 1.73 8.60
CA SER C 10 -13.24 2.04 7.30
C SER C 10 -14.67 1.52 7.24
N SER C 11 -15.52 2.20 6.49
CA SER C 11 -16.91 1.77 6.39
C SER C 11 -17.49 2.01 5.00
N TYR C 12 -18.28 1.04 4.53
CA TYR C 12 -18.93 1.11 3.23
C TYR C 12 -20.43 0.96 3.40
N GLY C 13 -21.21 1.90 2.85
CA GLY C 13 -22.66 1.84 2.98
C GLY C 13 -23.36 1.44 1.68
N GLN C 14 -24.13 0.35 1.76
CA GLN C 14 -24.89 -0.17 0.61
C GLN C 14 -24.04 -0.24 -0.66
N PRO C 15 -22.96 -0.97 -0.66
CA PRO C 15 -22.07 -1.11 -1.87
C PRO C 15 -22.78 -1.74 -3.09
N GLN C 16 -22.49 -1.20 -4.28
CA GLN C 16 -23.06 -1.73 -5.53
C GLN C 16 -24.59 -1.74 -5.53
N SER C 17 -25.19 -0.55 -5.60
CA SER C 17 -26.65 -0.45 -5.63
C SER C 17 -27.18 -0.18 -7.05
N GLY C 18 -26.28 -0.06 -8.02
CA GLY C 18 -26.71 0.21 -9.41
C GLY C 18 -27.35 -1.03 -10.02
N SER C 19 -27.81 -0.93 -11.27
CA SER C 19 -28.45 -2.07 -11.94
C SER C 19 -28.18 -2.08 -13.44
N TYR C 20 -28.38 -3.25 -14.05
CA TYR C 20 -28.16 -3.43 -15.49
C TYR C 20 -26.73 -3.13 -15.91
N SER C 21 -25.77 -3.27 -15.01
CA SER C 21 -24.39 -3.00 -15.39
C SER C 21 -23.37 -3.75 -14.53
N GLN C 22 -22.25 -4.14 -15.12
CA GLN C 22 -21.22 -4.85 -14.38
C GLN C 22 -20.49 -3.88 -13.46
N GLN C 23 -20.37 -4.26 -12.19
CA GLN C 23 -19.72 -3.40 -11.22
C GLN C 23 -18.90 -4.21 -10.21
N PRO C 24 -17.85 -4.84 -10.66
CA PRO C 24 -16.97 -5.66 -9.78
C PRO C 24 -16.29 -4.81 -8.71
N SER C 25 -15.99 -5.40 -7.55
CA SER C 25 -15.35 -4.66 -6.47
C SER C 25 -14.15 -5.42 -5.88
N TYR C 26 -13.09 -4.69 -5.61
CA TYR C 26 -11.86 -5.28 -5.04
C TYR C 26 -11.40 -4.48 -3.81
N GLY C 27 -11.02 -5.18 -2.74
CA GLY C 27 -10.54 -4.50 -1.53
C GLY C 27 -9.12 -3.98 -1.72
N GLY C 28 -8.68 -3.09 -0.83
CA GLY C 28 -7.33 -2.52 -0.92
C GLY C 28 -6.38 -3.09 0.14
N GLN C 29 -5.32 -2.35 0.43
CA GLN C 29 -4.31 -2.78 1.40
C GLN C 29 -4.20 -1.81 2.58
N GLN C 30 -4.13 -2.36 3.79
CA GLN C 30 -3.97 -1.55 5.00
C GLN C 30 -2.87 -2.15 5.88
N GLN C 31 -2.04 -1.29 6.45
CA GLN C 31 -0.95 -1.75 7.31
C GLN C 31 -0.83 -0.86 8.55
N SER C 32 -1.08 -1.44 9.72
CA SER C 32 -1.00 -0.68 10.96
C SER C 32 0.16 -1.15 11.86
N TYR C 33 1.03 -0.20 12.23
CA TYR C 33 2.18 -0.51 13.08
C TYR C 33 2.08 0.20 14.43
N GLY C 34 2.07 -0.57 15.51
CA GLY C 34 2.02 0.02 16.85
C GLY C 34 3.07 -0.64 17.73
N GLN C 35 4.17 0.05 18.04
CA GLN C 35 5.21 -0.57 18.84
C GLN C 35 6.09 0.42 19.60
N GLN C 36 6.80 -0.14 20.56
CA GLN C 36 7.74 0.61 21.38
C GLN C 36 9.08 -0.11 21.34
N GLN C 37 10.14 0.60 20.97
CA GLN C 37 11.46 -0.02 20.85
C GLN C 37 12.47 0.67 21.75
N SER C 38 13.28 -0.14 22.44
CA SER C 38 14.31 0.39 23.32
C SER C 38 15.66 -0.28 23.03
N TYR C 39 16.72 0.50 23.05
CA TYR C 39 18.05 -0.03 22.80
C TYR C 39 18.97 0.24 24.00
N ASN C 40 19.49 -0.82 24.58
CA ASN C 40 20.37 -0.69 25.74
C ASN C 40 19.63 -0.05 26.91
N SER D 2 6.49 -0.67 29.09
CA SER D 2 6.19 -0.12 27.74
C SER D 2 5.37 -1.13 26.95
N TYR D 3 4.56 -0.65 26.02
CA TYR D 3 3.73 -1.55 25.22
C TYR D 3 3.35 -0.94 23.88
N GLY D 4 2.93 -1.80 22.96
CA GLY D 4 2.51 -1.36 21.64
C GLY D 4 1.17 -1.98 21.31
N SER D 5 0.24 -1.20 20.78
CA SER D 5 -1.07 -1.73 20.46
C SER D 5 -1.52 -1.32 19.06
N SER D 6 -2.13 -2.27 18.35
CA SER D 6 -2.63 -2.00 17.02
C SER D 6 -3.99 -2.66 16.84
N SER D 7 -4.88 -1.99 16.13
CA SER D 7 -6.21 -2.53 15.90
C SER D 7 -6.77 -2.06 14.56
N GLN D 8 -7.61 -2.88 13.96
CA GLN D 8 -8.23 -2.55 12.69
C GLN D 8 -9.69 -2.97 12.69
N SER D 9 -10.53 -2.15 12.07
CA SER D 9 -11.96 -2.47 12.02
C SER D 9 -12.54 -2.03 10.68
N SER D 10 -13.40 -2.87 10.12
CA SER D 10 -14.04 -2.55 8.84
C SER D 10 -15.47 -3.05 8.84
N SER D 11 -16.35 -2.36 8.11
CA SER D 11 -17.75 -2.78 8.06
C SER D 11 -18.37 -2.54 6.70
N TYR D 12 -19.18 -3.50 6.25
CA TYR D 12 -19.88 -3.41 4.97
C TYR D 12 -21.38 -3.55 5.19
N GLY D 13 -22.16 -2.61 4.66
CA GLY D 13 -23.61 -2.65 4.85
C GLY D 13 -24.36 -3.06 3.58
N GLN D 14 -25.14 -4.12 3.68
CA GLN D 14 -25.94 -4.64 2.56
C GLN D 14 -25.15 -4.70 1.25
N PRO D 15 -24.07 -5.45 1.21
CA PRO D 15 -23.23 -5.59 -0.02
C PRO D 15 -23.99 -6.20 -1.21
N GLN D 16 -23.73 -5.66 -2.41
CA GLN D 16 -24.33 -6.18 -3.65
C GLN D 16 -25.87 -6.17 -3.60
N SER D 17 -26.46 -4.97 -3.65
CA SER D 17 -27.92 -4.87 -3.62
C SER D 17 -28.50 -4.58 -5.01
N GLY D 18 -27.63 -4.47 -6.01
CA GLY D 18 -28.11 -4.20 -7.38
C GLY D 18 -28.76 -5.43 -7.98
N SER D 19 -29.27 -5.31 -9.21
CA SER D 19 -29.94 -6.44 -9.86
C SER D 19 -29.72 -6.45 -11.38
N TYR D 20 -29.96 -7.62 -11.98
CA TYR D 20 -29.81 -7.80 -13.43
C TYR D 20 -28.39 -7.50 -13.89
N SER D 21 -27.39 -7.68 -13.04
CA SER D 21 -26.03 -7.42 -13.46
C SER D 21 -25.01 -8.18 -12.64
N GLN D 22 -23.89 -8.54 -13.28
CA GLN D 22 -22.84 -9.27 -12.57
C GLN D 22 -22.07 -8.32 -11.67
N GLN D 23 -21.91 -8.70 -10.42
CA GLN D 23 -21.21 -7.86 -9.45
C GLN D 23 -20.36 -8.68 -8.48
N PRO D 24 -19.35 -9.31 -8.97
CA PRO D 24 -18.43 -10.15 -8.13
C PRO D 24 -17.70 -9.30 -7.08
N SER D 25 -17.39 -9.91 -5.94
CA SER D 25 -16.71 -9.19 -4.87
C SER D 25 -15.49 -9.95 -4.34
N TYR D 26 -14.41 -9.23 -4.09
CA TYR D 26 -13.18 -9.83 -3.57
C TYR D 26 -12.66 -9.04 -2.36
N GLY D 27 -12.24 -9.74 -1.31
CA GLY D 27 -11.71 -9.08 -0.11
C GLY D 27 -10.29 -8.57 -0.34
N GLY D 28 -9.81 -7.69 0.54
CA GLY D 28 -8.47 -7.13 0.41
C GLY D 28 -7.49 -7.71 1.42
N GLN D 29 -6.40 -6.98 1.67
CA GLN D 29 -5.37 -7.43 2.62
C GLN D 29 -5.21 -6.46 3.78
N GLN D 30 -5.10 -7.02 4.99
CA GLN D 30 -4.90 -6.22 6.20
C GLN D 30 -3.77 -6.82 7.03
N GLN D 31 -2.91 -5.97 7.58
CA GLN D 31 -1.79 -6.45 8.39
C GLN D 31 -1.62 -5.57 9.64
N SER D 32 -1.83 -6.16 10.82
CA SER D 32 -1.70 -5.39 12.07
C SER D 32 -0.51 -5.88 12.90
N TYR D 33 0.38 -4.94 13.25
CA TYR D 33 1.56 -5.27 14.06
C TYR D 33 1.51 -4.56 15.42
N GLY D 34 1.52 -5.33 16.50
CA GLY D 34 1.53 -4.76 17.83
C GLY D 34 2.59 -5.44 18.68
N GLN D 35 3.70 -4.75 18.95
CA GLN D 35 4.76 -5.38 19.73
C GLN D 35 5.69 -4.40 20.44
N GLN D 36 6.43 -4.96 21.38
CA GLN D 36 7.41 -4.22 22.16
C GLN D 36 8.75 -4.95 22.07
N GLN D 37 9.79 -4.25 21.66
CA GLN D 37 11.10 -4.89 21.51
C GLN D 37 12.16 -4.21 22.38
N SER D 38 12.99 -5.03 23.01
CA SER D 38 14.05 -4.52 23.86
C SER D 38 15.37 -5.20 23.52
N TYR D 39 16.45 -4.42 23.52
CA TYR D 39 17.76 -4.96 23.22
C TYR D 39 18.71 -4.71 24.38
N ASN D 40 19.25 -5.78 24.95
CA ASN D 40 20.18 -5.66 26.07
C ASN D 40 19.49 -5.01 27.27
N SER E 2 -1.71 5.19 -31.10
CA SER E 2 -1.21 6.12 -30.05
C SER E 2 -0.94 5.34 -28.77
N TYR E 3 -0.02 5.83 -27.94
CA TYR E 3 0.29 5.14 -26.71
C TYR E 3 0.88 6.08 -25.67
N GLY E 4 0.84 5.65 -24.41
CA GLY E 4 1.40 6.44 -23.32
C GLY E 4 2.30 5.55 -22.48
N SER E 5 3.47 6.06 -22.11
CA SER E 5 4.39 5.25 -21.31
C SER E 5 4.95 6.04 -20.12
N SER E 6 5.05 5.35 -19.00
CA SER E 6 5.59 5.97 -17.79
C SER E 6 6.50 4.98 -17.07
N SER E 7 7.59 5.48 -16.51
CA SER E 7 8.52 4.61 -15.80
C SER E 7 9.19 5.38 -14.67
N GLN E 8 9.56 4.65 -13.63
CA GLN E 8 10.24 5.25 -12.49
C GLN E 8 11.35 4.33 -12.00
N SER E 9 12.45 4.92 -11.57
CA SER E 9 13.58 4.13 -11.09
C SER E 9 14.27 4.85 -9.94
N SER E 10 14.65 4.08 -8.91
CA SER E 10 15.33 4.66 -7.76
C SER E 10 16.37 3.68 -7.23
N SER E 11 17.46 4.20 -6.67
CA SER E 11 18.51 3.34 -6.16
C SER E 11 19.15 3.90 -4.88
N TYR E 12 19.42 3.01 -3.94
CA TYR E 12 20.06 3.39 -2.68
C TYR E 12 21.34 2.58 -2.49
N GLY E 13 22.45 3.25 -2.22
CA GLY E 13 23.72 2.56 -2.05
C GLY E 13 24.18 2.51 -0.59
N GLN E 14 24.41 1.30 -0.09
CA GLN E 14 24.86 1.08 1.29
C GLN E 14 24.09 1.94 2.31
N PRO E 15 22.79 1.79 2.40
CA PRO E 15 21.96 2.58 3.36
C PRO E 15 22.32 2.32 4.84
N GLN E 16 22.31 3.39 5.64
CA GLN E 16 22.60 3.28 7.08
C GLN E 16 23.97 2.66 7.38
N SER E 17 25.04 3.39 7.07
CA SER E 17 26.39 2.88 7.32
C SER E 17 27.01 3.52 8.58
N GLY E 18 26.27 4.41 9.25
CA GLY E 18 26.79 5.06 10.46
C GLY E 18 26.81 4.08 11.63
N SER E 19 27.29 4.53 12.79
CA SER E 19 27.37 3.65 13.96
C SER E 19 27.14 4.42 15.27
N TYR E 20 26.81 3.67 16.32
CA TYR E 20 26.55 4.25 17.65
C TYR E 20 25.42 5.27 17.63
N SER E 21 24.47 5.15 16.71
CA SER E 21 23.37 6.11 16.67
C SER E 21 22.12 5.53 16.01
N GLN E 22 20.94 5.94 16.51
CA GLN E 22 19.70 5.46 15.93
C GLN E 22 19.46 6.12 14.58
N GLN E 23 19.17 5.30 13.57
CA GLN E 23 18.95 5.83 12.24
C GLN E 23 17.84 5.08 11.50
N PRO E 24 16.63 5.19 11.96
CA PRO E 24 15.46 4.52 11.33
C PRO E 24 15.21 5.01 9.91
N SER E 25 14.68 4.14 9.06
CA SER E 25 14.42 4.52 7.67
C SER E 25 13.01 4.14 7.23
N TYR E 26 12.36 5.04 6.48
CA TYR E 26 11.01 4.81 5.98
C TYR E 26 10.94 5.09 4.48
N GLY E 27 10.26 4.22 3.73
CA GLY E 27 10.12 4.42 2.28
C GLY E 27 9.09 5.50 1.98
N GLY E 28 9.08 6.01 0.73
CA GLY E 28 8.14 7.05 0.33
C GLY E 28 7.03 6.51 -0.56
N GLN E 29 6.39 7.42 -1.31
CA GLN E 29 5.29 7.04 -2.20
C GLN E 29 5.61 7.35 -3.67
N GLN E 30 5.28 6.41 -4.55
CA GLN E 30 5.48 6.58 -5.98
C GLN E 30 4.22 6.18 -6.74
N GLN E 31 3.85 6.95 -7.75
CA GLN E 31 2.66 6.65 -8.54
C GLN E 31 2.93 6.85 -10.03
N SER E 32 2.86 5.78 -10.81
CA SER E 32 3.12 5.87 -12.24
C SER E 32 1.87 5.59 -13.06
N TYR E 33 1.50 6.53 -13.94
CA TYR E 33 0.32 6.37 -14.79
C TYR E 33 0.71 6.30 -16.27
N GLY E 34 0.37 5.21 -16.93
CA GLY E 34 0.65 5.07 -18.36
C GLY E 34 -0.61 4.57 -19.08
N GLN E 35 -1.28 5.44 -19.84
CA GLN E 35 -2.49 5.00 -20.51
C GLN E 35 -2.85 5.83 -21.73
N GLN E 36 -3.74 5.25 -22.52
CA GLN E 36 -4.27 5.88 -23.72
C GLN E 36 -5.79 5.87 -23.65
N GLN E 37 -6.40 7.04 -23.80
CA GLN E 37 -7.86 7.12 -23.69
C GLN E 37 -8.48 7.69 -24.96
N SER E 38 -9.57 7.07 -25.40
CA SER E 38 -10.27 7.53 -26.60
C SER E 38 -11.76 7.67 -26.32
N TYR E 39 -12.36 8.72 -26.87
CA TYR E 39 -13.78 8.95 -26.67
C TYR E 39 -14.49 9.02 -28.02
N ASN E 40 -15.44 8.11 -28.22
CA ASN E 40 -16.19 8.08 -29.47
C ASN E 40 -15.25 7.77 -30.64
N SER F 2 -3.81 0.91 -29.93
CA SER F 2 -3.28 1.82 -28.88
C SER F 2 -2.97 1.02 -27.61
N TYR F 3 -2.02 1.50 -26.82
CA TYR F 3 -1.67 0.80 -25.60
C TYR F 3 -1.04 1.73 -24.56
N GLY F 4 -1.04 1.26 -23.32
CA GLY F 4 -0.44 2.04 -22.24
C GLY F 4 0.48 1.14 -21.44
N SER F 5 1.67 1.62 -21.09
CA SER F 5 2.61 0.81 -20.34
C SER F 5 3.21 1.56 -19.17
N SER F 6 3.34 0.87 -18.04
CA SER F 6 3.92 1.46 -16.85
C SER F 6 4.86 0.46 -16.19
N SER F 7 5.96 0.96 -15.65
CA SER F 7 6.91 0.08 -14.98
C SER F 7 7.64 0.81 -13.86
N GLN F 8 8.03 0.07 -12.84
CA GLN F 8 8.75 0.65 -11.72
C GLN F 8 9.87 -0.28 -11.28
N SER F 9 10.99 0.30 -10.89
CA SER F 9 12.12 -0.51 -10.45
C SER F 9 12.86 0.19 -9.31
N SER F 10 13.26 -0.59 -8.31
CA SER F 10 13.99 -0.03 -7.18
C SER F 10 15.05 -1.02 -6.69
N SER F 11 16.15 -0.50 -6.17
CA SER F 11 17.21 -1.38 -5.70
C SER F 11 17.90 -0.83 -4.44
N TYR F 12 18.20 -1.74 -3.51
CA TYR F 12 18.88 -1.39 -2.27
C TYR F 12 20.16 -2.21 -2.14
N GLY F 13 21.29 -1.55 -1.89
CA GLY F 13 22.57 -2.26 -1.77
C GLY F 13 23.07 -2.31 -0.33
N GLN F 14 23.30 -3.54 0.15
CA GLN F 14 23.80 -3.78 1.51
C GLN F 14 23.07 -2.92 2.56
N PRO F 15 21.78 -3.06 2.68
CA PRO F 15 20.98 -2.29 3.70
C PRO F 15 21.39 -2.56 5.15
N GLN F 16 21.42 -1.50 5.97
CA GLN F 16 21.76 -1.63 7.40
C GLN F 16 23.13 -2.27 7.63
N SER F 17 24.19 -1.53 7.31
CA SER F 17 25.55 -2.05 7.51
C SER F 17 26.21 -1.44 8.76
N GLY F 18 25.51 -0.55 9.46
CA GLY F 18 26.07 0.07 10.66
C GLY F 18 26.12 -0.92 11.82
N SER F 19 26.65 -0.48 12.97
CA SER F 19 26.75 -1.38 14.13
C SER F 19 26.57 -0.62 15.45
N TYR F 20 26.27 -1.38 16.50
CA TYR F 20 26.07 -0.83 17.84
C TYR F 20 24.94 0.20 17.88
N SER F 21 23.96 0.10 16.98
CA SER F 21 22.87 1.06 17.00
C SER F 21 21.59 0.50 16.37
N GLN F 22 20.44 0.91 16.91
CA GLN F 22 19.16 0.45 16.37
C GLN F 22 18.89 1.14 15.04
N GLN F 23 18.55 0.34 14.02
CA GLN F 23 18.29 0.88 12.70
C GLN F 23 17.17 0.14 12.00
N PRO F 24 15.96 0.26 12.50
CA PRO F 24 14.76 -0.40 11.92
C PRO F 24 14.48 0.11 10.49
N SER F 25 13.91 -0.75 9.65
CA SER F 25 13.61 -0.36 8.28
C SER F 25 12.17 -0.72 7.87
N TYR F 26 11.52 0.20 7.17
CA TYR F 26 10.14 -0.01 6.72
C TYR F 26 10.01 0.30 5.22
N GLY F 27 9.32 -0.56 4.47
CA GLY F 27 9.13 -0.34 3.04
C GLY F 27 8.08 0.75 2.78
N GLY F 28 8.05 1.26 1.54
CA GLY F 28 7.10 2.32 1.19
C GLY F 28 5.94 1.79 0.33
N GLN F 29 5.29 2.72 -0.40
CA GLN F 29 4.16 2.36 -1.25
C GLN F 29 4.43 2.68 -2.72
N GLN F 30 4.07 1.75 -3.61
CA GLN F 30 4.22 1.94 -5.05
C GLN F 30 2.93 1.55 -5.76
N GLN F 31 2.53 2.34 -6.75
CA GLN F 31 1.31 2.06 -7.50
C GLN F 31 1.54 2.28 -9.00
N SER F 32 1.44 1.21 -9.78
CA SER F 32 1.65 1.32 -11.23
C SER F 32 0.36 1.05 -12.01
N TYR F 33 -0.03 2.01 -12.87
CA TYR F 33 -1.24 1.87 -13.67
C TYR F 33 -0.90 1.81 -15.16
N GLY F 34 -1.27 0.73 -15.83
CA GLY F 34 -1.03 0.60 -17.26
C GLY F 34 -2.31 0.13 -17.95
N GLN F 35 -2.99 1.01 -18.67
CA GLN F 35 -4.23 0.60 -19.30
C GLN F 35 -4.64 1.44 -20.51
N GLN F 36 -5.56 0.86 -21.27
CA GLN F 36 -6.11 1.51 -22.45
C GLN F 36 -7.63 1.51 -22.32
N GLN F 37 -8.25 2.68 -22.44
CA GLN F 37 -9.70 2.77 -22.29
C GLN F 37 -10.36 3.36 -23.53
N SER F 38 -11.48 2.77 -23.93
CA SER F 38 -12.21 3.24 -25.10
C SER F 38 -13.69 3.38 -24.76
N TYR F 39 -14.30 4.45 -25.26
CA TYR F 39 -15.71 4.69 -25.03
C TYR F 39 -16.46 4.77 -26.35
N ASN F 40 -17.43 3.87 -26.53
CA ASN F 40 -18.22 3.85 -27.76
C ASN F 40 -17.32 3.56 -28.96
N SER G 2 -5.90 -3.39 -28.73
CA SER G 2 -5.32 -2.49 -27.69
C SER G 2 -4.99 -3.30 -26.45
N TYR G 3 -4.01 -2.84 -25.69
CA TYR G 3 -3.62 -3.57 -24.47
C TYR G 3 -2.94 -2.65 -23.45
N GLY G 4 -2.91 -3.13 -22.22
CA GLY G 4 -2.27 -2.38 -21.14
C GLY G 4 -1.33 -3.30 -20.38
N SER G 5 -0.12 -2.82 -20.08
CA SER G 5 0.83 -3.65 -19.37
C SER G 5 1.48 -2.91 -18.20
N SER G 6 1.64 -3.61 -17.09
CA SER G 6 2.26 -3.04 -15.92
C SER G 6 3.21 -4.06 -15.29
N SER G 7 4.33 -3.58 -14.79
CA SER G 7 5.30 -4.47 -14.16
C SER G 7 6.07 -3.75 -13.06
N GLN G 8 6.49 -4.51 -12.07
CA GLN G 8 7.25 -3.94 -10.96
C GLN G 8 8.38 -4.88 -10.57
N SER G 9 9.52 -4.32 -10.21
CA SER G 9 10.66 -5.13 -9.81
C SER G 9 11.45 -4.46 -8.70
N SER G 10 11.87 -5.25 -7.72
CA SER G 10 12.64 -4.71 -6.60
C SER G 10 13.71 -5.71 -6.16
N SER G 11 14.83 -5.21 -5.67
CA SER G 11 15.89 -6.10 -5.24
C SER G 11 16.64 -5.58 -4.01
N TYR G 12 16.96 -6.50 -3.10
CA TYR G 12 17.68 -6.16 -1.88
C TYR G 12 18.96 -6.99 -1.79
N GLY G 13 20.10 -6.34 -1.59
CA GLY G 13 21.37 -7.07 -1.52
C GLY G 13 21.92 -7.15 -0.09
N GLN G 14 22.16 -8.37 0.36
CA GLN G 14 22.70 -8.63 1.70
C GLN G 14 22.02 -7.79 2.79
N PRO G 15 20.73 -7.91 2.96
CA PRO G 15 19.97 -7.14 4.00
C PRO G 15 20.42 -7.45 5.44
N GLN G 16 20.50 -6.39 6.27
CA GLN G 16 20.88 -6.53 7.68
C GLN G 16 22.25 -7.18 7.87
N SER G 17 23.30 -6.46 7.52
CA SER G 17 24.66 -6.99 7.67
C SER G 17 25.37 -6.40 8.89
N GLY G 18 24.71 -5.51 9.63
CA GLY G 18 25.32 -4.91 10.81
C GLY G 18 25.40 -5.91 11.96
N SER G 19 25.96 -5.49 13.10
CA SER G 19 26.09 -6.40 14.24
C SER G 19 25.96 -5.66 15.57
N TYR G 20 25.69 -6.43 16.63
CA TYR G 20 25.54 -5.88 17.97
C TYR G 20 24.41 -4.86 18.07
N SER G 21 23.41 -4.94 17.21
CA SER G 21 22.32 -3.97 17.27
C SER G 21 21.01 -4.52 16.68
N GLN G 22 19.89 -4.10 17.26
CA GLN G 22 18.59 -4.54 16.75
C GLN G 22 18.29 -3.84 15.44
N GLN G 23 17.92 -4.63 14.44
CA GLN G 23 17.62 -4.06 13.13
C GLN G 23 16.46 -4.78 12.45
N PRO G 24 15.28 -4.67 13.00
CA PRO G 24 14.04 -5.30 12.44
C PRO G 24 13.72 -4.78 11.04
N SER G 25 13.12 -5.63 10.21
CA SER G 25 12.77 -5.23 8.86
C SER G 25 11.32 -5.56 8.50
N TYR G 26 10.64 -4.63 7.82
CA TYR G 26 9.26 -4.83 7.40
C TYR G 26 9.08 -4.50 5.92
N GLY G 27 8.35 -5.35 5.19
CA GLY G 27 8.11 -5.11 3.76
C GLY G 27 7.08 -4.01 3.55
N GLY G 28 6.99 -3.50 2.32
CA GLY G 28 6.04 -2.42 2.01
C GLY G 28 4.86 -2.92 1.18
N GLN G 29 4.19 -1.99 0.49
CA GLN G 29 3.02 -2.32 -0.33
C GLN G 29 3.25 -1.99 -1.80
N GLN G 30 2.85 -2.91 -2.68
CA GLN G 30 2.96 -2.71 -4.13
C GLN G 30 1.64 -3.07 -4.80
N GLN G 31 1.22 -2.27 -5.77
CA GLN G 31 -0.03 -2.54 -6.48
C GLN G 31 0.14 -2.30 -7.97
N SER G 32 0.02 -3.36 -8.77
CA SER G 32 0.18 -3.24 -10.22
C SER G 32 -1.14 -3.48 -10.96
N TYR G 33 -1.55 -2.52 -11.79
CA TYR G 33 -2.79 -2.64 -12.57
C TYR G 33 -2.49 -2.68 -14.07
N GLY G 34 -2.89 -3.76 -14.74
CA GLY G 34 -2.71 -3.87 -16.17
C GLY G 34 -4.02 -4.32 -16.82
N GLN G 35 -4.72 -3.43 -17.51
CA GLN G 35 -5.98 -3.82 -18.11
C GLN G 35 -6.42 -2.97 -19.29
N GLN G 36 -7.38 -3.52 -20.02
CA GLN G 36 -7.96 -2.86 -21.18
C GLN G 36 -9.47 -2.85 -21.00
N GLN G 37 -10.08 -1.67 -21.09
CA GLN G 37 -11.52 -1.57 -20.89
C GLN G 37 -12.22 -0.95 -22.10
N SER G 38 -13.35 -1.55 -22.47
CA SER G 38 -14.12 -1.06 -23.60
C SER G 38 -15.59 -0.91 -23.22
N TYR G 39 -16.20 0.17 -23.68
CA TYR G 39 -17.61 0.42 -23.39
C TYR G 39 -18.41 0.52 -24.68
N ASN G 40 -19.38 -0.36 -24.85
CA ASN G 40 -20.21 -0.37 -26.04
C ASN G 40 -19.37 -0.65 -27.28
N SER H 2 -8.04 -7.65 -27.48
CA SER H 2 -7.41 -6.77 -26.45
C SER H 2 -7.04 -7.60 -25.23
N TYR H 3 -6.02 -7.16 -24.49
CA TYR H 3 -5.60 -7.90 -23.31
C TYR H 3 -4.88 -7.01 -22.30
N GLY H 4 -4.80 -7.49 -21.07
CA GLY H 4 -4.12 -6.76 -20.01
C GLY H 4 -3.16 -7.70 -19.29
N SER H 5 -1.94 -7.23 -19.03
CA SER H 5 -0.97 -8.09 -18.36
C SER H 5 -0.28 -7.36 -17.21
N SER H 6 -0.09 -8.09 -16.11
CA SER H 6 0.58 -7.53 -14.95
C SER H 6 1.53 -8.55 -14.36
N SER H 7 2.69 -8.09 -13.90
CA SER H 7 3.66 -9.00 -13.31
C SER H 7 4.47 -8.30 -12.23
N GLN H 8 4.93 -9.07 -11.26
CA GLN H 8 5.73 -8.52 -10.18
C GLN H 8 6.86 -9.48 -9.84
N SER H 9 8.02 -8.92 -9.51
CA SER H 9 9.17 -9.76 -9.17
C SER H 9 10.00 -9.09 -8.07
N SER H 10 10.45 -9.90 -7.12
CA SER H 10 11.26 -9.37 -6.02
C SER H 10 12.33 -10.39 -5.64
N SER H 11 13.48 -9.90 -5.16
CA SER H 11 14.56 -10.81 -4.79
C SER H 11 15.34 -10.30 -3.57
N TYR H 12 15.69 -11.25 -2.70
CA TYR H 12 16.46 -10.93 -1.49
C TYR H 12 17.72 -11.77 -1.47
N GLY H 13 18.88 -11.12 -1.29
CA GLY H 13 20.15 -11.85 -1.27
C GLY H 13 20.75 -11.95 0.14
N GLN H 14 20.99 -13.19 0.56
CA GLN H 14 21.58 -13.47 1.88
C GLN H 14 20.94 -12.64 3.01
N PRO H 15 19.66 -12.76 3.22
CA PRO H 15 18.94 -11.99 4.30
C PRO H 15 19.46 -12.31 5.71
N GLN H 16 19.53 -11.27 6.56
CA GLN H 16 19.97 -11.43 7.95
C GLN H 16 21.34 -12.08 8.07
N SER H 17 22.40 -11.36 7.69
CA SER H 17 23.75 -11.90 7.79
C SER H 17 24.51 -11.34 9.00
N GLY H 18 23.86 -10.46 9.77
CA GLY H 18 24.52 -9.87 10.94
C GLY H 18 24.63 -10.89 12.07
N SER H 19 25.23 -10.49 13.19
CA SER H 19 25.40 -11.42 14.32
C SER H 19 25.32 -10.69 15.67
N TYR H 20 25.09 -11.48 16.73
CA TYR H 20 24.99 -10.94 18.09
C TYR H 20 23.88 -9.91 18.23
N SER H 21 22.84 -10.00 17.41
CA SER H 21 21.75 -9.03 17.52
C SER H 21 20.43 -9.57 16.98
N GLN H 22 19.33 -9.11 17.57
CA GLN H 22 18.02 -9.54 17.12
C GLN H 22 17.67 -8.82 15.82
N GLN H 23 17.25 -9.58 14.82
CA GLN H 23 16.91 -9.01 13.53
C GLN H 23 15.72 -9.71 12.89
N PRO H 24 14.57 -9.59 13.48
CA PRO H 24 13.32 -10.22 12.95
C PRO H 24 12.95 -9.68 11.57
N SER H 25 12.31 -10.50 10.76
CA SER H 25 11.92 -10.08 9.41
C SER H 25 10.45 -10.41 9.11
N TYR H 26 9.76 -9.47 8.46
CA TYR H 26 8.36 -9.65 8.09
C TYR H 26 8.13 -9.31 6.61
N GLY H 27 7.37 -10.13 5.90
CA GLY H 27 7.09 -9.88 4.48
C GLY H 27 6.05 -8.77 4.32
N GLY H 28 5.93 -8.23 3.11
CA GLY H 28 4.98 -7.15 2.84
C GLY H 28 3.76 -7.63 2.06
N GLN H 29 3.08 -6.69 1.39
CA GLN H 29 1.89 -7.01 0.61
C GLN H 29 2.06 -6.65 -0.87
N GLN H 30 1.63 -7.56 -1.74
CA GLN H 30 1.69 -7.34 -3.19
C GLN H 30 0.35 -7.69 -3.82
N GLN H 31 -0.11 -6.87 -4.76
CA GLN H 31 -1.38 -7.14 -5.43
C GLN H 31 -1.25 -6.88 -6.93
N SER H 32 -1.42 -7.92 -7.74
CA SER H 32 -1.31 -7.79 -9.19
C SER H 32 -2.65 -8.02 -9.89
N TYR H 33 -3.09 -7.04 -10.69
CA TYR H 33 -4.35 -7.14 -11.42
C TYR H 33 -4.11 -7.16 -12.93
N GLY H 34 -4.55 -8.22 -13.59
CA GLY H 34 -4.40 -8.32 -15.05
C GLY H 34 -5.73 -8.76 -15.65
N GLN H 35 -6.45 -7.86 -16.30
CA GLN H 35 -7.74 -8.24 -16.88
C GLN H 35 -8.20 -7.36 -18.04
N GLN H 36 -9.19 -7.89 -18.73
CA GLN H 36 -9.81 -7.21 -19.86
C GLN H 36 -11.32 -7.19 -19.61
N GLN H 37 -11.93 -6.00 -19.67
CA GLN H 37 -13.35 -5.89 -19.42
C GLN H 37 -14.09 -5.26 -20.60
N SER H 38 -15.23 -5.85 -20.94
CA SER H 38 -16.05 -5.33 -22.04
C SER H 38 -17.50 -5.18 -21.61
N TYR H 39 -18.12 -4.10 -22.04
CA TYR H 39 -19.51 -3.85 -21.69
C TYR H 39 -20.35 -3.72 -22.96
N ASN H 40 -21.35 -4.60 -23.09
CA ASN H 40 -22.21 -4.58 -24.26
C ASN H 40 -21.41 -4.85 -25.53
N SER A 2 6.83 13.81 26.55
CA SER A 2 6.59 14.35 25.18
C SER A 2 5.87 13.31 24.34
N TYR A 3 5.16 13.75 23.32
CA TYR A 3 4.44 12.81 22.47
C TYR A 3 4.20 13.38 21.08
N GLY A 4 3.90 12.50 20.14
CA GLY A 4 3.61 12.90 18.77
C GLY A 4 2.27 12.31 18.34
N SER A 5 1.51 13.05 17.55
CA SER A 5 0.21 12.55 17.12
C SER A 5 -0.11 12.97 15.68
N SER A 6 -0.73 12.06 14.95
CA SER A 6 -1.12 12.34 13.57
C SER A 6 -2.41 11.61 13.24
N SER A 7 -3.26 12.24 12.45
CA SER A 7 -4.52 11.62 12.08
C SER A 7 -4.94 12.05 10.69
N GLN A 8 -5.67 11.18 10.00
CA GLN A 8 -6.15 11.49 8.67
C GLN A 8 -7.55 10.91 8.49
N SER A 9 -8.38 11.63 7.74
CA SER A 9 -9.74 11.18 7.50
C SER A 9 -10.23 11.63 6.13
N SER A 10 -11.09 10.83 5.52
CA SER A 10 -11.63 11.15 4.21
C SER A 10 -13.04 10.57 4.06
N SER A 11 -13.87 11.23 3.28
CA SER A 11 -15.24 10.76 3.09
C SER A 11 -15.72 10.94 1.65
N TYR A 12 -16.46 9.95 1.16
CA TYR A 12 -17.01 9.99 -0.19
C TYR A 12 -18.53 9.87 -0.12
N GLY A 13 -19.24 10.83 -0.72
CA GLY A 13 -20.71 10.80 -0.68
C GLY A 13 -21.33 10.40 -2.01
N GLN A 14 -22.05 9.27 -2.00
CA GLN A 14 -22.76 8.78 -3.19
C GLN A 14 -21.90 8.87 -4.47
N PRO A 15 -20.75 8.27 -4.49
CA PRO A 15 -19.85 8.28 -5.69
C PRO A 15 -20.35 7.41 -6.85
N GLN A 16 -19.97 7.78 -8.08
CA GLN A 16 -20.36 7.02 -9.28
C GLN A 16 -21.88 6.93 -9.47
N SER A 17 -22.53 8.07 -9.64
CA SER A 17 -23.98 8.09 -9.84
C SER A 17 -24.35 8.41 -11.30
N GLY A 18 -23.35 8.54 -12.17
CA GLY A 18 -23.63 8.84 -13.58
C GLY A 18 -24.23 7.62 -14.28
N SER A 19 -24.83 7.83 -15.45
CA SER A 19 -25.45 6.72 -16.19
C SER A 19 -25.00 6.67 -17.65
N TYR A 20 -25.05 5.47 -18.21
CA TYR A 20 -24.66 5.24 -19.61
C TYR A 20 -23.21 5.61 -19.88
N SER A 21 -22.34 5.55 -18.88
CA SER A 21 -20.94 5.90 -19.11
C SER A 21 -20.00 5.15 -18.16
N GLN A 22 -18.82 4.76 -18.67
CA GLN A 22 -17.85 4.07 -17.82
C GLN A 22 -17.24 5.05 -16.84
N GLN A 23 -17.29 4.69 -15.56
CA GLN A 23 -16.77 5.56 -14.52
C GLN A 23 -16.10 4.78 -13.40
N PRO A 24 -15.03 4.11 -13.70
CA PRO A 24 -14.27 3.30 -12.69
C PRO A 24 -13.52 4.18 -11.70
N SER A 25 -13.32 3.67 -10.49
CA SER A 25 -12.65 4.46 -9.45
C SER A 25 -11.49 3.68 -8.82
N TYR A 26 -10.41 4.41 -8.51
CA TYR A 26 -9.23 3.81 -7.88
C TYR A 26 -8.85 4.57 -6.60
N GLY A 27 -8.49 3.84 -5.54
CA GLY A 27 -8.10 4.49 -4.28
C GLY A 27 -6.77 5.25 -4.43
N GLY A 28 -6.20 5.67 -3.31
CA GLY A 28 -4.93 6.41 -3.34
C GLY A 28 -3.96 5.95 -2.24
N GLN A 29 -2.97 6.80 -1.96
CA GLN A 29 -1.96 6.49 -0.94
C GLN A 29 -1.99 7.47 0.22
N GLN A 30 -2.01 6.94 1.45
CA GLN A 30 -2.00 7.77 2.65
C GLN A 30 -0.97 7.22 3.64
N GLN A 31 -0.18 8.09 4.23
CA GLN A 31 0.83 7.65 5.20
C GLN A 31 0.82 8.56 6.43
N SER A 32 0.49 7.99 7.59
CA SER A 32 0.45 8.78 8.83
C SER A 32 1.55 8.35 9.81
N TYR A 33 2.39 9.32 10.20
CA TYR A 33 3.48 9.06 11.15
C TYR A 33 3.25 9.77 12.47
N GLY A 34 3.17 9.01 13.57
CA GLY A 34 3.00 9.61 14.89
C GLY A 34 3.99 8.97 15.86
N GLN A 35 5.05 9.68 16.21
CA GLN A 35 6.03 9.08 17.12
C GLN A 35 6.85 10.09 17.90
N GLN A 36 7.53 9.56 18.91
CA GLN A 36 8.40 10.35 19.77
C GLN A 36 9.76 9.65 19.80
N GLN A 37 10.83 10.39 19.47
CA GLN A 37 12.16 9.80 19.44
C GLN A 37 13.11 10.50 20.40
N SER A 38 13.87 9.72 21.16
CA SER A 38 14.83 10.26 22.10
C SER A 38 16.20 9.61 21.91
N TYR A 39 17.24 10.41 21.98
CA TYR A 39 18.60 9.90 21.83
C TYR A 39 19.42 10.19 23.08
N ASN A 40 19.89 9.15 23.74
CA ASN A 40 20.68 9.30 24.94
C ASN A 40 19.90 10.06 26.01
N SER B 2 6.79 8.94 27.45
CA SER B 2 6.51 9.49 26.10
C SER B 2 5.73 8.46 25.28
N TYR B 3 4.99 8.92 24.28
CA TYR B 3 4.23 7.99 23.46
C TYR B 3 3.94 8.57 22.07
N GLY B 4 3.60 7.68 21.14
CA GLY B 4 3.27 8.10 19.79
C GLY B 4 1.91 7.53 19.41
N SER B 5 1.13 8.28 18.63
CA SER B 5 -0.19 7.80 18.24
C SER B 5 -0.55 8.22 16.83
N SER B 6 -1.21 7.32 16.11
CA SER B 6 -1.64 7.61 14.75
C SER B 6 -2.94 6.89 14.46
N SER B 7 -3.82 7.54 13.71
CA SER B 7 -5.10 6.94 13.38
C SER B 7 -5.57 7.39 12.01
N GLN B 8 -6.33 6.52 11.35
CA GLN B 8 -6.85 6.83 10.02
C GLN B 8 -8.26 6.29 9.89
N SER B 9 -9.11 7.02 9.17
CA SER B 9 -10.49 6.58 8.98
C SER B 9 -11.01 7.04 7.62
N SER B 10 -11.91 6.25 7.06
CA SER B 10 -12.49 6.59 5.76
C SER B 10 -13.90 6.03 5.65
N SER B 11 -14.76 6.71 4.91
CA SER B 11 -16.14 6.24 4.76
C SER B 11 -16.67 6.44 3.34
N TYR B 12 -17.43 5.46 2.87
CA TYR B 12 -18.04 5.51 1.55
C TYR B 12 -19.56 5.40 1.67
N GLY B 13 -20.28 6.36 1.10
CA GLY B 13 -21.74 6.34 1.19
C GLY B 13 -22.41 5.96 -0.13
N GLN B 14 -23.16 4.85 -0.09
CA GLN B 14 -23.90 4.37 -1.25
C GLN B 14 -23.10 4.45 -2.56
N PRO B 15 -21.94 3.84 -2.62
CA PRO B 15 -21.08 3.86 -3.85
C PRO B 15 -21.64 2.99 -5.00
N GLN B 16 -21.30 3.37 -6.25
CA GLN B 16 -21.73 2.62 -7.43
C GLN B 16 -23.26 2.54 -7.56
N SER B 17 -23.91 3.70 -7.72
CA SER B 17 -25.36 3.73 -7.86
C SER B 17 -25.78 4.04 -9.31
N GLY B 18 -24.81 4.19 -10.22
CA GLY B 18 -25.14 4.49 -11.61
C GLY B 18 -25.78 3.28 -12.29
N SER B 19 -26.41 3.50 -13.45
CA SER B 19 -27.08 2.40 -14.16
C SER B 19 -26.67 2.35 -15.64
N TYR B 20 -26.75 1.15 -16.21
CA TYR B 20 -26.41 0.92 -17.62
C TYR B 20 -24.97 1.29 -17.94
N SER B 21 -24.06 1.19 -16.96
CA SER B 21 -22.67 1.52 -17.24
C SER B 21 -21.70 0.78 -16.33
N GLN B 22 -20.55 0.38 -16.88
CA GLN B 22 -19.55 -0.32 -16.08
C GLN B 22 -18.89 0.65 -15.10
N GLN B 23 -18.89 0.29 -13.83
CA GLN B 23 -18.34 1.16 -12.81
C GLN B 23 -17.63 0.36 -11.71
N PRO B 24 -16.59 -0.33 -12.06
CA PRO B 24 -15.80 -1.15 -11.08
C PRO B 24 -15.01 -0.27 -10.12
N SER B 25 -14.77 -0.79 -8.91
CA SER B 25 -14.06 -0.02 -7.89
C SER B 25 -12.88 -0.81 -7.30
N TYR B 26 -11.78 -0.09 -7.03
CA TYR B 26 -10.60 -0.70 -6.45
C TYR B 26 -10.15 0.05 -5.18
N GLY B 27 -9.76 -0.69 -4.14
CA GLY B 27 -9.33 -0.05 -2.89
C GLY B 27 -8.02 0.71 -3.08
N GLY B 28 -7.37 1.07 -1.98
CA GLY B 28 -6.10 1.80 -2.05
C GLY B 28 -5.10 1.34 -0.99
N GLN B 29 -4.10 2.17 -0.73
CA GLN B 29 -3.05 1.85 0.24
C GLN B 29 -3.03 2.83 1.41
N GLN B 30 -3.02 2.30 2.64
CA GLN B 30 -2.95 3.12 3.84
C GLN B 30 -1.90 2.54 4.79
N GLN B 31 -1.08 3.41 5.36
CA GLN B 31 -0.05 2.96 6.28
C GLN B 31 0.01 3.86 7.52
N SER B 32 -0.29 3.29 8.70
CA SER B 32 -0.28 4.07 9.94
C SER B 32 0.85 3.63 10.88
N TYR B 33 1.71 4.58 11.25
CA TYR B 33 2.84 4.30 12.15
C TYR B 33 2.66 5.01 13.49
N GLY B 34 2.61 4.25 14.57
CA GLY B 34 2.49 4.84 15.91
C GLY B 34 3.51 4.19 16.83
N GLN B 35 4.59 4.89 17.17
CA GLN B 35 5.59 4.28 18.03
C GLN B 35 6.45 5.28 18.80
N GLN B 36 7.16 4.72 19.77
CA GLN B 36 8.07 5.49 20.61
C GLN B 36 9.42 4.79 20.58
N GLN B 37 10.47 5.52 20.22
CA GLN B 37 11.80 4.91 20.13
C GLN B 37 12.80 5.60 21.06
N SER B 38 13.58 4.80 21.77
CA SER B 38 14.57 5.34 22.69
C SER B 38 15.92 4.67 22.44
N TYR B 39 16.98 5.47 22.50
CA TYR B 39 18.33 4.93 22.29
C TYR B 39 19.19 5.22 23.52
N ASN B 40 19.67 4.15 24.15
CA ASN B 40 20.52 4.30 25.33
C ASN B 40 19.77 5.05 26.43
N SER C 2 6.71 4.07 28.31
CA SER C 2 6.39 4.64 26.97
C SER C 2 5.58 3.62 26.17
N TYR C 3 4.80 4.09 25.20
CA TYR C 3 3.99 3.18 24.40
C TYR C 3 3.66 3.76 23.03
N GLY C 4 3.29 2.89 22.12
CA GLY C 4 2.91 3.32 20.77
C GLY C 4 1.53 2.75 20.43
N SER C 5 0.74 3.51 19.70
CA SER C 5 -0.59 3.04 19.35
C SER C 5 -1.01 3.48 17.94
N SER C 6 -1.70 2.59 17.25
CA SER C 6 -2.17 2.89 15.90
C SER C 6 -3.49 2.17 15.66
N SER C 7 -4.39 2.85 14.95
CA SER C 7 -5.68 2.25 14.66
C SER C 7 -6.19 2.71 13.30
N GLN C 8 -6.98 1.86 12.66
CA GLN C 8 -7.54 2.18 11.36
C GLN C 8 -8.96 1.65 11.27
N SER C 9 -9.83 2.40 10.60
CA SER C 9 -11.22 1.96 10.45
C SER C 9 -11.78 2.43 9.11
N SER C 10 -12.71 1.66 8.57
CA SER C 10 -13.33 2.02 7.30
C SER C 10 -14.75 1.46 7.22
N SER C 11 -15.63 2.16 6.52
CA SER C 11 -17.01 1.71 6.42
C SER C 11 -17.59 1.91 5.02
N TYR C 12 -18.38 0.93 4.57
CA TYR C 12 -19.04 1.01 3.27
C TYR C 12 -20.55 0.92 3.45
N GLY C 13 -21.29 1.88 2.91
CA GLY C 13 -22.74 1.88 3.05
C GLY C 13 -23.46 1.51 1.76
N GLN C 14 -24.22 0.41 1.82
CA GLN C 14 -25.01 -0.07 0.67
C GLN C 14 -24.24 0.02 -0.65
N PRO C 15 -23.10 -0.61 -0.77
CA PRO C 15 -22.29 -0.60 -2.02
C PRO C 15 -22.89 -1.45 -3.14
N GLN C 16 -22.59 -1.07 -4.40
CA GLN C 16 -23.08 -1.81 -5.58
C GLN C 16 -24.60 -1.87 -5.66
N SER C 17 -25.24 -0.71 -5.79
CA SER C 17 -26.70 -0.67 -5.88
C SER C 17 -27.16 -0.34 -7.31
N GLY C 18 -26.23 -0.18 -8.25
CA GLY C 18 -26.59 0.13 -9.63
C GLY C 18 -27.27 -1.07 -10.29
N SER C 19 -27.94 -0.85 -11.43
CA SER C 19 -28.64 -1.94 -12.12
C SER C 19 -28.29 -1.99 -13.61
N TYR C 20 -28.40 -3.19 -14.18
CA TYR C 20 -28.13 -3.42 -15.59
C TYR C 20 -26.68 -3.08 -15.97
N SER C 21 -25.75 -3.19 -15.03
CA SER C 21 -24.36 -2.88 -15.36
C SER C 21 -23.37 -3.63 -14.48
N GLN C 22 -22.24 -4.03 -15.07
CA GLN C 22 -21.22 -4.74 -14.31
C GLN C 22 -20.52 -3.78 -13.35
N GLN C 23 -20.48 -4.15 -12.08
CA GLN C 23 -19.88 -3.29 -11.07
C GLN C 23 -19.15 -4.09 -10.00
N PRO C 24 -18.11 -4.79 -10.39
CA PRO C 24 -17.31 -5.62 -9.44
C PRO C 24 -16.47 -4.76 -8.51
N SER C 25 -16.21 -5.28 -7.31
CA SER C 25 -15.45 -4.52 -6.31
C SER C 25 -14.26 -5.32 -5.77
N TYR C 26 -13.14 -4.62 -5.53
CA TYR C 26 -11.94 -5.25 -4.99
C TYR C 26 -11.45 -4.51 -3.74
N GLY C 27 -11.04 -5.25 -2.71
CA GLY C 27 -10.55 -4.63 -1.48
C GLY C 27 -9.24 -3.88 -1.72
N GLY C 28 -8.54 -3.53 -0.63
CA GLY C 28 -7.28 -2.81 -0.75
C GLY C 28 -6.25 -3.29 0.28
N GLN C 29 -5.22 -2.46 0.51
CA GLN C 29 -4.15 -2.81 1.43
C GLN C 29 -4.06 -1.82 2.61
N GLN C 30 -4.03 -2.37 3.83
CA GLN C 30 -3.91 -1.55 5.04
C GLN C 30 -2.83 -2.13 5.94
N GLN C 31 -1.98 -1.28 6.50
CA GLN C 31 -0.92 -1.75 7.38
C GLN C 31 -0.82 -0.86 8.62
N SER C 32 -1.08 -1.42 9.80
CA SER C 32 -1.02 -0.64 11.04
C SER C 32 0.14 -1.09 11.93
N TYR C 33 1.02 -0.16 12.28
CA TYR C 33 2.18 -0.46 13.13
C TYR C 33 2.06 0.24 14.49
N GLY C 34 2.04 -0.53 15.57
CA GLY C 34 1.97 0.06 16.91
C GLY C 34 3.01 -0.60 17.80
N GLN C 35 4.11 0.09 18.11
CA GLN C 35 5.14 -0.52 18.92
C GLN C 35 6.04 0.46 19.66
N GLN C 36 6.77 -0.11 20.61
CA GLN C 36 7.72 0.65 21.41
C GLN C 36 9.06 -0.07 21.36
N GLN C 37 10.10 0.64 20.94
CA GLN C 37 11.42 0.02 20.81
C GLN C 37 12.45 0.71 21.70
N SER C 38 13.24 -0.11 22.40
CA SER C 38 14.28 0.42 23.27
C SER C 38 15.61 -0.26 22.99
N TYR C 39 16.68 0.52 23.00
CA TYR C 39 18.00 -0.03 22.75
C TYR C 39 18.92 0.25 23.94
N ASN C 40 19.42 -0.82 24.55
CA ASN C 40 20.31 -0.68 25.70
C ASN C 40 19.62 0.07 26.82
N SER D 2 6.66 -0.81 29.14
CA SER D 2 6.29 -0.24 27.81
C SER D 2 5.45 -1.25 27.05
N TYR D 3 4.65 -0.76 26.11
CA TYR D 3 3.81 -1.67 25.32
C TYR D 3 3.44 -1.06 23.97
N GLY D 4 3.01 -1.93 23.06
CA GLY D 4 2.59 -1.50 21.73
C GLY D 4 1.20 -2.04 21.44
N SER D 5 0.39 -1.28 20.72
CA SER D 5 -0.96 -1.73 20.43
C SER D 5 -1.42 -1.29 19.04
N SER D 6 -2.15 -2.17 18.37
CA SER D 6 -2.67 -1.85 17.04
C SER D 6 -4.00 -2.55 16.84
N SER D 7 -4.91 -1.87 16.16
CA SER D 7 -6.22 -2.45 15.91
C SER D 7 -6.78 -1.98 14.58
N GLN D 8 -7.60 -2.82 13.97
CA GLN D 8 -8.21 -2.49 12.70
C GLN D 8 -9.64 -3.01 12.66
N SER D 9 -10.52 -2.26 12.00
CA SER D 9 -11.91 -2.66 11.91
C SER D 9 -12.52 -2.18 10.60
N SER D 10 -13.48 -2.93 10.08
CA SER D 10 -14.14 -2.57 8.83
C SER D 10 -15.56 -3.10 8.82
N SER D 11 -16.46 -2.40 8.14
CA SER D 11 -17.85 -2.84 8.09
C SER D 11 -18.48 -2.62 6.72
N TYR D 12 -19.29 -3.58 6.30
CA TYR D 12 -19.99 -3.51 5.02
C TYR D 12 -21.50 -3.58 5.26
N GLY D 13 -22.24 -2.62 4.73
CA GLY D 13 -23.69 -2.61 4.93
C GLY D 13 -24.46 -2.96 3.66
N GLN D 14 -25.22 -4.06 3.73
CA GLN D 14 -26.05 -4.52 2.61
C GLN D 14 -25.33 -4.42 1.25
N PRO D 15 -24.21 -5.07 1.10
CA PRO D 15 -23.44 -5.05 -0.18
C PRO D 15 -24.09 -5.89 -1.30
N GLN D 16 -23.82 -5.51 -2.55
CA GLN D 16 -24.35 -6.23 -3.71
C GLN D 16 -25.87 -6.28 -3.74
N SER D 17 -26.51 -5.12 -3.83
CA SER D 17 -27.97 -5.06 -3.87
C SER D 17 -28.49 -4.72 -5.28
N GLY D 18 -27.59 -4.59 -6.25
CA GLY D 18 -28.00 -4.27 -7.63
C GLY D 18 -28.72 -5.46 -8.27
N SER D 19 -29.42 -5.21 -9.37
CA SER D 19 -30.15 -6.29 -10.06
C SER D 19 -29.86 -6.33 -11.55
N TYR D 20 -30.01 -7.53 -12.12
CA TYR D 20 -29.78 -7.75 -13.56
C TYR D 20 -28.35 -7.41 -13.97
N SER D 21 -27.39 -7.55 -13.07
CA SER D 21 -26.02 -7.25 -13.44
C SER D 21 -25.00 -8.04 -12.61
N GLN D 22 -23.88 -8.40 -13.23
CA GLN D 22 -22.84 -9.13 -12.52
C GLN D 22 -22.10 -8.19 -11.58
N GLN D 23 -22.02 -8.57 -10.31
CA GLN D 23 -21.37 -7.72 -9.32
C GLN D 23 -20.61 -8.54 -8.29
N PRO D 24 -19.60 -9.24 -8.71
CA PRO D 24 -18.76 -10.08 -7.80
C PRO D 24 -17.89 -9.23 -6.89
N SER D 25 -17.58 -9.76 -5.70
CA SER D 25 -16.78 -9.01 -4.73
C SER D 25 -15.59 -9.82 -4.24
N TYR D 26 -14.45 -9.13 -4.04
CA TYR D 26 -13.24 -9.78 -3.55
C TYR D 26 -12.70 -9.04 -2.31
N GLY D 27 -12.26 -9.79 -1.29
CA GLY D 27 -11.72 -9.18 -0.08
C GLY D 27 -10.41 -8.45 -0.37
N GLY D 28 -9.66 -8.11 0.70
CA GLY D 28 -8.40 -7.41 0.54
C GLY D 28 -7.34 -7.90 1.53
N GLN D 29 -6.30 -7.08 1.73
CA GLN D 29 -5.20 -7.44 2.62
C GLN D 29 -5.08 -6.47 3.80
N GLN D 30 -4.99 -7.02 5.01
CA GLN D 30 -4.81 -6.20 6.21
C GLN D 30 -3.71 -6.81 7.08
N GLN D 31 -2.84 -5.97 7.60
CA GLN D 31 -1.75 -6.46 8.45
C GLN D 31 -1.60 -5.58 9.69
N SER D 32 -1.83 -6.15 10.87
CA SER D 32 -1.72 -5.38 12.12
C SER D 32 -0.54 -5.84 12.97
N TYR D 33 0.37 -4.91 13.29
CA TYR D 33 1.55 -5.23 14.11
C TYR D 33 1.48 -4.53 15.45
N GLY D 34 1.50 -5.30 16.54
CA GLY D 34 1.48 -4.72 17.89
C GLY D 34 2.54 -5.40 18.74
N GLN D 35 3.65 -4.72 19.01
CA GLN D 35 4.71 -5.36 19.79
C GLN D 35 5.64 -4.38 20.49
N GLN D 36 6.41 -4.95 21.41
CA GLN D 36 7.39 -4.21 22.18
C GLN D 36 8.72 -4.94 22.06
N GLN D 37 9.76 -4.23 21.63
CA GLN D 37 11.07 -4.87 21.44
C GLN D 37 12.13 -4.19 22.30
N SER D 38 12.95 -5.01 22.96
CA SER D 38 14.02 -4.51 23.80
C SER D 38 15.34 -5.19 23.46
N TYR D 39 16.41 -4.43 23.45
CA TYR D 39 17.73 -4.98 23.14
C TYR D 39 18.68 -4.73 24.30
N ASN D 40 19.19 -5.81 24.89
CA ASN D 40 20.12 -5.69 26.01
C ASN D 40 19.47 -4.92 27.17
N SER E 2 -1.88 5.21 -31.17
CA SER E 2 -1.31 6.11 -30.13
C SER E 2 -1.06 5.32 -28.85
N TYR E 3 -0.15 5.80 -28.02
CA TYR E 3 0.17 5.11 -26.79
C TYR E 3 0.75 6.05 -25.73
N GLY E 4 0.72 5.59 -24.49
CA GLY E 4 1.25 6.36 -23.38
C GLY E 4 2.23 5.51 -22.60
N SER E 5 3.30 6.12 -22.08
CA SER E 5 4.28 5.35 -21.34
C SER E 5 4.87 6.15 -20.18
N SER E 6 5.10 5.46 -19.07
CA SER E 6 5.68 6.09 -17.89
C SER E 6 6.54 5.09 -17.14
N SER E 7 7.66 5.57 -16.60
CA SER E 7 8.55 4.70 -15.87
C SER E 7 9.23 5.45 -14.73
N GLN E 8 9.55 4.72 -13.68
CA GLN E 8 10.23 5.32 -12.53
C GLN E 8 11.26 4.35 -11.98
N SER E 9 12.38 4.89 -11.50
CA SER E 9 13.42 4.05 -10.93
C SER E 9 14.15 4.78 -9.82
N SER E 10 14.65 4.02 -8.85
CA SER E 10 15.37 4.60 -7.73
C SER E 10 16.39 3.61 -7.19
N SER E 11 17.51 4.11 -6.66
CA SER E 11 18.53 3.23 -6.14
C SER E 11 19.17 3.77 -4.86
N TYR E 12 19.44 2.87 -3.93
CA TYR E 12 20.07 3.22 -2.65
C TYR E 12 21.37 2.46 -2.50
N GLY E 13 22.47 3.16 -2.24
CA GLY E 13 23.77 2.50 -2.11
C GLY E 13 24.26 2.48 -0.66
N GLN E 14 24.44 1.27 -0.13
CA GLN E 14 24.95 1.07 1.24
C GLN E 14 24.33 2.05 2.24
N PRO E 15 23.02 2.05 2.39
CA PRO E 15 22.32 2.95 3.35
C PRO E 15 22.49 2.52 4.82
N GLN E 16 22.40 3.49 5.73
CA GLN E 16 22.51 3.22 7.18
C GLN E 16 23.86 2.58 7.56
N SER E 17 24.95 3.30 7.33
CA SER E 17 26.27 2.78 7.67
C SER E 17 26.87 3.48 8.90
N GLY E 18 26.10 4.38 9.52
CA GLY E 18 26.60 5.10 10.71
C GLY E 18 26.68 4.15 11.91
N SER E 19 27.39 4.56 12.95
CA SER E 19 27.53 3.72 14.15
C SER E 19 27.21 4.48 15.43
N TYR E 20 26.78 3.72 16.45
CA TYR E 20 26.45 4.29 17.75
C TYR E 20 25.32 5.32 17.68
N SER E 21 24.44 5.20 16.69
CA SER E 21 23.35 6.18 16.60
C SER E 21 22.10 5.58 15.94
N GLN E 22 20.92 5.98 16.42
CA GLN E 22 19.67 5.48 15.83
C GLN E 22 19.46 6.11 14.46
N GLN E 23 19.24 5.27 13.45
CA GLN E 23 19.08 5.78 12.10
C GLN E 23 18.05 4.95 11.32
N PRO E 24 16.83 4.99 11.76
CA PRO E 24 15.71 4.24 11.09
C PRO E 24 15.35 4.85 9.73
N SER E 25 14.86 4.02 8.82
CA SER E 25 14.51 4.50 7.49
C SER E 25 13.07 4.10 7.10
N TYR E 26 12.40 5.02 6.39
CA TYR E 26 11.02 4.77 5.94
C TYR E 26 10.90 5.00 4.43
N GLY E 27 10.18 4.13 3.73
CA GLY E 27 10.01 4.29 2.27
C GLY E 27 9.17 5.52 1.96
N GLY E 28 8.72 5.63 0.70
CA GLY E 28 7.91 6.77 0.29
C GLY E 28 6.75 6.36 -0.64
N GLN E 29 6.21 7.35 -1.36
CA GLN E 29 5.08 7.10 -2.26
C GLN E 29 5.44 7.39 -3.72
N GLN E 30 5.14 6.44 -4.61
CA GLN E 30 5.38 6.61 -6.04
C GLN E 30 4.15 6.19 -6.83
N GLN E 31 3.76 6.98 -7.82
CA GLN E 31 2.59 6.65 -8.63
C GLN E 31 2.88 6.86 -10.11
N SER E 32 2.83 5.78 -10.90
CA SER E 32 3.12 5.88 -12.33
C SER E 32 1.87 5.60 -13.17
N TYR E 33 1.50 6.56 -14.03
CA TYR E 33 0.32 6.42 -14.89
C TYR E 33 0.73 6.34 -16.37
N GLY E 34 0.38 5.24 -17.02
CA GLY E 34 0.68 5.09 -18.45
C GLY E 34 -0.55 4.59 -19.18
N GLN E 35 -1.22 5.46 -19.93
CA GLN E 35 -2.43 5.02 -20.61
C GLN E 35 -2.80 5.85 -21.82
N GLN E 36 -3.71 5.29 -22.60
CA GLN E 36 -4.24 5.93 -23.80
C GLN E 36 -5.76 5.94 -23.70
N GLN E 37 -6.36 7.11 -23.81
CA GLN E 37 -7.82 7.21 -23.70
C GLN E 37 -8.45 7.78 -24.97
N SER E 38 -9.53 7.16 -25.41
CA SER E 38 -10.23 7.62 -26.60
C SER E 38 -11.73 7.74 -26.32
N TYR E 39 -12.33 8.81 -26.84
CA TYR E 39 -13.76 9.02 -26.64
C TYR E 39 -14.47 9.09 -27.99
N ASN E 40 -15.40 8.17 -28.20
CA ASN E 40 -16.14 8.13 -29.45
C ASN E 40 -15.19 7.96 -30.65
N SER F 2 -4.00 0.88 -29.97
CA SER F 2 -3.40 1.77 -28.94
C SER F 2 -3.09 0.97 -27.69
N TYR F 3 -2.14 1.43 -26.88
CA TYR F 3 -1.80 0.71 -25.67
C TYR F 3 -1.18 1.64 -24.62
N GLY F 4 -1.17 1.17 -23.38
CA GLY F 4 -0.59 1.93 -22.29
C GLY F 4 0.41 1.06 -21.54
N SER F 5 1.49 1.66 -21.07
CA SER F 5 2.50 0.88 -20.36
C SER F 5 3.13 1.65 -19.21
N SER F 6 3.39 0.95 -18.11
CA SER F 6 4.01 1.57 -16.95
C SER F 6 4.89 0.56 -16.24
N SER F 7 6.03 1.03 -15.74
CA SER F 7 6.94 0.14 -15.04
C SER F 7 7.66 0.88 -13.92
N GLN F 8 8.02 0.15 -12.89
CA GLN F 8 8.74 0.72 -11.76
C GLN F 8 9.78 -0.26 -11.24
N SER F 9 10.92 0.27 -10.80
CA SER F 9 11.98 -0.59 -10.29
C SER F 9 12.75 0.12 -9.18
N SER F 10 13.26 -0.66 -8.24
CA SER F 10 14.04 -0.09 -7.14
C SER F 10 15.08 -1.09 -6.65
N SER F 11 16.20 -0.59 -6.16
CA SER F 11 17.24 -1.50 -5.67
C SER F 11 17.92 -0.97 -4.40
N TYR F 12 18.23 -1.88 -3.49
CA TYR F 12 18.89 -1.54 -2.24
C TYR F 12 20.20 -2.32 -2.14
N GLY F 13 21.31 -1.62 -1.92
CA GLY F 13 22.61 -2.30 -1.83
C GLY F 13 23.15 -2.34 -0.40
N GLN F 14 23.34 -3.55 0.11
CA GLN F 14 23.89 -3.77 1.46
C GLN F 14 23.31 -2.81 2.50
N PRO F 15 22.01 -2.79 2.67
CA PRO F 15 21.35 -1.90 3.68
C PRO F 15 21.57 -2.34 5.13
N GLN F 16 21.53 -1.38 6.06
CA GLN F 16 21.68 -1.67 7.50
C GLN F 16 23.03 -2.32 7.83
N SER F 17 24.12 -1.60 7.56
CA SER F 17 25.46 -2.13 7.85
C SER F 17 26.09 -1.45 9.08
N GLY F 18 25.35 -0.54 9.73
CA GLY F 18 25.88 0.14 10.91
C GLY F 18 26.00 -0.81 12.09
N SER F 19 26.76 -0.42 13.12
CA SER F 19 26.94 -1.28 14.29
C SER F 19 26.66 -0.53 15.60
N TYR F 20 26.26 -1.30 16.62
CA TYR F 20 25.97 -0.74 17.94
C TYR F 20 24.85 0.29 17.92
N SER F 21 23.93 0.19 16.97
CA SER F 21 22.84 1.16 16.92
C SER F 21 21.57 0.60 16.29
N GLN F 22 20.41 1.00 16.82
CA GLN F 22 19.14 0.53 16.27
C GLN F 22 18.89 1.17 14.92
N GLN F 23 18.64 0.35 13.91
CA GLN F 23 18.43 0.85 12.57
C GLN F 23 17.37 0.04 11.82
N PRO F 24 16.15 0.09 12.29
CA PRO F 24 15.02 -0.64 11.65
C PRO F 24 14.61 -0.01 10.32
N SER F 25 14.08 -0.83 9.42
CA SER F 25 13.69 -0.32 8.10
C SER F 25 12.25 -0.70 7.76
N TYR F 26 11.55 0.22 7.08
CA TYR F 26 10.16 -0.01 6.67
C TYR F 26 9.99 0.25 5.17
N GLY F 27 9.25 -0.63 4.48
CA GLY F 27 9.04 -0.46 3.03
C GLY F 27 8.19 0.79 2.74
N GLY F 28 7.68 0.91 1.52
CA GLY F 28 6.88 2.06 1.14
C GLY F 28 5.69 1.66 0.26
N GLN F 29 5.13 2.65 -0.44
CA GLN F 29 3.97 2.42 -1.31
C GLN F 29 4.28 2.74 -2.78
N GLN F 30 3.93 1.81 -3.65
CA GLN F 30 4.12 1.99 -5.10
C GLN F 30 2.85 1.57 -5.84
N GLN F 31 2.45 2.37 -6.81
CA GLN F 31 1.25 2.07 -7.58
C GLN F 31 1.50 2.28 -9.08
N SER F 32 1.41 1.22 -9.87
CA SER F 32 1.65 1.32 -11.31
C SER F 32 0.36 1.06 -12.11
N TYR F 33 -0.03 2.03 -12.94
CA TYR F 33 -1.23 1.90 -13.77
C TYR F 33 -0.88 1.84 -15.25
N GLY F 34 -1.25 0.74 -15.91
CA GLY F 34 -0.99 0.62 -17.34
C GLY F 34 -2.26 0.14 -18.03
N GLN F 35 -2.95 1.02 -18.76
CA GLN F 35 -4.19 0.60 -19.39
C GLN F 35 -4.60 1.44 -20.60
N GLN F 36 -5.54 0.89 -21.34
CA GLN F 36 -6.10 1.54 -22.51
C GLN F 36 -7.61 1.56 -22.37
N GLN F 37 -8.21 2.74 -22.45
CA GLN F 37 -9.66 2.85 -22.29
C GLN F 37 -10.32 3.44 -23.52
N SER F 38 -11.43 2.83 -23.94
CA SER F 38 -12.17 3.30 -25.10
C SER F 38 -13.65 3.44 -24.75
N TYR F 39 -14.26 4.50 -25.25
CA TYR F 39 -15.68 4.74 -25.00
C TYR F 39 -16.44 4.83 -26.32
N ASN F 40 -17.38 3.91 -26.52
CA ASN F 40 -18.17 3.89 -27.74
C ASN F 40 -17.27 3.73 -28.97
N SER G 2 -6.11 -3.42 -28.73
CA SER G 2 -5.46 -2.54 -27.71
C SER G 2 -5.11 -3.37 -26.48
N TYR G 3 -4.15 -2.91 -25.70
CA TYR G 3 -3.75 -3.64 -24.51
C TYR G 3 -3.09 -2.74 -23.48
N GLY G 4 -3.04 -3.23 -22.24
CA GLY G 4 -2.43 -2.48 -21.16
C GLY G 4 -1.41 -3.36 -20.46
N SER G 5 -0.30 -2.77 -20.02
CA SER G 5 0.72 -3.58 -19.35
C SER G 5 1.40 -2.82 -18.22
N SER G 6 1.68 -3.53 -17.13
CA SER G 6 2.34 -2.93 -15.99
C SER G 6 3.25 -3.95 -15.32
N SER G 7 4.41 -3.50 -14.86
CA SER G 7 5.33 -4.40 -14.20
C SER G 7 6.10 -3.68 -13.11
N GLN G 8 6.49 -4.43 -12.08
CA GLN G 8 7.24 -3.87 -10.98
C GLN G 8 8.30 -4.86 -10.52
N SER G 9 9.46 -4.35 -10.11
CA SER G 9 10.53 -5.22 -9.64
C SER G 9 11.34 -4.52 -8.56
N SER G 10 11.90 -5.32 -7.64
CA SER G 10 12.70 -4.77 -6.57
C SER G 10 13.75 -5.77 -6.12
N SER G 11 14.89 -5.28 -5.65
CA SER G 11 15.95 -6.19 -5.21
C SER G 11 16.67 -5.69 -3.97
N TYR G 12 17.00 -6.62 -3.07
CA TYR G 12 17.72 -6.30 -1.84
C TYR G 12 19.03 -7.08 -1.80
N GLY G 13 20.14 -6.40 -1.61
CA GLY G 13 21.44 -7.08 -1.57
C GLY G 13 22.03 -7.14 -0.16
N GLN G 14 22.22 -8.36 0.33
CA GLN G 14 22.83 -8.60 1.65
C GLN G 14 22.29 -7.65 2.72
N PRO G 15 21.00 -7.62 2.94
CA PRO G 15 20.37 -6.75 3.98
C PRO G 15 20.63 -7.22 5.42
N GLN G 16 20.63 -6.26 6.37
CA GLN G 16 20.84 -6.56 7.79
C GLN G 16 22.20 -7.22 8.07
N SER G 17 23.29 -6.50 7.77
CA SER G 17 24.62 -7.04 8.01
C SER G 17 25.30 -6.37 9.22
N GLY G 18 24.58 -5.48 9.91
CA GLY G 18 25.17 -4.81 11.08
C GLY G 18 25.31 -5.79 12.25
N SER G 19 26.11 -5.42 13.25
CA SER G 19 26.32 -6.29 14.41
C SER G 19 26.11 -5.55 15.73
N TYR G 20 25.73 -6.32 16.75
CA TYR G 20 25.49 -5.78 18.10
C TYR G 20 24.38 -4.74 18.13
N SER G 21 23.42 -4.83 17.20
CA SER G 21 22.34 -3.85 17.22
C SER G 21 21.04 -4.40 16.62
N GLN G 22 19.90 -4.00 17.19
CA GLN G 22 18.62 -4.46 16.67
C GLN G 22 18.33 -3.79 15.33
N GLN G 23 18.03 -4.62 14.32
CA GLN G 23 17.78 -4.08 13.00
C GLN G 23 16.69 -4.88 12.27
N PRO G 24 15.49 -4.84 12.79
CA PRO G 24 14.33 -5.56 12.18
C PRO G 24 13.87 -4.91 10.88
N SER G 25 13.31 -5.72 9.98
CA SER G 25 12.87 -5.20 8.69
C SER G 25 11.43 -5.56 8.38
N TYR G 26 10.70 -4.63 7.76
CA TYR G 26 9.30 -4.85 7.38
C TYR G 26 9.08 -4.57 5.89
N GLY G 27 8.30 -5.43 5.22
CA GLY G 27 8.05 -5.23 3.79
C GLY G 27 7.21 -3.97 3.55
N GLY G 28 6.64 -3.86 2.35
CA GLY G 28 5.82 -2.69 2.00
C GLY G 28 4.61 -3.07 1.15
N GLN G 29 4.03 -2.07 0.49
CA GLN G 29 2.84 -2.28 -0.35
C GLN G 29 3.10 -1.96 -1.82
N GLN G 30 2.73 -2.88 -2.70
CA GLN G 30 2.88 -2.68 -4.15
C GLN G 30 1.59 -3.08 -4.85
N GLN G 31 1.14 -2.26 -5.79
CA GLN G 31 -0.08 -2.56 -6.53
C GLN G 31 0.12 -2.32 -8.02
N SER G 32 0.00 -3.37 -8.82
CA SER G 32 0.19 -3.25 -10.27
C SER G 32 -1.13 -3.49 -11.03
N TYR G 33 -1.54 -2.51 -11.84
CA TYR G 33 -2.77 -2.63 -12.62
C TYR G 33 -2.47 -2.66 -14.13
N GLY G 34 -2.87 -3.75 -14.78
CA GLY G 34 -2.66 -3.87 -16.23
C GLY G 34 -3.96 -4.33 -16.88
N GLN G 35 -4.67 -3.43 -17.56
CA GLN G 35 -5.93 -3.84 -18.17
C GLN G 35 -6.38 -2.98 -19.34
N GLN G 36 -7.34 -3.53 -20.06
CA GLN G 36 -7.94 -2.85 -21.21
C GLN G 36 -9.45 -2.82 -21.01
N GLN G 37 -10.05 -1.64 -21.05
CA GLN G 37 -11.49 -1.52 -20.83
C GLN G 37 -12.19 -0.92 -22.04
N SER G 38 -13.31 -1.52 -22.42
CA SER G 38 -14.09 -1.03 -23.55
C SER G 38 -15.56 -0.89 -23.16
N TYR G 39 -16.18 0.18 -23.62
CA TYR G 39 -17.59 0.42 -23.32
C TYR G 39 -18.39 0.52 -24.61
N ASN G 40 -19.33 -0.39 -24.79
CA ASN G 40 -20.17 -0.40 -25.99
C ASN G 40 -19.31 -0.56 -27.24
N SER H 2 -8.19 -7.72 -27.48
CA SER H 2 -7.51 -6.85 -26.48
C SER H 2 -7.14 -7.69 -25.27
N TYR H 3 -6.13 -7.26 -24.52
CA TYR H 3 -5.70 -8.01 -23.34
C TYR H 3 -5.00 -7.12 -22.33
N GLY H 4 -4.92 -7.62 -21.10
CA GLY H 4 -4.24 -6.89 -20.04
C GLY H 4 -3.21 -7.80 -19.39
N SER H 5 -2.09 -7.23 -18.96
CA SER H 5 -1.05 -8.05 -18.34
C SER H 5 -0.33 -7.30 -17.23
N SER H 6 -0.01 -8.02 -16.17
CA SER H 6 0.69 -7.45 -15.04
C SER H 6 1.61 -8.48 -14.41
N SER H 7 2.77 -8.04 -13.97
CA SER H 7 3.72 -8.96 -13.35
C SER H 7 4.54 -8.25 -12.28
N GLN H 8 4.96 -9.02 -11.29
CA GLN H 8 5.76 -8.47 -10.20
C GLN H 8 6.83 -9.48 -9.79
N SER H 9 7.98 -8.97 -9.40
CA SER H 9 9.07 -9.85 -8.98
C SER H 9 9.93 -9.17 -7.92
N SER H 10 10.50 -9.97 -7.02
CA SER H 10 11.35 -9.44 -5.98
C SER H 10 12.40 -10.46 -5.58
N SER H 11 13.57 -9.99 -5.17
CA SER H 11 14.64 -10.91 -4.77
C SER H 11 15.40 -10.42 -3.55
N TYR H 12 15.75 -11.36 -2.67
CA TYR H 12 16.51 -11.06 -1.47
C TYR H 12 17.82 -11.85 -1.47
N GLY H 13 18.95 -11.17 -1.31
CA GLY H 13 20.24 -11.85 -1.32
C GLY H 13 20.88 -11.94 0.06
N GLN H 14 21.08 -13.18 0.53
CA GLN H 14 21.72 -13.43 1.82
C GLN H 14 21.23 -12.49 2.92
N PRO H 15 19.95 -12.46 3.19
CA PRO H 15 19.37 -11.59 4.26
C PRO H 15 19.69 -12.07 5.69
N GLN H 16 19.72 -11.12 6.64
CA GLN H 16 19.97 -11.45 8.05
C GLN H 16 21.33 -12.12 8.27
N SER H 17 22.41 -11.41 7.95
CA SER H 17 23.75 -11.96 8.13
C SER H 17 24.47 -11.31 9.33
N GLY H 18 23.80 -10.42 10.05
CA GLY H 18 24.41 -9.77 11.21
C GLY H 18 24.59 -10.76 12.36
N SER H 19 25.43 -10.41 13.34
CA SER H 19 25.68 -11.30 14.48
C SER H 19 25.51 -10.57 15.82
N TYR H 20 25.17 -11.35 16.85
CA TYR H 20 24.98 -10.83 18.20
C TYR H 20 23.88 -9.78 18.28
N SER H 21 22.89 -9.87 17.41
CA SER H 21 21.81 -8.89 17.46
C SER H 21 20.49 -9.44 16.92
N GLN H 22 19.38 -9.01 17.50
CA GLN H 22 18.07 -9.46 17.03
C GLN H 22 17.74 -8.77 15.71
N GLN H 23 17.40 -9.57 14.71
CA GLN H 23 17.11 -9.02 13.39
C GLN H 23 15.98 -9.80 12.70
N PRO H 24 14.81 -9.76 13.26
CA PRO H 24 13.62 -10.47 12.68
C PRO H 24 13.13 -9.80 11.40
N SER H 25 12.53 -10.59 10.51
CA SER H 25 12.05 -10.05 9.24
C SER H 25 10.59 -10.40 8.98
N TYR H 26 9.86 -9.46 8.38
CA TYR H 26 8.44 -9.66 8.06
C TYR H 26 8.18 -9.36 6.57
N GLY H 27 7.37 -10.20 5.92
CA GLY H 27 7.07 -9.98 4.49
C GLY H 27 6.21 -8.72 4.30
N GLY H 28 5.60 -8.59 3.12
CA GLY H 28 4.78 -7.41 2.83
C GLY H 28 3.53 -7.78 2.02
N GLN H 29 2.94 -6.77 1.39
CA GLN H 29 1.72 -6.96 0.59
C GLN H 29 1.93 -6.61 -0.89
N GLN H 30 1.53 -7.53 -1.76
CA GLN H 30 1.63 -7.32 -3.21
C GLN H 30 0.31 -7.70 -3.86
N GLN H 31 -0.16 -6.88 -4.79
CA GLN H 31 -1.41 -7.15 -5.49
C GLN H 31 -1.27 -6.90 -6.99
N SER H 32 -1.41 -7.95 -7.80
CA SER H 32 -1.28 -7.80 -9.25
C SER H 32 -2.62 -8.03 -9.96
N TYR H 33 -3.05 -7.04 -10.74
CA TYR H 33 -4.31 -7.13 -11.49
C TYR H 33 -4.06 -7.17 -12.99
N GLY H 34 -4.48 -8.24 -13.65
CA GLY H 34 -4.33 -8.34 -15.10
C GLY H 34 -5.65 -8.80 -15.72
N GLN H 35 -6.37 -7.89 -16.37
CA GLN H 35 -7.66 -8.29 -16.94
C GLN H 35 -8.12 -7.40 -18.09
N GLN H 36 -9.13 -7.92 -18.78
CA GLN H 36 -9.76 -7.23 -19.89
C GLN H 36 -11.26 -7.20 -19.64
N GLN H 37 -11.86 -6.01 -19.66
CA GLN H 37 -13.28 -5.88 -19.39
C GLN H 37 -14.03 -5.26 -20.56
N SER H 38 -15.16 -5.86 -20.91
CA SER H 38 -15.99 -5.35 -22.00
C SER H 38 -17.43 -5.20 -21.56
N TYR H 39 -18.07 -4.12 -21.99
CA TYR H 39 -19.46 -3.88 -21.63
C TYR H 39 -20.31 -3.76 -22.89
N ASN H 40 -21.27 -4.66 -23.04
CA ASN H 40 -22.14 -4.64 -24.21
C ASN H 40 -21.33 -4.79 -25.49
N SER A 2 6.70 13.92 26.55
CA SER A 2 6.59 14.41 25.15
C SER A 2 5.87 13.38 24.29
N TYR A 3 5.10 13.85 23.32
CA TYR A 3 4.38 12.93 22.46
C TYR A 3 4.09 13.54 21.09
N GLY A 4 3.77 12.67 20.15
CA GLY A 4 3.45 13.10 18.79
C GLY A 4 2.25 12.30 18.28
N SER A 5 1.44 12.91 17.43
CA SER A 5 0.28 12.21 16.91
C SER A 5 -0.11 12.69 15.52
N SER A 6 -0.81 11.84 14.80
CA SER A 6 -1.28 12.18 13.46
C SER A 6 -2.61 11.50 13.17
N SER A 7 -3.48 12.20 12.45
CA SER A 7 -4.78 11.63 12.13
C SER A 7 -5.21 12.02 10.73
N GLN A 8 -5.78 11.07 10.00
CA GLN A 8 -6.25 11.33 8.65
C GLN A 8 -7.64 10.74 8.46
N SER A 9 -8.49 11.44 7.73
CA SER A 9 -9.84 10.95 7.49
C SER A 9 -10.31 11.35 6.09
N SER A 10 -11.14 10.51 5.50
CA SER A 10 -11.66 10.78 4.17
C SER A 10 -13.12 10.33 4.08
N SER A 11 -13.96 11.12 3.41
CA SER A 11 -15.37 10.77 3.28
C SER A 11 -15.87 10.93 1.86
N TYR A 12 -16.73 9.99 1.44
CA TYR A 12 -17.33 10.02 0.11
C TYR A 12 -18.84 9.93 0.25
N GLY A 13 -19.56 10.76 -0.50
CA GLY A 13 -21.02 10.76 -0.44
C GLY A 13 -21.62 9.66 -1.32
N GLN A 14 -21.97 10.00 -2.55
CA GLN A 14 -22.57 9.05 -3.47
C GLN A 14 -21.86 9.04 -4.82
N PRO A 15 -20.67 8.50 -4.88
CA PRO A 15 -19.87 8.45 -6.15
C PRO A 15 -20.44 7.45 -7.17
N GLN A 16 -20.20 7.73 -8.45
CA GLN A 16 -20.67 6.86 -9.54
C GLN A 16 -22.20 6.71 -9.57
N SER A 17 -22.91 7.82 -9.74
CA SER A 17 -24.37 7.77 -9.80
C SER A 17 -24.90 8.07 -11.20
N GLY A 18 -24.01 8.46 -12.13
CA GLY A 18 -24.43 8.76 -13.50
C GLY A 18 -24.73 7.48 -14.27
N SER A 19 -25.44 7.61 -15.40
CA SER A 19 -25.79 6.43 -16.20
C SER A 19 -25.20 6.49 -17.61
N TYR A 20 -25.10 5.33 -18.26
CA TYR A 20 -24.56 5.25 -19.63
C TYR A 20 -23.19 5.91 -19.73
N SER A 21 -22.24 5.50 -18.89
CA SER A 21 -20.91 6.10 -18.95
C SER A 21 -19.83 5.17 -18.38
N GLN A 22 -18.57 5.49 -18.66
CA GLN A 22 -17.46 4.69 -18.14
C GLN A 22 -16.78 5.50 -17.04
N GLN A 23 -16.95 5.07 -15.79
CA GLN A 23 -16.37 5.80 -14.68
C GLN A 23 -15.71 4.88 -13.65
N PRO A 24 -14.60 4.28 -14.01
CA PRO A 24 -13.83 3.38 -13.09
C PRO A 24 -13.34 4.13 -11.85
N SER A 25 -13.23 3.42 -10.72
CA SER A 25 -12.79 4.05 -9.48
C SER A 25 -11.55 3.37 -8.90
N TYR A 26 -10.51 4.18 -8.65
CA TYR A 26 -9.27 3.67 -8.07
C TYR A 26 -8.88 4.46 -6.82
N GLY A 27 -8.54 3.77 -5.74
CA GLY A 27 -8.15 4.44 -4.49
C GLY A 27 -6.74 5.02 -4.60
N GLY A 28 -6.37 5.89 -3.64
CA GLY A 28 -5.05 6.51 -3.65
C GLY A 28 -4.16 5.99 -2.52
N GLN A 29 -3.18 6.80 -2.12
CA GLN A 29 -2.24 6.41 -1.06
C GLN A 29 -2.25 7.41 0.10
N GLN A 30 -2.24 6.88 1.32
CA GLN A 30 -2.20 7.71 2.52
C GLN A 30 -1.14 7.18 3.49
N GLN A 31 -0.38 8.09 4.10
CA GLN A 31 0.65 7.68 5.05
C GLN A 31 0.65 8.60 6.27
N SER A 32 0.56 8.02 7.46
CA SER A 32 0.55 8.81 8.70
C SER A 32 1.59 8.33 9.69
N TYR A 33 2.45 9.25 10.15
CA TYR A 33 3.49 8.91 11.12
C TYR A 33 3.28 9.66 12.44
N GLY A 34 3.21 8.92 13.54
CA GLY A 34 3.05 9.54 14.86
C GLY A 34 4.04 8.89 15.83
N GLN A 35 5.09 9.62 16.20
CA GLN A 35 6.08 9.02 17.10
C GLN A 35 6.90 10.04 17.88
N GLN A 36 7.58 9.51 18.89
CA GLN A 36 8.45 10.29 19.76
C GLN A 36 9.81 9.60 19.81
N GLN A 37 10.87 10.33 19.51
CA GLN A 37 12.20 9.74 19.49
C GLN A 37 13.17 10.45 20.43
N SER A 38 13.93 9.67 21.18
CA SER A 38 14.91 10.23 22.12
C SER A 38 16.24 9.50 22.00
N TYR A 39 17.24 10.19 21.45
CA TYR A 39 18.56 9.59 21.30
C TYR A 39 19.16 9.28 22.67
N ASN A 40 19.15 10.29 23.54
CA ASN A 40 19.69 10.12 24.88
C ASN A 40 18.70 10.63 25.93
N SER B 2 6.71 9.06 27.44
CA SER B 2 6.55 9.57 26.06
C SER B 2 5.79 8.56 25.22
N TYR B 3 5.00 9.04 24.28
CA TYR B 3 4.23 8.12 23.44
C TYR B 3 3.89 8.75 22.08
N GLY B 4 3.53 7.88 21.14
CA GLY B 4 3.16 8.31 19.81
C GLY B 4 1.94 7.54 19.33
N SER B 5 1.10 8.17 18.51
CA SER B 5 -0.08 7.47 18.03
C SER B 5 -0.52 7.97 16.67
N SER B 6 -1.26 7.12 15.97
CA SER B 6 -1.76 7.47 14.65
C SER B 6 -3.11 6.81 14.41
N SER B 7 -4.00 7.50 13.71
CA SER B 7 -5.32 6.96 13.44
C SER B 7 -5.80 7.37 12.06
N GLN B 8 -6.40 6.42 11.35
CA GLN B 8 -6.92 6.69 10.01
C GLN B 8 -8.32 6.12 9.88
N SER B 9 -9.19 6.84 9.19
CA SER B 9 -10.55 6.36 8.99
C SER B 9 -11.07 6.76 7.61
N SER B 10 -11.93 5.93 7.05
CA SER B 10 -12.50 6.22 5.74
C SER B 10 -13.97 5.79 5.71
N SER B 11 -14.81 6.59 5.07
CA SER B 11 -16.23 6.26 4.99
C SER B 11 -16.79 6.44 3.58
N TYR B 12 -17.66 5.50 3.20
CA TYR B 12 -18.31 5.54 1.89
C TYR B 12 -19.82 5.46 2.08
N GLY B 13 -20.56 6.30 1.36
CA GLY B 13 -22.02 6.32 1.48
C GLY B 13 -22.65 5.23 0.62
N GLN B 14 -23.04 5.59 -0.60
CA GLN B 14 -23.69 4.64 -1.50
C GLN B 14 -23.03 4.64 -2.87
N PRO B 15 -21.85 4.08 -2.98
CA PRO B 15 -21.09 4.03 -4.28
C PRO B 15 -21.72 3.04 -5.28
N GLN B 16 -21.53 3.34 -6.57
CA GLN B 16 -22.03 2.47 -7.66
C GLN B 16 -23.55 2.33 -7.63
N SER B 17 -24.27 3.45 -7.77
CA SER B 17 -25.72 3.42 -7.77
C SER B 17 -26.31 3.72 -9.15
N GLY B 18 -25.46 4.12 -10.10
CA GLY B 18 -25.92 4.44 -11.45
C GLY B 18 -26.27 3.16 -12.23
N SER B 19 -27.01 3.30 -13.33
CA SER B 19 -27.41 2.12 -14.13
C SER B 19 -26.87 2.19 -15.56
N TYR B 20 -26.80 1.03 -16.20
CA TYR B 20 -26.32 0.94 -17.59
C TYR B 20 -24.94 1.58 -17.74
N SER B 21 -23.96 1.15 -16.94
CA SER B 21 -22.64 1.74 -17.04
C SER B 21 -21.55 0.81 -16.52
N GLN B 22 -20.30 1.13 -16.84
CA GLN B 22 -19.17 0.32 -16.37
C GLN B 22 -18.44 1.11 -15.29
N GLN B 23 -18.56 0.67 -14.05
CA GLN B 23 -17.95 1.39 -12.94
C GLN B 23 -17.26 0.46 -11.95
N PRO B 24 -16.16 -0.15 -12.34
CA PRO B 24 -15.37 -1.07 -11.47
C PRO B 24 -14.84 -0.33 -10.24
N SER B 25 -14.68 -1.04 -9.13
CA SER B 25 -14.19 -0.42 -7.89
C SER B 25 -12.93 -1.11 -7.36
N TYR B 26 -11.88 -0.32 -7.14
CA TYR B 26 -10.62 -0.85 -6.61
C TYR B 26 -10.17 -0.05 -5.38
N GLY B 27 -9.81 -0.76 -4.31
CA GLY B 27 -9.36 -0.10 -3.08
C GLY B 27 -7.96 0.46 -3.23
N GLY B 28 -7.54 1.31 -2.29
CA GLY B 28 -6.22 1.92 -2.34
C GLY B 28 -5.29 1.39 -1.25
N GLN B 29 -4.28 2.20 -0.88
CA GLN B 29 -3.31 1.80 0.13
C GLN B 29 -3.27 2.78 1.30
N GLN B 30 -3.22 2.25 2.53
CA GLN B 30 -3.13 3.07 3.73
C GLN B 30 -2.04 2.52 4.65
N GLN B 31 -1.26 3.42 5.25
CA GLN B 31 -0.19 3.00 6.16
C GLN B 31 -0.14 3.92 7.37
N SER B 32 -0.19 3.32 8.57
CA SER B 32 -0.14 4.11 9.80
C SER B 32 0.93 3.61 10.76
N TYR B 33 1.81 4.52 11.19
CA TYR B 33 2.89 4.17 12.12
C TYR B 33 2.72 4.91 13.45
N GLY B 34 2.69 4.16 14.55
CA GLY B 34 2.59 4.77 15.88
C GLY B 34 3.61 4.12 16.80
N GLN B 35 4.68 4.83 17.14
CA GLN B 35 5.68 4.22 18.00
C GLN B 35 6.55 5.23 18.76
N GLN B 36 7.26 4.68 19.74
CA GLN B 36 8.17 5.46 20.57
C GLN B 36 9.53 4.76 20.57
N GLN B 37 10.58 5.48 20.24
CA GLN B 37 11.91 4.87 20.17
C GLN B 37 12.91 5.57 21.08
N SER B 38 13.70 4.77 21.79
CA SER B 38 14.71 5.32 22.70
C SER B 38 16.04 4.59 22.53
N TYR B 39 17.02 5.27 21.94
CA TYR B 39 18.31 4.65 21.74
C TYR B 39 18.97 4.34 23.08
N ASN B 40 19.00 5.33 23.96
CA ASN B 40 19.59 5.15 25.28
C ASN B 40 18.65 5.66 26.36
N SER C 2 6.70 4.19 28.32
CA SER C 2 6.50 4.72 26.94
C SER C 2 5.69 3.71 26.13
N TYR C 3 4.87 4.21 25.21
CA TYR C 3 4.06 3.32 24.40
C TYR C 3 3.69 3.94 23.06
N GLY C 4 3.28 3.08 22.13
CA GLY C 4 2.86 3.53 20.81
C GLY C 4 1.62 2.76 20.38
N SER C 5 0.76 3.40 19.59
CA SER C 5 -0.45 2.73 19.16
C SER C 5 -0.93 3.24 17.80
N SER C 6 -1.71 2.39 17.12
CA SER C 6 -2.25 2.76 15.82
C SER C 6 -3.62 2.11 15.63
N SER C 7 -4.52 2.82 14.98
CA SER C 7 -5.86 2.29 14.75
C SER C 7 -6.38 2.71 13.40
N GLN C 8 -7.01 1.77 12.70
CA GLN C 8 -7.57 2.05 11.39
C GLN C 8 -8.99 1.50 11.30
N SER C 9 -9.87 2.23 10.64
CA SER C 9 -11.25 1.77 10.50
C SER C 9 -11.81 2.18 9.14
N SER C 10 -12.70 1.37 8.60
CA SER C 10 -13.32 1.66 7.31
C SER C 10 -14.79 1.24 7.33
N SER C 11 -15.65 2.06 6.73
CA SER C 11 -17.07 1.73 6.71
C SER C 11 -17.68 1.93 5.31
N TYR C 12 -18.58 1.01 4.95
CA TYR C 12 -19.27 1.06 3.68
C TYR C 12 -20.78 0.99 3.91
N GLY C 13 -21.53 1.85 3.23
CA GLY C 13 -22.98 1.87 3.41
C GLY C 13 -23.66 0.80 2.56
N GLN C 14 -24.10 1.17 1.36
CA GLN C 14 -24.78 0.22 0.48
C GLN C 14 -24.17 0.23 -0.92
N PRO C 15 -23.00 -0.34 -1.07
CA PRO C 15 -22.30 -0.40 -2.39
C PRO C 15 -22.96 -1.37 -3.38
N GLN C 16 -22.82 -1.07 -4.68
CA GLN C 16 -23.38 -1.92 -5.74
C GLN C 16 -24.90 -2.04 -5.66
N SER C 17 -25.60 -0.91 -5.77
CA SER C 17 -27.06 -0.95 -5.72
C SER C 17 -27.68 -0.62 -7.09
N GLY C 18 -26.86 -0.22 -8.05
CA GLY C 18 -27.38 0.10 -9.39
C GLY C 18 -27.76 -1.18 -10.15
N SER C 19 -28.54 -1.03 -11.22
CA SER C 19 -28.98 -2.19 -12.01
C SER C 19 -28.49 -2.12 -13.46
N TYR C 20 -28.47 -3.29 -14.12
CA TYR C 20 -28.03 -3.37 -15.51
C TYR C 20 -26.65 -2.74 -15.71
N SER C 21 -25.65 -3.19 -14.96
CA SER C 21 -24.32 -2.60 -15.09
C SER C 21 -23.22 -3.56 -14.63
N GLN C 22 -21.98 -3.25 -14.98
CA GLN C 22 -20.85 -4.07 -14.57
C GLN C 22 -20.07 -3.29 -13.52
N GLN C 23 -20.16 -3.74 -12.27
CA GLN C 23 -19.48 -3.03 -11.18
C GLN C 23 -18.78 -3.97 -10.21
N PRO C 24 -17.70 -4.59 -10.65
CA PRO C 24 -16.89 -5.52 -9.81
C PRO C 24 -16.30 -4.79 -8.60
N SER C 25 -16.11 -5.52 -7.49
CA SER C 25 -15.57 -4.90 -6.28
C SER C 25 -14.31 -5.61 -5.80
N TYR C 26 -13.24 -4.83 -5.61
CA TYR C 26 -11.96 -5.37 -5.13
C TYR C 26 -11.47 -4.58 -3.91
N GLY C 27 -11.08 -5.31 -2.85
CA GLY C 27 -10.58 -4.65 -1.64
C GLY C 27 -9.17 -4.11 -1.84
N GLY C 28 -8.71 -3.26 -0.90
CA GLY C 28 -7.38 -2.66 -1.00
C GLY C 28 -6.42 -3.22 0.05
N GLN C 29 -5.39 -2.42 0.38
CA GLN C 29 -4.39 -2.84 1.37
C GLN C 29 -4.29 -1.85 2.53
N GLN C 30 -4.20 -2.40 3.75
CA GLN C 30 -4.06 -1.58 4.95
C GLN C 30 -2.95 -2.14 5.83
N GLN C 31 -2.13 -1.26 6.40
CA GLN C 31 -1.04 -1.69 7.26
C GLN C 31 -0.93 -0.79 8.49
N SER C 32 -0.94 -1.39 9.68
CA SER C 32 -0.85 -0.60 10.92
C SER C 32 0.25 -1.12 11.83
N TYR C 33 1.16 -0.22 12.23
CA TYR C 33 2.26 -0.58 13.13
C TYR C 33 2.16 0.15 14.47
N GLY C 34 2.16 -0.60 15.55
CA GLY C 34 2.11 0.00 16.89
C GLY C 34 3.16 -0.65 17.78
N GLN C 35 4.25 0.04 18.08
CA GLN C 35 5.29 -0.57 18.90
C GLN C 35 6.18 0.41 19.63
N GLN C 36 6.92 -0.15 20.59
CA GLN C 36 7.87 0.61 21.39
C GLN C 36 9.21 -0.11 21.33
N GLN C 37 10.27 0.60 20.96
CA GLN C 37 11.59 -0.02 20.84
C GLN C 37 12.62 0.67 21.73
N SER C 38 13.43 -0.14 22.40
CA SER C 38 14.48 0.39 23.27
C SER C 38 15.79 -0.35 23.04
N TYR C 39 16.75 0.32 22.43
CA TYR C 39 18.04 -0.30 22.17
C TYR C 39 18.73 -0.64 23.49
N ASN C 40 18.82 0.36 24.37
CA ASN C 40 19.45 0.16 25.66
C ASN C 40 18.55 0.68 26.79
N SER D 2 6.68 -0.66 29.16
CA SER D 2 6.43 -0.13 27.79
C SER D 2 5.58 -1.12 27.00
N TYR D 3 4.74 -0.61 26.12
CA TYR D 3 3.89 -1.50 25.33
C TYR D 3 3.47 -0.86 24.01
N GLY D 4 3.02 -1.71 23.09
CA GLY D 4 2.56 -1.25 21.79
C GLY D 4 1.29 -2.00 21.40
N SER D 5 0.41 -1.35 20.64
CA SER D 5 -0.83 -2.01 20.25
C SER D 5 -1.35 -1.50 18.92
N SER D 6 -2.15 -2.32 18.27
CA SER D 6 -2.74 -1.95 16.99
C SER D 6 -4.12 -2.59 16.85
N SER D 7 -5.04 -1.87 16.23
CA SER D 7 -6.38 -2.38 16.04
C SER D 7 -6.95 -1.95 14.71
N GLN D 8 -7.62 -2.88 14.03
CA GLN D 8 -8.23 -2.59 12.74
C GLN D 8 -9.65 -3.13 12.71
N SER D 9 -10.55 -2.39 12.08
CA SER D 9 -11.94 -2.83 11.98
C SER D 9 -12.54 -2.39 10.65
N SER D 10 -13.46 -3.21 10.15
CA SER D 10 -14.12 -2.90 8.88
C SER D 10 -15.59 -3.29 8.95
N SER D 11 -16.47 -2.47 8.38
CA SER D 11 -17.90 -2.78 8.41
C SER D 11 -18.55 -2.58 7.04
N TYR D 12 -19.47 -3.48 6.71
CA TYR D 12 -20.21 -3.41 5.45
C TYR D 12 -21.70 -3.46 5.75
N GLY D 13 -22.48 -2.60 5.10
CA GLY D 13 -23.91 -2.55 5.32
C GLY D 13 -24.64 -3.62 4.50
N GLN D 14 -25.11 -3.24 3.32
CA GLN D 14 -25.84 -4.18 2.46
C GLN D 14 -25.28 -4.17 1.04
N PRO D 15 -24.12 -4.75 0.85
CA PRO D 15 -23.47 -4.82 -0.50
C PRO D 15 -24.18 -5.77 -1.47
N GLN D 16 -24.07 -5.47 -2.77
CA GLN D 16 -24.68 -6.31 -3.82
C GLN D 16 -26.19 -6.41 -3.68
N SER D 17 -26.89 -5.28 -3.76
CA SER D 17 -28.35 -5.29 -3.65
C SER D 17 -29.01 -4.96 -4.99
N GLY D 18 -28.23 -4.58 -6.00
CA GLY D 18 -28.79 -4.24 -7.31
C GLY D 18 -29.21 -5.50 -8.06
N SER D 19 -30.04 -5.34 -9.10
CA SER D 19 -30.51 -6.49 -9.88
C SER D 19 -30.08 -6.41 -11.35
N TYR D 20 -30.09 -7.58 -12.01
CA TYR D 20 -29.70 -7.67 -13.41
C TYR D 20 -28.33 -7.05 -13.66
N SER D 21 -27.31 -7.51 -12.95
CA SER D 21 -25.98 -6.95 -13.12
C SER D 21 -24.88 -7.91 -12.69
N GLN D 22 -23.65 -7.62 -13.11
CA GLN D 22 -22.51 -8.46 -12.72
C GLN D 22 -21.69 -7.69 -11.70
N GLN D 23 -21.72 -8.14 -10.46
CA GLN D 23 -21.01 -7.44 -9.40
C GLN D 23 -20.27 -8.40 -8.46
N PRO D 24 -19.23 -9.03 -8.94
CA PRO D 24 -18.39 -9.98 -8.13
C PRO D 24 -17.75 -9.26 -6.94
N SER D 25 -17.53 -9.98 -5.85
CA SER D 25 -16.94 -9.38 -4.65
C SER D 25 -15.66 -10.10 -4.22
N TYR D 26 -14.58 -9.33 -4.06
CA TYR D 26 -13.29 -9.89 -3.63
C TYR D 26 -12.74 -9.11 -2.43
N GLY D 27 -12.31 -9.84 -1.40
CA GLY D 27 -11.77 -9.20 -0.19
C GLY D 27 -10.35 -8.66 -0.45
N GLY D 28 -9.87 -7.83 0.47
CA GLY D 28 -8.54 -7.25 0.33
C GLY D 28 -7.54 -7.81 1.35
N GLN D 29 -6.50 -7.03 1.65
CA GLN D 29 -5.46 -7.46 2.59
C GLN D 29 -5.31 -6.49 3.76
N GLN D 30 -5.18 -7.04 4.97
CA GLN D 30 -4.99 -6.23 6.17
C GLN D 30 -3.85 -6.81 7.00
N GLN D 31 -3.00 -5.94 7.55
CA GLN D 31 -1.88 -6.38 8.36
C GLN D 31 -1.72 -5.48 9.60
N SER D 32 -1.70 -6.08 10.79
CA SER D 32 -1.56 -5.30 12.02
C SER D 32 -0.42 -5.84 12.89
N TYR D 33 0.51 -4.95 13.27
CA TYR D 33 1.64 -5.34 14.11
C TYR D 33 1.59 -4.61 15.45
N GLY D 34 1.62 -5.35 16.54
CA GLY D 34 1.62 -4.76 17.88
C GLY D 34 2.69 -5.44 18.72
N GLN D 35 3.80 -4.75 19.00
CA GLN D 35 4.86 -5.39 19.78
C GLN D 35 5.80 -4.41 20.49
N GLN D 36 6.57 -4.98 21.40
CA GLN D 36 7.55 -4.22 22.17
C GLN D 36 8.89 -4.97 22.06
N GLN D 37 9.94 -4.26 21.66
CA GLN D 37 11.24 -4.91 21.49
C GLN D 37 12.31 -4.23 22.33
N SER D 38 13.13 -5.04 22.99
CA SER D 38 14.22 -4.52 23.81
C SER D 38 15.51 -5.28 23.54
N TYR D 39 16.46 -4.62 22.88
CA TYR D 39 17.73 -5.27 22.58
C TYR D 39 18.47 -5.60 23.87
N ASN D 40 18.59 -4.61 24.75
CA ASN D 40 19.28 -4.82 26.03
C ASN D 40 18.43 -4.30 27.17
N SER E 2 -1.75 5.25 -31.17
CA SER E 2 -1.33 6.19 -30.09
C SER E 2 -1.05 5.41 -28.81
N TYR E 3 -0.08 5.87 -28.03
CA TYR E 3 0.24 5.19 -26.79
C TYR E 3 0.88 6.12 -25.77
N GLY E 4 0.86 5.69 -24.53
CA GLY E 4 1.45 6.46 -23.44
C GLY E 4 2.23 5.53 -22.52
N SER E 5 3.29 6.03 -21.90
CA SER E 5 4.07 5.18 -21.02
C SER E 5 4.74 5.99 -19.91
N SER E 6 5.08 5.31 -18.83
CA SER E 6 5.74 5.95 -17.70
C SER E 6 6.67 4.96 -17.01
N SER E 7 7.81 5.45 -16.54
CA SER E 7 8.76 4.58 -15.87
C SER E 7 9.44 5.30 -14.72
N GLN E 8 9.59 4.60 -13.60
CA GLN E 8 10.24 5.17 -12.43
C GLN E 8 11.25 4.19 -11.87
N SER E 9 12.37 4.70 -11.40
CA SER E 9 13.40 3.84 -10.82
C SER E 9 14.10 4.54 -9.67
N SER E 10 14.55 3.76 -8.69
CA SER E 10 15.24 4.31 -7.53
C SER E 10 16.37 3.37 -7.11
N SER E 11 17.50 3.94 -6.72
CA SER E 11 18.63 3.11 -6.31
C SER E 11 19.28 3.62 -5.02
N TYR E 12 19.67 2.69 -4.17
CA TYR E 12 20.33 3.01 -2.90
C TYR E 12 21.65 2.23 -2.81
N GLY E 13 22.71 2.92 -2.40
CA GLY E 13 24.02 2.27 -2.29
C GLY E 13 24.15 1.50 -0.98
N GLN E 14 24.71 2.15 0.03
CA GLN E 14 24.92 1.50 1.33
C GLN E 14 24.39 2.37 2.47
N PRO E 15 23.09 2.46 2.61
CA PRO E 15 22.45 3.28 3.70
C PRO E 15 22.62 2.65 5.09
N GLN E 16 22.64 3.52 6.10
CA GLN E 16 22.77 3.09 7.50
C GLN E 16 24.08 2.33 7.77
N SER E 17 25.21 2.99 7.55
CA SER E 17 26.50 2.36 7.78
C SER E 17 27.23 2.96 8.99
N GLY E 18 26.67 4.04 9.57
CA GLY E 18 27.30 4.67 10.73
C GLY E 18 27.08 3.83 11.99
N SER E 19 27.85 4.11 13.04
CA SER E 19 27.73 3.34 14.29
C SER E 19 27.34 4.24 15.47
N TYR E 20 26.80 3.62 16.53
CA TYR E 20 26.40 4.35 17.73
C TYR E 20 25.45 5.50 17.42
N SER E 21 24.35 5.22 16.71
CA SER E 21 23.41 6.29 16.36
C SER E 21 22.00 5.76 16.10
N GLN E 22 21.03 6.67 16.08
CA GLN E 22 19.65 6.27 15.81
C GLN E 22 19.29 6.75 14.41
N GLN E 23 19.16 5.82 13.48
CA GLN E 23 18.87 6.19 12.10
C GLN E 23 17.79 5.30 11.47
N PRO E 24 16.57 5.42 11.91
CA PRO E 24 15.41 4.65 11.36
C PRO E 24 15.20 4.93 9.88
N SER E 25 14.69 3.95 9.14
CA SER E 25 14.47 4.12 7.70
C SER E 25 13.02 3.86 7.31
N TYR E 26 12.41 4.83 6.63
CA TYR E 26 11.02 4.71 6.19
C TYR E 26 10.92 4.99 4.68
N GLY E 27 10.22 4.12 3.95
CA GLY E 27 10.06 4.31 2.50
C GLY E 27 9.04 5.42 2.20
N GLY E 28 9.01 5.86 0.94
CA GLY E 28 8.09 6.93 0.54
C GLY E 28 6.96 6.41 -0.37
N GLN E 29 6.41 7.32 -1.17
CA GLN E 29 5.31 6.96 -2.08
C GLN E 29 5.65 7.27 -3.54
N GLN E 30 5.31 6.34 -4.43
CA GLN E 30 5.54 6.53 -5.86
C GLN E 30 4.29 6.14 -6.64
N GLN E 31 3.94 6.93 -7.65
CA GLN E 31 2.76 6.65 -8.47
C GLN E 31 3.06 6.89 -9.94
N SER E 32 2.78 5.88 -10.78
CA SER E 32 3.04 5.99 -12.21
C SER E 32 1.81 5.63 -13.04
N TYR E 33 1.40 6.54 -13.93
CA TYR E 33 0.24 6.30 -14.78
C TYR E 33 0.65 6.27 -16.26
N GLY E 34 0.31 5.18 -16.95
CA GLY E 34 0.59 5.06 -18.37
C GLY E 34 -0.64 4.56 -19.11
N GLN E 35 -1.31 5.43 -19.86
CA GLN E 35 -2.52 4.98 -20.53
C GLN E 35 -2.89 5.82 -21.76
N GLN E 36 -3.81 5.26 -22.53
CA GLN E 36 -4.33 5.91 -23.74
C GLN E 36 -5.85 5.90 -23.65
N GLN E 37 -6.48 7.07 -23.80
CA GLN E 37 -7.93 7.15 -23.69
C GLN E 37 -8.56 7.74 -24.95
N SER E 38 -9.65 7.13 -25.39
CA SER E 38 -10.36 7.59 -26.58
C SER E 38 -11.86 7.63 -26.32
N TYR E 39 -12.42 8.82 -26.22
CA TYR E 39 -13.85 8.95 -25.99
C TYR E 39 -14.63 8.40 -27.17
N ASN E 40 -14.25 8.84 -28.37
CA ASN E 40 -14.92 8.37 -29.58
C ASN E 40 -13.90 7.92 -30.62
N SER F 2 -3.91 0.96 -30.00
CA SER F 2 -3.43 1.89 -28.93
C SER F 2 -3.12 1.09 -27.67
N TYR F 3 -2.12 1.56 -26.93
CA TYR F 3 -1.75 0.84 -25.71
C TYR F 3 -1.07 1.77 -24.69
N GLY F 4 -1.04 1.30 -23.45
CA GLY F 4 -0.42 2.05 -22.37
C GLY F 4 0.38 1.12 -21.49
N SER F 5 1.47 1.60 -20.91
CA SER F 5 2.28 0.74 -20.05
C SER F 5 3.01 1.54 -18.97
N SER F 6 3.35 0.84 -17.89
CA SER F 6 4.06 1.45 -16.79
C SER F 6 5.01 0.45 -16.15
N SER F 7 6.17 0.93 -15.71
CA SER F 7 7.14 0.05 -15.09
C SER F 7 7.86 0.75 -13.94
N GLN F 8 8.05 0.02 -12.84
CA GLN F 8 8.73 0.59 -11.69
C GLN F 8 9.76 -0.41 -11.17
N SER F 9 10.90 0.10 -10.73
CA SER F 9 11.94 -0.78 -10.21
C SER F 9 12.69 -0.10 -9.07
N SER F 10 13.16 -0.90 -8.11
CA SER F 10 13.90 -0.36 -6.98
C SER F 10 15.03 -1.31 -6.61
N SER F 11 16.19 -0.76 -6.26
CA SER F 11 17.32 -1.59 -5.90
C SER F 11 18.02 -1.10 -4.63
N TYR F 12 18.44 -2.05 -3.80
CA TYR F 12 19.14 -1.74 -2.55
C TYR F 12 20.45 -2.53 -2.51
N GLY F 13 21.54 -1.86 -2.14
CA GLY F 13 22.84 -2.51 -2.07
C GLY F 13 23.02 -3.31 -0.78
N GLN F 14 23.62 -2.66 0.22
CA GLN F 14 23.86 -3.33 1.50
C GLN F 14 23.38 -2.48 2.67
N PRO F 15 22.09 -2.38 2.86
CA PRO F 15 21.49 -1.58 3.97
C PRO F 15 21.69 -2.21 5.35
N GLN F 16 21.77 -1.35 6.38
CA GLN F 16 21.94 -1.81 7.77
C GLN F 16 23.25 -2.57 7.98
N SER F 17 24.38 -1.92 7.73
CA SER F 17 25.67 -2.56 7.91
C SER F 17 26.44 -1.98 9.10
N GLY F 18 25.92 -0.90 9.70
CA GLY F 18 26.59 -0.29 10.86
C GLY F 18 26.40 -1.14 12.12
N SER F 19 27.22 -0.88 13.14
CA SER F 19 27.14 -1.65 14.38
C SER F 19 26.80 -0.78 15.60
N TYR F 20 26.29 -1.42 16.65
CA TYR F 20 25.92 -0.71 17.88
C TYR F 20 24.97 0.45 17.59
N SER F 21 23.85 0.18 16.94
CA SER F 21 22.91 1.27 16.63
C SER F 21 21.49 0.76 16.42
N GLN F 22 20.52 1.67 16.43
CA GLN F 22 19.13 1.30 16.21
C GLN F 22 18.73 1.79 14.83
N GLN F 23 18.55 0.87 13.90
CA GLN F 23 18.21 1.25 12.53
C GLN F 23 17.11 0.37 11.93
N PRO F 24 15.90 0.51 12.41
CA PRO F 24 14.73 -0.27 11.91
C PRO F 24 14.46 0.04 10.43
N SER F 25 13.93 -0.93 9.70
CA SER F 25 13.66 -0.74 8.27
C SER F 25 12.19 -0.98 7.93
N TYR F 26 11.56 0.01 7.28
CA TYR F 26 10.15 -0.11 6.88
C TYR F 26 10.00 0.20 5.38
N GLY F 27 9.29 -0.67 4.67
CA GLY F 27 9.07 -0.46 3.23
C GLY F 27 8.05 0.65 2.98
N GLY F 28 7.97 1.12 1.72
CA GLY F 28 7.04 2.19 1.37
C GLY F 28 5.89 1.69 0.49
N GLN F 29 5.31 2.62 -0.29
CA GLN F 29 4.18 2.28 -1.15
C GLN F 29 4.47 2.60 -2.62
N GLN F 30 4.10 1.68 -3.51
CA GLN F 30 4.27 1.89 -4.95
C GLN F 30 2.99 1.52 -5.68
N GLN F 31 2.62 2.33 -6.68
CA GLN F 31 1.40 2.06 -7.44
C GLN F 31 1.65 2.30 -8.94
N SER F 32 1.35 1.31 -9.77
CA SER F 32 1.55 1.44 -11.21
C SER F 32 0.29 1.10 -12.00
N TYR F 33 -0.14 2.02 -12.87
CA TYR F 33 -1.34 1.80 -13.69
C TYR F 33 -0.98 1.78 -15.17
N GLY F 34 -1.35 0.71 -15.86
CA GLY F 34 -1.12 0.59 -17.30
C GLY F 34 -2.38 0.12 -17.99
N GLN F 35 -3.06 1.00 -18.71
CA GLN F 35 -4.30 0.58 -19.36
C GLN F 35 -4.71 1.43 -20.56
N GLN F 36 -5.66 0.89 -21.30
CA GLN F 36 -6.21 1.55 -22.47
C GLN F 36 -7.73 1.54 -22.33
N GLN F 37 -8.35 2.71 -22.46
CA GLN F 37 -9.80 2.81 -22.29
C GLN F 37 -10.47 3.41 -23.52
N SER F 38 -11.58 2.81 -23.93
CA SER F 38 -12.32 3.30 -25.09
C SER F 38 -13.82 3.33 -24.78
N TYR F 39 -14.36 4.54 -24.65
CA TYR F 39 -15.78 4.68 -24.36
C TYR F 39 -16.61 4.14 -25.52
N ASN F 40 -16.28 4.60 -26.73
CA ASN F 40 -17.00 4.15 -27.92
C ASN F 40 -16.01 3.71 -29.00
N SER G 2 -6.04 -3.33 -28.79
CA SER G 2 -5.52 -2.42 -27.73
C SER G 2 -5.16 -3.23 -26.49
N TYR G 3 -4.14 -2.78 -25.77
CA TYR G 3 -3.74 -3.50 -24.58
C TYR G 3 -3.02 -2.60 -23.58
N GLY G 4 -2.95 -3.08 -22.35
CA GLY G 4 -2.28 -2.34 -21.28
C GLY G 4 -1.46 -3.30 -20.44
N SER G 5 -0.34 -2.83 -19.89
CA SER G 5 0.50 -3.69 -19.07
C SER G 5 1.26 -2.93 -18.00
N SER G 6 1.64 -3.65 -16.96
CA SER G 6 2.38 -3.05 -15.87
C SER G 6 3.36 -4.06 -15.27
N SER G 7 4.52 -3.59 -14.87
CA SER G 7 5.52 -4.49 -14.29
C SER G 7 6.28 -3.80 -13.17
N GLN G 8 6.50 -4.54 -12.08
CA GLN G 8 7.23 -4.00 -10.95
C GLN G 8 8.27 -5.01 -10.48
N SER G 9 9.43 -4.52 -10.08
CA SER G 9 10.49 -5.40 -9.59
C SER G 9 11.28 -4.74 -8.48
N SER G 10 11.77 -5.55 -7.55
CA SER G 10 12.55 -5.03 -6.43
C SER G 10 13.69 -5.99 -6.11
N SER G 11 14.86 -5.45 -5.79
CA SER G 11 16.02 -6.30 -5.48
C SER G 11 16.75 -5.82 -4.24
N TYR G 12 17.19 -6.79 -3.43
CA TYR G 12 17.94 -6.50 -2.21
C TYR G 12 19.24 -7.30 -2.23
N GLY G 13 20.34 -6.63 -1.87
CA GLY G 13 21.65 -7.30 -1.87
C GLY G 13 21.87 -8.10 -0.59
N GLN G 14 22.50 -7.48 0.39
CA GLN G 14 22.79 -8.16 1.65
C GLN G 14 22.35 -7.32 2.85
N PRO G 15 21.07 -7.22 3.09
CA PRO G 15 20.51 -6.43 4.23
C PRO G 15 20.77 -7.08 5.60
N GLN G 16 20.87 -6.24 6.63
CA GLN G 16 21.10 -6.70 8.00
C GLN G 16 22.40 -7.48 8.15
N SER G 17 23.53 -6.82 7.88
CA SER G 17 24.83 -7.48 8.00
C SER G 17 25.63 -6.92 9.18
N GLY G 18 25.15 -5.85 9.80
CA GLY G 18 25.85 -5.25 10.95
C GLY G 18 25.72 -6.11 12.20
N SER G 19 26.57 -5.88 13.20
CA SER G 19 26.52 -6.67 14.43
C SER G 19 26.23 -5.81 15.67
N TYR G 20 25.75 -6.46 16.74
CA TYR G 20 25.44 -5.75 17.99
C TYR G 20 24.49 -4.59 17.74
N SER G 21 23.33 -4.85 17.14
CA SER G 21 22.39 -3.76 16.86
C SER G 21 20.96 -4.26 16.70
N GLN G 22 20.01 -3.34 16.75
CA GLN G 22 18.61 -3.71 16.58
C GLN G 22 18.15 -3.17 15.22
N GLN G 23 17.94 -4.09 14.29
CA GLN G 23 17.56 -3.70 12.94
C GLN G 23 16.43 -4.55 12.36
N PRO G 24 15.24 -4.42 12.89
CA PRO G 24 14.04 -5.18 12.41
C PRO G 24 13.72 -4.85 10.95
N SER G 25 13.16 -5.81 10.22
CA SER G 25 12.84 -5.60 8.81
C SER G 25 11.36 -5.83 8.52
N TYR G 26 10.72 -4.83 7.90
CA TYR G 26 9.30 -4.93 7.55
C TYR G 26 9.09 -4.60 6.07
N GLY G 27 8.35 -5.46 5.36
CA GLY G 27 8.08 -5.24 3.94
C GLY G 27 7.06 -4.11 3.74
N GLY G 28 6.94 -3.63 2.49
CA GLY G 28 6.01 -2.55 2.18
C GLY G 28 4.83 -3.02 1.34
N GLN G 29 4.22 -2.10 0.60
CA GLN G 29 3.06 -2.41 -0.24
C GLN G 29 3.30 -2.07 -1.71
N GLN G 30 2.89 -2.98 -2.59
CA GLN G 30 3.02 -2.76 -4.04
C GLN G 30 1.70 -3.12 -4.73
N GLN G 31 1.31 -2.30 -5.70
CA GLN G 31 0.07 -2.54 -6.44
C GLN G 31 0.26 -2.28 -7.93
N SER G 32 -0.08 -3.26 -8.76
CA SER G 32 0.08 -3.11 -10.21
C SER G 32 -1.21 -3.44 -10.95
N TYR G 33 -1.67 -2.51 -11.79
CA TYR G 33 -2.89 -2.71 -12.57
C TYR G 33 -2.59 -2.72 -14.07
N GLY G 34 -3.00 -3.78 -14.76
CA GLY G 34 -2.80 -3.87 -16.21
C GLY G 34 -4.10 -4.33 -16.86
N GLN G 35 -4.79 -3.43 -17.54
CA GLN G 35 -6.06 -3.83 -18.15
C GLN G 35 -6.50 -2.97 -19.33
N GLN G 36 -7.48 -3.51 -20.04
CA GLN G 36 -8.08 -2.83 -21.18
C GLN G 36 -9.59 -2.82 -21.00
N GLN G 37 -10.21 -1.65 -21.08
CA GLN G 37 -11.65 -1.54 -20.86
C GLN G 37 -12.35 -0.92 -22.06
N SER G 38 -13.48 -1.51 -22.44
CA SER G 38 -14.27 -1.00 -23.56
C SER G 38 -15.75 -0.96 -23.20
N TYR G 39 -16.27 0.24 -23.04
CA TYR G 39 -17.68 0.38 -22.70
C TYR G 39 -18.56 -0.14 -23.84
N ASN G 40 -18.27 0.33 -25.05
CA ASN G 40 -19.03 -0.10 -26.21
C ASN G 40 -18.09 -0.53 -27.33
N SER H 2 -8.17 -7.59 -27.56
CA SER H 2 -7.62 -6.69 -26.51
C SER H 2 -7.22 -7.53 -25.29
N TYR H 3 -6.17 -7.10 -24.61
CA TYR H 3 -5.72 -7.85 -23.43
C TYR H 3 -4.96 -6.95 -22.44
N GLY H 4 -4.85 -7.45 -21.22
CA GLY H 4 -4.14 -6.73 -20.17
C GLY H 4 -3.29 -7.71 -19.37
N SER H 5 -2.16 -7.25 -18.85
CA SER H 5 -1.30 -8.14 -18.07
C SER H 5 -0.50 -7.38 -17.02
N SER H 6 -0.08 -8.11 -16.00
CA SER H 6 0.71 -7.52 -14.94
C SER H 6 1.68 -8.55 -14.38
N SER H 7 2.87 -8.11 -14.01
CA SER H 7 3.88 -9.01 -13.48
C SER H 7 4.69 -8.35 -12.38
N GLN H 8 4.94 -9.09 -11.32
CA GLN H 8 5.71 -8.58 -10.20
C GLN H 8 6.77 -9.60 -9.78
N SER H 9 7.94 -9.12 -9.40
CA SER H 9 9.01 -10.01 -8.98
C SER H 9 9.84 -9.37 -7.89
N SER H 10 10.36 -10.19 -6.99
CA SER H 10 11.19 -9.70 -5.89
C SER H 10 12.34 -10.66 -5.62
N SER H 11 13.52 -10.13 -5.34
CA SER H 11 14.67 -10.99 -5.09
C SER H 11 15.45 -10.53 -3.85
N TYR H 12 15.92 -11.52 -3.08
CA TYR H 12 16.71 -11.24 -1.88
C TYR H 12 18.01 -12.04 -1.96
N GLY H 13 19.13 -11.40 -1.63
CA GLY H 13 20.42 -12.07 -1.68
C GLY H 13 20.69 -12.89 -0.42
N GLN H 14 21.36 -12.29 0.55
CA GLN H 14 21.69 -12.99 1.79
C GLN H 14 21.30 -12.16 3.01
N PRO H 15 20.03 -12.05 3.29
CA PRO H 15 19.51 -11.27 4.46
C PRO H 15 19.83 -11.94 5.81
N GLN H 16 19.97 -11.10 6.85
CA GLN H 16 20.23 -11.60 8.21
C GLN H 16 21.53 -12.38 8.30
N SER H 17 22.65 -11.73 7.99
CA SER H 17 23.95 -12.40 8.07
C SER H 17 24.81 -11.85 9.22
N GLY H 18 24.34 -10.79 9.88
CA GLY H 18 25.10 -10.20 11.00
C GLY H 18 24.99 -11.09 12.25
N SER H 19 25.89 -10.87 13.22
CA SER H 19 25.88 -11.67 14.45
C SER H 19 25.64 -10.82 15.70
N TYR H 20 25.20 -11.48 16.77
CA TYR H 20 24.93 -10.81 18.03
C TYR H 20 23.97 -9.64 17.85
N SER H 21 22.80 -9.87 17.28
CA SER H 21 21.86 -8.78 17.05
C SER H 21 20.43 -9.27 16.92
N GLN H 22 19.47 -8.34 17.04
CA GLN H 22 18.07 -8.71 16.91
C GLN H 22 17.57 -8.16 15.57
N GLN H 23 17.31 -9.05 14.63
CA GLN H 23 16.89 -8.63 13.30
C GLN H 23 15.73 -9.48 12.76
N PRO H 24 14.56 -9.36 13.34
CA PRO H 24 13.34 -10.10 12.89
C PRO H 24 12.97 -9.75 11.45
N SER H 25 12.39 -10.70 10.73
CA SER H 25 12.01 -10.46 9.33
C SER H 25 10.52 -10.69 9.08
N TYR H 26 9.85 -9.67 8.50
CA TYR H 26 8.43 -9.75 8.20
C TYR H 26 8.17 -9.41 6.73
N GLY H 27 7.39 -10.24 6.04
CA GLY H 27 7.08 -10.00 4.63
C GLY H 27 6.07 -8.88 4.47
N GLY H 28 5.91 -8.37 3.25
CA GLY H 28 4.96 -7.28 2.98
C GLY H 28 3.75 -7.74 2.17
N GLN H 29 3.13 -6.80 1.47
CA GLN H 29 1.93 -7.11 0.67
C GLN H 29 2.12 -6.74 -0.80
N GLN H 30 1.68 -7.64 -1.69
CA GLN H 30 1.77 -7.40 -3.13
C GLN H 30 0.42 -7.73 -3.78
N GLN H 31 -0.02 -6.90 -4.72
CA GLN H 31 -1.28 -7.14 -5.42
C GLN H 31 -1.13 -6.85 -6.91
N SER H 32 -1.51 -7.82 -7.74
CA SER H 32 -1.40 -7.65 -9.19
C SER H 32 -2.72 -7.96 -9.90
N TYR H 33 -3.20 -7.01 -10.71
CA TYR H 33 -4.45 -7.20 -11.45
C TYR H 33 -4.20 -7.20 -12.96
N GLY H 34 -4.64 -8.24 -13.63
CA GLY H 34 -4.49 -8.32 -15.09
C GLY H 34 -5.82 -8.77 -15.71
N GLN H 35 -6.54 -7.86 -16.36
CA GLN H 35 -7.83 -8.25 -16.93
C GLN H 35 -8.30 -7.36 -18.08
N GLN H 36 -9.32 -7.87 -18.76
CA GLN H 36 -9.94 -7.17 -19.87
C GLN H 36 -11.44 -7.16 -19.63
N GLN H 37 -12.06 -5.98 -19.67
CA GLN H 37 -13.49 -5.88 -19.41
C GLN H 37 -14.24 -5.24 -20.57
N SER H 38 -15.38 -5.82 -20.93
CA SER H 38 -16.19 -5.29 -22.01
C SER H 38 -17.66 -5.25 -21.60
N TYR H 39 -18.17 -4.04 -21.39
CA TYR H 39 -19.57 -3.90 -20.99
C TYR H 39 -20.49 -4.39 -22.11
N ASN H 40 -20.24 -3.92 -23.33
CA ASN H 40 -21.04 -4.33 -24.48
C ASN H 40 -20.14 -4.75 -25.63
N SER A 2 6.59 13.84 26.54
CA SER A 2 6.49 14.34 25.14
C SER A 2 5.78 13.30 24.29
N TYR A 3 5.04 13.76 23.28
CA TYR A 3 4.34 12.83 22.41
C TYR A 3 4.09 13.43 21.03
N GLY A 4 3.81 12.55 20.08
CA GLY A 4 3.53 12.97 18.71
C GLY A 4 2.22 12.36 18.24
N SER A 5 1.38 13.13 17.59
CA SER A 5 0.10 12.60 17.12
C SER A 5 -0.17 12.95 15.67
N SER A 6 -0.82 12.04 14.97
CA SER A 6 -1.17 12.25 13.57
C SER A 6 -2.45 11.51 13.24
N SER A 7 -3.31 12.15 12.45
CA SER A 7 -4.56 11.51 12.07
C SER A 7 -5.00 11.97 10.69
N GLN A 8 -5.71 11.09 10.00
CA GLN A 8 -6.20 11.40 8.66
C GLN A 8 -7.60 10.85 8.48
N SER A 9 -8.43 11.56 7.74
CA SER A 9 -9.79 11.11 7.50
C SER A 9 -10.24 11.47 6.09
N SER A 10 -11.08 10.62 5.51
CA SER A 10 -11.58 10.85 4.17
C SER A 10 -13.04 10.43 4.06
N SER A 11 -13.82 11.13 3.26
CA SER A 11 -15.22 10.79 3.12
C SER A 11 -15.73 10.98 1.69
N TYR A 12 -16.48 10.00 1.21
CA TYR A 12 -17.05 10.05 -0.14
C TYR A 12 -18.57 9.92 -0.04
N GLY A 13 -19.29 10.86 -0.65
CA GLY A 13 -20.76 10.82 -0.60
C GLY A 13 -21.39 10.43 -1.93
N GLN A 14 -22.13 9.31 -1.91
CA GLN A 14 -22.83 8.82 -3.10
C GLN A 14 -22.00 8.92 -4.38
N PRO A 15 -20.84 8.32 -4.41
CA PRO A 15 -19.94 8.34 -5.62
C PRO A 15 -20.46 7.47 -6.78
N GLN A 16 -20.10 7.85 -8.01
CA GLN A 16 -20.51 7.10 -9.21
C GLN A 16 -22.02 7.02 -9.39
N SER A 17 -22.67 8.16 -9.54
CA SER A 17 -24.13 8.19 -9.72
C SER A 17 -24.51 8.45 -11.18
N GLY A 18 -23.53 8.61 -12.07
CA GLY A 18 -23.83 8.86 -13.47
C GLY A 18 -24.37 7.60 -14.15
N SER A 19 -24.74 7.71 -15.43
CA SER A 19 -25.30 6.56 -16.15
C SER A 19 -24.88 6.54 -17.62
N TYR A 20 -25.00 5.37 -18.22
CA TYR A 20 -24.65 5.18 -19.64
C TYR A 20 -23.20 5.52 -19.93
N SER A 21 -22.31 5.42 -18.94
CA SER A 21 -20.91 5.73 -19.20
C SER A 21 -19.96 5.02 -18.22
N GLN A 22 -18.76 4.67 -18.70
CA GLN A 22 -17.79 4.00 -17.82
C GLN A 22 -17.21 5.00 -16.83
N GLN A 23 -17.25 4.65 -15.56
CA GLN A 23 -16.75 5.56 -14.53
C GLN A 23 -16.09 4.79 -13.38
N PRO A 24 -15.03 4.08 -13.67
CA PRO A 24 -14.29 3.28 -12.66
C PRO A 24 -13.53 4.17 -11.68
N SER A 25 -13.32 3.68 -10.46
CA SER A 25 -12.63 4.47 -9.44
C SER A 25 -11.46 3.70 -8.83
N TYR A 26 -10.36 4.43 -8.56
CA TYR A 26 -9.18 3.82 -7.94
C TYR A 26 -8.77 4.60 -6.67
N GLY A 27 -8.44 3.87 -5.60
CA GLY A 27 -8.03 4.52 -4.35
C GLY A 27 -6.62 5.10 -4.46
N GLY A 28 -6.27 6.02 -3.55
CA GLY A 28 -4.94 6.64 -3.57
C GLY A 28 -4.04 6.11 -2.45
N GLN A 29 -3.05 6.92 -2.08
CA GLN A 29 -2.10 6.54 -1.03
C GLN A 29 -2.12 7.51 0.15
N GLN A 30 -2.14 6.96 1.36
CA GLN A 30 -2.11 7.78 2.58
C GLN A 30 -1.07 7.23 3.55
N GLN A 31 -0.32 8.13 4.19
CA GLN A 31 0.71 7.70 5.13
C GLN A 31 0.70 8.60 6.37
N SER A 32 0.56 7.99 7.56
CA SER A 32 0.52 8.77 8.80
C SER A 32 1.61 8.31 9.77
N TYR A 33 2.44 9.26 10.22
CA TYR A 33 3.53 8.95 11.16
C TYR A 33 3.32 9.69 12.49
N GLY A 34 3.29 8.94 13.59
CA GLY A 34 3.14 9.55 14.91
C GLY A 34 4.12 8.91 15.88
N GLN A 35 5.19 9.61 16.24
CA GLN A 35 6.16 9.01 17.14
C GLN A 35 6.96 10.02 17.95
N GLN A 36 7.60 9.48 18.99
CA GLN A 36 8.46 10.27 19.87
C GLN A 36 9.82 9.59 19.90
N GLN A 37 10.88 10.33 19.58
CA GLN A 37 12.21 9.75 19.55
C GLN A 37 13.17 10.48 20.49
N SER A 38 13.94 9.70 21.23
CA SER A 38 14.91 10.27 22.16
C SER A 38 16.26 9.57 22.03
N TYR A 39 17.23 10.27 21.46
CA TYR A 39 18.56 9.71 21.29
C TYR A 39 19.19 9.42 22.65
N ASN A 40 19.16 10.43 23.52
CA ASN A 40 19.73 10.28 24.86
C ASN A 40 21.20 9.85 24.77
N SER B 2 6.57 8.99 27.44
CA SER B 2 6.43 9.50 26.05
C SER B 2 5.67 8.48 25.21
N TYR B 3 4.91 8.95 24.23
CA TYR B 3 4.16 8.03 23.38
C TYR B 3 3.87 8.64 22.01
N GLY B 4 3.54 7.76 21.07
CA GLY B 4 3.21 8.21 19.72
C GLY B 4 1.89 7.59 19.30
N SER B 5 1.03 8.38 18.67
CA SER B 5 -0.26 7.86 18.25
C SER B 5 -0.59 8.22 16.81
N SER B 6 -1.27 7.30 16.13
CA SER B 6 -1.66 7.53 14.75
C SER B 6 -2.96 6.81 14.46
N SER B 7 -3.84 7.45 13.70
CA SER B 7 -5.12 6.84 13.37
C SER B 7 -5.60 7.30 12.01
N GLN B 8 -6.34 6.43 11.33
CA GLN B 8 -6.88 6.76 10.02
C GLN B 8 -8.30 6.21 9.89
N SER B 9 -9.14 6.94 9.19
CA SER B 9 -10.52 6.51 9.00
C SER B 9 -11.01 6.87 7.61
N SER B 10 -11.87 6.04 7.05
CA SER B 10 -12.42 6.28 5.72
C SER B 10 -13.89 5.87 5.67
N SER B 11 -14.69 6.59 4.90
CA SER B 11 -16.10 6.26 4.80
C SER B 11 -16.65 6.46 3.40
N TYR B 12 -17.44 5.48 2.93
CA TYR B 12 -18.06 5.55 1.62
C TYR B 12 -19.57 5.43 1.76
N GLY B 13 -20.31 6.37 1.18
CA GLY B 13 -21.77 6.35 1.29
C GLY B 13 -22.45 5.97 -0.02
N GLN B 14 -23.20 4.86 0.02
CA GLN B 14 -23.96 4.38 -1.15
C GLN B 14 -23.16 4.48 -2.45
N PRO B 15 -22.01 3.87 -2.53
CA PRO B 15 -21.16 3.89 -3.77
C PRO B 15 -21.74 3.03 -4.91
N GLN B 16 -21.42 3.42 -6.16
CA GLN B 16 -21.86 2.68 -7.35
C GLN B 16 -23.38 2.61 -7.46
N SER B 17 -24.04 3.76 -7.59
CA SER B 17 -25.49 3.79 -7.71
C SER B 17 -25.92 4.07 -9.17
N GLY B 18 -24.96 4.22 -10.08
CA GLY B 18 -25.31 4.48 -11.48
C GLY B 18 -25.89 3.22 -12.14
N SER B 19 -26.32 3.34 -13.40
CA SER B 19 -26.90 2.20 -14.11
C SER B 19 -26.55 2.18 -15.59
N TYR B 20 -26.69 1.01 -16.21
CA TYR B 20 -26.40 0.84 -17.62
C TYR B 20 -24.95 1.15 -17.96
N SER B 21 -24.04 1.03 -17.01
CA SER B 21 -22.64 1.33 -17.31
C SER B 21 -21.67 0.61 -16.38
N GLN B 22 -20.49 0.26 -16.89
CA GLN B 22 -19.49 -0.41 -16.07
C GLN B 22 -18.87 0.58 -15.10
N GLN B 23 -18.86 0.22 -13.82
CA GLN B 23 -18.32 1.10 -12.80
C GLN B 23 -17.62 0.33 -11.68
N PRO B 24 -16.58 -0.38 -12.01
CA PRO B 24 -15.81 -1.19 -11.02
C PRO B 24 -14.99 -0.31 -10.08
N SER B 25 -14.76 -0.80 -8.86
CA SER B 25 -14.01 -0.04 -7.87
C SER B 25 -12.84 -0.82 -7.30
N TYR B 26 -11.72 -0.10 -7.06
CA TYR B 26 -10.52 -0.72 -6.50
C TYR B 26 -10.06 0.04 -5.24
N GLY B 27 -9.69 -0.69 -4.18
CA GLY B 27 -9.23 -0.05 -2.95
C GLY B 27 -7.82 0.52 -3.11
N GLY B 28 -7.43 1.42 -2.21
CA GLY B 28 -6.11 2.03 -2.27
C GLY B 28 -5.17 1.50 -1.19
N GLN B 29 -4.16 2.30 -0.85
CA GLN B 29 -3.17 1.90 0.16
C GLN B 29 -3.14 2.87 1.34
N GLN B 30 -3.12 2.32 2.55
CA GLN B 30 -3.05 3.13 3.77
C GLN B 30 -1.97 2.56 4.70
N GLN B 31 -1.19 3.44 5.32
CA GLN B 31 -0.15 3.00 6.22
C GLN B 31 -0.10 3.90 7.46
N SER B 32 -0.19 3.29 8.65
CA SER B 32 -0.17 4.05 9.90
C SER B 32 0.95 3.58 10.84
N TYR B 33 1.80 4.52 11.25
CA TYR B 33 2.92 4.21 12.15
C TYR B 33 2.75 4.93 13.49
N GLY B 34 2.75 4.18 14.59
CA GLY B 34 2.66 4.78 15.91
C GLY B 34 3.66 4.12 16.84
N GLN B 35 4.75 4.83 17.19
CA GLN B 35 5.75 4.22 18.05
C GLN B 35 6.59 5.22 18.83
N GLN B 36 7.27 4.67 19.83
CA GLN B 36 8.16 5.44 20.68
C GLN B 36 9.52 4.75 20.68
N GLN B 37 10.57 5.48 20.31
CA GLN B 37 11.90 4.88 20.23
C GLN B 37 12.90 5.60 21.12
N SER B 38 13.70 4.82 21.85
CA SER B 38 14.70 5.38 22.74
C SER B 38 16.03 4.66 22.55
N TYR B 39 16.99 5.36 21.96
CA TYR B 39 18.31 4.78 21.74
C TYR B 39 18.98 4.48 23.08
N ASN B 40 19.00 5.49 23.95
CA ASN B 40 19.62 5.33 25.26
C ASN B 40 21.07 4.89 25.12
N SER C 2 6.51 4.10 28.30
CA SER C 2 6.33 4.64 26.92
C SER C 2 5.54 3.62 26.10
N TYR C 3 4.74 4.10 25.16
CA TYR C 3 3.96 3.19 24.33
C TYR C 3 3.63 3.81 22.98
N GLY C 4 3.25 2.96 22.04
CA GLY C 4 2.88 3.40 20.70
C GLY C 4 1.54 2.80 20.33
N SER C 5 0.66 3.60 19.74
CA SER C 5 -0.66 3.10 19.36
C SER C 5 -1.03 3.47 17.93
N SER C 6 -1.73 2.57 17.27
CA SER C 6 -2.18 2.81 15.91
C SER C 6 -3.50 2.10 15.65
N SER C 7 -4.39 2.76 14.94
CA SER C 7 -5.69 2.16 14.65
C SER C 7 -6.20 2.62 13.30
N GLN C 8 -6.99 1.76 12.66
CA GLN C 8 -7.57 2.10 11.37
C GLN C 8 -8.99 1.58 11.28
N SER C 9 -9.85 2.32 10.62
CA SER C 9 -11.24 1.90 10.48
C SER C 9 -11.78 2.27 9.10
N SER C 10 -12.67 1.45 8.57
CA SER C 10 -13.26 1.70 7.26
C SER C 10 -14.73 1.29 7.25
N SER C 11 -15.56 2.04 6.52
CA SER C 11 -16.97 1.72 6.48
C SER C 11 -17.57 1.93 5.09
N TYR C 12 -18.37 0.97 4.64
CA TYR C 12 -19.05 1.04 3.35
C TYR C 12 -20.56 0.94 3.55
N GLY C 13 -21.31 1.89 3.00
CA GLY C 13 -22.76 1.88 3.17
C GLY C 13 -23.50 1.52 1.89
N GLN C 14 -24.24 0.41 1.94
CA GLN C 14 -25.04 -0.06 0.81
C GLN C 14 -24.30 0.05 -0.53
N PRO C 15 -23.16 -0.59 -0.65
CA PRO C 15 -22.36 -0.57 -1.92
C PRO C 15 -22.98 -1.40 -3.05
N GLN C 16 -22.69 -1.01 -4.30
CA GLN C 16 -23.19 -1.74 -5.47
C GLN C 16 -24.72 -1.81 -5.54
N SER C 17 -25.36 -0.64 -5.65
CA SER C 17 -26.82 -0.59 -5.72
C SER C 17 -27.31 -0.31 -7.15
N GLY C 18 -26.38 -0.15 -8.10
CA GLY C 18 -26.78 0.11 -9.48
C GLY C 18 -27.39 -1.13 -10.12
N SER C 19 -27.86 -1.01 -11.38
CA SER C 19 -28.48 -2.14 -12.06
C SER C 19 -28.18 -2.15 -13.56
N TYR C 20 -28.35 -3.32 -14.17
CA TYR C 20 -28.11 -3.50 -15.60
C TYR C 20 -26.66 -3.18 -16.00
N SER C 21 -25.72 -3.32 -15.07
CA SER C 21 -24.33 -3.03 -15.42
C SER C 21 -23.34 -3.76 -14.52
N GLN C 22 -22.18 -4.12 -15.08
CA GLN C 22 -21.16 -4.80 -14.30
C GLN C 22 -20.49 -3.82 -13.34
N GLN C 23 -20.45 -4.19 -12.06
CA GLN C 23 -19.86 -3.31 -11.06
C GLN C 23 -19.14 -4.10 -9.97
N PRO C 24 -18.11 -4.82 -10.35
CA PRO C 24 -17.32 -5.64 -9.38
C PRO C 24 -16.46 -4.77 -8.46
N SER C 25 -16.18 -5.28 -7.27
CA SER C 25 -15.39 -4.52 -6.30
C SER C 25 -14.20 -5.31 -5.77
N TYR C 26 -13.08 -4.62 -5.56
CA TYR C 26 -11.86 -5.24 -5.06
C TYR C 26 -11.35 -4.49 -3.81
N GLY C 27 -10.96 -5.23 -2.77
CA GLY C 27 -10.45 -4.61 -1.54
C GLY C 27 -9.03 -4.07 -1.75
N GLY C 28 -8.60 -3.15 -0.87
CA GLY C 28 -7.27 -2.56 -0.98
C GLY C 28 -6.31 -3.11 0.08
N GLN C 29 -5.27 -2.33 0.38
CA GLN C 29 -4.26 -2.73 1.36
C GLN C 29 -4.17 -1.77 2.54
N GLN C 30 -4.13 -2.33 3.75
CA GLN C 30 -4.00 -1.52 4.97
C GLN C 30 -2.90 -2.11 5.84
N GLN C 31 -2.09 -1.24 6.44
CA GLN C 31 -1.00 -1.69 7.30
C GLN C 31 -0.91 -0.80 8.55
N SER C 32 -0.96 -1.42 9.73
CA SER C 32 -0.90 -0.65 10.98
C SER C 32 0.25 -1.14 11.88
N TYR C 33 1.12 -0.20 12.27
CA TYR C 33 2.27 -0.54 13.13
C TYR C 33 2.17 0.17 14.48
N GLY C 34 2.19 -0.59 15.57
CA GLY C 34 2.14 0.01 16.90
C GLY C 34 3.19 -0.66 17.79
N GLN C 35 4.28 0.04 18.10
CA GLN C 35 5.31 -0.58 18.93
C GLN C 35 6.18 0.41 19.69
N GLN C 36 6.90 -0.16 20.65
CA GLN C 36 7.83 0.60 21.48
C GLN C 36 9.18 -0.11 21.41
N GLN C 37 10.23 0.62 21.01
CA GLN C 37 11.55 0.01 20.88
C GLN C 37 12.58 0.71 21.75
N SER C 38 13.40 -0.08 22.44
CA SER C 38 14.44 0.46 23.30
C SER C 38 15.75 -0.26 23.06
N TYR C 39 16.70 0.43 22.44
CA TYR C 39 18.00 -0.16 22.16
C TYR C 39 18.73 -0.47 23.48
N ASN C 40 18.79 0.53 24.35
CA ASN C 40 19.45 0.36 25.64
C ASN C 40 20.89 -0.10 25.46
N SER D 2 6.47 -0.75 29.16
CA SER D 2 6.25 -0.22 27.79
C SER D 2 5.42 -1.22 27.00
N TYR D 3 4.60 -0.73 26.07
CA TYR D 3 3.77 -1.62 25.27
C TYR D 3 3.40 -1.00 23.93
N GLY D 4 2.98 -1.85 23.00
CA GLY D 4 2.56 -1.39 21.69
C GLY D 4 1.20 -1.98 21.35
N SER D 5 0.31 -1.17 20.80
CA SER D 5 -1.02 -1.67 20.47
C SER D 5 -1.44 -1.29 19.05
N SER D 6 -2.18 -2.19 18.41
CA SER D 6 -2.67 -1.94 17.06
C SER D 6 -4.00 -2.64 16.86
N SER D 7 -4.91 -1.97 16.19
CA SER D 7 -6.22 -2.55 15.93
C SER D 7 -6.78 -2.08 14.61
N GLN D 8 -7.60 -2.91 13.99
CA GLN D 8 -8.22 -2.57 12.72
C GLN D 8 -9.65 -3.08 12.68
N SER D 9 -10.53 -2.33 12.05
CA SER D 9 -11.93 -2.73 11.96
C SER D 9 -12.51 -2.35 10.60
N SER D 10 -13.42 -3.16 10.10
CA SER D 10 -14.05 -2.89 8.81
C SER D 10 -15.52 -3.28 8.87
N SER D 11 -16.36 -2.53 8.16
CA SER D 11 -17.79 -2.85 8.16
C SER D 11 -18.44 -2.62 6.80
N TYR D 12 -19.27 -3.57 6.38
CA TYR D 12 -19.98 -3.48 5.11
C TYR D 12 -21.49 -3.58 5.38
N GLY D 13 -22.25 -2.62 4.85
CA GLY D 13 -23.70 -2.62 5.06
C GLY D 13 -24.49 -2.97 3.80
N GLN D 14 -25.24 -4.07 3.88
CA GLN D 14 -26.09 -4.52 2.77
C GLN D 14 -25.39 -4.42 1.41
N PRO D 15 -24.26 -5.05 1.25
CA PRO D 15 -23.51 -5.02 -0.05
C PRO D 15 -24.16 -5.85 -1.15
N GLN D 16 -23.92 -5.46 -2.42
CA GLN D 16 -24.46 -6.18 -3.57
C GLN D 16 -25.99 -6.23 -3.58
N SER D 17 -26.62 -5.06 -3.65
CA SER D 17 -28.09 -5.00 -3.67
C SER D 17 -28.62 -4.71 -5.08
N GLY D 18 -27.72 -4.56 -6.06
CA GLY D 18 -28.16 -4.29 -7.44
C GLY D 18 -28.81 -5.53 -8.06
N SER D 19 -29.32 -5.38 -9.29
CA SER D 19 -29.98 -6.51 -9.96
C SER D 19 -29.73 -6.50 -11.48
N TYR D 20 -29.95 -7.67 -12.09
CA TYR D 20 -29.76 -7.84 -13.52
C TYR D 20 -28.34 -7.53 -13.97
N SER D 21 -27.36 -7.71 -13.08
CA SER D 21 -25.98 -7.42 -13.48
C SER D 21 -24.98 -8.18 -12.63
N GLN D 22 -23.81 -8.51 -13.22
CA GLN D 22 -22.78 -9.21 -12.47
C GLN D 22 -22.07 -8.25 -11.54
N GLN D 23 -21.97 -8.62 -10.27
CA GLN D 23 -21.34 -7.76 -9.29
C GLN D 23 -20.59 -8.56 -8.23
N PRO D 24 -19.59 -9.29 -8.64
CA PRO D 24 -18.76 -10.11 -7.71
C PRO D 24 -17.87 -9.25 -6.82
N SER D 25 -17.55 -9.77 -5.64
CA SER D 25 -16.73 -9.01 -4.69
C SER D 25 -15.52 -9.82 -4.21
N TYR D 26 -14.38 -9.14 -4.05
CA TYR D 26 -13.15 -9.78 -3.58
C TYR D 26 -12.59 -9.05 -2.35
N GLY D 27 -12.17 -9.79 -1.33
CA GLY D 27 -11.61 -9.18 -0.12
C GLY D 27 -10.20 -8.63 -0.38
N GLY D 28 -9.73 -7.75 0.51
CA GLY D 28 -8.40 -7.15 0.35
C GLY D 28 -7.40 -7.72 1.37
N GLN D 29 -6.35 -6.95 1.63
CA GLN D 29 -5.30 -7.37 2.58
C GLN D 29 -5.18 -6.41 3.76
N GLN D 30 -5.08 -6.98 4.96
CA GLN D 30 -4.90 -6.18 6.17
C GLN D 30 -3.78 -6.77 7.01
N GLN D 31 -2.95 -5.92 7.58
CA GLN D 31 -1.84 -6.38 8.41
C GLN D 31 -1.70 -5.51 9.66
N SER D 32 -1.71 -6.13 10.84
CA SER D 32 -1.58 -5.38 12.09
C SER D 32 -0.41 -5.88 12.93
N TYR D 33 0.49 -4.96 13.30
CA TYR D 33 1.65 -5.31 14.12
C TYR D 33 1.61 -4.60 15.48
N GLY D 34 1.67 -5.36 16.55
CA GLY D 34 1.68 -4.77 17.90
C GLY D 34 2.74 -5.46 18.75
N GLN D 35 3.85 -4.76 19.03
CA GLN D 35 4.90 -5.40 19.81
C GLN D 35 5.81 -4.42 20.54
N GLN D 36 6.55 -4.99 21.48
CA GLN D 36 7.52 -4.25 22.26
C GLN D 36 8.87 -4.96 22.16
N GLN D 37 9.90 -4.25 21.72
CA GLN D 37 11.21 -4.87 21.54
C GLN D 37 12.28 -4.18 22.38
N SER D 38 13.11 -4.98 23.04
CA SER D 38 14.19 -4.45 23.87
C SER D 38 15.49 -5.18 23.57
N TYR D 39 16.41 -4.50 22.90
CA TYR D 39 17.70 -5.10 22.58
C TYR D 39 18.46 -5.42 23.86
N ASN D 40 18.56 -4.42 24.74
CA ASN D 40 19.26 -4.61 26.01
C ASN D 40 20.70 -5.07 25.76
N SER E 2 -1.66 5.16 -31.12
CA SER E 2 -1.25 6.11 -30.04
C SER E 2 -0.99 5.33 -28.75
N TYR E 3 -0.05 5.81 -27.95
CA TYR E 3 0.26 5.12 -26.70
C TYR E 3 0.85 6.08 -25.66
N GLY E 4 0.81 5.65 -24.42
CA GLY E 4 1.35 6.44 -23.32
C GLY E 4 2.30 5.58 -22.50
N SER E 5 3.44 6.14 -22.11
CA SER E 5 4.40 5.36 -21.34
C SER E 5 4.91 6.14 -20.13
N SER E 6 5.16 5.40 -19.04
CA SER E 6 5.68 6.01 -17.83
C SER E 6 6.54 5.02 -17.09
N SER E 7 7.65 5.48 -16.53
CA SER E 7 8.54 4.61 -15.80
C SER E 7 9.24 5.37 -14.67
N GLN E 8 9.57 4.65 -13.61
CA GLN E 8 10.24 5.24 -12.47
C GLN E 8 11.28 4.28 -11.93
N SER E 9 12.40 4.82 -11.45
CA SER E 9 13.46 3.98 -10.91
C SER E 9 14.12 4.67 -9.72
N SER E 10 14.55 3.87 -8.76
CA SER E 10 15.21 4.41 -7.58
C SER E 10 16.35 3.48 -7.14
N SER E 11 17.41 4.07 -6.61
CA SER E 11 18.55 3.26 -6.17
C SER E 11 19.20 3.80 -4.91
N TYR E 12 19.49 2.89 -3.98
CA TYR E 12 20.14 3.25 -2.72
C TYR E 12 21.44 2.47 -2.59
N GLY E 13 22.55 3.18 -2.32
CA GLY E 13 23.84 2.51 -2.20
C GLY E 13 24.35 2.48 -0.75
N GLN E 14 24.53 1.26 -0.24
CA GLN E 14 25.05 1.06 1.12
C GLN E 14 24.45 2.03 2.14
N PRO E 15 23.14 2.03 2.28
CA PRO E 15 22.45 2.94 3.27
C PRO E 15 22.64 2.50 4.74
N GLN E 16 22.58 3.47 5.66
CA GLN E 16 22.71 3.20 7.09
C GLN E 16 24.06 2.55 7.46
N SER E 17 25.15 3.26 7.20
CA SER E 17 26.48 2.74 7.52
C SER E 17 27.05 3.41 8.78
N GLY E 18 26.30 4.31 9.41
CA GLY E 18 26.78 4.98 10.62
C GLY E 18 26.80 4.02 11.80
N SER E 19 27.29 4.47 12.96
CA SER E 19 27.35 3.61 14.13
C SER E 19 27.08 4.39 15.43
N TYR E 20 26.73 3.65 16.48
CA TYR E 20 26.46 4.23 17.80
C TYR E 20 25.32 5.24 17.76
N SER E 21 24.40 5.12 16.79
CA SER E 21 23.29 6.08 16.74
C SER E 21 22.06 5.49 16.04
N GLN E 22 20.86 5.91 16.48
CA GLN E 22 19.64 5.42 15.85
C GLN E 22 19.46 6.06 14.48
N GLN E 23 19.23 5.22 13.48
CA GLN E 23 19.08 5.72 12.13
C GLN E 23 18.07 4.90 11.33
N PRO E 24 16.84 4.91 11.75
CA PRO E 24 15.75 4.16 11.06
C PRO E 24 15.36 4.80 9.73
N SER E 25 14.88 3.98 8.80
CA SER E 25 14.51 4.48 7.48
C SER E 25 13.07 4.09 7.10
N TYR E 26 12.38 5.02 6.43
CA TYR E 26 11.00 4.78 6.00
C TYR E 26 10.87 5.05 4.49
N GLY E 27 10.15 4.17 3.77
CA GLY E 27 9.97 4.34 2.33
C GLY E 27 8.96 5.44 2.04
N GLY E 28 8.97 5.96 0.80
CA GLY E 28 8.05 7.02 0.41
C GLY E 28 6.93 6.51 -0.49
N GLN E 29 6.35 7.44 -1.27
CA GLN E 29 5.24 7.09 -2.17
C GLN E 29 5.58 7.38 -3.63
N GLN E 30 5.27 6.42 -4.50
CA GLN E 30 5.50 6.59 -5.94
C GLN E 30 4.25 6.18 -6.72
N GLN E 31 3.90 6.95 -7.74
CA GLN E 31 2.72 6.65 -8.54
C GLN E 31 3.02 6.84 -10.03
N SER E 32 2.78 5.81 -10.84
CA SER E 32 3.05 5.90 -12.27
C SER E 32 1.79 5.59 -13.10
N TYR E 33 1.41 6.51 -13.99
CA TYR E 33 0.24 6.33 -14.84
C TYR E 33 0.64 6.28 -16.31
N GLY E 34 0.25 5.21 -17.00
CA GLY E 34 0.54 5.09 -18.43
C GLY E 34 -0.69 4.57 -19.15
N GLN E 35 -1.38 5.45 -19.91
CA GLN E 35 -2.58 4.99 -20.60
C GLN E 35 -2.94 5.81 -21.82
N GLN E 36 -3.83 5.23 -22.61
CA GLN E 36 -4.34 5.86 -23.82
C GLN E 36 -5.87 5.86 -23.73
N GLN E 37 -6.46 7.04 -23.86
CA GLN E 37 -7.92 7.15 -23.74
C GLN E 37 -8.55 7.74 -25.00
N SER E 38 -9.63 7.13 -25.45
CA SER E 38 -10.34 7.62 -26.63
C SER E 38 -11.83 7.68 -26.37
N TYR E 39 -12.36 8.89 -26.27
CA TYR E 39 -13.79 9.07 -26.02
C TYR E 39 -14.59 8.54 -27.22
N ASN E 40 -14.20 8.97 -28.41
CA ASN E 40 -14.89 8.54 -29.63
C ASN E 40 -16.38 8.85 -29.55
N SER F 2 -3.79 0.86 -29.96
CA SER F 2 -3.33 1.80 -28.90
C SER F 2 -3.02 0.99 -27.63
N TYR F 3 -2.07 1.48 -26.84
CA TYR F 3 -1.71 0.77 -25.62
C TYR F 3 -1.09 1.70 -24.59
N GLY F 4 -1.08 1.26 -23.35
CA GLY F 4 -0.49 2.03 -22.26
C GLY F 4 0.48 1.16 -21.48
N SER F 5 1.64 1.69 -21.13
CA SER F 5 2.62 0.90 -20.40
C SER F 5 3.18 1.65 -19.20
N SER F 6 3.44 0.91 -18.13
CA SER F 6 4.00 1.50 -16.92
C SER F 6 4.89 0.49 -16.22
N SER F 7 6.00 0.96 -15.69
CA SER F 7 6.92 0.06 -14.99
C SER F 7 7.65 0.80 -13.89
N GLN F 8 8.02 0.07 -12.84
CA GLN F 8 8.74 0.65 -11.73
C GLN F 8 9.79 -0.33 -11.23
N SER F 9 10.94 0.20 -10.79
CA SER F 9 12.00 -0.65 -10.29
C SER F 9 12.71 0.02 -9.12
N SER F 10 13.16 -0.80 -8.17
CA SER F 10 13.87 -0.28 -7.01
C SER F 10 15.01 -1.21 -6.62
N SER F 11 16.10 -0.64 -6.13
CA SER F 11 17.24 -1.47 -5.75
C SER F 11 17.94 -0.95 -4.49
N TYR F 12 18.26 -1.87 -3.58
CA TYR F 12 18.95 -1.53 -2.35
C TYR F 12 20.25 -2.32 -2.25
N GLY F 13 21.37 -1.63 -2.04
CA GLY F 13 22.65 -2.30 -1.96
C GLY F 13 23.21 -2.35 -0.53
N GLN F 14 23.41 -3.57 -0.02
CA GLN F 14 23.97 -3.79 1.30
C GLN F 14 23.40 -2.83 2.36
N PRO F 15 22.11 -2.81 2.54
CA PRO F 15 21.46 -1.92 3.57
C PRO F 15 21.69 -2.38 5.02
N GLN F 16 21.68 -1.42 5.94
CA GLN F 16 21.86 -1.70 7.38
C GLN F 16 23.21 -2.36 7.69
N SER F 17 24.30 -1.64 7.41
CA SER F 17 25.64 -2.18 7.68
C SER F 17 26.25 -1.54 8.93
N GLY F 18 25.53 -0.63 9.59
CA GLY F 18 26.06 0.02 10.79
C GLY F 18 26.10 -0.96 11.96
N SER F 19 26.64 -0.52 13.10
CA SER F 19 26.73 -1.39 14.28
C SER F 19 26.52 -0.64 15.59
N TYR F 20 26.19 -1.38 16.64
CA TYR F 20 25.97 -0.81 17.97
C TYR F 20 24.82 0.20 17.98
N SER F 21 23.87 0.08 17.05
CA SER F 21 22.77 1.04 17.05
C SER F 21 21.51 0.48 16.38
N GLN F 22 20.34 0.90 16.85
CA GLN F 22 19.08 0.44 16.26
C GLN F 22 18.88 1.10 14.91
N GLN F 23 18.60 0.28 13.89
CA GLN F 23 18.42 0.80 12.56
C GLN F 23 17.37 0.00 11.78
N PRO F 24 16.16 0.00 12.24
CA PRO F 24 15.04 -0.74 11.59
C PRO F 24 14.61 -0.08 10.28
N SER F 25 14.08 -0.88 9.36
CA SER F 25 13.68 -0.36 8.06
C SER F 25 12.23 -0.74 7.72
N TYR F 26 11.51 0.22 7.10
CA TYR F 26 10.13 -0.01 6.70
C TYR F 26 9.94 0.27 5.20
N GLY F 27 9.21 -0.60 4.50
CA GLY F 27 8.98 -0.41 3.06
C GLY F 27 7.95 0.70 2.82
N GLY F 28 7.93 1.22 1.59
CA GLY F 28 7.00 2.30 1.25
C GLY F 28 5.84 1.81 0.38
N GLN F 29 5.24 2.74 -0.38
CA GLN F 29 4.11 2.41 -1.24
C GLN F 29 4.41 2.72 -2.72
N GLN F 30 4.06 1.77 -3.59
CA GLN F 30 4.24 1.95 -5.02
C GLN F 30 2.96 1.56 -5.76
N GLN F 31 2.59 2.34 -6.77
CA GLN F 31 1.37 2.05 -7.53
C GLN F 31 1.61 2.27 -9.02
N SER F 32 1.35 1.24 -9.84
CA SER F 32 1.57 1.35 -11.28
C SER F 32 0.27 1.05 -12.07
N TYR F 33 -0.13 2.00 -12.93
CA TYR F 33 -1.33 1.83 -13.75
C TYR F 33 -0.99 1.79 -15.23
N GLY F 34 -1.39 0.72 -15.92
CA GLY F 34 -1.15 0.61 -17.35
C GLY F 34 -2.42 0.13 -18.04
N GLN F 35 -3.11 1.01 -18.77
CA GLN F 35 -4.35 0.58 -19.41
C GLN F 35 -4.74 1.41 -20.63
N GLN F 36 -5.66 0.84 -21.38
CA GLN F 36 -6.20 1.48 -22.58
C GLN F 36 -7.72 1.50 -22.44
N GLN F 37 -8.32 2.69 -22.52
CA GLN F 37 -9.77 2.80 -22.36
C GLN F 37 -10.43 3.42 -23.59
N SER F 38 -11.54 2.82 -24.02
CA SER F 38 -12.28 3.32 -25.17
C SER F 38 -13.76 3.39 -24.86
N TYR F 39 -14.28 4.60 -24.71
CA TYR F 39 -15.70 4.78 -24.42
C TYR F 39 -16.54 4.27 -25.59
N ASN F 40 -16.20 4.74 -26.79
CA ASN F 40 -16.92 4.31 -27.99
C ASN F 40 -18.41 4.62 -27.85
N SER G 2 -5.90 -3.46 -28.74
CA SER G 2 -5.40 -2.54 -27.68
C SER G 2 -5.06 -3.34 -26.43
N TYR G 3 -4.06 -2.89 -25.68
CA TYR G 3 -3.68 -3.62 -24.47
C TYR G 3 -3.00 -2.69 -23.46
N GLY G 4 -2.97 -3.15 -22.22
CA GLY G 4 -2.34 -2.39 -21.15
C GLY G 4 -1.35 -3.29 -20.40
N SER G 5 -0.18 -2.76 -20.09
CA SER G 5 0.82 -3.56 -19.40
C SER G 5 1.42 -2.83 -18.21
N SER G 6 1.71 -3.57 -17.16
CA SER G 6 2.33 -3.00 -15.97
C SER G 6 3.23 -4.03 -15.30
N SER G 7 4.36 -3.58 -14.81
CA SER G 7 5.30 -4.49 -14.16
C SER G 7 6.08 -3.76 -13.07
N GLN G 8 6.46 -4.52 -12.05
CA GLN G 8 7.24 -3.95 -10.95
C GLN G 8 8.30 -4.94 -10.50
N SER G 9 9.45 -4.43 -10.10
CA SER G 9 10.52 -5.29 -9.63
C SER G 9 11.28 -4.64 -8.48
N SER G 10 11.76 -5.46 -7.56
CA SER G 10 12.51 -4.96 -6.42
C SER G 10 13.66 -5.90 -6.07
N SER G 11 14.77 -5.34 -5.61
CA SER G 11 15.92 -6.18 -5.28
C SER G 11 16.65 -5.68 -4.03
N TYR G 12 17.00 -6.61 -3.15
CA TYR G 12 17.74 -6.29 -1.93
C TYR G 12 19.03 -7.10 -1.90
N GLY G 13 20.16 -6.42 -1.71
CA GLY G 13 21.45 -7.11 -1.69
C GLY G 13 22.07 -7.17 -0.28
N GLN G 14 22.26 -8.40 0.20
CA GLN G 14 22.87 -8.64 1.51
C GLN G 14 22.34 -7.69 2.60
N PRO G 15 21.06 -7.66 2.84
CA PRO G 15 20.46 -6.77 3.88
C PRO G 15 20.72 -7.24 5.31
N GLN G 16 20.74 -6.29 6.26
CA GLN G 16 20.97 -6.60 7.68
C GLN G 16 22.32 -7.26 7.94
N SER G 17 23.41 -6.56 7.63
CA SER G 17 24.74 -7.10 7.84
C SER G 17 25.42 -6.48 9.08
N GLY G 18 24.72 -5.56 9.77
CA GLY G 18 25.30 -4.93 10.96
C GLY G 18 25.36 -5.93 12.12
N SER G 19 25.95 -5.51 13.25
CA SER G 19 26.07 -6.40 14.41
C SER G 19 25.90 -5.65 15.74
N TYR G 20 25.62 -6.42 16.79
CA TYR G 20 25.44 -5.85 18.13
C TYR G 20 24.31 -4.83 18.20
N SER G 21 23.33 -4.92 17.30
CA SER G 21 22.23 -3.97 17.35
C SER G 21 20.96 -4.51 16.71
N GLN G 22 19.80 -4.08 17.23
CA GLN G 22 18.52 -4.53 16.68
C GLN G 22 18.27 -3.85 15.34
N GLN G 23 17.97 -4.66 14.33
CA GLN G 23 17.74 -4.12 13.00
C GLN G 23 16.67 -4.91 12.25
N PRO G 24 15.47 -4.89 12.76
CA PRO G 24 14.32 -5.62 12.14
C PRO G 24 13.85 -4.95 10.85
N SER G 25 13.27 -5.73 9.93
CA SER G 25 12.83 -5.19 8.66
C SER G 25 11.37 -5.54 8.37
N TYR G 26 10.64 -4.59 7.77
CA TYR G 26 9.23 -4.80 7.41
C TYR G 26 9.00 -4.51 5.93
N GLY G 27 8.24 -5.37 5.24
CA GLY G 27 7.96 -5.17 3.82
C GLY G 27 6.95 -4.04 3.61
N GLY G 28 6.88 -3.51 2.40
CA GLY G 28 5.95 -2.42 2.09
C GLY G 28 4.76 -2.90 1.25
N GLN G 29 4.14 -1.96 0.53
CA GLN G 29 2.97 -2.26 -0.29
C GLN G 29 3.22 -1.94 -1.77
N GLN G 30 2.83 -2.88 -2.64
CA GLN G 30 2.97 -2.69 -4.09
C GLN G 30 1.66 -3.06 -4.78
N GLN G 31 1.27 -2.27 -5.76
CA GLN G 31 0.03 -2.54 -6.48
C GLN G 31 0.22 -2.31 -7.98
N SER G 32 -0.09 -3.32 -8.79
CA SER G 32 0.09 -3.21 -10.25
C SER G 32 -1.22 -3.48 -10.99
N TYR G 33 -1.66 -2.53 -11.83
CA TYR G 33 -2.89 -2.68 -12.60
C TYR G 33 -2.59 -2.70 -14.11
N GLY G 34 -3.04 -3.74 -14.79
CA GLY G 34 -2.85 -3.85 -16.23
C GLY G 34 -4.14 -4.31 -16.88
N GLN G 35 -4.85 -3.42 -17.58
CA GLN G 35 -6.11 -3.83 -18.19
C GLN G 35 -6.53 -3.00 -19.39
N GLN G 36 -7.49 -3.55 -20.11
CA GLN G 36 -8.07 -2.90 -21.27
C GLN G 36 -9.58 -2.86 -21.09
N GLN G 37 -10.17 -1.67 -21.13
CA GLN G 37 -11.60 -1.54 -20.91
C GLN G 37 -12.31 -0.91 -22.12
N SER G 38 -13.44 -1.48 -22.50
CA SER G 38 -14.21 -0.97 -23.63
C SER G 38 -15.68 -0.90 -23.26
N TYR G 39 -16.19 0.33 -23.09
CA TYR G 39 -17.59 0.50 -22.76
C TYR G 39 -18.47 0.01 -23.89
N ASN G 40 -18.17 0.47 -25.12
CA ASN G 40 -18.95 0.07 -26.28
C ASN G 40 -20.42 0.38 -26.09
N SER H 2 -8.02 -7.72 -27.51
CA SER H 2 -7.47 -6.82 -26.46
C SER H 2 -7.11 -7.64 -25.22
N TYR H 3 -6.08 -7.21 -24.51
CA TYR H 3 -5.66 -7.95 -23.32
C TYR H 3 -4.95 -7.05 -22.32
N GLY H 4 -4.87 -7.52 -21.09
CA GLY H 4 -4.20 -6.78 -20.02
C GLY H 4 -3.19 -7.68 -19.33
N SER H 5 -2.01 -7.17 -19.05
CA SER H 5 -0.99 -8.00 -18.40
C SER H 5 -0.34 -7.28 -17.23
N SER H 6 -0.01 -8.04 -16.20
CA SER H 6 0.64 -7.49 -15.03
C SER H 6 1.55 -8.52 -14.40
N SER H 7 2.71 -8.09 -13.94
CA SER H 7 3.66 -9.01 -13.33
C SER H 7 4.48 -8.31 -12.26
N GLN H 8 4.90 -9.07 -11.25
CA GLN H 8 5.70 -8.53 -10.18
C GLN H 8 6.78 -9.52 -9.78
N SER H 9 7.94 -9.01 -9.39
CA SER H 9 9.03 -9.90 -8.98
C SER H 9 9.83 -9.25 -7.85
N SER H 10 10.34 -10.10 -6.96
CA SER H 10 11.12 -9.62 -5.84
C SER H 10 12.28 -10.56 -5.55
N SER H 11 13.41 -10.02 -5.12
CA SER H 11 14.56 -10.87 -4.83
C SER H 11 15.35 -10.39 -3.62
N TYR H 12 15.71 -11.34 -2.76
CA TYR H 12 16.50 -11.05 -1.55
C TYR H 12 17.79 -11.86 -1.58
N GLY H 13 18.93 -11.19 -1.41
CA GLY H 13 20.21 -11.89 -1.44
C GLY H 13 20.87 -11.98 -0.05
N GLN H 14 21.07 -13.21 0.41
CA GLN H 14 21.74 -13.46 1.69
C GLN H 14 21.25 -12.53 2.80
N PRO H 15 19.98 -12.49 3.09
CA PRO H 15 19.41 -11.62 4.17
C PRO H 15 19.73 -12.10 5.59
N GLN H 16 19.78 -11.15 6.53
CA GLN H 16 20.05 -11.48 7.94
C GLN H 16 21.41 -12.16 8.14
N SER H 17 22.49 -11.45 7.79
CA SER H 17 23.83 -12.01 7.96
C SER H 17 24.54 -11.42 9.18
N GLY H 18 23.88 -10.52 9.90
CA GLY H 18 24.50 -9.90 11.09
C GLY H 18 24.61 -10.91 12.23
N SER H 19 25.21 -10.50 13.35
CA SER H 19 25.38 -11.41 14.49
C SER H 19 25.27 -10.67 15.83
N TYR H 20 25.00 -11.45 16.89
CA TYR H 20 24.87 -10.91 18.24
C TYR H 20 23.75 -9.87 18.34
N SER H 21 22.74 -9.97 17.50
CA SER H 21 21.65 -9.00 17.58
C SER H 21 20.36 -9.54 17.00
N GLN H 22 19.22 -9.08 17.53
CA GLN H 22 17.93 -9.52 17.03
C GLN H 22 17.63 -8.83 15.71
N GLN H 23 17.29 -9.62 14.70
CA GLN H 23 17.01 -9.06 13.39
C GLN H 23 15.91 -9.84 12.67
N PRO H 24 14.73 -9.83 13.22
CA PRO H 24 13.55 -10.54 12.62
C PRO H 24 13.05 -9.85 11.36
N SER H 25 12.44 -10.62 10.46
CA SER H 25 11.95 -10.07 9.20
C SER H 25 10.48 -10.41 8.96
N TYR H 26 9.74 -9.43 8.40
CA TYR H 26 8.32 -9.63 8.09
C TYR H 26 8.04 -9.32 6.62
N GLY H 27 7.24 -10.16 5.95
CA GLY H 27 6.91 -9.93 4.54
C GLY H 27 5.90 -8.80 4.39
N GLY H 28 5.79 -8.25 3.18
CA GLY H 28 4.86 -7.15 2.91
C GLY H 28 3.64 -7.60 2.11
N GLN H 29 3.01 -6.65 1.42
CA GLN H 29 1.81 -6.94 0.63
C GLN H 29 2.01 -6.60 -0.85
N GLN H 30 1.60 -7.53 -1.72
CA GLN H 30 1.68 -7.32 -3.16
C GLN H 30 0.35 -7.68 -3.81
N GLN H 31 -0.08 -6.87 -4.78
CA GLN H 31 -1.34 -7.12 -5.46
C GLN H 31 -1.19 -6.88 -6.96
N SER H 32 -1.53 -7.88 -7.78
CA SER H 32 -1.42 -7.75 -9.23
C SER H 32 -2.76 -8.00 -9.93
N TYR H 33 -3.20 -7.03 -10.74
CA TYR H 33 -4.47 -7.16 -11.47
C TYR H 33 -4.22 -7.17 -12.99
N GLY H 34 -4.69 -8.21 -13.66
CA GLY H 34 -4.55 -8.29 -15.11
C GLY H 34 -5.86 -8.75 -15.73
N GLN H 35 -6.58 -7.85 -16.38
CA GLN H 35 -7.87 -8.25 -16.97
C GLN H 35 -8.33 -7.38 -18.13
N GLN H 36 -9.32 -7.91 -18.83
CA GLN H 36 -9.93 -7.24 -19.96
C GLN H 36 -11.43 -7.20 -19.73
N GLN H 37 -12.02 -6.01 -19.75
CA GLN H 37 -13.45 -5.89 -19.49
C GLN H 37 -14.17 -5.22 -20.65
N SER H 38 -15.33 -5.80 -21.01
CA SER H 38 -16.14 -5.26 -22.10
C SER H 38 -17.60 -5.18 -21.68
N TYR H 39 -18.08 -3.96 -21.48
CA TYR H 39 -19.47 -3.77 -21.09
C TYR H 39 -20.40 -4.24 -22.20
N ASN H 40 -20.13 -3.77 -23.42
CA ASN H 40 -20.94 -4.16 -24.57
C ASN H 40 -22.41 -3.83 -24.33
N SER A 2 5.74 15.04 26.20
CA SER A 2 6.70 14.39 25.25
C SER A 2 5.95 13.37 24.40
N TYR A 3 5.20 13.86 23.41
CA TYR A 3 4.46 12.96 22.56
C TYR A 3 4.18 13.57 21.19
N GLY A 4 3.86 12.71 20.24
CA GLY A 4 3.55 13.16 18.88
C GLY A 4 2.39 12.35 18.33
N SER A 5 1.57 12.95 17.49
CA SER A 5 0.44 12.21 16.94
C SER A 5 -0.02 12.79 15.61
N SER A 6 -0.73 11.97 14.84
CA SER A 6 -1.26 12.40 13.57
C SER A 6 -2.57 11.68 13.25
N SER A 7 -3.41 12.30 12.44
CA SER A 7 -4.68 11.71 12.10
C SER A 7 -5.13 12.12 10.71
N GLN A 8 -5.73 11.19 9.99
CA GLN A 8 -6.22 11.47 8.65
C GLN A 8 -7.66 11.00 8.51
N SER A 9 -8.48 11.79 7.84
CA SER A 9 -9.88 11.43 7.65
C SER A 9 -10.31 11.69 6.21
N SER A 10 -11.02 10.73 5.64
CA SER A 10 -11.50 10.86 4.27
C SER A 10 -12.93 10.33 4.17
N SER A 11 -13.77 11.03 3.42
CA SER A 11 -15.16 10.60 3.28
C SER A 11 -15.70 10.87 1.87
N TYR A 12 -16.51 9.92 1.39
CA TYR A 12 -17.14 10.03 0.07
C TYR A 12 -18.64 9.91 0.22
N GLY A 13 -19.38 10.77 -0.50
CA GLY A 13 -20.84 10.75 -0.43
C GLY A 13 -21.43 9.67 -1.32
N GLN A 14 -21.74 10.03 -2.57
CA GLN A 14 -22.33 9.08 -3.50
C GLN A 14 -21.58 9.07 -4.84
N PRO A 15 -20.40 8.51 -4.86
CA PRO A 15 -19.57 8.44 -6.10
C PRO A 15 -20.12 7.44 -7.14
N GLN A 16 -19.85 7.74 -8.42
CA GLN A 16 -20.29 6.88 -9.53
C GLN A 16 -21.81 6.77 -9.62
N SER A 17 -22.49 7.91 -9.77
CA SER A 17 -23.94 7.90 -9.87
C SER A 17 -24.41 8.23 -11.30
N GLY A 18 -23.47 8.46 -12.22
CA GLY A 18 -23.82 8.77 -13.60
C GLY A 18 -24.39 7.55 -14.31
N SER A 19 -24.99 7.75 -15.49
CA SER A 19 -25.58 6.65 -16.24
C SER A 19 -25.10 6.60 -17.68
N TYR A 20 -25.10 5.40 -18.25
CA TYR A 20 -24.68 5.18 -19.64
C TYR A 20 -23.24 5.59 -19.89
N SER A 21 -22.39 5.52 -18.88
CA SER A 21 -20.99 5.90 -19.07
C SER A 21 -20.05 5.16 -18.13
N GLN A 22 -18.89 4.75 -18.63
CA GLN A 22 -17.91 4.08 -17.80
C GLN A 22 -17.31 5.06 -16.79
N GLN A 23 -17.38 4.69 -15.52
CA GLN A 23 -16.89 5.56 -14.46
C GLN A 23 -16.20 4.76 -13.36
N PRO A 24 -15.09 4.15 -13.66
CA PRO A 24 -14.29 3.36 -12.68
C PRO A 24 -13.61 4.26 -11.65
N SER A 25 -13.28 3.71 -10.48
CA SER A 25 -12.65 4.49 -9.43
C SER A 25 -11.48 3.75 -8.78
N TYR A 26 -10.39 4.48 -8.53
CA TYR A 26 -9.19 3.90 -7.90
C TYR A 26 -8.81 4.69 -6.65
N GLY A 27 -8.48 3.98 -5.57
CA GLY A 27 -8.08 4.64 -4.32
C GLY A 27 -6.66 5.19 -4.42
N GLY A 28 -6.30 6.10 -3.50
CA GLY A 28 -4.98 6.70 -3.49
C GLY A 28 -4.08 6.16 -2.39
N GLN A 29 -3.12 6.97 -1.93
CA GLN A 29 -2.20 6.54 -0.88
C GLN A 29 -2.19 7.52 0.29
N GLN A 30 -2.18 6.96 1.51
CA GLN A 30 -2.13 7.78 2.71
C GLN A 30 -1.08 7.23 3.67
N GLN A 31 -0.30 8.11 4.28
CA GLN A 31 0.74 7.69 5.21
C GLN A 31 0.78 8.60 6.45
N SER A 32 0.48 8.02 7.62
CA SER A 32 0.47 8.80 8.85
C SER A 32 1.62 8.38 9.78
N TYR A 33 2.39 9.37 10.24
CA TYR A 33 3.51 9.09 11.15
C TYR A 33 3.30 9.78 12.50
N GLY A 34 3.23 9.00 13.57
CA GLY A 34 3.08 9.54 14.92
C GLY A 34 4.08 8.87 15.86
N GLN A 35 5.13 9.57 16.24
CA GLN A 35 6.11 8.93 17.11
C GLN A 35 6.92 9.91 17.95
N GLN A 36 7.55 9.34 18.97
CA GLN A 36 8.41 10.08 19.89
C GLN A 36 9.82 9.51 19.78
N GLN A 37 10.79 10.37 19.49
CA GLN A 37 12.16 9.91 19.35
C GLN A 37 13.09 10.60 20.32
N SER A 38 13.87 9.82 21.04
CA SER A 38 14.82 10.36 22.01
C SER A 38 16.18 9.68 21.87
N TYR A 39 17.23 10.47 21.81
CA TYR A 39 18.58 9.94 21.69
C TYR A 39 19.39 10.24 22.93
N ASN A 40 19.89 9.18 23.58
CA ASN A 40 20.69 9.36 24.79
C ASN A 40 19.90 10.13 25.84
N SER B 2 5.71 10.21 27.14
CA SER B 2 6.61 9.54 26.16
C SER B 2 5.83 8.54 25.33
N TYR B 3 5.06 9.04 24.37
CA TYR B 3 4.26 8.15 23.53
C TYR B 3 3.95 8.78 22.18
N GLY B 4 3.59 7.91 21.24
CA GLY B 4 3.23 8.36 19.89
C GLY B 4 2.04 7.56 19.38
N SER B 5 1.20 8.19 18.56
CA SER B 5 0.04 7.47 18.05
C SER B 5 -0.46 8.05 16.75
N SER B 6 -1.20 7.23 16.00
CA SER B 6 -1.76 7.67 14.74
C SER B 6 -3.09 6.98 14.48
N SER B 7 -3.95 7.62 13.70
CA SER B 7 -5.24 7.03 13.40
C SER B 7 -5.73 7.46 12.02
N GLN B 8 -6.37 6.53 11.32
CA GLN B 8 -6.90 6.82 9.99
C GLN B 8 -8.35 6.36 9.91
N SER B 9 -9.19 7.17 9.27
CA SER B 9 -10.59 6.84 9.13
C SER B 9 -11.07 7.10 7.71
N SER B 10 -11.82 6.15 7.16
CA SER B 10 -12.34 6.29 5.80
C SER B 10 -13.78 5.78 5.75
N SER B 11 -14.64 6.49 5.03
CA SER B 11 -16.03 6.08 4.93
C SER B 11 -16.62 6.36 3.55
N TYR B 12 -17.46 5.43 3.09
CA TYR B 12 -18.12 5.55 1.80
C TYR B 12 -19.63 5.45 1.99
N GLY B 13 -20.38 6.31 1.30
CA GLY B 13 -21.83 6.31 1.43
C GLY B 13 -22.48 5.24 0.55
N GLN B 14 -22.81 5.61 -0.69
CA GLN B 14 -23.45 4.66 -1.60
C GLN B 14 -22.75 4.65 -2.95
N PRO B 15 -21.58 4.07 -3.02
CA PRO B 15 -20.79 3.99 -4.29
C PRO B 15 -21.37 3.02 -5.32
N GLN B 16 -21.16 3.32 -6.60
CA GLN B 16 -21.64 2.46 -7.69
C GLN B 16 -23.16 2.37 -7.73
N SER B 17 -23.83 3.52 -7.86
CA SER B 17 -25.29 3.53 -7.92
C SER B 17 -25.80 3.87 -9.33
N GLY B 18 -24.89 4.09 -10.27
CA GLY B 18 -25.28 4.41 -11.65
C GLY B 18 -25.90 3.20 -12.34
N SER B 19 -26.53 3.41 -13.49
CA SER B 19 -27.17 2.31 -14.21
C SER B 19 -26.73 2.26 -15.68
N TYR B 20 -26.78 1.05 -16.25
CA TYR B 20 -26.41 0.83 -17.65
C TYR B 20 -24.97 1.22 -17.95
N SER B 21 -24.08 1.13 -16.97
CA SER B 21 -22.69 1.48 -17.22
C SER B 21 -21.73 0.74 -16.30
N GLN B 22 -20.57 0.33 -16.85
CA GLN B 22 -19.58 -0.36 -16.04
C GLN B 22 -18.94 0.62 -15.06
N GLN B 23 -18.97 0.24 -13.79
CA GLN B 23 -18.43 1.10 -12.75
C GLN B 23 -17.71 0.30 -11.66
N PRO B 24 -16.62 -0.32 -12.01
CA PRO B 24 -15.80 -1.14 -11.06
C PRO B 24 -15.06 -0.24 -10.05
N SER B 25 -14.71 -0.80 -8.89
CA SER B 25 -14.03 -0.02 -7.86
C SER B 25 -12.85 -0.78 -7.25
N TYR B 26 -11.74 -0.07 -7.04
CA TYR B 26 -10.53 -0.66 -6.45
C TYR B 26 -10.10 0.12 -5.22
N GLY B 27 -9.74 -0.60 -4.15
CA GLY B 27 -9.29 0.06 -2.92
C GLY B 27 -7.86 0.59 -3.06
N GLY B 28 -7.47 1.49 -2.14
CA GLY B 28 -6.13 2.07 -2.19
C GLY B 28 -5.21 1.50 -1.11
N GLN B 29 -4.23 2.31 -0.69
CA GLN B 29 -3.27 1.87 0.32
C GLN B 29 -3.21 2.84 1.50
N GLN B 30 -3.18 2.28 2.72
CA GLN B 30 -3.06 3.10 3.93
C GLN B 30 -1.99 2.53 4.84
N GLN B 31 -1.17 3.40 5.42
CA GLN B 31 -0.10 2.96 6.32
C GLN B 31 -0.02 3.87 7.56
N SER B 32 -0.28 3.29 8.73
CA SER B 32 -0.23 4.06 9.96
C SER B 32 0.92 3.63 10.85
N TYR B 33 1.74 4.61 11.29
CA TYR B 33 2.88 4.32 12.16
C TYR B 33 2.72 5.00 13.52
N GLY B 34 2.68 4.21 14.58
CA GLY B 34 2.58 4.76 15.94
C GLY B 34 3.60 4.07 16.84
N GLN B 35 4.67 4.76 17.20
CA GLN B 35 5.68 4.11 18.03
C GLN B 35 6.52 5.08 18.85
N GLN B 36 7.18 4.50 19.84
CA GLN B 36 8.08 5.22 20.74
C GLN B 36 9.48 4.63 20.57
N GLN B 37 10.45 5.48 20.26
CA GLN B 37 11.81 4.99 20.06
C GLN B 37 12.78 5.69 21.01
N SER B 38 13.58 4.89 21.70
CA SER B 38 14.56 5.42 22.63
C SER B 38 15.91 4.72 22.44
N TYR B 39 16.96 5.50 22.36
CA TYR B 39 18.30 4.94 22.17
C TYR B 39 19.16 5.23 23.39
N ASN B 40 19.67 4.17 24.03
CA ASN B 40 20.51 4.33 25.21
C ASN B 40 19.77 5.11 26.28
N SER C 2 5.64 5.35 28.02
CA SER C 2 6.51 4.68 27.01
C SER C 2 5.68 3.69 26.21
N TYR C 3 4.88 4.20 25.29
CA TYR C 3 4.05 3.33 24.47
C TYR C 3 3.70 3.96 23.13
N GLY C 4 3.29 3.10 22.20
CA GLY C 4 2.90 3.55 20.88
C GLY C 4 1.68 2.78 20.40
N SER C 5 0.82 3.41 19.61
CA SER C 5 -0.37 2.71 19.14
C SER C 5 -0.91 3.30 17.85
N SER C 6 -1.68 2.48 17.13
CA SER C 6 -2.28 2.94 15.89
C SER C 6 -3.63 2.26 15.67
N SER C 7 -4.50 2.92 14.93
CA SER C 7 -5.82 2.35 14.67
C SER C 7 -6.35 2.80 13.31
N GLN C 8 -7.02 1.87 12.63
CA GLN C 8 -7.59 2.17 11.33
C GLN C 8 -9.05 1.74 11.28
N SER C 9 -9.90 2.56 10.67
CA SER C 9 -11.31 2.24 10.59
C SER C 9 -11.84 2.52 9.18
N SER C 10 -12.61 1.58 8.65
CA SER C 10 -13.18 1.71 7.32
C SER C 10 -14.63 1.22 7.31
N SER C 11 -15.49 1.95 6.63
CA SER C 11 -16.90 1.56 6.57
C SER C 11 -17.53 1.85 5.21
N TYR C 12 -18.40 0.92 4.78
CA TYR C 12 -19.09 1.06 3.51
C TYR C 12 -20.60 0.98 3.76
N GLY C 13 -21.36 1.85 3.10
CA GLY C 13 -22.82 1.87 3.28
C GLY C 13 -23.50 0.81 2.42
N GLN C 14 -23.88 1.19 1.20
CA GLN C 14 -24.55 0.24 0.30
C GLN C 14 -23.90 0.23 -1.08
N PRO C 15 -22.74 -0.36 -1.19
CA PRO C 15 -21.99 -0.45 -2.49
C PRO C 15 -22.63 -1.41 -3.50
N GLN C 16 -22.45 -1.11 -4.78
CA GLN C 16 -22.98 -1.95 -5.87
C GLN C 16 -24.51 -2.02 -5.85
N SER C 17 -25.16 -0.87 -5.95
CA SER C 17 -26.63 -0.84 -5.96
C SER C 17 -27.18 -0.49 -7.35
N GLY C 18 -26.30 -0.28 -8.32
CA GLY C 18 -26.75 0.05 -9.68
C GLY C 18 -27.39 -1.16 -10.34
N SER C 19 -28.06 -0.93 -11.48
CA SER C 19 -28.74 -2.02 -12.18
C SER C 19 -28.35 -2.08 -13.67
N TYR C 20 -28.43 -3.27 -14.24
CA TYR C 20 -28.12 -3.49 -15.65
C TYR C 20 -26.68 -3.14 -16.00
N SER C 21 -25.76 -3.24 -15.04
CA SER C 21 -24.38 -2.90 -15.34
C SER C 21 -23.39 -3.65 -14.46
N GLN C 22 -22.27 -4.08 -15.04
CA GLN C 22 -21.24 -4.78 -14.28
C GLN C 22 -20.57 -3.81 -13.32
N GLN C 23 -20.55 -4.19 -12.04
CA GLN C 23 -19.97 -3.34 -11.01
C GLN C 23 -19.22 -4.16 -9.97
N PRO C 24 -18.15 -4.79 -10.35
CA PRO C 24 -17.30 -5.61 -9.42
C PRO C 24 -16.52 -4.73 -8.45
N SER C 25 -16.14 -5.30 -7.31
CA SER C 25 -15.41 -4.54 -6.30
C SER C 25 -14.22 -5.31 -5.74
N TYR C 26 -13.09 -4.61 -5.56
CA TYR C 26 -11.88 -5.22 -5.01
C TYR C 26 -11.39 -4.44 -3.80
N GLY C 27 -11.00 -5.17 -2.74
CA GLY C 27 -10.51 -4.52 -1.52
C GLY C 27 -9.08 -4.01 -1.70
N GLY C 28 -8.64 -3.12 -0.81
CA GLY C 28 -7.30 -2.54 -0.90
C GLY C 28 -6.35 -3.13 0.15
N GLN C 29 -5.34 -2.34 0.53
CA GLN C 29 -4.36 -2.80 1.52
C GLN C 29 -4.25 -1.83 2.70
N GLN C 30 -4.17 -2.39 3.90
CA GLN C 30 -4.02 -1.57 5.11
C GLN C 30 -2.91 -2.17 5.99
N GLN C 31 -2.07 -1.30 6.54
CA GLN C 31 -0.97 -1.75 7.40
C GLN C 31 -0.83 -0.86 8.64
N SER C 32 -1.07 -1.43 9.82
CA SER C 32 -0.96 -0.66 11.06
C SER C 32 0.23 -1.12 11.90
N TYR C 33 1.06 -0.16 12.31
CA TYR C 33 2.22 -0.45 13.15
C TYR C 33 2.12 0.22 14.51
N GLY C 34 2.11 -0.57 15.57
CA GLY C 34 2.06 -0.03 16.93
C GLY C 34 3.11 -0.72 17.79
N GLN C 35 4.20 -0.04 18.11
CA GLN C 35 5.23 -0.70 18.91
C GLN C 35 6.11 0.25 19.70
N GLN C 36 6.80 -0.35 20.67
CA GLN C 36 7.74 0.36 21.53
C GLN C 36 9.11 -0.25 21.32
N GLN C 37 10.08 0.59 20.96
CA GLN C 37 11.43 0.09 20.72
C GLN C 37 12.45 0.77 21.64
N SER C 38 13.26 -0.05 22.31
CA SER C 38 14.28 0.46 23.20
C SER C 38 15.59 -0.25 22.97
N TYR C 39 16.67 0.52 22.85
CA TYR C 39 17.99 -0.05 22.62
C TYR C 39 18.90 0.23 23.81
N ASN C 40 19.41 -0.84 24.42
CA ASN C 40 20.30 -0.70 25.57
C ASN C 40 19.60 0.10 26.68
N SER D 2 5.59 0.49 28.89
CA SER D 2 6.42 -0.18 27.85
C SER D 2 5.55 -1.15 27.08
N TYR D 3 4.73 -0.64 26.19
CA TYR D 3 3.86 -1.50 25.39
C TYR D 3 3.47 -0.87 24.07
N GLY D 4 3.01 -1.71 23.15
CA GLY D 4 2.58 -1.26 21.83
C GLY D 4 1.33 -2.03 21.41
N SER D 5 0.46 -1.39 20.65
CA SER D 5 -0.76 -2.07 20.22
C SER D 5 -1.33 -1.46 18.94
N SER D 6 -2.14 -2.25 18.25
CA SER D 6 -2.77 -1.78 17.03
C SER D 6 -4.12 -2.44 16.87
N SER D 7 -5.02 -1.78 16.15
CA SER D 7 -6.35 -2.34 15.93
C SER D 7 -6.93 -1.89 14.60
N GLN D 8 -7.64 -2.80 13.94
CA GLN D 8 -8.25 -2.49 12.66
C GLN D 8 -9.72 -2.89 12.67
N SER D 9 -10.57 -2.07 12.08
CA SER D 9 -11.99 -2.37 12.05
C SER D 9 -12.55 -2.08 10.66
N SER D 10 -13.37 -3.00 10.17
CA SER D 10 -13.98 -2.86 8.85
C SER D 10 -15.43 -3.34 8.89
N SER D 11 -16.32 -2.59 8.23
CA SER D 11 -17.72 -2.96 8.23
C SER D 11 -18.40 -2.67 6.89
N TYR D 12 -19.28 -3.57 6.49
CA TYR D 12 -20.03 -3.43 5.24
C TYR D 12 -21.53 -3.49 5.54
N GLY D 13 -22.30 -2.61 4.91
CA GLY D 13 -23.74 -2.57 5.13
C GLY D 13 -24.47 -3.62 4.30
N GLN D 14 -24.88 -3.24 3.10
CA GLN D 14 -25.61 -4.16 2.22
C GLN D 14 -24.99 -4.19 0.82
N PRO D 15 -23.85 -4.79 0.67
CA PRO D 15 -23.15 -4.88 -0.65
C PRO D 15 -23.85 -5.82 -1.64
N GLN D 16 -23.69 -5.53 -2.94
CA GLN D 16 -24.27 -6.36 -4.00
C GLN D 16 -25.80 -6.42 -3.93
N SER D 17 -26.45 -5.26 -4.00
CA SER D 17 -27.90 -5.21 -3.96
C SER D 17 -28.51 -4.85 -5.32
N GLY D 18 -27.65 -4.65 -6.34
CA GLY D 18 -28.13 -4.31 -7.68
C GLY D 18 -28.83 -5.51 -8.32
N SER D 19 -29.53 -5.27 -9.44
CA SER D 19 -30.24 -6.35 -10.12
C SER D 19 -29.92 -6.40 -11.61
N TYR D 20 -30.02 -7.61 -12.18
CA TYR D 20 -29.77 -7.83 -13.60
C TYR D 20 -28.34 -7.48 -14.00
N SER D 21 -27.39 -7.62 -13.08
CA SER D 21 -26.01 -7.31 -13.43
C SER D 21 -25.02 -8.09 -12.59
N GLN D 22 -23.90 -8.47 -13.20
CA GLN D 22 -22.86 -9.20 -12.48
C GLN D 22 -22.14 -8.25 -11.53
N GLN D 23 -22.09 -8.64 -10.26
CA GLN D 23 -21.47 -7.79 -9.25
C GLN D 23 -20.69 -8.61 -8.22
N PRO D 24 -19.63 -9.27 -8.65
CA PRO D 24 -18.77 -10.10 -7.75
C PRO D 24 -17.95 -9.23 -6.80
N SER D 25 -17.53 -9.80 -5.68
CA SER D 25 -16.76 -9.05 -4.69
C SER D 25 -15.55 -9.85 -4.17
N TYR D 26 -14.42 -9.16 -4.03
CA TYR D 26 -13.20 -9.78 -3.53
C TYR D 26 -12.65 -9.02 -2.32
N GLY D 27 -12.23 -9.75 -1.29
CA GLY D 27 -11.69 -9.12 -0.08
C GLY D 27 -10.27 -8.61 -0.32
N GLY D 28 -9.79 -7.73 0.56
CA GLY D 28 -8.44 -7.18 0.42
C GLY D 28 -7.46 -7.78 1.44
N GLN D 29 -6.44 -7.01 1.79
CA GLN D 29 -5.42 -7.48 2.74
C GLN D 29 -5.26 -6.51 3.92
N GLN D 30 -5.15 -7.07 5.12
CA GLN D 30 -4.94 -6.28 6.32
C GLN D 30 -3.81 -6.88 7.15
N GLN D 31 -2.94 -6.02 7.69
CA GLN D 31 -1.82 -6.49 8.50
C GLN D 31 -1.63 -5.60 9.74
N SER D 32 -1.83 -6.18 10.92
CA SER D 32 -1.68 -5.41 12.16
C SER D 32 -0.46 -5.88 12.95
N TYR D 33 0.39 -4.92 13.34
CA TYR D 33 1.59 -5.25 14.13
C TYR D 33 1.54 -4.57 15.51
N GLY D 34 1.55 -5.36 16.56
CA GLY D 34 1.55 -4.82 17.92
C GLY D 34 2.62 -5.54 18.74
N GLN D 35 3.73 -4.87 19.03
CA GLN D 35 4.78 -5.55 19.79
C GLN D 35 5.71 -4.61 20.56
N GLN D 36 6.42 -5.21 21.50
CA GLN D 36 7.39 -4.53 22.34
C GLN D 36 8.76 -5.14 22.07
N GLN D 37 9.73 -4.32 21.69
CA GLN D 37 11.06 -4.83 21.39
C GLN D 37 12.11 -4.17 22.27
N SER D 38 12.93 -5.00 22.91
CA SER D 38 13.99 -4.51 23.78
C SER D 38 15.30 -5.24 23.49
N TYR D 39 16.38 -4.48 23.33
CA TYR D 39 17.68 -5.07 23.07
C TYR D 39 18.63 -4.81 24.22
N ASN D 40 19.15 -5.88 24.80
CA ASN D 40 20.07 -5.76 25.93
C ASN D 40 19.43 -4.96 27.05
N SER E 2 -0.36 5.88 -31.21
CA SER E 2 -1.42 6.15 -30.20
C SER E 2 -1.12 5.38 -28.93
N TYR E 3 -0.16 5.86 -28.15
CA TYR E 3 0.19 5.18 -26.91
C TYR E 3 0.81 6.13 -25.90
N GLY E 4 0.80 5.70 -24.65
CA GLY E 4 1.38 6.50 -23.58
C GLY E 4 2.12 5.58 -22.61
N SER E 5 3.19 6.07 -21.99
CA SER E 5 3.93 5.24 -21.07
C SER E 5 4.70 6.06 -20.05
N SER E 6 5.04 5.41 -18.93
CA SER E 6 5.80 6.07 -17.88
C SER E 6 6.70 5.07 -17.17
N SER E 7 7.79 5.55 -16.59
CA SER E 7 8.70 4.68 -15.89
C SER E 7 9.40 5.42 -14.75
N GLN E 8 9.60 4.71 -13.64
CA GLN E 8 10.26 5.29 -12.49
C GLN E 8 11.37 4.35 -12.00
N SER E 9 12.50 4.93 -11.62
CA SER E 9 13.61 4.13 -11.15
C SER E 9 14.23 4.75 -9.90
N SER E 10 14.51 3.91 -8.91
CA SER E 10 15.10 4.39 -7.66
C SER E 10 16.16 3.40 -7.18
N SER E 11 17.28 3.92 -6.70
CA SER E 11 18.36 3.06 -6.24
C SER E 11 19.07 3.62 -5.01
N TYR E 12 19.42 2.73 -4.09
CA TYR E 12 20.13 3.11 -2.87
C TYR E 12 21.43 2.30 -2.78
N GLY E 13 22.51 2.98 -2.39
CA GLY E 13 23.82 2.31 -2.29
C GLY E 13 23.96 1.57 -0.97
N GLN E 14 24.49 2.25 0.05
CA GLN E 14 24.69 1.63 1.35
C GLN E 14 24.12 2.50 2.48
N PRO E 15 22.81 2.56 2.59
CA PRO E 15 22.13 3.36 3.66
C PRO E 15 22.29 2.78 5.06
N GLN E 16 22.28 3.65 6.07
CA GLN E 16 22.38 3.25 7.48
C GLN E 16 23.71 2.55 7.78
N SER E 17 24.82 3.24 7.52
CA SER E 17 26.14 2.67 7.79
C SER E 17 26.82 3.34 9.00
N GLY E 18 26.13 4.30 9.63
CA GLY E 18 26.70 4.98 10.79
C GLY E 18 26.74 4.04 12.01
N SER E 19 27.47 4.45 13.05
CA SER E 19 27.58 3.62 14.24
C SER E 19 27.24 4.40 15.52
N TYR E 20 26.76 3.66 16.53
CA TYR E 20 26.41 4.24 17.83
C TYR E 20 25.31 5.29 17.72
N SER E 21 24.43 5.17 16.72
CA SER E 21 23.35 6.15 16.60
C SER E 21 22.11 5.57 15.92
N GLN E 22 20.94 5.94 16.42
CA GLN E 22 19.69 5.46 15.82
C GLN E 22 19.51 6.07 14.44
N GLN E 23 19.30 5.21 13.45
CA GLN E 23 19.16 5.67 12.08
C GLN E 23 18.10 4.87 11.33
N PRO E 24 16.85 4.99 11.72
CA PRO E 24 15.72 4.27 11.06
C PRO E 24 15.41 4.86 9.68
N SER E 25 14.79 4.06 8.82
CA SER E 25 14.48 4.52 7.47
C SER E 25 13.06 4.14 7.06
N TYR E 26 12.37 5.08 6.40
CA TYR E 26 11.00 4.85 5.93
C TYR E 26 10.89 5.13 4.43
N GLY E 27 10.20 4.26 3.71
CA GLY E 27 10.04 4.43 2.26
C GLY E 27 9.00 5.52 1.95
N GLY E 28 8.99 6.01 0.71
CA GLY E 28 8.06 7.06 0.31
C GLY E 28 6.93 6.52 -0.57
N GLN E 29 6.38 7.39 -1.43
CA GLN E 29 5.28 7.01 -2.31
C GLN E 29 5.60 7.30 -3.78
N GLN E 30 5.27 6.35 -4.65
CA GLN E 30 5.48 6.53 -6.09
C GLN E 30 4.20 6.13 -6.84
N GLN E 31 3.84 6.92 -7.84
CA GLN E 31 2.65 6.63 -8.64
C GLN E 31 2.91 6.85 -10.12
N SER E 32 2.83 5.78 -10.92
CA SER E 32 3.08 5.89 -12.35
C SER E 32 1.80 5.64 -13.15
N TYR E 33 1.49 6.56 -14.06
CA TYR E 33 0.30 6.44 -14.91
C TYR E 33 0.67 6.34 -16.38
N GLY E 34 0.30 5.24 -17.03
CA GLY E 34 0.56 5.06 -18.45
C GLY E 34 -0.69 4.53 -19.14
N GLN E 35 -1.37 5.38 -19.90
CA GLN E 35 -2.59 4.93 -20.54
C GLN E 35 -2.96 5.69 -21.79
N GLN E 36 -3.86 5.08 -22.55
CA GLN E 36 -4.38 5.66 -23.78
C GLN E 36 -5.88 5.84 -23.62
N GLN E 37 -6.36 7.06 -23.82
CA GLN E 37 -7.79 7.32 -23.66
C GLN E 37 -8.40 7.87 -24.94
N SER E 38 -9.51 7.27 -25.36
CA SER E 38 -10.20 7.70 -26.57
C SER E 38 -11.69 7.79 -26.32
N TYR E 39 -12.30 8.90 -26.71
CA TYR E 39 -13.73 9.08 -26.53
C TYR E 39 -14.44 9.15 -27.88
N ASN E 40 -15.39 8.25 -28.09
CA ASN E 40 -16.12 8.21 -29.35
C ASN E 40 -15.17 8.07 -30.52
N SER F 2 -2.47 1.56 -30.09
CA SER F 2 -3.50 1.83 -29.02
C SER F 2 -3.15 1.04 -27.77
N TYR F 3 -2.16 1.52 -27.03
CA TYR F 3 -1.77 0.82 -25.82
C TYR F 3 -1.11 1.75 -24.80
N GLY F 4 -1.08 1.30 -23.56
CA GLY F 4 -0.47 2.07 -22.49
C GLY F 4 0.31 1.14 -21.56
N SER F 5 1.40 1.63 -20.98
CA SER F 5 2.17 0.77 -20.08
C SER F 5 2.98 1.57 -19.07
N SER F 6 3.34 0.91 -17.99
CA SER F 6 4.15 1.55 -16.96
C SER F 6 5.06 0.54 -16.28
N SER F 7 6.17 1.02 -15.75
CA SER F 7 7.11 0.13 -15.08
C SER F 7 7.84 0.85 -13.95
N GLN F 8 8.07 0.12 -12.87
CA GLN F 8 8.78 0.68 -11.73
C GLN F 8 9.90 -0.26 -11.30
N SER F 9 11.04 0.31 -10.95
CA SER F 9 12.18 -0.51 -10.52
C SER F 9 12.84 0.11 -9.29
N SER F 10 13.14 -0.74 -8.32
CA SER F 10 13.77 -0.29 -7.08
C SER F 10 14.84 -1.29 -6.65
N SER F 11 15.99 -0.77 -6.20
CA SER F 11 17.07 -1.66 -5.79
C SER F 11 17.83 -1.11 -4.58
N TYR F 12 18.22 -2.02 -3.69
CA TYR F 12 18.98 -1.66 -2.49
C TYR F 12 20.27 -2.47 -2.45
N GLY F 13 21.36 -1.80 -2.10
CA GLY F 13 22.67 -2.47 -2.05
C GLY F 13 22.86 -3.23 -0.74
N GLN F 14 23.41 -2.56 0.27
CA GLN F 14 23.66 -3.21 1.56
C GLN F 14 23.13 -2.35 2.71
N PRO F 15 21.83 -2.29 2.87
CA PRO F 15 21.19 -1.48 3.96
C PRO F 15 21.38 -2.09 5.36
N GLN F 16 21.42 -1.22 6.38
CA GLN F 16 21.57 -1.65 7.78
C GLN F 16 22.91 -2.36 8.02
N SER F 17 24.01 -1.66 7.74
CA SER F 17 25.33 -2.25 7.95
C SER F 17 26.05 -1.61 9.15
N GLY F 18 25.40 -0.64 9.81
CA GLY F 18 26.01 0.02 10.96
C GLY F 18 26.09 -0.93 12.16
N SER F 19 26.85 -0.54 13.19
CA SER F 19 27.00 -1.39 14.37
C SER F 19 26.70 -0.63 15.66
N TYR F 20 26.27 -1.38 16.68
CA TYR F 20 25.96 -0.82 17.99
C TYR F 20 24.85 0.22 17.94
N SER F 21 23.95 0.12 16.98
CA SER F 21 22.86 1.10 16.90
C SER F 21 21.60 0.53 16.26
N GLN F 22 20.44 0.92 16.79
CA GLN F 22 19.17 0.45 16.24
C GLN F 22 18.95 1.09 14.88
N GLN F 23 18.71 0.25 13.88
CA GLN F 23 18.51 0.72 12.52
C GLN F 23 17.44 -0.07 11.79
N PRO F 24 16.21 0.05 12.24
CA PRO F 24 15.04 -0.65 11.60
C PRO F 24 14.69 -0.04 10.24
N SER F 25 14.03 -0.83 9.39
CA SER F 25 13.68 -0.35 8.06
C SER F 25 12.24 -0.71 7.69
N TYR F 26 11.53 0.24 7.07
CA TYR F 26 10.14 0.03 6.64
C TYR F 26 9.99 0.33 5.15
N GLY F 27 9.28 -0.55 4.43
CA GLY F 27 9.06 -0.35 3.00
C GLY F 27 8.02 0.74 2.75
N GLY F 28 7.98 1.25 1.51
CA GLY F 28 7.03 2.31 1.15
C GLY F 28 5.87 1.79 0.30
N GLN F 29 5.30 2.68 -0.52
CA GLN F 29 4.16 2.30 -1.37
C GLN F 29 4.43 2.61 -2.84
N GLN F 30 4.07 1.68 -3.71
CA GLN F 30 4.22 1.87 -5.15
C GLN F 30 2.93 1.48 -5.87
N GLN F 31 2.53 2.29 -6.85
CA GLN F 31 1.31 2.01 -7.61
C GLN F 31 1.53 2.25 -9.10
N SER F 32 1.42 1.19 -9.90
CA SER F 32 1.61 1.32 -11.35
C SER F 32 0.31 1.08 -12.10
N TYR F 33 -0.03 2.02 -12.99
CA TYR F 33 -1.26 1.92 -13.79
C TYR F 33 -0.93 1.82 -15.28
N GLY F 34 -1.32 0.73 -15.92
CA GLY F 34 -1.11 0.56 -17.35
C GLY F 34 -2.39 0.07 -18.01
N GLN F 35 -3.09 0.93 -18.73
CA GLN F 35 -4.34 0.49 -19.34
C GLN F 35 -4.74 1.28 -20.58
N GLN F 36 -5.67 0.68 -21.31
CA GLN F 36 -6.24 1.26 -22.51
C GLN F 36 -7.73 1.45 -22.29
N GLN F 37 -8.22 2.67 -22.45
CA GLN F 37 -9.63 2.95 -22.24
C GLN F 37 -10.28 3.51 -23.49
N SER F 38 -11.40 2.91 -23.90
CA SER F 38 -12.13 3.36 -25.07
C SER F 38 -13.62 3.45 -24.76
N TYR F 39 -14.23 4.57 -25.13
CA TYR F 39 -15.66 4.77 -24.90
C TYR F 39 -16.41 4.85 -26.22
N ASN F 40 -17.36 3.95 -26.40
CA ASN F 40 -18.15 3.94 -27.64
C ASN F 40 -17.24 3.80 -28.85
N SER G 2 -4.58 -2.73 -28.87
CA SER G 2 -5.56 -2.48 -27.78
C SER G 2 -5.16 -3.28 -26.55
N TYR G 3 -4.16 -2.82 -25.84
CA TYR G 3 -3.72 -3.53 -24.65
C TYR G 3 -3.02 -2.63 -23.64
N GLY G 4 -2.96 -3.09 -22.41
CA GLY G 4 -2.30 -2.34 -21.35
C GLY G 4 -1.50 -3.28 -20.47
N SER G 5 -0.39 -2.80 -19.91
CA SER G 5 0.41 -3.67 -19.06
C SER G 5 1.26 -2.89 -18.06
N SER G 6 1.65 -3.57 -17.00
CA SER G 6 2.50 -2.95 -16.00
C SER G 6 3.43 -3.97 -15.36
N SER G 7 4.56 -3.49 -14.86
CA SER G 7 5.51 -4.39 -14.24
C SER G 7 6.29 -3.70 -13.13
N GLN G 8 6.56 -4.43 -12.06
CA GLN G 8 7.31 -3.89 -10.93
C GLN G 8 8.43 -4.85 -10.55
N SER G 9 9.59 -4.29 -10.24
CA SER G 9 10.73 -5.11 -9.86
C SER G 9 11.44 -4.52 -8.64
N SER G 10 11.77 -5.38 -7.70
CA SER G 10 12.45 -4.95 -6.48
C SER G 10 13.54 -5.95 -6.10
N SER G 11 14.69 -5.45 -5.67
CA SER G 11 15.79 -6.35 -5.31
C SER G 11 16.59 -5.81 -4.13
N TYR G 12 17.00 -6.74 -3.25
CA TYR G 12 17.80 -6.39 -2.08
C TYR G 12 19.09 -7.20 -2.10
N GLY G 13 20.20 -6.55 -1.78
CA GLY G 13 21.50 -7.21 -1.78
C GLY G 13 21.73 -8.00 -0.48
N GLN G 14 22.32 -7.35 0.51
CA GLN G 14 22.61 -8.01 1.78
C GLN G 14 22.12 -7.17 2.96
N PRO G 15 20.83 -7.10 3.17
CA PRO G 15 20.23 -6.31 4.30
C PRO G 15 20.47 -6.94 5.67
N GLN G 16 20.54 -6.08 6.70
CA GLN G 16 20.75 -6.53 8.08
C GLN G 16 22.09 -7.24 8.27
N SER G 17 23.18 -6.55 7.98
CA SER G 17 24.50 -7.14 8.14
C SER G 17 25.26 -6.52 9.30
N GLY G 18 24.64 -5.56 10.00
CA GLY G 18 25.30 -4.91 11.14
C GLY G 18 25.41 -5.88 12.32
N SER G 19 26.20 -5.51 13.33
CA SER G 19 26.39 -6.37 14.50
C SER G 19 26.15 -5.63 15.81
N TYR G 20 25.75 -6.40 16.83
CA TYR G 20 25.49 -5.85 18.16
C TYR G 20 24.38 -4.80 18.16
N SER G 21 23.43 -4.89 17.24
CA SER G 21 22.36 -3.91 17.20
C SER G 21 21.07 -4.46 16.60
N GLN G 22 19.94 -4.07 17.18
CA GLN G 22 18.65 -4.53 16.66
C GLN G 22 18.38 -3.87 15.31
N GLN G 23 18.10 -4.70 14.31
CA GLN G 23 17.86 -4.20 12.96
C GLN G 23 16.75 -4.99 12.26
N PRO G 24 15.54 -4.87 12.75
CA PRO G 24 14.35 -5.56 12.15
C PRO G 24 13.95 -4.93 10.82
N SER G 25 13.26 -5.71 9.97
CA SER G 25 12.87 -5.21 8.66
C SER G 25 11.41 -5.56 8.33
N TYR G 26 10.69 -4.60 7.74
CA TYR G 26 9.30 -4.81 7.37
C TYR G 26 9.09 -4.48 5.89
N GLY G 27 8.34 -5.35 5.19
CA GLY G 27 8.08 -5.13 3.77
C GLY G 27 7.03 -4.03 3.56
N GLY G 28 6.95 -3.50 2.33
CA GLY G 28 6.00 -2.43 2.02
C GLY G 28 4.80 -2.94 1.20
N GLN G 29 4.21 -2.04 0.42
CA GLN G 29 3.04 -2.40 -0.40
C GLN G 29 3.26 -2.07 -1.88
N GLN G 30 2.87 -3.00 -2.75
CA GLN G 30 2.97 -2.79 -4.19
C GLN G 30 1.66 -3.16 -4.87
N GLN G 31 1.23 -2.34 -5.82
CA GLN G 31 -0.02 -2.60 -6.54
C GLN G 31 0.15 -2.34 -8.05
N SER G 32 0.01 -3.39 -8.85
CA SER G 32 0.16 -3.25 -10.29
C SER G 32 -1.18 -3.46 -11.01
N TYR G 33 -1.55 -2.51 -11.87
CA TYR G 33 -2.79 -2.60 -12.64
C TYR G 33 -2.53 -2.67 -14.14
N GLY G 34 -2.95 -3.76 -14.77
CA GLY G 34 -2.77 -3.91 -16.21
C GLY G 34 -4.09 -4.40 -16.83
N GLN G 35 -4.80 -3.52 -17.53
CA GLN G 35 -6.08 -3.94 -18.09
C GLN G 35 -6.52 -3.13 -19.30
N GLN G 36 -7.47 -3.74 -20.02
CA GLN G 36 -8.08 -3.13 -21.20
C GLN G 36 -9.56 -2.94 -20.91
N GLN G 37 -10.04 -1.71 -21.05
CA GLN G 37 -11.45 -1.44 -20.78
C GLN G 37 -12.14 -0.85 -22.00
N SER G 38 -13.27 -1.44 -22.36
CA SER G 38 -14.04 -0.97 -23.51
C SER G 38 -15.52 -0.89 -23.15
N TYR G 39 -16.14 0.25 -23.48
CA TYR G 39 -17.56 0.44 -23.20
C TYR G 39 -18.35 0.54 -24.50
N ASN G 40 -19.32 -0.35 -24.67
CA ASN G 40 -20.15 -0.35 -25.86
C ASN G 40 -19.27 -0.48 -27.11
N SER H 2 -6.67 -7.00 -27.67
CA SER H 2 -7.62 -6.76 -26.55
C SER H 2 -7.20 -7.60 -25.34
N TYR H 3 -6.16 -7.15 -24.65
CA TYR H 3 -5.69 -7.89 -23.48
C TYR H 3 -4.95 -6.98 -22.49
N GLY H 4 -4.84 -7.47 -21.26
CA GLY H 4 -4.14 -6.74 -20.21
C GLY H 4 -3.32 -7.70 -19.36
N SER H 5 -2.20 -7.24 -18.84
CA SER H 5 -1.37 -8.12 -18.03
C SER H 5 -0.49 -7.35 -17.06
N SER H 6 -0.05 -8.03 -16.02
CA SER H 6 0.83 -7.42 -15.04
C SER H 6 1.76 -8.46 -14.46
N SER H 7 2.91 -8.00 -13.98
CA SER H 7 3.89 -8.92 -13.39
C SER H 7 4.71 -8.25 -12.31
N GLN H 8 5.00 -9.00 -11.26
CA GLN H 8 5.79 -8.47 -10.16
C GLN H 8 6.93 -9.43 -9.83
N SER H 9 8.10 -8.89 -9.53
CA SER H 9 9.25 -9.72 -9.21
C SER H 9 10.00 -9.14 -8.01
N SER H 10 10.37 -10.03 -7.08
CA SER H 10 11.09 -9.61 -5.90
C SER H 10 12.18 -10.62 -5.56
N SER H 11 13.35 -10.14 -5.17
CA SER H 11 14.45 -11.03 -4.86
C SER H 11 15.30 -10.51 -3.70
N TYR H 12 15.73 -11.45 -2.86
CA TYR H 12 16.57 -11.13 -1.70
C TYR H 12 17.86 -11.94 -1.77
N GLY H 13 18.99 -11.30 -1.47
CA GLY H 13 20.28 -11.97 -1.52
C GLY H 13 20.55 -12.78 -0.25
N GLN H 14 21.18 -12.14 0.73
CA GLN H 14 21.50 -12.82 1.98
C GLN H 14 21.06 -11.99 3.19
N PRO H 15 19.78 -11.93 3.44
CA PRO H 15 19.22 -11.15 4.59
C PRO H 15 19.51 -11.79 5.95
N GLN H 16 19.61 -10.94 6.99
CA GLN H 16 19.86 -11.41 8.35
C GLN H 16 21.20 -12.13 8.50
N SER H 17 22.29 -11.44 8.16
CA SER H 17 23.61 -12.04 8.27
C SER H 17 24.42 -11.44 9.42
N GLY H 18 23.83 -10.49 10.16
CA GLY H 18 24.52 -9.86 11.29
C GLY H 18 24.67 -10.84 12.44
N SER H 19 25.49 -10.50 13.43
CA SER H 19 25.73 -11.37 14.58
C SER H 19 25.53 -10.65 15.91
N TYR H 20 25.16 -11.42 16.93
CA TYR H 20 24.95 -10.90 18.28
C TYR H 20 23.85 -9.84 18.33
N SER H 21 22.86 -9.94 17.45
CA SER H 21 21.79 -8.95 17.47
C SER H 21 20.49 -9.50 16.90
N GLN H 22 19.36 -9.09 17.50
CA GLN H 22 18.07 -9.54 17.02
C GLN H 22 17.74 -8.87 15.69
N GLN H 23 17.44 -9.68 14.69
CA GLN H 23 17.15 -9.17 13.36
C GLN H 23 16.02 -9.93 12.69
N PRO H 24 14.82 -9.82 13.22
CA PRO H 24 13.62 -10.49 12.65
C PRO H 24 13.18 -9.85 11.34
N SER H 25 12.46 -10.60 10.51
CA SER H 25 12.01 -10.08 9.22
C SER H 25 10.54 -10.43 8.94
N TYR H 26 9.81 -9.45 8.39
CA TYR H 26 8.39 -9.65 8.06
C TYR H 26 8.14 -9.31 6.59
N GLY H 27 7.37 -10.14 5.91
CA GLY H 27 7.05 -9.92 4.49
C GLY H 27 6.01 -8.81 4.33
N GLY H 28 5.90 -8.27 3.12
CA GLY H 28 4.94 -7.19 2.86
C GLY H 28 3.72 -7.68 2.07
N GLN H 29 3.10 -6.77 1.32
CA GLN H 29 1.91 -7.11 0.54
C GLN H 29 2.07 -6.76 -0.94
N GLN H 30 1.64 -7.67 -1.81
CA GLN H 30 1.71 -7.44 -3.25
C GLN H 30 0.36 -7.79 -3.89
N GLN H 31 -0.10 -6.96 -4.82
CA GLN H 31 -1.38 -7.22 -5.49
C GLN H 31 -1.26 -6.94 -7.00
N SER H 32 -1.43 -7.98 -7.81
CA SER H 32 -1.34 -7.82 -9.26
C SER H 32 -2.69 -8.01 -9.94
N TYR H 33 -3.08 -7.05 -10.77
CA TYR H 33 -4.35 -7.13 -11.49
C TYR H 33 -4.12 -7.18 -13.00
N GLY H 34 -4.57 -8.25 -13.63
CA GLY H 34 -4.45 -8.38 -15.08
C GLY H 34 -5.78 -8.86 -15.66
N GLN H 35 -6.52 -7.97 -16.32
CA GLN H 35 -7.81 -8.39 -16.86
C GLN H 35 -8.30 -7.55 -18.04
N GLN H 36 -9.28 -8.14 -18.73
CA GLN H 36 -9.93 -7.52 -19.88
C GLN H 36 -11.40 -7.33 -19.54
N GLN H 37 -11.88 -6.09 -19.64
CA GLN H 37 -13.27 -5.82 -19.33
C GLN H 37 -14.00 -5.20 -20.51
N SER H 38 -15.15 -5.79 -20.85
CA SER H 38 -15.96 -5.30 -21.95
C SER H 38 -17.42 -5.22 -21.54
N TYR H 39 -18.05 -4.08 -21.84
CA TYR H 39 -19.45 -3.88 -21.50
C TYR H 39 -20.29 -3.77 -22.77
N ASN H 40 -21.27 -4.65 -22.91
CA ASN H 40 -22.14 -4.63 -24.09
C ASN H 40 -21.30 -4.73 -25.37
N SER A 2 5.64 15.53 25.73
CA SER A 2 6.62 14.53 25.22
C SER A 2 5.87 13.49 24.38
N TYR A 3 5.14 13.96 23.38
CA TYR A 3 4.41 13.05 22.53
C TYR A 3 4.14 13.63 21.15
N GLY A 4 3.81 12.77 20.21
CA GLY A 4 3.51 13.19 18.85
C GLY A 4 2.31 12.39 18.32
N SER A 5 1.49 13.02 17.49
CA SER A 5 0.34 12.32 16.96
C SER A 5 -0.06 12.85 15.59
N SER A 6 -0.69 11.97 14.82
CA SER A 6 -1.16 12.34 13.48
C SER A 6 -2.48 11.64 13.18
N SER A 7 -3.34 12.30 12.41
CA SER A 7 -4.61 11.70 12.07
C SER A 7 -5.04 12.13 10.67
N GLN A 8 -5.76 11.24 10.00
CA GLN A 8 -6.24 11.52 8.65
C GLN A 8 -7.65 10.99 8.47
N SER A 9 -8.48 11.73 7.76
CA SER A 9 -9.84 11.29 7.53
C SER A 9 -10.33 11.72 6.15
N SER A 10 -11.19 10.91 5.56
CA SER A 10 -11.74 11.23 4.25
C SER A 10 -13.14 10.65 4.09
N SER A 11 -13.98 11.32 3.31
CA SER A 11 -15.35 10.83 3.12
C SER A 11 -15.82 10.99 1.68
N TYR A 12 -16.58 10.00 1.21
CA TYR A 12 -17.13 10.03 -0.13
C TYR A 12 -18.65 9.93 -0.05
N GLY A 13 -19.36 10.86 -0.68
CA GLY A 13 -20.82 10.84 -0.64
C GLY A 13 -21.44 10.45 -1.97
N GLN A 14 -22.17 9.34 -1.96
CA GLN A 14 -22.88 8.85 -3.15
C GLN A 14 -22.03 8.96 -4.41
N PRO A 15 -20.87 8.34 -4.44
CA PRO A 15 -19.97 8.35 -5.64
C PRO A 15 -20.47 7.47 -6.78
N GLN A 16 -20.11 7.84 -8.01
CA GLN A 16 -20.51 7.07 -9.20
C GLN A 16 -22.03 6.98 -9.35
N SER A 17 -22.68 8.12 -9.53
CA SER A 17 -24.14 8.14 -9.69
C SER A 17 -24.54 8.41 -11.15
N GLY A 18 -23.55 8.56 -12.04
CA GLY A 18 -23.84 8.82 -13.45
C GLY A 18 -24.37 7.57 -14.14
N SER A 19 -24.76 7.69 -15.41
CA SER A 19 -25.30 6.54 -16.13
C SER A 19 -24.89 6.54 -17.60
N TYR A 20 -24.98 5.36 -18.22
CA TYR A 20 -24.62 5.19 -19.64
C TYR A 20 -23.17 5.54 -19.92
N SER A 21 -22.29 5.50 -18.91
CA SER A 21 -20.90 5.83 -19.15
C SER A 21 -19.96 5.11 -18.18
N GLN A 22 -18.79 4.72 -18.68
CA GLN A 22 -17.81 4.04 -17.82
C GLN A 22 -17.21 5.04 -16.84
N GLN A 23 -17.26 4.70 -15.56
CA GLN A 23 -16.73 5.58 -14.53
C GLN A 23 -16.08 4.80 -13.40
N PRO A 24 -15.01 4.11 -13.69
CA PRO A 24 -14.25 3.30 -12.68
C PRO A 24 -13.52 4.20 -11.69
N SER A 25 -13.30 3.70 -10.47
CA SER A 25 -12.62 4.50 -9.44
C SER A 25 -11.46 3.73 -8.81
N TYR A 26 -10.39 4.46 -8.49
CA TYR A 26 -9.21 3.86 -7.86
C TYR A 26 -8.83 4.63 -6.59
N GLY A 27 -8.45 3.91 -5.53
CA GLY A 27 -8.07 4.57 -4.28
C GLY A 27 -6.77 5.34 -4.44
N GLY A 28 -6.15 5.73 -3.32
CA GLY A 28 -4.90 6.49 -3.37
C GLY A 28 -3.93 6.05 -2.27
N GLN A 29 -2.93 6.90 -2.01
CA GLN A 29 -1.91 6.59 -1.00
C GLN A 29 -1.94 7.57 0.16
N GLN A 30 -1.98 7.04 1.39
CA GLN A 30 -1.98 7.88 2.58
C GLN A 30 -1.01 7.29 3.61
N GLN A 31 -0.20 8.15 4.24
CA GLN A 31 0.74 7.69 5.26
C GLN A 31 0.68 8.58 6.49
N SER A 32 0.66 7.96 7.67
CA SER A 32 0.58 8.72 8.92
C SER A 32 1.71 8.32 9.88
N TYR A 33 2.51 9.31 10.29
CA TYR A 33 3.62 9.05 11.22
C TYR A 33 3.39 9.78 12.54
N GLY A 34 3.39 9.02 13.64
CA GLY A 34 3.22 9.62 14.96
C GLY A 34 4.19 8.95 15.94
N GLN A 35 5.23 9.66 16.35
CA GLN A 35 6.19 9.04 17.26
C GLN A 35 7.01 10.04 18.06
N GLN A 36 7.63 9.49 19.11
CA GLN A 36 8.51 10.26 19.99
C GLN A 36 9.89 9.64 19.93
N GLN A 37 10.90 10.45 19.64
CA GLN A 37 12.26 9.94 19.53
C GLN A 37 13.21 10.64 20.48
N SER A 38 13.95 9.86 21.26
CA SER A 38 14.91 10.41 22.20
C SER A 38 16.28 9.76 22.01
N TYR A 39 17.33 10.57 22.06
CA TYR A 39 18.68 10.05 21.90
C TYR A 39 19.51 10.37 23.14
N ASN A 40 20.01 9.33 23.80
CA ASN A 40 20.81 9.52 25.00
C ASN A 40 19.99 10.21 26.08
N SER B 2 5.58 10.64 26.67
CA SER B 2 6.52 9.63 26.12
C SER B 2 5.73 8.61 25.30
N TYR B 3 4.98 9.10 24.32
CA TYR B 3 4.20 8.20 23.49
C TYR B 3 3.90 8.80 22.13
N GLY B 4 3.53 7.92 21.20
CA GLY B 4 3.17 8.35 19.85
C GLY B 4 1.96 7.58 19.37
N SER B 5 1.12 8.21 18.56
CA SER B 5 -0.07 7.53 18.07
C SER B 5 -0.51 8.06 16.71
N SER B 6 -1.18 7.20 15.95
CA SER B 6 -1.68 7.58 14.64
C SER B 6 -3.02 6.90 14.39
N SER B 7 -3.90 7.57 13.66
CA SER B 7 -5.19 6.99 13.34
C SER B 7 -5.65 7.43 11.96
N GLN B 8 -6.41 6.55 11.30
CA GLN B 8 -6.93 6.85 9.98
C GLN B 8 -8.36 6.33 9.85
N SER B 9 -9.20 7.09 9.16
CA SER B 9 -10.57 6.67 8.98
C SER B 9 -11.10 7.11 7.63
N SER B 10 -11.99 6.31 7.06
CA SER B 10 -12.58 6.64 5.76
C SER B 10 -13.99 6.08 5.66
N SER B 11 -14.86 6.77 4.92
CA SER B 11 -16.22 6.30 4.77
C SER B 11 -16.75 6.47 3.34
N TYR B 12 -17.53 5.49 2.90
CA TYR B 12 -18.14 5.52 1.57
C TYR B 12 -19.65 5.44 1.70
N GLY B 13 -20.37 6.39 1.11
CA GLY B 13 -21.83 6.39 1.21
C GLY B 13 -22.50 6.01 -0.11
N GLN B 14 -23.25 4.90 -0.08
CA GLN B 14 -24.00 4.43 -1.24
C GLN B 14 -23.19 4.52 -2.54
N PRO B 15 -22.04 3.90 -2.61
CA PRO B 15 -21.19 3.91 -3.84
C PRO B 15 -21.74 3.04 -4.97
N GLN B 16 -21.41 3.42 -6.21
CA GLN B 16 -21.86 2.66 -7.39
C GLN B 16 -23.38 2.59 -7.49
N SER B 17 -24.03 3.74 -7.64
CA SER B 17 -25.49 3.76 -7.76
C SER B 17 -25.93 4.04 -9.19
N GLY B 18 -24.98 4.20 -10.11
CA GLY B 18 -25.31 4.47 -11.52
C GLY B 18 -25.89 3.22 -12.19
N SER B 19 -26.31 3.35 -13.44
CA SER B 19 -26.90 2.21 -14.16
C SER B 19 -26.53 2.21 -15.64
N TYR B 20 -26.66 1.03 -16.25
CA TYR B 20 -26.36 0.86 -17.67
C TYR B 20 -24.91 1.20 -18.00
N SER B 21 -24.01 1.13 -17.03
CA SER B 21 -22.61 1.44 -17.32
C SER B 21 -21.65 0.71 -16.39
N GLN B 22 -20.49 0.32 -16.92
CA GLN B 22 -19.49 -0.37 -16.11
C GLN B 22 -18.84 0.61 -15.15
N GLN B 23 -18.86 0.27 -13.87
CA GLN B 23 -18.29 1.15 -12.85
C GLN B 23 -17.61 0.35 -11.75
N PRO B 24 -16.55 -0.36 -12.08
CA PRO B 24 -15.77 -1.17 -11.10
C PRO B 24 -14.99 -0.28 -10.13
N SER B 25 -14.74 -0.79 -8.91
CA SER B 25 -14.02 -0.01 -7.91
C SER B 25 -12.84 -0.79 -7.32
N TYR B 26 -11.75 -0.08 -7.04
CA TYR B 26 -10.55 -0.69 -6.45
C TYR B 26 -10.13 0.08 -5.20
N GLY B 27 -9.72 -0.65 -4.15
CA GLY B 27 -9.29 -0.01 -2.91
C GLY B 27 -7.98 0.76 -3.12
N GLY B 28 -7.32 1.10 -2.02
CA GLY B 28 -6.07 1.86 -2.09
C GLY B 28 -5.06 1.41 -1.04
N GLN B 29 -4.04 2.25 -0.81
CA GLN B 29 -2.99 1.92 0.16
C GLN B 29 -2.98 2.90 1.34
N GLN B 30 -2.98 2.36 2.55
CA GLN B 30 -2.92 3.19 3.75
C GLN B 30 -1.93 2.59 4.75
N GLN B 31 -1.09 3.43 5.36
CA GLN B 31 -0.11 2.96 6.33
C GLN B 31 -0.13 3.83 7.57
N SER B 32 -0.12 3.21 8.75
CA SER B 32 -0.13 3.96 10.00
C SER B 32 1.02 3.54 10.92
N TYR B 33 1.84 4.52 11.31
CA TYR B 33 2.98 4.26 12.20
C TYR B 33 2.79 4.97 13.53
N GLY B 34 2.83 4.21 14.62
CA GLY B 34 2.71 4.80 15.96
C GLY B 34 3.71 4.12 16.89
N GLN B 35 4.77 4.83 17.27
CA GLN B 35 5.76 4.20 18.14
C GLN B 35 6.62 5.17 18.93
N GLN B 36 7.26 4.61 19.95
CA GLN B 36 8.17 5.35 20.81
C GLN B 36 9.56 4.71 20.69
N GLN B 37 10.57 5.53 20.37
CA GLN B 37 11.91 4.99 20.20
C GLN B 37 12.90 5.69 21.14
N SER B 38 13.66 4.89 21.87
CA SER B 38 14.65 5.42 22.79
C SER B 38 16.00 4.76 22.55
N TYR B 39 17.07 5.56 22.57
CA TYR B 39 18.40 5.03 22.36
C TYR B 39 19.28 5.32 23.57
N ASN B 40 19.79 4.28 24.20
CA ASN B 40 20.63 4.44 25.38
C ASN B 40 19.87 5.14 26.50
N SER C 2 5.48 5.74 27.60
CA SER C 2 6.39 4.71 27.00
C SER C 2 5.57 3.72 26.21
N TYR C 3 4.79 4.21 25.26
CA TYR C 3 3.97 3.32 24.44
C TYR C 3 3.62 3.94 23.10
N GLY C 4 3.21 3.07 22.18
CA GLY C 4 2.81 3.51 20.85
C GLY C 4 1.58 2.75 20.40
N SER C 5 0.71 3.39 19.62
CA SER C 5 -0.49 2.73 19.17
C SER C 5 -0.97 3.28 17.84
N SER C 6 -1.68 2.42 17.09
CA SER C 6 -2.22 2.81 15.81
C SER C 6 -3.58 2.16 15.59
N SER C 7 -4.46 2.84 14.90
CA SER C 7 -5.78 2.28 14.63
C SER C 7 -6.29 2.72 13.27
N GLN C 8 -7.07 1.85 12.63
CA GLN C 8 -7.63 2.17 11.33
C GLN C 8 -9.06 1.67 11.24
N SER C 9 -9.92 2.44 10.59
CA SER C 9 -11.32 2.03 10.46
C SER C 9 -11.89 2.49 9.12
N SER C 10 -12.80 1.70 8.57
CA SER C 10 -13.42 2.04 7.31
C SER C 10 -14.84 1.49 7.24
N SER C 11 -15.73 2.20 6.54
CA SER C 11 -17.12 1.75 6.43
C SER C 11 -17.67 1.92 5.03
N TYR C 12 -18.49 0.96 4.61
CA TYR C 12 -19.14 1.01 3.30
C TYR C 12 -20.65 0.94 3.49
N GLY C 13 -21.37 1.89 2.92
CA GLY C 13 -22.83 1.91 3.07
C GLY C 13 -23.56 1.55 1.77
N GLN C 14 -24.31 0.44 1.83
CA GLN C 14 -25.10 -0.01 0.68
C GLN C 14 -24.33 0.08 -0.65
N PRO C 15 -23.19 -0.56 -0.76
CA PRO C 15 -22.38 -0.55 -2.01
C PRO C 15 -22.98 -1.41 -3.13
N GLN C 16 -22.71 -1.03 -4.38
CA GLN C 16 -23.19 -1.77 -5.55
C GLN C 16 -24.72 -1.83 -5.59
N SER C 17 -25.36 -0.67 -5.72
CA SER C 17 -26.82 -0.63 -5.78
C SER C 17 -27.32 -0.34 -7.21
N GLY C 18 -26.39 -0.18 -8.16
CA GLY C 18 -26.76 0.10 -9.54
C GLY C 18 -27.38 -1.13 -10.20
N SER C 19 -27.85 -1.00 -11.44
CA SER C 19 -28.46 -2.13 -12.13
C SER C 19 -28.14 -2.13 -13.63
N TYR C 20 -28.31 -3.30 -14.25
CA TYR C 20 -28.06 -3.46 -15.68
C TYR C 20 -26.62 -3.13 -16.06
N SER C 21 -25.69 -3.22 -15.11
CA SER C 21 -24.31 -2.92 -15.45
C SER C 21 -23.31 -3.65 -14.55
N GLN C 22 -22.18 -4.07 -15.13
CA GLN C 22 -21.16 -4.76 -14.36
C GLN C 22 -20.47 -3.78 -13.41
N GLN C 23 -20.44 -4.14 -12.14
CA GLN C 23 -19.83 -3.28 -11.14
C GLN C 23 -19.11 -4.10 -10.05
N PRO C 24 -18.08 -4.81 -10.43
CA PRO C 24 -17.27 -5.64 -9.48
C PRO C 24 -16.44 -4.76 -8.53
N SER C 25 -16.16 -5.28 -7.33
CA SER C 25 -15.40 -4.51 -6.35
C SER C 25 -14.21 -5.31 -5.81
N TYR C 26 -13.10 -4.60 -5.55
CA TYR C 26 -11.89 -5.24 -5.02
C TYR C 26 -11.41 -4.49 -3.78
N GLY C 27 -10.99 -5.22 -2.74
CA GLY C 27 -10.51 -4.59 -1.52
C GLY C 27 -9.20 -3.82 -1.77
N GLY C 28 -8.49 -3.50 -0.69
CA GLY C 28 -7.24 -2.75 -0.81
C GLY C 28 -6.19 -3.21 0.21
N GLN C 29 -5.16 -2.40 0.41
CA GLN C 29 -4.09 -2.74 1.35
C GLN C 29 -4.02 -1.77 2.52
N GLN C 30 -3.99 -2.31 3.75
CA GLN C 30 -3.87 -1.49 4.94
C GLN C 30 -2.85 -2.11 5.90
N GLN C 31 -1.99 -1.27 6.48
CA GLN C 31 -0.99 -1.77 7.42
C GLN C 31 -0.95 -0.89 8.66
N SER C 32 -0.90 -1.53 9.84
CA SER C 32 -0.87 -0.78 11.09
C SER C 32 0.31 -1.22 11.97
N TYR C 33 1.15 -0.26 12.34
CA TYR C 33 2.32 -0.54 13.19
C TYR C 33 2.19 0.17 14.53
N GLY C 34 2.25 -0.60 15.62
CA GLY C 34 2.19 -0.02 16.95
C GLY C 34 3.21 -0.71 17.85
N GLN C 35 4.29 -0.02 18.19
CA GLN C 35 5.30 -0.66 19.03
C GLN C 35 6.19 0.30 19.80
N GLN C 36 6.87 -0.27 20.78
CA GLN C 36 7.82 0.45 21.62
C GLN C 36 9.19 -0.19 21.45
N GLN C 37 10.19 0.61 21.10
CA GLN C 37 11.53 0.07 20.89
C GLN C 37 12.56 0.75 21.78
N SER C 38 13.34 -0.08 22.49
CA SER C 38 14.36 0.45 23.37
C SER C 38 15.70 -0.23 23.08
N TYR C 39 16.76 0.56 23.07
CA TYR C 39 18.10 0.03 22.81
C TYR C 39 19.01 0.31 24.00
N ASN C 40 19.53 -0.75 24.60
CA ASN C 40 20.41 -0.60 25.75
C ASN C 40 19.70 0.10 26.90
N SER D 2 5.39 0.83 28.48
CA SER D 2 6.27 -0.20 27.84
C SER D 2 5.40 -1.19 27.08
N TYR D 3 4.59 -0.68 26.15
CA TYR D 3 3.73 -1.56 25.37
C TYR D 3 3.35 -0.93 24.03
N GLY D 4 2.90 -1.79 23.11
CA GLY D 4 2.47 -1.33 21.80
C GLY D 4 1.21 -2.09 21.40
N SER D 5 0.32 -1.42 20.65
CA SER D 5 -0.90 -2.08 20.23
C SER D 5 -1.43 -1.52 18.93
N SER D 6 -2.16 -2.36 18.20
CA SER D 6 -2.74 -1.96 16.94
C SER D 6 -4.12 -2.61 16.76
N SER D 7 -5.02 -1.91 16.10
CA SER D 7 -6.35 -2.46 15.88
C SER D 7 -6.90 -2.01 14.53
N GLN D 8 -7.71 -2.85 13.92
CA GLN D 8 -8.31 -2.53 12.64
C GLN D 8 -9.75 -3.01 12.60
N SER D 9 -10.63 -2.24 11.97
CA SER D 9 -12.03 -2.62 11.88
C SER D 9 -12.64 -2.15 10.57
N SER D 10 -13.59 -2.91 10.05
CA SER D 10 -14.24 -2.56 8.81
C SER D 10 -15.66 -3.09 8.79
N SER D 11 -16.57 -2.38 8.13
CA SER D 11 -17.95 -2.82 8.07
C SER D 11 -18.57 -2.62 6.68
N TYR D 12 -19.40 -3.58 6.28
CA TYR D 12 -20.09 -3.51 5.00
C TYR D 12 -21.60 -3.57 5.24
N GLY D 13 -22.34 -2.61 4.70
CA GLY D 13 -23.78 -2.58 4.90
C GLY D 13 -24.55 -2.93 3.63
N GLN D 14 -25.32 -4.02 3.70
CA GLN D 14 -26.15 -4.47 2.57
C GLN D 14 -25.43 -4.37 1.23
N PRO D 15 -24.30 -5.02 1.08
CA PRO D 15 -23.54 -5.01 -0.20
C PRO D 15 -24.19 -5.85 -1.31
N GLN D 16 -23.93 -5.47 -2.57
CA GLN D 16 -24.47 -6.19 -3.73
C GLN D 16 -26.00 -6.24 -3.73
N SER D 17 -26.63 -5.07 -3.81
CA SER D 17 -28.10 -5.01 -3.83
C SER D 17 -28.64 -4.71 -5.23
N GLY D 18 -27.73 -4.56 -6.21
CA GLY D 18 -28.16 -4.27 -7.58
C GLY D 18 -28.81 -5.51 -8.22
N SER D 19 -29.31 -5.36 -9.45
CA SER D 19 -29.97 -6.47 -10.13
C SER D 19 -29.70 -6.46 -11.63
N TYR D 20 -29.90 -7.62 -12.26
CA TYR D 20 -29.71 -7.79 -13.69
C TYR D 20 -28.28 -7.48 -14.12
N SER D 21 -27.31 -7.59 -13.22
CA SER D 21 -25.94 -7.32 -13.59
C SER D 21 -24.94 -8.07 -12.74
N GLN D 22 -23.81 -8.46 -13.35
CA GLN D 22 -22.77 -9.18 -12.60
C GLN D 22 -22.04 -8.21 -11.68
N GLN D 23 -21.97 -8.58 -10.41
CA GLN D 23 -21.32 -7.73 -9.42
C GLN D 23 -20.58 -8.56 -8.38
N PRO D 24 -19.56 -9.28 -8.79
CA PRO D 24 -18.73 -10.11 -7.87
C PRO D 24 -17.87 -9.25 -6.95
N SER D 25 -17.55 -9.78 -5.76
CA SER D 25 -16.74 -9.03 -4.81
C SER D 25 -15.54 -9.84 -4.30
N TYR D 26 -14.42 -9.15 -4.08
CA TYR D 26 -13.21 -9.79 -3.59
C TYR D 26 -12.68 -9.04 -2.37
N GLY D 27 -12.22 -9.78 -1.37
CA GLY D 27 -11.70 -9.17 -0.15
C GLY D 27 -10.39 -8.42 -0.42
N GLY D 28 -9.63 -8.11 0.64
CA GLY D 28 -8.38 -7.38 0.48
C GLY D 28 -7.32 -7.87 1.46
N GLN D 29 -6.26 -7.06 1.63
CA GLN D 29 -5.16 -7.42 2.52
C GLN D 29 -5.04 -6.46 3.70
N GLN D 30 -4.97 -7.01 4.91
CA GLN D 30 -4.81 -6.20 6.12
C GLN D 30 -3.77 -6.82 7.03
N GLN D 31 -2.88 -6.01 7.59
CA GLN D 31 -1.85 -6.51 8.49
C GLN D 31 -1.76 -5.65 9.74
N SER D 32 -1.68 -6.29 10.90
CA SER D 32 -1.60 -5.55 12.17
C SER D 32 -0.39 -6.01 12.99
N TYR D 33 0.47 -5.05 13.34
CA TYR D 33 1.66 -5.35 14.14
C TYR D 33 1.59 -4.65 15.49
N GLY D 34 1.68 -5.41 16.57
CA GLY D 34 1.66 -4.85 17.91
C GLY D 34 2.70 -5.55 18.78
N GLN D 35 3.80 -4.87 19.09
CA GLN D 35 4.84 -5.54 19.89
C GLN D 35 5.77 -4.58 20.62
N GLN D 36 6.47 -5.16 21.59
CA GLN D 36 7.46 -4.47 22.40
C GLN D 36 8.82 -5.12 22.18
N GLN D 37 9.81 -4.34 21.80
CA GLN D 37 11.13 -4.89 21.53
C GLN D 37 12.20 -4.23 22.40
N SER D 38 12.99 -5.05 23.07
CA SER D 38 14.05 -4.55 23.92
C SER D 38 15.37 -5.24 23.58
N TYR D 39 16.45 -4.46 23.54
CA TYR D 39 17.76 -5.01 23.23
C TYR D 39 18.72 -4.75 24.39
N ASN D 40 19.25 -5.82 24.97
CA ASN D 40 20.18 -5.68 26.09
C ASN D 40 19.50 -4.98 27.27
N SER E 2 -0.03 6.43 -30.95
CA SER E 2 -1.30 6.24 -30.18
C SER E 2 -1.01 5.45 -28.91
N TYR E 3 -0.07 5.93 -28.12
CA TYR E 3 0.27 5.24 -26.89
C TYR E 3 0.87 6.19 -25.86
N GLY E 4 0.86 5.74 -24.61
CA GLY E 4 1.44 6.52 -23.52
C GLY E 4 2.21 5.60 -22.58
N SER E 5 3.29 6.10 -21.99
CA SER E 5 4.07 5.26 -21.09
C SER E 5 4.76 6.09 -20.01
N SER E 6 5.03 5.45 -18.88
CA SER E 6 5.70 6.10 -17.78
C SER E 6 6.61 5.11 -17.06
N SER E 7 7.73 5.60 -16.55
CA SER E 7 8.65 4.72 -15.84
C SER E 7 9.33 5.46 -14.69
N GLN E 8 9.64 4.73 -13.63
CA GLN E 8 10.31 5.32 -12.49
C GLN E 8 11.36 4.36 -11.95
N SER E 9 12.49 4.91 -11.51
CA SER E 9 13.54 4.07 -10.96
C SER E 9 14.27 4.79 -9.83
N SER E 10 14.75 4.01 -8.87
CA SER E 10 15.47 4.60 -7.75
C SER E 10 16.50 3.59 -7.20
N SER E 11 17.61 4.10 -6.68
CA SER E 11 18.64 3.22 -6.16
C SER E 11 19.26 3.75 -4.87
N TYR E 12 19.54 2.83 -3.95
CA TYR E 12 20.17 3.17 -2.67
C TYR E 12 21.48 2.41 -2.53
N GLY E 13 22.57 3.13 -2.27
CA GLY E 13 23.88 2.48 -2.14
C GLY E 13 24.37 2.46 -0.68
N GLN E 14 24.55 1.25 -0.17
CA GLN E 14 25.06 1.06 1.19
C GLN E 14 24.45 2.03 2.21
N PRO E 15 23.15 2.03 2.34
CA PRO E 15 22.44 2.93 3.32
C PRO E 15 22.62 2.48 4.77
N GLN E 16 22.54 3.45 5.69
CA GLN E 16 22.66 3.16 7.13
C GLN E 16 24.00 2.51 7.49
N SER E 17 25.09 3.21 7.24
CA SER E 17 26.42 2.68 7.57
C SER E 17 27.01 3.34 8.81
N GLY E 18 26.27 4.25 9.44
CA GLY E 18 26.76 4.94 10.64
C GLY E 18 26.76 3.98 11.84
N SER E 19 27.25 4.45 12.99
CA SER E 19 27.31 3.60 14.17
C SER E 19 27.05 4.39 15.46
N TYR E 20 26.67 3.66 16.51
CA TYR E 20 26.39 4.25 17.82
C TYR E 20 25.26 5.29 17.76
N SER E 21 24.38 5.19 16.77
CA SER E 21 23.28 6.15 16.69
C SER E 21 22.05 5.57 16.00
N GLN E 22 20.87 5.95 16.47
CA GLN E 22 19.63 5.47 15.86
C GLN E 22 19.44 6.12 14.51
N GLN E 23 19.23 5.28 13.49
CA GLN E 23 19.07 5.79 12.13
C GLN E 23 18.05 4.96 11.36
N PRO E 24 16.81 4.98 11.78
CA PRO E 24 15.70 4.23 11.10
C PRO E 24 15.34 4.85 9.75
N SER E 25 14.85 4.03 8.83
CA SER E 25 14.48 4.52 7.50
C SER E 25 13.06 4.14 7.10
N TYR E 26 12.38 5.04 6.39
CA TYR E 26 11.02 4.80 5.93
C TYR E 26 10.91 5.05 4.43
N GLY E 27 10.16 4.19 3.72
CA GLY E 27 10.01 4.35 2.28
C GLY E 27 9.18 5.60 1.95
N GLY E 28 8.70 5.69 0.71
CA GLY E 28 7.92 6.86 0.30
C GLY E 28 6.76 6.47 -0.63
N GLN E 29 6.21 7.46 -1.32
CA GLN E 29 5.07 7.21 -2.23
C GLN E 29 5.43 7.51 -3.68
N GLN E 30 5.14 6.56 -4.56
CA GLN E 30 5.40 6.74 -5.99
C GLN E 30 4.20 6.23 -6.80
N GLN E 31 3.79 7.00 -7.81
CA GLN E 31 2.65 6.62 -8.65
C GLN E 31 3.00 6.78 -10.12
N SER E 32 2.66 5.78 -10.93
CA SER E 32 2.94 5.84 -12.36
C SER E 32 1.69 5.60 -13.19
N TYR E 33 1.36 6.55 -14.07
CA TYR E 33 0.18 6.43 -14.93
C TYR E 33 0.59 6.36 -16.40
N GLY E 34 0.17 5.30 -17.07
CA GLY E 34 0.47 5.14 -18.50
C GLY E 34 -0.76 4.61 -19.23
N GLN E 35 -1.43 5.46 -20.01
CA GLN E 35 -2.63 4.98 -20.69
C GLN E 35 -3.01 5.79 -21.91
N GLN E 36 -3.88 5.18 -22.71
CA GLN E 36 -4.41 5.80 -23.92
C GLN E 36 -5.91 5.92 -23.77
N GLN E 37 -6.45 7.12 -23.96
CA GLN E 37 -7.88 7.33 -23.80
C GLN E 37 -8.51 7.89 -25.07
N SER E 38 -9.58 7.26 -25.52
CA SER E 38 -10.29 7.71 -26.71
C SER E 38 -11.77 7.84 -26.43
N TYR E 39 -12.37 8.92 -26.94
CA TYR E 39 -13.79 9.15 -26.74
C TYR E 39 -14.50 9.24 -28.08
N ASN E 40 -15.45 8.33 -28.31
CA ASN E 40 -16.19 8.32 -29.56
C ASN E 40 -15.25 8.08 -30.73
N SER F 2 -2.14 2.07 -29.81
CA SER F 2 -3.38 1.88 -29.01
C SER F 2 -3.04 1.07 -27.76
N TYR F 3 -2.08 1.56 -26.99
CA TYR F 3 -1.70 0.85 -25.78
C TYR F 3 -1.05 1.78 -24.76
N GLY F 4 -1.02 1.30 -23.50
CA GLY F 4 -0.41 2.07 -22.42
C GLY F 4 0.38 1.13 -21.52
N SER F 5 1.47 1.62 -20.96
CA SER F 5 2.28 0.78 -20.09
C SER F 5 3.02 1.58 -19.04
N SER F 6 3.32 0.92 -17.92
CA SER F 6 4.04 1.56 -16.83
C SER F 6 4.96 0.56 -16.17
N SER F 7 6.10 1.03 -15.68
CA SER F 7 7.04 0.15 -15.01
C SER F 7 7.76 0.88 -13.88
N GLN F 8 8.11 0.14 -12.85
CA GLN F 8 8.81 0.70 -11.71
C GLN F 8 9.88 -0.26 -11.22
N SER F 9 11.02 0.28 -10.81
CA SER F 9 12.09 -0.56 -10.32
C SER F 9 12.86 0.13 -9.20
N SER F 10 13.36 -0.65 -8.25
CA SER F 10 14.14 -0.09 -7.16
C SER F 10 15.17 -1.10 -6.66
N SER F 11 16.30 -0.60 -6.18
CA SER F 11 17.35 -1.50 -5.70
C SER F 11 18.00 -0.98 -4.42
N TYR F 12 18.33 -1.91 -3.52
CA TYR F 12 18.98 -1.58 -2.26
C TYR F 12 20.30 -2.35 -2.17
N GLY F 13 21.40 -1.65 -1.94
CA GLY F 13 22.70 -2.30 -1.86
C GLY F 13 23.26 -2.34 -0.43
N GLN F 14 23.44 -3.56 0.08
CA GLN F 14 24.00 -3.76 1.41
C GLN F 14 23.42 -2.81 2.46
N PRO F 15 22.12 -2.80 2.64
CA PRO F 15 21.46 -1.91 3.64
C PRO F 15 21.68 -2.37 5.09
N GLN F 16 21.65 -1.41 6.02
CA GLN F 16 21.81 -1.71 7.45
C GLN F 16 23.16 -2.38 7.75
N SER F 17 24.25 -1.67 7.49
CA SER F 17 25.58 -2.21 7.76
C SER F 17 26.22 -1.58 9.00
N GLY F 18 25.50 -0.66 9.65
CA GLY F 18 26.02 0.00 10.84
C GLY F 18 26.07 -0.96 12.03
N SER F 19 26.60 -0.51 13.16
CA SER F 19 26.69 -1.38 14.34
C SER F 19 26.48 -0.60 15.63
N TYR F 20 26.14 -1.34 16.69
CA TYR F 20 25.91 -0.76 18.01
C TYR F 20 24.78 0.26 18.01
N SER F 21 23.86 0.19 17.05
CA SER F 21 22.76 1.14 17.03
C SER F 21 21.51 0.59 16.35
N GLN F 22 20.34 0.96 16.88
CA GLN F 22 19.09 0.50 16.30
C GLN F 22 18.85 1.17 14.96
N GLN F 23 18.61 0.35 13.94
CA GLN F 23 18.39 0.86 12.60
C GLN F 23 17.34 0.05 11.85
N PRO F 24 16.12 0.07 12.31
CA PRO F 24 14.99 -0.66 11.67
C PRO F 24 14.58 -0.03 10.34
N SER F 25 14.05 -0.83 9.42
CA SER F 25 13.66 -0.32 8.11
C SER F 25 12.22 -0.69 7.76
N TYR F 26 11.52 0.22 7.08
CA TYR F 26 10.14 -0.01 6.67
C TYR F 26 9.98 0.26 5.17
N GLY F 27 9.22 -0.60 4.48
CA GLY F 27 9.02 -0.41 3.04
C GLY F 27 8.19 0.85 2.76
N GLY F 28 7.65 0.94 1.54
CA GLY F 28 6.86 2.11 1.16
C GLY F 28 5.67 1.74 0.27
N GLN F 29 5.09 2.74 -0.40
CA GLN F 29 3.93 2.52 -1.26
C GLN F 29 4.25 2.82 -2.73
N GLN F 30 3.93 1.87 -3.61
CA GLN F 30 4.13 2.07 -5.04
C GLN F 30 2.90 1.59 -5.81
N GLN F 31 2.46 2.37 -6.79
CA GLN F 31 1.30 1.99 -7.60
C GLN F 31 1.60 2.17 -9.09
N SER F 32 1.22 1.18 -9.89
CA SER F 32 1.46 1.26 -11.34
C SER F 32 0.17 1.02 -12.13
N TYR F 33 -0.18 1.99 -12.98
CA TYR F 33 -1.38 1.88 -13.79
C TYR F 33 -1.03 1.83 -15.28
N GLY F 34 -1.47 0.77 -15.96
CA GLY F 34 -1.22 0.64 -17.40
C GLY F 34 -2.48 0.12 -18.08
N GLN F 35 -3.16 0.99 -18.83
CA GLN F 35 -4.38 0.53 -19.48
C GLN F 35 -4.80 1.35 -20.69
N GLN F 36 -5.71 0.75 -21.45
CA GLN F 36 -6.28 1.37 -22.64
C GLN F 36 -7.78 1.50 -22.44
N GLN F 37 -8.32 2.70 -22.60
CA GLN F 37 -9.74 2.91 -22.39
C GLN F 37 -10.40 3.50 -23.62
N SER F 38 -11.49 2.87 -24.05
CA SER F 38 -12.23 3.35 -25.21
C SER F 38 -13.71 3.48 -24.88
N TYR F 39 -14.33 4.56 -25.35
CA TYR F 39 -15.74 4.79 -25.09
C TYR F 39 -16.49 4.90 -26.41
N ASN F 40 -17.45 4.00 -26.62
CA ASN F 40 -18.23 4.00 -27.85
C ASN F 40 -17.33 3.77 -29.06
N SER G 2 -4.23 -2.31 -28.63
CA SER G 2 -5.44 -2.50 -27.79
C SER G 2 -5.06 -3.32 -26.56
N TYR G 3 -4.07 -2.86 -25.82
CA TYR G 3 -3.65 -3.58 -24.62
C TYR G 3 -2.97 -2.66 -23.61
N GLY G 4 -2.90 -3.14 -22.38
CA GLY G 4 -2.25 -2.40 -21.31
C GLY G 4 -1.43 -3.35 -20.44
N SER G 5 -0.31 -2.88 -19.92
CA SER G 5 0.52 -3.74 -19.09
C SER G 5 1.30 -2.94 -18.04
N SER G 6 1.62 -3.61 -16.95
CA SER G 6 2.38 -2.99 -15.88
C SER G 6 3.34 -4.00 -15.26
N SER G 7 4.49 -3.53 -14.80
CA SER G 7 5.45 -4.43 -14.18
C SER G 7 6.21 -3.72 -13.08
N GLN G 8 6.59 -4.48 -12.05
CA GLN G 8 7.33 -3.92 -10.93
C GLN G 8 8.41 -4.89 -10.48
N SER G 9 9.57 -4.36 -10.12
CA SER G 9 10.66 -5.22 -9.66
C SER G 9 11.47 -4.53 -8.57
N SER G 10 11.99 -5.33 -7.65
CA SER G 10 12.81 -4.79 -6.57
C SER G 10 13.85 -5.81 -6.12
N SER G 11 15.00 -5.32 -5.69
CA SER G 11 16.06 -6.23 -5.24
C SER G 11 16.76 -5.72 -3.98
N TYR G 12 17.11 -6.68 -3.10
CA TYR G 12 17.81 -6.36 -1.87
C TYR G 12 19.13 -7.14 -1.83
N GLY G 13 20.24 -6.44 -1.63
CA GLY G 13 21.54 -7.10 -1.60
C GLY G 13 22.14 -7.16 -0.19
N GLN G 14 22.34 -8.38 0.29
CA GLN G 14 22.94 -8.61 1.62
C GLN G 14 22.40 -7.66 2.68
N PRO G 15 21.12 -7.64 2.91
CA PRO G 15 20.49 -6.75 3.95
C PRO G 15 20.75 -7.23 5.38
N GLN G 16 20.76 -6.28 6.32
CA GLN G 16 20.97 -6.59 7.74
C GLN G 16 22.33 -7.28 7.99
N SER G 17 23.42 -6.56 7.69
CA SER G 17 24.75 -7.13 7.90
C SER G 17 25.43 -6.50 9.13
N GLY G 18 24.75 -5.59 9.82
CA GLY G 18 25.31 -4.95 11.00
C GLY G 18 25.39 -5.93 12.17
N SER G 19 25.96 -5.48 13.30
CA SER G 19 26.09 -6.36 14.46
C SER G 19 25.93 -5.60 15.77
N TYR G 20 25.63 -6.35 16.83
CA TYR G 20 25.44 -5.77 18.17
C TYR G 20 24.32 -4.75 18.21
N SER G 21 23.37 -4.81 17.28
CA SER G 21 22.27 -3.85 17.30
C SER G 21 21.00 -4.40 16.67
N GLN G 22 19.85 -4.01 17.23
CA GLN G 22 18.56 -4.46 16.70
C GLN G 22 18.29 -3.77 15.37
N GLN G 23 18.01 -4.58 14.35
CA GLN G 23 17.76 -4.05 13.03
C GLN G 23 16.67 -4.85 12.31
N PRO G 24 15.47 -4.83 12.81
CA PRO G 24 14.31 -5.56 12.20
C PRO G 24 13.87 -4.90 10.89
N SER G 25 13.29 -5.69 9.99
CA SER G 25 12.86 -5.17 8.70
C SER G 25 11.40 -5.52 8.39
N TYR G 26 10.69 -4.60 7.74
CA TYR G 26 9.28 -4.82 7.38
C TYR G 26 9.07 -4.53 5.89
N GLY G 27 8.30 -5.38 5.22
CA GLY G 27 8.03 -5.17 3.79
C GLY G 27 7.22 -3.91 3.55
N GLY G 28 6.63 -3.80 2.36
CA GLY G 28 5.84 -2.62 2.01
C GLY G 28 4.62 -2.98 1.15
N GLN G 29 4.02 -1.97 0.51
CA GLN G 29 2.83 -2.18 -0.30
C GLN G 29 3.09 -1.86 -1.78
N GLN G 30 2.74 -2.80 -2.66
CA GLN G 30 2.89 -2.60 -4.09
C GLN G 30 1.63 -3.06 -4.83
N GLN G 31 1.17 -2.27 -5.79
CA GLN G 31 -0.02 -2.63 -6.56
C GLN G 31 0.22 -2.43 -8.05
N SER G 32 -0.19 -3.42 -8.86
CA SER G 32 0.00 -3.33 -10.30
C SER G 32 -1.31 -3.55 -11.04
N TYR G 33 -1.69 -2.57 -11.88
CA TYR G 33 -2.92 -2.66 -12.65
C TYR G 33 -2.62 -2.71 -14.15
N GLY G 34 -3.08 -3.75 -14.82
CA GLY G 34 -2.89 -3.88 -16.26
C GLY G 34 -4.17 -4.37 -16.92
N GLN G 35 -4.88 -3.50 -17.64
CA GLN G 35 -6.13 -3.94 -18.24
C GLN G 35 -6.57 -3.10 -19.43
N GLN G 36 -7.52 -3.70 -20.17
CA GLN G 36 -8.12 -3.07 -21.33
C GLN G 36 -9.62 -2.94 -21.07
N GLN G 37 -10.15 -1.72 -21.20
CA GLN G 37 -11.56 -1.50 -20.94
C GLN G 37 -12.27 -0.90 -22.15
N SER G 38 -13.38 -1.52 -22.54
CA SER G 38 -14.15 -1.03 -23.68
C SER G 38 -15.61 -0.89 -23.29
N TYR G 39 -16.23 0.20 -23.73
CA TYR G 39 -17.64 0.44 -23.42
C TYR G 39 -18.43 0.56 -24.72
N ASN G 40 -19.41 -0.33 -24.90
CA ASN G 40 -20.24 -0.31 -26.10
C ASN G 40 -19.37 -0.54 -27.33
N SER H 2 -6.33 -6.67 -27.41
CA SER H 2 -7.51 -6.86 -26.51
C SER H 2 -7.10 -7.69 -25.31
N TYR H 3 -6.08 -7.24 -24.60
CA TYR H 3 -5.63 -7.97 -23.43
C TYR H 3 -4.90 -7.07 -22.43
N GLY H 4 -4.78 -7.57 -21.20
CA GLY H 4 -4.08 -6.85 -20.15
C GLY H 4 -3.24 -7.81 -19.34
N SER H 5 -2.11 -7.35 -18.83
CA SER H 5 -1.25 -8.22 -18.05
C SER H 5 -0.44 -7.45 -17.02
N SER H 6 -0.08 -8.12 -15.94
CA SER H 6 0.72 -7.52 -14.90
C SER H 6 1.68 -8.54 -14.32
N SER H 7 2.86 -8.09 -13.90
CA SER H 7 3.83 -8.99 -13.31
C SER H 7 4.63 -8.30 -12.23
N GLN H 8 5.05 -9.07 -11.24
CA GLN H 8 5.84 -8.53 -10.14
C GLN H 8 6.92 -9.51 -9.74
N SER H 9 8.09 -9.00 -9.39
CA SER H 9 9.19 -9.86 -8.99
C SER H 9 10.05 -9.19 -7.93
N SER H 10 10.60 -10.00 -7.04
CA SER H 10 11.45 -9.46 -5.98
C SER H 10 12.50 -10.50 -5.59
N SER H 11 13.68 -10.02 -5.16
CA SER H 11 14.74 -10.94 -4.78
C SER H 11 15.49 -10.46 -3.53
N TYR H 12 15.86 -11.41 -2.69
CA TYR H 12 16.62 -11.12 -1.47
C TYR H 12 17.92 -11.91 -1.49
N GLY H 13 19.05 -11.21 -1.31
CA GLY H 13 20.35 -11.88 -1.34
C GLY H 13 20.99 -11.96 0.04
N GLN H 14 21.20 -13.19 0.51
CA GLN H 14 21.84 -13.43 1.80
C GLN H 14 21.36 -12.49 2.90
N PRO H 15 20.07 -12.47 3.18
CA PRO H 15 19.49 -11.60 4.25
C PRO H 15 19.80 -12.08 5.66
N GLN H 16 19.84 -11.15 6.61
CA GLN H 16 20.10 -11.47 8.03
C GLN H 16 21.46 -12.15 8.23
N SER H 17 22.54 -11.45 7.88
CA SER H 17 23.88 -12.01 8.05
C SER H 17 24.60 -11.41 9.26
N GLY H 18 23.95 -10.50 9.98
CA GLY H 18 24.56 -9.89 11.14
C GLY H 18 24.67 -10.88 12.30
N SER H 19 25.29 -10.45 13.40
CA SER H 19 25.45 -11.34 14.56
C SER H 19 25.34 -10.59 15.89
N TYR H 20 25.07 -11.35 16.95
CA TYR H 20 24.95 -10.80 18.29
C TYR H 20 23.83 -9.76 18.38
N SER H 21 22.84 -9.83 17.50
CA SER H 21 21.75 -8.87 17.58
C SER H 21 20.46 -9.41 17.00
N GLN H 22 19.33 -8.98 17.57
CA GLN H 22 18.03 -9.42 17.09
C GLN H 22 17.71 -8.74 15.77
N GLN H 23 17.38 -9.52 14.76
CA GLN H 23 17.08 -8.98 13.45
C GLN H 23 15.98 -9.76 12.76
N PRO H 24 14.78 -9.75 13.30
CA PRO H 24 13.60 -10.45 12.72
C PRO H 24 13.12 -9.78 11.44
N SER H 25 12.51 -10.56 10.55
CA SER H 25 12.04 -10.02 9.28
C SER H 25 10.56 -10.37 9.02
N TYR H 26 9.84 -9.43 8.41
CA TYR H 26 8.42 -9.63 8.09
C TYR H 26 8.17 -9.32 6.61
N GLY H 27 7.35 -10.15 5.96
CA GLY H 27 7.05 -9.95 4.54
C GLY H 27 6.22 -8.67 4.34
N GLY H 28 5.59 -8.55 3.17
CA GLY H 28 4.80 -7.37 2.86
C GLY H 28 3.55 -7.71 2.05
N GLN H 29 2.94 -6.69 1.45
CA GLN H 29 1.72 -6.89 0.66
C GLN H 29 1.93 -6.55 -0.81
N GLN H 30 1.53 -7.47 -1.69
CA GLN H 30 1.64 -7.25 -3.13
C GLN H 30 0.35 -7.70 -3.82
N GLN H 31 -0.14 -6.90 -4.77
CA GLN H 31 -1.35 -7.25 -5.49
C GLN H 31 -1.17 -7.04 -6.99
N SER H 32 -1.60 -8.01 -7.78
CA SER H 32 -1.47 -7.92 -9.24
C SER H 32 -2.81 -8.12 -9.94
N TYR H 33 -3.21 -7.12 -10.74
CA TYR H 33 -4.47 -7.19 -11.48
C TYR H 33 -4.21 -7.23 -12.98
N GLY H 34 -4.71 -8.27 -13.65
CA GLY H 34 -4.56 -8.37 -15.10
C GLY H 34 -5.87 -8.86 -15.71
N GLN H 35 -6.60 -7.98 -16.39
CA GLN H 35 -7.87 -8.41 -16.97
C GLN H 35 -8.36 -7.56 -18.14
N GLN H 36 -9.33 -8.13 -18.85
CA GLN H 36 -9.97 -7.49 -19.98
C GLN H 36 -11.45 -7.35 -19.66
N GLN H 37 -11.98 -6.13 -19.76
CA GLN H 37 -13.39 -5.91 -19.45
C GLN H 37 -14.12 -5.29 -20.62
N SER H 38 -15.26 -5.90 -20.98
CA SER H 38 -16.06 -5.39 -22.08
C SER H 38 -17.52 -5.25 -21.65
N TYR H 39 -18.15 -4.15 -22.05
CA TYR H 39 -19.53 -3.91 -21.69
C TYR H 39 -20.38 -3.77 -22.96
N ASN H 40 -21.36 -4.65 -23.10
CA ASN H 40 -22.22 -4.62 -24.28
C ASN H 40 -21.41 -4.84 -25.56
#